data_7ZR9
#
_entry.id   7ZR9
#
_cell.length_a   1.00
_cell.length_b   1.00
_cell.length_c   1.00
_cell.angle_alpha   90.00
_cell.angle_beta   90.00
_cell.angle_gamma   90.00
#
_symmetry.space_group_name_H-M   'P 1'
#
loop_
_entity.id
_entity.type
_entity.pdbx_description
1 polymer 'Spike glycoprotein,Fibritin'
2 polymer 'Omi-2 Fab heavy chain'
3 polymer 'Omi-2 Fab light chain'
4 branched 2-acetamido-2-deoxy-beta-D-glucopyranose-(1-4)-2-acetamido-2-deoxy-beta-D-glucopyranose
5 non-polymer 2-acetamido-2-deoxy-beta-D-glucopyranose
#
loop_
_entity_poly.entity_id
_entity_poly.type
_entity_poly.pdbx_seq_one_letter_code
_entity_poly.pdbx_strand_id
1 'polypeptide(L)'
;MFVFLVLLPLVSSQCVNFTTRTQLPPAYTNSFTRGVYYPDKVFRSSVLHSTQDLFLPFFSNVTWFHAIHVSGTNGTKRFA
NPVLPFNDGVYFASTEKSNIIRGWIFGTTLDSKTQSLLIVNNATNVVIKVCEFQFCNDPFLGVYYHKNNKSWMESEFRVY
SSANNCTFEYVSQPFLMDLEGKQGNFKNLREFVFKNIDGYFKIYSKHTPINLVRGLPQGFSALEPLVDLPIGINITRFQT
LHISYLTPGDSSSGWTAGAAAYYVGYLQPRTFLLKYNENGTITDAVDCALDPLSETKCTLKSFTVEKGIYQTSNFRVQPT
ESIVRFPNITNLCPFGEVFNATRFASVYAWNRKRISNCVADYSVLYNSASFSTFKCYGVSPTKLNDLCFTNVYADSFVIR
GDEVRQIAPGQTGNIADYNYKLPDDFTGCVIAWNSNNLDSKVGGNYNYLYRLFRKSNLKPFERDISTEIYQAGSTPCNGV
KGFNCYFPLQSYGFQPTYGVGYQPYRVVVLSFELLHAPATVCGPKKSTNLVKNKCVNFNFNGLTGTGVLTESNKKFLPFQ
QFGRDIADTTDAVRDPQTLEILDITPCSFGGVSVITPGTNTSNQVAVLYQGVNCTEVPVAIHADQLTPTWRVYSTGSNVF
QTRAGCLIGAEHVNNSYECDIPIGAGICASYQTQTNSPGSASSVASQSIIAYTMSLGVENSVAYSNNSIAIPTNFTISVT
TEILPVSMTKTSVDCTMYICGDSTECSNLLLQYGSFCTQLNRALTGIAVEQDKNTQEVFAQVKQIYKTPPIKDFGGFNFS
QILPDPSKPSKRSFIEDLLFNKVTLADAGFIKQYGDCLGDIAARDLICAQKFNGLTVLPPLLTDEMIAQYTSALLAGTIT
SGWTFGAGAALQIPFAMQMAYRFNGIGVTQNVLYENQKLIANQFNSAIGKIQDSLSSTASALGKLQDVVNQNAQALNTLV
KQLSSNFGAISSVLNDILSRLDPPEAEVQIDRLITGRLQSLQTYVTQQLIRAAEIRASANLAATKMSECVLGQSKRVDFC
GKGYHLMSFPQSAPHGVVFLHVTYVPAQEKNFTTAPAICHDGKAHFPREGVFVSNGTHWFVTQRNFYEPQIITTDNTFVS
GNCDVVIGIVNNTVYDPLQPELDSFKEELDKYFKNHTSPDVDLGDISGINASVVNIQKEIDRLNEVAKNLNESLIDLQEL
GKYEQGSGYIPEAPRDGQAYVRKDGEWVLLSTFLGRSLEVLFQGPGHHHHHHHHGSAWSHPQFEKGGGSGGGSGGSAWSH
PQFEK
;
B,A,C
2 'polypeptide(L)'
;EVQLVESGAEVKKPGSSVKVSCKASGGTFSSYAINWVRQAPGQGLEWMGGIIPIFRTPHYAQKFQGRVTITADESTGTAY
MELSSLRSEDTAVYYCASPSCGGDCPQYLKSSKLDWYFDLWGRGTLVTVSS
;
H,D,F
3 'polypeptide(L)'
;VIWMTQSPGTLSLSPGERATLSCRASQSVSSTYLAWYQQKPGQAPRLLIYGASSRATGIPDRFSGSGSGTDFTLTISRLE
PEDFAVYYCQHYGSSPLTFGQGTRLEIK
;
L,E,G
#
loop_
_chem_comp.id
_chem_comp.type
_chem_comp.name
_chem_comp.formula
NAG D-saccharide, beta linking 2-acetamido-2-deoxy-beta-D-glucopyranose 'C8 H15 N O6'
#
# COMPACT_ATOMS: atom_id res chain seq x y z
N SER A 13 43.44 -25.57 -34.15
CA SER A 13 43.95 -26.35 -35.26
C SER A 13 43.50 -25.75 -36.60
N GLN A 14 44.02 -26.28 -37.69
CA GLN A 14 43.69 -25.81 -39.04
C GLN A 14 42.60 -26.68 -39.64
N CYS A 15 41.56 -26.03 -40.17
CA CYS A 15 40.46 -26.75 -40.79
C CYS A 15 40.90 -27.42 -42.08
N VAL A 16 40.22 -28.50 -42.43
CA VAL A 16 40.39 -29.19 -43.71
C VAL A 16 39.25 -28.76 -44.64
N ASN A 17 39.58 -28.40 -45.87
CA ASN A 17 38.61 -27.91 -46.83
C ASN A 17 38.12 -29.05 -47.71
N PHE A 18 36.80 -29.13 -47.88
CA PHE A 18 36.16 -30.11 -48.74
C PHE A 18 35.55 -29.39 -49.93
N THR A 19 35.94 -29.82 -51.14
CA THR A 19 35.43 -29.18 -52.35
C THR A 19 33.92 -29.33 -52.46
N THR A 20 33.40 -30.51 -52.13
CA THR A 20 31.98 -30.80 -52.23
C THR A 20 31.32 -30.69 -50.86
N ARG A 21 30.26 -29.91 -50.78
CA ARG A 21 29.46 -29.78 -49.58
C ARG A 21 28.02 -30.15 -49.89
N THR A 22 27.47 -31.08 -49.10
CA THR A 22 26.13 -31.58 -49.34
C THR A 22 25.47 -31.90 -48.00
N GLN A 23 24.15 -31.92 -48.01
CA GLN A 23 23.39 -32.23 -46.81
C GLN A 23 22.09 -32.92 -47.20
N LEU A 24 21.75 -33.98 -46.47
CA LEU A 24 20.53 -34.70 -46.74
C LEU A 24 19.31 -33.86 -46.36
N PRO A 25 18.22 -33.95 -47.13
CA PRO A 25 17.03 -33.19 -46.78
C PRO A 25 16.44 -33.68 -45.48
N PRO A 26 15.80 -32.80 -44.72
CA PRO A 26 15.21 -33.21 -43.44
C PRO A 26 13.99 -34.10 -43.64
N ALA A 27 13.70 -34.89 -42.61
CA ALA A 27 12.47 -35.66 -42.59
C ALA A 27 11.78 -35.44 -41.24
N TYR A 28 10.55 -35.93 -41.12
CA TYR A 28 9.75 -35.66 -39.94
C TYR A 28 9.30 -36.96 -39.28
N THR A 29 9.13 -36.90 -37.96
CA THR A 29 8.79 -38.07 -37.16
C THR A 29 7.85 -37.66 -36.05
N ASN A 30 7.17 -38.65 -35.49
CA ASN A 30 6.24 -38.46 -34.38
C ASN A 30 6.99 -38.71 -33.07
N SER A 31 6.97 -37.72 -32.17
CA SER A 31 7.78 -37.77 -30.96
C SER A 31 7.32 -38.84 -29.97
N PHE A 32 6.10 -39.35 -30.13
CA PHE A 32 5.51 -40.32 -29.21
C PHE A 32 5.46 -39.66 -27.83
N THR A 33 6.00 -40.27 -26.78
CA THR A 33 5.88 -39.76 -25.42
C THR A 33 7.24 -39.67 -24.76
N ARG A 34 8.20 -39.09 -25.47
CA ARG A 34 9.56 -38.94 -24.96
C ARG A 34 9.88 -37.47 -24.76
N GLY A 35 10.99 -37.23 -24.08
CA GLY A 35 11.36 -35.90 -23.67
C GLY A 35 11.04 -35.56 -22.23
N VAL A 36 10.59 -36.53 -21.45
CA VAL A 36 10.29 -36.30 -20.03
C VAL A 36 11.60 -36.33 -19.25
N TYR A 37 11.83 -35.29 -18.47
CA TYR A 37 13.07 -35.16 -17.71
C TYR A 37 12.79 -34.53 -16.37
N TYR A 38 13.62 -34.85 -15.40
CA TYR A 38 13.44 -34.38 -14.03
C TYR A 38 13.53 -32.87 -13.99
N PRO A 39 12.43 -32.16 -13.77
CA PRO A 39 12.51 -30.68 -13.77
C PRO A 39 13.43 -30.15 -12.69
N ASP A 40 13.54 -30.84 -11.56
CA ASP A 40 14.36 -30.41 -10.45
C ASP A 40 15.06 -31.63 -9.87
N LYS A 41 15.92 -31.38 -8.89
CA LYS A 41 16.61 -32.47 -8.18
C LYS A 41 15.85 -32.96 -6.96
N VAL A 42 14.54 -32.76 -6.91
CA VAL A 42 13.73 -33.16 -5.77
C VAL A 42 13.49 -34.67 -5.81
N PHE A 43 13.27 -35.25 -4.63
CA PHE A 43 12.94 -36.66 -4.48
C PHE A 43 11.49 -36.77 -4.07
N ARG A 44 10.68 -37.43 -4.88
CA ARG A 44 9.26 -37.65 -4.60
C ARG A 44 8.98 -39.13 -4.68
N SER A 45 8.19 -39.66 -3.74
CA SER A 45 7.89 -41.08 -3.68
C SER A 45 6.40 -41.30 -3.82
N SER A 46 6.00 -42.05 -4.84
CA SER A 46 4.63 -42.47 -5.07
C SER A 46 3.65 -41.29 -4.99
N VAL A 47 3.84 -40.35 -5.91
CA VAL A 47 3.08 -39.10 -5.86
C VAL A 47 3.08 -38.47 -7.24
N LEU A 48 2.00 -37.75 -7.54
CA LEU A 48 1.84 -37.04 -8.80
C LEU A 48 2.11 -35.56 -8.57
N HIS A 49 3.00 -34.99 -9.35
CA HIS A 49 3.36 -33.58 -9.24
C HIS A 49 3.15 -32.89 -10.58
N SER A 50 2.49 -31.75 -10.57
CA SER A 50 2.22 -30.98 -11.80
C SER A 50 3.22 -29.83 -11.87
N THR A 51 4.09 -29.87 -12.87
CA THR A 51 5.09 -28.84 -13.08
C THR A 51 4.91 -28.17 -14.44
N GLN A 52 5.08 -26.86 -14.47
CA GLN A 52 4.95 -26.07 -15.69
C GLN A 52 6.34 -25.63 -16.12
N ASP A 53 6.80 -26.17 -17.25
CA ASP A 53 8.16 -25.89 -17.71
C ASP A 53 8.28 -26.25 -19.18
N LEU A 54 9.51 -26.19 -19.69
CA LEU A 54 9.78 -26.43 -21.10
C LEU A 54 9.92 -27.92 -21.34
N PHE A 55 9.00 -28.48 -22.10
CA PHE A 55 9.04 -29.90 -22.44
C PHE A 55 8.76 -30.06 -23.92
N LEU A 56 9.16 -31.21 -24.45
CA LEU A 56 8.74 -31.53 -25.81
C LEU A 56 7.30 -32.02 -25.74
N PRO A 57 6.35 -31.31 -26.33
CA PRO A 57 4.95 -31.75 -26.25
C PRO A 57 4.80 -33.13 -26.86
N PHE A 58 3.92 -33.94 -26.26
CA PHE A 58 3.74 -35.30 -26.72
C PHE A 58 3.24 -35.31 -28.16
N PHE A 59 3.73 -36.28 -28.93
CA PHE A 59 3.37 -36.44 -30.34
C PHE A 59 3.70 -35.18 -31.14
N SER A 60 4.85 -34.59 -30.86
CA SER A 60 5.29 -33.43 -31.59
C SER A 60 5.94 -33.83 -32.92
N ASN A 61 6.07 -32.83 -33.79
CA ASN A 61 6.69 -33.04 -35.10
C ASN A 61 8.19 -32.85 -34.94
N VAL A 62 8.94 -33.96 -34.96
CA VAL A 62 10.37 -33.95 -34.69
C VAL A 62 11.11 -33.98 -36.03
N THR A 63 12.04 -33.06 -36.21
CA THR A 63 12.85 -32.99 -37.43
C THR A 63 14.04 -33.93 -37.26
N TRP A 64 14.16 -34.92 -38.14
CA TRP A 64 15.21 -35.91 -38.00
C TRP A 64 16.00 -36.06 -39.29
N PHE A 65 17.26 -36.44 -39.13
CA PHE A 65 18.23 -36.50 -40.20
C PHE A 65 19.17 -37.67 -39.97
N HIS A 66 20.03 -37.92 -40.96
CA HIS A 66 21.01 -38.98 -40.93
C HIS A 66 22.41 -38.40 -40.73
N ALA A 67 23.30 -39.24 -40.20
CA ALA A 67 24.68 -38.86 -39.92
C ALA A 67 25.59 -39.93 -40.51
N ILE A 68 26.19 -39.62 -41.65
CA ILE A 68 27.08 -40.54 -42.35
C ILE A 68 28.49 -40.38 -41.79
N HIS A 69 29.12 -41.50 -41.43
CA HIS A 69 30.43 -41.49 -40.81
C HIS A 69 31.52 -42.06 -41.69
N VAL A 70 31.18 -42.63 -42.84
CA VAL A 70 32.16 -43.23 -43.74
C VAL A 70 31.84 -42.80 -45.16
N SER A 71 32.87 -42.48 -45.93
CA SER A 71 32.72 -42.07 -47.32
C SER A 71 33.31 -43.15 -48.22
N GLY A 72 32.50 -43.66 -49.15
CA GLY A 72 32.93 -44.71 -50.05
C GLY A 72 31.99 -44.92 -51.22
N GLY A 75 33.36 -41.30 -54.06
CA GLY A 75 33.40 -41.33 -52.61
C GLY A 75 34.16 -40.18 -52.00
N THR A 76 34.02 -39.00 -52.61
CA THR A 76 34.70 -37.80 -52.15
C THR A 76 33.69 -36.69 -51.82
N LYS A 77 32.51 -37.08 -51.32
CA LYS A 77 31.44 -36.14 -51.00
C LYS A 77 31.37 -35.96 -49.49
N ARG A 78 31.45 -34.71 -49.05
CA ARG A 78 31.38 -34.39 -47.62
C ARG A 78 29.93 -34.06 -47.28
N PHE A 79 29.27 -34.97 -46.55
CA PHE A 79 27.88 -34.78 -46.15
C PHE A 79 27.86 -33.92 -44.90
N ALA A 80 27.33 -32.70 -45.02
CA ALA A 80 27.41 -31.71 -43.96
C ALA A 80 26.14 -31.73 -43.10
N ASN A 81 26.34 -31.78 -41.78
CA ASN A 81 25.23 -31.60 -40.87
C ASN A 81 24.74 -30.15 -40.92
N PRO A 82 23.44 -29.93 -40.77
CA PRO A 82 22.91 -28.58 -40.88
C PRO A 82 22.81 -27.87 -39.54
N VAL A 83 23.11 -26.56 -39.58
CA VAL A 83 22.92 -25.72 -38.39
C VAL A 83 21.44 -25.48 -38.18
N LEU A 84 20.98 -25.68 -36.96
CA LEU A 84 19.56 -25.57 -36.66
C LEU A 84 19.33 -24.61 -35.51
N PRO A 85 18.18 -23.95 -35.48
CA PRO A 85 17.89 -23.00 -34.40
C PRO A 85 17.76 -23.71 -33.06
N PHE A 86 17.91 -22.92 -32.00
CA PHE A 86 17.87 -23.41 -30.64
C PHE A 86 16.56 -23.13 -29.92
N ASN A 87 16.01 -21.94 -30.09
CA ASN A 87 14.76 -21.53 -29.43
C ASN A 87 15.00 -21.62 -27.92
N ASP A 88 14.13 -22.29 -27.18
CA ASP A 88 14.24 -22.34 -25.73
C ASP A 88 14.85 -23.64 -25.22
N GLY A 89 15.35 -24.50 -26.09
CA GLY A 89 15.90 -25.77 -25.67
C GLY A 89 15.50 -26.89 -26.61
N VAL A 90 16.32 -27.94 -26.69
CA VAL A 90 16.12 -28.97 -27.71
C VAL A 90 16.20 -30.35 -27.07
N TYR A 91 15.41 -31.27 -27.61
CA TYR A 91 15.52 -32.69 -27.32
C TYR A 91 16.26 -33.33 -28.50
N PHE A 92 17.46 -33.83 -28.24
CA PHE A 92 18.33 -34.40 -29.27
C PHE A 92 18.51 -35.88 -28.96
N ALA A 93 18.01 -36.74 -29.83
CA ALA A 93 18.17 -38.17 -29.66
C ALA A 93 19.06 -38.72 -30.77
N SER A 94 19.90 -39.68 -30.43
CA SER A 94 20.78 -40.30 -31.42
C SER A 94 20.74 -41.81 -31.27
N THR A 95 20.47 -42.49 -32.37
CA THR A 95 20.44 -43.95 -32.42
C THR A 95 21.58 -44.43 -33.30
N GLU A 96 22.40 -45.33 -32.76
CA GLU A 96 23.55 -45.84 -33.50
C GLU A 96 24.12 -47.04 -32.76
N LYS A 97 24.99 -47.78 -33.45
CA LYS A 97 25.67 -48.90 -32.82
C LYS A 97 26.96 -48.43 -32.14
N SER A 98 27.88 -47.88 -32.92
CA SER A 98 29.08 -47.26 -32.38
C SER A 98 28.83 -45.78 -32.14
N ASN A 99 29.62 -45.20 -31.24
CA ASN A 99 29.39 -43.83 -30.81
C ASN A 99 29.76 -42.84 -31.91
N ILE A 100 28.93 -42.76 -32.95
CA ILE A 100 29.24 -41.91 -34.09
C ILE A 100 29.14 -40.43 -33.72
N ILE A 101 28.06 -40.04 -33.03
CA ILE A 101 27.87 -38.65 -32.66
C ILE A 101 28.91 -38.27 -31.61
N ARG A 102 29.59 -37.14 -31.82
CA ARG A 102 30.67 -36.81 -30.89
C ARG A 102 30.44 -35.52 -30.15
N GLY A 103 29.90 -34.50 -30.83
CA GLY A 103 29.76 -33.23 -30.16
C GLY A 103 28.76 -32.33 -30.85
N TRP A 104 28.59 -31.15 -30.25
CA TRP A 104 27.72 -30.13 -30.77
C TRP A 104 28.37 -28.77 -30.57
N ILE A 105 27.87 -27.79 -31.32
CA ILE A 105 28.35 -26.42 -31.26
C ILE A 105 27.14 -25.51 -31.11
N PHE A 106 27.27 -24.49 -30.26
CA PHE A 106 26.16 -23.62 -29.91
C PHE A 106 26.61 -22.18 -29.91
N GLY A 107 25.66 -21.27 -30.12
CA GLY A 107 25.95 -19.85 -30.01
C GLY A 107 24.96 -19.02 -30.79
N THR A 108 25.36 -17.79 -31.08
CA THR A 108 24.57 -16.86 -31.88
C THR A 108 25.09 -16.70 -33.29
N THR A 109 26.37 -16.33 -33.45
CA THR A 109 26.98 -16.23 -34.76
C THR A 109 27.98 -17.34 -35.06
N LEU A 110 28.39 -18.10 -34.04
CA LEU A 110 29.29 -19.23 -34.20
C LEU A 110 30.62 -18.80 -34.83
N ASP A 111 31.10 -17.62 -34.43
CA ASP A 111 32.36 -17.09 -34.92
C ASP A 111 33.07 -16.39 -33.76
N SER A 112 34.22 -15.78 -34.06
CA SER A 112 34.96 -15.06 -33.04
C SER A 112 34.26 -13.79 -32.58
N LYS A 113 33.25 -13.33 -33.31
CA LYS A 113 32.54 -12.11 -32.91
C LYS A 113 31.80 -12.30 -31.59
N THR A 114 31.17 -13.45 -31.40
CA THR A 114 30.37 -13.72 -30.22
C THR A 114 30.88 -14.98 -29.54
N GLN A 115 30.75 -15.01 -28.21
CA GLN A 115 31.14 -16.18 -27.46
C GLN A 115 30.31 -17.38 -27.88
N SER A 116 30.99 -18.50 -28.11
CA SER A 116 30.35 -19.70 -28.63
C SER A 116 30.80 -20.92 -27.84
N LEU A 117 29.92 -21.91 -27.77
CA LEU A 117 30.14 -23.10 -26.98
C LEU A 117 30.43 -24.29 -27.88
N LEU A 118 31.34 -25.14 -27.43
CA LEU A 118 31.60 -26.42 -28.08
C LEU A 118 31.56 -27.50 -27.01
N ILE A 119 30.74 -28.52 -27.22
CA ILE A 119 30.64 -29.67 -26.35
C ILE A 119 31.08 -30.88 -27.16
N VAL A 120 31.86 -31.77 -26.53
CA VAL A 120 32.32 -32.96 -27.22
C VAL A 120 32.60 -34.03 -26.19
N ASN A 121 32.37 -35.29 -26.55
CA ASN A 121 32.72 -36.44 -25.74
C ASN A 121 33.62 -37.29 -26.63
N ASN A 122 34.93 -36.99 -26.60
CA ASN A 122 35.88 -37.70 -27.43
C ASN A 122 36.23 -39.05 -26.80
N ALA A 123 37.22 -39.72 -27.37
CA ALA A 123 37.67 -40.99 -26.80
C ALA A 123 38.24 -40.79 -25.41
N THR A 124 39.01 -39.72 -25.19
CA THR A 124 39.69 -39.54 -23.92
C THR A 124 38.74 -39.05 -22.83
N ASN A 125 38.16 -37.86 -22.99
CA ASN A 125 37.34 -37.28 -21.93
C ASN A 125 36.36 -36.29 -22.56
N VAL A 126 35.42 -35.81 -21.74
CA VAL A 126 34.39 -34.88 -22.19
C VAL A 126 34.93 -33.47 -22.05
N VAL A 127 34.90 -32.72 -23.15
CA VAL A 127 35.44 -31.37 -23.21
C VAL A 127 34.31 -30.40 -23.54
N ILE A 128 34.17 -29.37 -22.73
CA ILE A 128 33.17 -28.32 -22.95
C ILE A 128 33.87 -26.98 -22.81
N LYS A 129 33.93 -26.22 -23.91
CA LYS A 129 34.66 -24.96 -23.93
C LYS A 129 33.79 -23.85 -24.49
N VAL A 130 33.71 -22.74 -23.77
CA VAL A 130 33.03 -21.54 -24.22
C VAL A 130 34.10 -20.51 -24.52
N CYS A 131 34.31 -20.27 -25.82
CA CYS A 131 35.30 -19.30 -26.29
C CYS A 131 34.78 -18.71 -27.60
N GLU A 132 35.49 -17.69 -28.08
CA GLU A 132 35.18 -17.09 -29.38
C GLU A 132 35.77 -17.95 -30.49
N PHE A 133 35.21 -19.16 -30.60
CA PHE A 133 35.68 -20.12 -31.59
C PHE A 133 35.31 -19.66 -33.00
N GLN A 134 36.16 -20.03 -33.96
CA GLN A 134 35.90 -19.82 -35.38
C GLN A 134 35.77 -21.20 -36.00
N PHE A 135 34.54 -21.71 -36.05
CA PHE A 135 34.30 -23.08 -36.48
C PHE A 135 34.64 -23.28 -37.94
N CYS A 136 35.05 -24.50 -38.28
CA CYS A 136 35.24 -24.87 -39.66
C CYS A 136 33.90 -24.96 -40.39
N ASN A 137 33.96 -24.84 -41.71
CA ASN A 137 32.76 -25.06 -42.51
C ASN A 137 32.25 -26.48 -42.32
N ASP A 138 33.16 -27.46 -42.31
CA ASP A 138 32.84 -28.85 -41.99
C ASP A 138 33.78 -29.29 -40.88
N PRO A 139 33.39 -29.07 -39.63
CA PRO A 139 34.22 -29.55 -38.51
C PRO A 139 34.44 -31.06 -38.62
N PHE A 140 35.67 -31.47 -38.37
CA PHE A 140 36.12 -32.81 -38.73
C PHE A 140 36.65 -33.55 -37.52
N LEU A 141 36.17 -34.77 -37.33
CA LEU A 141 36.67 -35.70 -36.33
C LEU A 141 37.02 -36.98 -37.06
N GLY A 142 38.31 -37.30 -37.12
CA GLY A 142 38.78 -38.43 -37.90
C GLY A 142 39.58 -39.44 -37.12
N VAL A 143 39.21 -40.72 -37.27
CA VAL A 143 39.86 -41.82 -36.60
C VAL A 143 40.33 -42.82 -37.65
N TYR A 144 41.36 -43.57 -37.31
CA TYR A 144 41.91 -44.59 -38.19
C TYR A 144 42.05 -45.90 -37.42
N TYR A 145 41.93 -47.00 -38.16
CA TYR A 145 42.05 -48.32 -37.55
C TYR A 145 43.53 -48.69 -37.44
N HIS A 146 44.00 -48.88 -36.20
CA HIS A 146 45.37 -49.30 -35.97
C HIS A 146 45.42 -50.81 -36.15
N LYS A 147 45.90 -51.24 -37.32
CA LYS A 147 45.87 -52.66 -37.66
C LYS A 147 46.72 -53.48 -36.70
N ASN A 148 47.90 -52.97 -36.34
CA ASN A 148 48.76 -53.70 -35.41
C ASN A 148 48.11 -53.81 -34.03
N ASN A 149 47.50 -52.72 -33.55
CA ASN A 149 46.85 -52.72 -32.25
C ASN A 149 45.41 -53.21 -32.29
N LYS A 150 44.84 -53.39 -33.49
CA LYS A 150 43.46 -53.87 -33.64
C LYS A 150 42.48 -53.00 -32.86
N SER A 151 42.68 -51.68 -32.94
CA SER A 151 41.80 -50.73 -32.27
C SER A 151 41.81 -49.43 -33.05
N TRP A 152 40.62 -48.86 -33.25
CA TRP A 152 40.53 -47.54 -33.87
C TRP A 152 41.08 -46.49 -32.91
N MET A 153 41.86 -45.55 -33.45
CA MET A 153 42.53 -44.55 -32.64
C MET A 153 42.31 -43.18 -33.27
N GLU A 154 41.85 -42.23 -32.45
CA GLU A 154 41.59 -40.89 -32.95
C GLU A 154 42.89 -40.18 -33.29
N SER A 155 42.93 -39.56 -34.48
CA SER A 155 44.13 -38.83 -34.89
C SER A 155 43.85 -37.50 -35.57
N GLU A 156 42.59 -37.12 -35.78
CA GLU A 156 42.31 -35.87 -36.47
C GLU A 156 41.19 -35.12 -35.76
N PHE A 157 41.45 -33.87 -35.42
CA PHE A 157 40.50 -33.04 -34.68
C PHE A 157 40.61 -31.60 -35.20
N ARG A 158 39.74 -31.23 -36.14
CA ARG A 158 39.74 -29.89 -36.72
C ARG A 158 38.32 -29.36 -36.68
N VAL A 159 37.94 -28.78 -35.54
CA VAL A 159 36.58 -28.30 -35.32
C VAL A 159 36.50 -26.78 -35.45
N TYR A 160 37.46 -26.07 -34.86
CA TYR A 160 37.51 -24.62 -34.90
C TYR A 160 38.84 -24.19 -35.48
N SER A 161 38.82 -23.17 -36.34
CA SER A 161 40.07 -22.62 -36.84
C SER A 161 40.80 -21.82 -35.76
N SER A 162 40.05 -21.15 -34.89
CA SER A 162 40.65 -20.28 -33.89
C SER A 162 39.89 -20.42 -32.57
N ALA A 163 40.56 -20.05 -31.49
CA ALA A 163 39.96 -20.08 -30.15
C ALA A 163 40.62 -18.98 -29.33
N ASN A 164 39.90 -17.89 -29.08
CA ASN A 164 40.44 -16.74 -28.38
C ASN A 164 39.45 -16.25 -27.34
N ASN A 165 39.98 -15.58 -26.32
CA ASN A 165 39.19 -15.05 -25.22
C ASN A 165 38.32 -16.14 -24.60
N CYS A 166 38.93 -17.28 -24.33
CA CYS A 166 38.21 -18.41 -23.76
C CYS A 166 37.58 -18.01 -22.43
N THR A 167 36.27 -18.22 -22.33
CA THR A 167 35.52 -17.82 -21.15
C THR A 167 35.27 -18.97 -20.19
N PHE A 168 35.21 -20.20 -20.68
CA PHE A 168 34.96 -21.33 -19.80
C PHE A 168 35.56 -22.60 -20.39
N GLU A 169 36.00 -23.51 -19.53
CA GLU A 169 36.49 -24.80 -19.96
C GLU A 169 36.19 -25.83 -18.88
N TYR A 170 35.84 -27.04 -19.30
CA TYR A 170 35.57 -28.12 -18.37
C TYR A 170 35.89 -29.45 -19.04
N VAL A 171 36.80 -30.21 -18.42
CA VAL A 171 37.25 -31.48 -18.95
C VAL A 171 36.94 -32.56 -17.94
N SER A 172 36.23 -33.61 -18.36
CA SER A 172 35.96 -34.75 -17.51
C SER A 172 37.23 -35.59 -17.34
N GLN A 173 37.15 -36.59 -16.47
CA GLN A 173 38.26 -37.50 -16.29
C GLN A 173 38.52 -38.26 -17.59
N PRO A 174 39.79 -38.47 -17.96
CA PRO A 174 40.08 -39.24 -19.16
C PRO A 174 39.53 -40.65 -19.06
N PHE A 175 38.99 -41.14 -20.18
CA PHE A 175 38.47 -42.49 -20.26
C PHE A 175 38.74 -43.02 -21.67
N LEU A 176 38.17 -44.19 -21.96
CA LEU A 176 38.31 -44.83 -23.26
C LEU A 176 36.94 -45.09 -23.85
N MET A 177 36.68 -44.56 -25.05
CA MET A 177 35.43 -44.76 -25.74
C MET A 177 35.55 -45.91 -26.73
N ASP A 178 34.57 -46.81 -26.72
CA ASP A 178 34.55 -47.91 -27.67
C ASP A 178 34.27 -47.39 -29.07
N LEU A 179 35.05 -47.87 -30.04
CA LEU A 179 34.89 -47.44 -31.43
C LEU A 179 34.54 -48.62 -32.33
N PHE A 186 20.61 -54.65 -32.00
CA PHE A 186 21.06 -54.02 -30.77
C PHE A 186 21.75 -52.69 -31.05
N LYS A 187 20.99 -51.61 -30.98
CA LYS A 187 21.51 -50.26 -31.10
C LYS A 187 21.40 -49.56 -29.76
N ASN A 188 22.05 -48.40 -29.66
CA ASN A 188 21.99 -47.54 -28.50
C ASN A 188 21.23 -46.29 -28.86
N LEU A 189 20.25 -45.94 -28.03
CA LEU A 189 19.54 -44.67 -28.12
C LEU A 189 20.02 -43.79 -26.97
N ARG A 190 20.71 -42.72 -27.30
CA ARG A 190 21.18 -41.74 -26.32
C ARG A 190 20.31 -40.50 -26.50
N GLU A 191 19.52 -40.20 -25.48
CA GLU A 191 18.66 -39.02 -25.49
C GLU A 191 19.30 -37.95 -24.63
N PHE A 192 19.24 -36.71 -25.10
CA PHE A 192 19.78 -35.58 -24.39
C PHE A 192 18.79 -34.44 -24.48
N VAL A 193 18.77 -33.61 -23.45
CA VAL A 193 17.96 -32.41 -23.45
C VAL A 193 18.86 -31.25 -23.07
N PHE A 194 18.91 -30.23 -23.92
CA PHE A 194 19.73 -29.05 -23.70
C PHE A 194 18.80 -27.87 -23.45
N LYS A 195 18.98 -27.21 -22.31
CA LYS A 195 18.16 -26.06 -21.96
C LYS A 195 19.04 -24.97 -21.36
N ASN A 196 19.09 -23.82 -22.01
CA ASN A 196 19.83 -22.68 -21.50
C ASN A 196 18.83 -21.66 -20.97
N ILE A 197 18.74 -21.58 -19.65
CA ILE A 197 17.79 -20.69 -18.97
C ILE A 197 18.50 -20.05 -17.79
N ASP A 198 18.27 -18.75 -17.61
CA ASP A 198 18.83 -17.99 -16.48
C ASP A 198 20.34 -18.07 -16.43
N GLY A 199 20.97 -17.97 -17.60
CA GLY A 199 22.42 -18.05 -17.67
C GLY A 199 22.98 -19.40 -17.32
N TYR A 200 22.13 -20.41 -17.16
CA TYR A 200 22.56 -21.76 -16.83
C TYR A 200 22.26 -22.68 -18.01
N PHE A 201 23.29 -23.36 -18.49
CA PHE A 201 23.15 -24.36 -19.54
C PHE A 201 23.07 -25.72 -18.87
N LYS A 202 21.90 -26.37 -18.97
CA LYS A 202 21.64 -27.63 -18.32
C LYS A 202 21.53 -28.72 -19.37
N ILE A 203 22.25 -29.81 -19.16
CA ILE A 203 22.22 -30.98 -20.02
C ILE A 203 21.67 -32.14 -19.20
N TYR A 204 20.59 -32.73 -19.69
CA TYR A 204 20.05 -33.96 -19.15
C TYR A 204 20.32 -35.08 -20.15
N SER A 205 20.59 -36.28 -19.63
CA SER A 205 21.02 -37.39 -20.47
C SER A 205 20.30 -38.67 -20.06
N LYS A 206 20.22 -39.59 -21.01
CA LYS A 206 19.67 -40.91 -20.76
C LYS A 206 20.18 -41.86 -21.84
N HIS A 207 20.53 -43.07 -21.43
CA HIS A 207 21.13 -44.06 -22.32
C HIS A 207 20.29 -45.32 -22.27
N THR A 208 19.88 -45.84 -23.43
CA THR A 208 19.03 -47.00 -23.49
C THR A 208 19.49 -47.95 -24.58
N PRO A 209 19.31 -49.26 -24.39
CA PRO A 209 19.47 -50.21 -25.50
C PRO A 209 18.17 -50.38 -26.27
N ILE A 210 18.18 -50.05 -27.56
CA ILE A 210 16.99 -50.12 -28.40
C ILE A 210 17.18 -51.23 -29.42
N ASN A 211 16.18 -52.08 -29.56
CA ASN A 211 16.19 -53.13 -30.57
C ASN A 211 15.55 -52.70 -31.89
N LEU A 212 14.85 -51.56 -31.91
CA LEU A 212 14.28 -51.09 -33.16
C LEU A 212 15.39 -50.63 -34.10
N VAL A 213 15.22 -50.94 -35.38
CA VAL A 213 16.26 -50.63 -36.35
C VAL A 213 16.17 -49.20 -36.87
N ARG A 214 14.95 -48.70 -37.10
CA ARG A 214 14.76 -47.37 -37.64
C ARG A 214 13.46 -46.80 -37.10
N GLY A 215 13.45 -45.48 -36.92
CA GLY A 215 12.32 -44.82 -36.29
C GLY A 215 12.50 -44.70 -34.79
N LEU A 216 11.85 -43.69 -34.23
CA LEU A 216 11.99 -43.43 -32.80
C LEU A 216 11.21 -44.47 -32.00
N PRO A 217 11.83 -45.14 -31.04
CA PRO A 217 11.10 -46.13 -30.23
C PRO A 217 10.00 -45.48 -29.43
N GLN A 218 8.91 -46.23 -29.26
CA GLN A 218 7.72 -45.75 -28.57
C GLN A 218 7.71 -46.31 -27.15
N GLY A 219 7.78 -45.44 -26.17
CA GLY A 219 7.85 -45.85 -24.79
C GLY A 219 8.24 -44.68 -23.91
N PHE A 220 8.35 -44.95 -22.62
CA PHE A 220 8.62 -43.93 -21.62
C PHE A 220 10.00 -44.11 -21.02
N SER A 221 10.66 -42.98 -20.74
CA SER A 221 11.99 -43.01 -20.15
C SER A 221 12.28 -41.65 -19.54
N ALA A 222 12.80 -41.64 -18.32
CA ALA A 222 13.19 -40.41 -17.66
C ALA A 222 14.64 -40.08 -17.96
N LEU A 223 14.89 -38.87 -18.42
CA LEU A 223 16.24 -38.42 -18.72
C LEU A 223 16.85 -37.85 -17.45
N GLU A 224 17.82 -38.56 -16.89
CA GLU A 224 18.41 -38.14 -15.63
C GLU A 224 19.19 -36.84 -15.81
N PRO A 225 19.23 -36.00 -14.79
CA PRO A 225 20.10 -34.82 -14.85
C PRO A 225 21.56 -35.24 -15.01
N LEU A 226 22.27 -34.54 -15.88
CA LEU A 226 23.67 -34.83 -16.12
C LEU A 226 24.59 -33.72 -15.65
N VAL A 227 24.33 -32.47 -16.04
CA VAL A 227 25.21 -31.39 -15.60
C VAL A 227 24.56 -30.03 -15.81
N ASP A 228 24.77 -29.11 -14.87
CA ASP A 228 24.36 -27.72 -15.02
C ASP A 228 25.60 -26.83 -14.93
N LEU A 229 25.75 -25.93 -15.90
CA LEU A 229 26.92 -25.09 -15.99
C LEU A 229 26.53 -23.62 -16.04
N PRO A 230 27.17 -22.76 -15.26
CA PRO A 230 26.87 -21.32 -15.31
C PRO A 230 27.72 -20.58 -16.35
N ILE A 231 27.63 -21.01 -17.60
CA ILE A 231 28.40 -20.36 -18.65
C ILE A 231 27.84 -18.97 -18.94
N GLY A 232 26.52 -18.82 -18.89
CA GLY A 232 25.91 -17.51 -19.00
C GLY A 232 26.12 -16.82 -20.34
N ILE A 233 25.91 -17.53 -21.44
CA ILE A 233 26.07 -16.96 -22.77
C ILE A 233 24.75 -17.03 -23.51
N ASN A 234 24.62 -16.18 -24.53
CA ASN A 234 23.44 -16.18 -25.37
C ASN A 234 23.63 -17.15 -26.53
N ILE A 235 22.66 -18.04 -26.71
CA ILE A 235 22.73 -19.08 -27.73
C ILE A 235 21.41 -19.11 -28.48
N THR A 236 21.48 -19.18 -29.81
CA THR A 236 20.29 -19.22 -30.64
C THR A 236 20.32 -20.27 -31.74
N ARG A 237 21.48 -20.82 -32.08
CA ARG A 237 21.58 -21.83 -33.13
C ARG A 237 22.58 -22.89 -32.69
N PHE A 238 22.52 -24.04 -33.36
CA PHE A 238 23.45 -25.12 -33.03
C PHE A 238 23.62 -26.03 -34.24
N GLN A 239 24.66 -26.86 -34.17
CA GLN A 239 24.94 -27.85 -35.20
C GLN A 239 25.53 -29.09 -34.56
N THR A 240 25.27 -30.24 -35.18
CA THR A 240 25.74 -31.53 -34.69
C THR A 240 27.06 -31.90 -35.36
N LEU A 241 27.87 -32.67 -34.64
CA LEU A 241 29.19 -33.08 -35.10
C LEU A 241 29.32 -34.59 -35.06
N HIS A 242 29.78 -35.17 -36.17
CA HIS A 242 29.90 -36.61 -36.34
C HIS A 242 31.35 -37.00 -36.54
N ILE A 243 31.63 -38.28 -36.31
CA ILE A 243 32.96 -38.83 -36.47
C ILE A 243 33.11 -39.29 -37.91
N SER A 244 34.36 -39.24 -38.41
CA SER A 244 34.68 -39.77 -39.72
C SER A 244 35.64 -40.94 -39.56
N TYR A 245 35.28 -42.08 -40.14
CA TYR A 245 36.10 -43.29 -40.07
C TYR A 245 36.98 -43.36 -41.32
N LEU A 246 38.27 -43.11 -41.13
CA LEU A 246 39.21 -43.19 -42.24
C LEU A 246 39.43 -44.65 -42.63
N THR A 247 39.25 -44.95 -43.91
CA THR A 247 39.39 -46.30 -44.42
C THR A 247 40.29 -46.31 -45.65
N PRO A 248 41.03 -47.40 -45.87
CA PRO A 248 41.83 -47.50 -47.10
C PRO A 248 40.99 -47.44 -48.37
N GLY A 249 39.75 -47.94 -48.32
CA GLY A 249 38.88 -47.90 -49.48
C GLY A 249 39.15 -49.01 -50.48
N ALA A 257 27.76 -48.52 -43.97
CA ALA A 257 26.41 -48.20 -44.42
C ALA A 257 25.52 -47.84 -43.23
N GLY A 258 25.97 -48.22 -42.03
CA GLY A 258 25.20 -47.97 -40.83
C GLY A 258 25.30 -46.54 -40.33
N ALA A 259 24.77 -45.60 -41.10
CA ALA A 259 24.78 -44.20 -40.69
C ALA A 259 23.88 -43.99 -39.47
N ALA A 260 24.35 -43.20 -38.52
CA ALA A 260 23.57 -42.93 -37.32
C ALA A 260 22.34 -42.11 -37.67
N ALA A 261 21.33 -42.17 -36.81
CA ALA A 261 20.09 -41.43 -37.04
C ALA A 261 19.86 -40.50 -35.85
N TYR A 262 19.70 -39.20 -36.11
CA TYR A 262 19.50 -38.28 -35.02
C TYR A 262 18.25 -37.43 -35.25
N TYR A 263 17.44 -37.33 -34.20
CA TYR A 263 16.19 -36.59 -34.22
C TYR A 263 16.30 -35.39 -33.30
N VAL A 264 15.65 -34.29 -33.68
CA VAL A 264 15.69 -33.05 -32.94
C VAL A 264 14.28 -32.52 -32.80
N GLY A 265 13.87 -32.24 -31.57
CA GLY A 265 12.61 -31.60 -31.31
C GLY A 265 12.81 -30.36 -30.46
N TYR A 266 11.82 -29.48 -30.49
CA TYR A 266 11.91 -28.19 -29.82
C TYR A 266 10.98 -28.14 -28.62
N LEU A 267 11.51 -27.68 -27.50
CA LEU A 267 10.71 -27.58 -26.29
C LEU A 267 9.73 -26.43 -26.37
N GLN A 268 8.67 -26.53 -25.59
CA GLN A 268 7.67 -25.48 -25.47
C GLN A 268 7.25 -25.40 -24.00
N PRO A 269 6.76 -24.24 -23.56
CA PRO A 269 6.22 -24.14 -22.21
C PRO A 269 4.90 -24.88 -22.09
N ARG A 270 4.91 -25.99 -21.36
CA ARG A 270 3.73 -26.82 -21.17
C ARG A 270 3.61 -27.18 -19.70
N THR A 271 2.39 -27.54 -19.31
CA THR A 271 2.12 -28.10 -17.99
C THR A 271 2.13 -29.62 -18.11
N PHE A 272 2.84 -30.29 -17.20
CA PHE A 272 2.98 -31.73 -17.22
C PHE A 272 2.67 -32.29 -15.85
N LEU A 273 2.09 -33.49 -15.84
CA LEU A 273 1.86 -34.23 -14.60
C LEU A 273 2.81 -35.41 -14.59
N LEU A 274 3.77 -35.39 -13.66
CA LEU A 274 4.78 -36.43 -13.54
C LEU A 274 4.46 -37.34 -12.37
N LYS A 275 4.56 -38.64 -12.61
CA LYS A 275 4.23 -39.67 -11.63
C LYS A 275 5.53 -40.25 -11.07
N TYR A 276 5.93 -39.80 -9.89
CA TYR A 276 7.06 -40.41 -9.21
C TYR A 276 6.62 -41.68 -8.50
N ASN A 277 7.37 -42.76 -8.70
CA ASN A 277 7.10 -44.03 -8.05
C ASN A 277 7.77 -44.04 -6.67
N GLU A 278 7.83 -45.21 -6.03
CA GLU A 278 8.44 -45.31 -4.71
C GLU A 278 9.89 -44.84 -4.74
N ASN A 279 10.68 -45.38 -5.66
CA ASN A 279 12.11 -45.06 -5.73
C ASN A 279 12.37 -43.66 -6.25
N GLY A 280 11.35 -42.96 -6.75
CA GLY A 280 11.54 -41.63 -7.31
C GLY A 280 11.77 -41.60 -8.80
N THR A 281 11.70 -42.73 -9.48
CA THR A 281 11.87 -42.76 -10.93
C THR A 281 10.56 -42.42 -11.61
N ILE A 282 10.63 -41.51 -12.58
CA ILE A 282 9.44 -40.98 -13.26
C ILE A 282 8.84 -42.13 -14.08
N THR A 283 7.74 -42.70 -13.59
CA THR A 283 7.15 -43.84 -14.29
C THR A 283 6.43 -43.39 -15.55
N ASP A 284 5.64 -42.32 -15.46
CA ASP A 284 4.85 -41.87 -16.60
C ASP A 284 4.47 -40.42 -16.41
N ALA A 285 4.10 -39.78 -17.53
CA ALA A 285 3.77 -38.36 -17.55
C ALA A 285 2.53 -38.13 -18.38
N VAL A 286 1.82 -37.06 -18.05
CA VAL A 286 0.61 -36.64 -18.75
C VAL A 286 0.82 -35.22 -19.25
N ASP A 287 0.56 -34.99 -20.54
CA ASP A 287 0.69 -33.67 -21.15
C ASP A 287 -0.68 -33.02 -21.14
N CYS A 288 -0.83 -31.99 -20.30
CA CYS A 288 -2.15 -31.44 -20.02
C CYS A 288 -2.83 -30.92 -21.28
N ALA A 289 -2.07 -30.23 -22.14
CA ALA A 289 -2.68 -29.55 -23.28
C ALA A 289 -2.81 -30.42 -24.51
N LEU A 290 -2.44 -31.69 -24.43
CA LEU A 290 -2.51 -32.55 -25.62
C LEU A 290 -3.94 -32.76 -26.08
N ASP A 291 -4.83 -33.15 -25.17
CA ASP A 291 -6.19 -33.53 -25.54
C ASP A 291 -7.07 -33.39 -24.30
N PRO A 292 -8.40 -33.26 -24.49
CA PRO A 292 -9.26 -33.00 -23.34
C PRO A 292 -9.19 -34.06 -22.26
N LEU A 293 -8.99 -35.33 -22.63
CA LEU A 293 -8.78 -36.35 -21.61
C LEU A 293 -7.57 -36.00 -20.75
N SER A 294 -6.51 -35.51 -21.37
CA SER A 294 -5.34 -35.08 -20.60
C SER A 294 -5.67 -33.85 -19.75
N GLU A 295 -6.54 -32.97 -20.25
CA GLU A 295 -6.98 -31.84 -19.43
C GLU A 295 -7.65 -32.35 -18.16
N THR A 296 -8.51 -33.35 -18.28
CA THR A 296 -9.14 -33.94 -17.10
C THR A 296 -8.10 -34.58 -16.20
N LYS A 297 -7.12 -35.27 -16.79
CA LYS A 297 -6.09 -35.93 -15.99
C LYS A 297 -5.32 -34.92 -15.16
N CYS A 298 -4.95 -33.79 -15.76
CA CYS A 298 -4.18 -32.79 -15.03
C CYS A 298 -5.03 -32.06 -14.00
N THR A 299 -6.26 -31.70 -14.36
CA THR A 299 -7.12 -31.00 -13.42
C THR A 299 -7.43 -31.87 -12.20
N LEU A 300 -7.68 -33.15 -12.41
CA LEU A 300 -7.96 -34.05 -11.31
C LEU A 300 -6.70 -34.54 -10.60
N LYS A 301 -5.52 -34.18 -11.11
CA LYS A 301 -4.25 -34.57 -10.49
C LYS A 301 -4.15 -36.09 -10.35
N SER A 302 -4.59 -36.81 -11.37
CA SER A 302 -4.57 -38.25 -11.32
C SER A 302 -4.50 -38.83 -12.73
N PHE A 303 -4.01 -40.06 -12.81
CA PHE A 303 -4.01 -40.81 -14.06
C PHE A 303 -5.29 -41.58 -14.29
N THR A 304 -6.05 -41.85 -13.23
CA THR A 304 -7.25 -42.67 -13.33
C THR A 304 -8.47 -41.80 -13.09
N VAL A 305 -9.29 -41.62 -14.12
CA VAL A 305 -10.48 -40.79 -14.06
C VAL A 305 -11.70 -41.71 -14.18
N GLU A 306 -12.62 -41.59 -13.23
CA GLU A 306 -13.81 -42.42 -13.24
C GLU A 306 -14.86 -41.84 -14.18
N LYS A 307 -15.86 -42.66 -14.47
CA LYS A 307 -16.93 -42.24 -15.38
C LYS A 307 -17.66 -41.02 -14.82
N GLY A 308 -17.81 -40.00 -15.65
CA GLY A 308 -18.47 -38.79 -15.24
C GLY A 308 -18.12 -37.64 -16.16
N ILE A 309 -18.60 -36.46 -15.78
CA ILE A 309 -18.34 -35.22 -16.49
C ILE A 309 -17.58 -34.29 -15.56
N TYR A 310 -16.50 -33.71 -16.04
CA TYR A 310 -15.57 -32.96 -15.20
C TYR A 310 -15.38 -31.56 -15.79
N GLN A 311 -15.84 -30.55 -15.07
CA GLN A 311 -15.58 -29.16 -15.44
C GLN A 311 -14.08 -28.91 -15.44
N THR A 312 -13.49 -28.66 -16.59
CA THR A 312 -12.04 -28.50 -16.68
C THR A 312 -11.60 -27.05 -16.87
N SER A 313 -12.08 -26.39 -17.93
CA SER A 313 -11.46 -25.14 -18.33
C SER A 313 -12.52 -24.12 -18.73
N ASN A 314 -12.05 -23.05 -19.35
CA ASN A 314 -12.90 -21.95 -19.79
C ASN A 314 -12.62 -21.66 -21.26
N PHE A 315 -13.67 -21.48 -22.04
CA PHE A 315 -13.56 -21.17 -23.46
C PHE A 315 -13.97 -19.72 -23.70
N ARG A 316 -13.15 -18.99 -24.45
CA ARG A 316 -13.40 -17.59 -24.81
C ARG A 316 -13.07 -17.40 -26.28
N VAL A 317 -13.60 -16.31 -26.86
CA VAL A 317 -13.60 -16.10 -28.30
C VAL A 317 -12.85 -14.82 -28.64
N GLN A 318 -11.76 -14.60 -27.95
CA GLN A 318 -10.97 -13.38 -27.94
C GLN A 318 -10.97 -12.63 -29.27
N PRO A 319 -11.05 -11.31 -29.22
CA PRO A 319 -11.36 -10.54 -30.43
C PRO A 319 -10.28 -10.60 -31.51
N THR A 320 -10.74 -10.53 -32.76
CA THR A 320 -9.86 -10.61 -33.92
C THR A 320 -9.18 -9.28 -34.25
N GLU A 321 -9.90 -8.18 -34.18
CA GLU A 321 -9.38 -6.91 -34.68
C GLU A 321 -10.03 -5.76 -33.94
N SER A 322 -9.57 -4.56 -34.23
CA SER A 322 -10.06 -3.34 -33.60
C SER A 322 -10.68 -2.42 -34.64
N ILE A 323 -11.71 -1.69 -34.23
CA ILE A 323 -12.44 -0.78 -35.10
C ILE A 323 -12.52 0.58 -34.43
N VAL A 324 -12.21 1.62 -35.20
CA VAL A 324 -12.24 3.01 -34.71
C VAL A 324 -13.18 3.80 -35.60
N ARG A 325 -14.09 4.55 -34.98
CA ARG A 325 -15.03 5.40 -35.70
C ARG A 325 -15.11 6.74 -34.97
N PHE A 326 -14.83 7.82 -35.68
CA PHE A 326 -14.81 9.16 -35.13
C PHE A 326 -15.70 10.05 -35.97
N PRO A 327 -16.23 11.13 -35.40
CA PRO A 327 -17.03 12.06 -36.19
C PRO A 327 -16.24 12.73 -37.29
N ASN A 328 -16.61 12.53 -38.56
CA ASN A 328 -15.93 13.21 -39.66
C ASN A 328 -16.38 14.65 -39.83
N ILE A 329 -17.25 15.14 -38.94
CA ILE A 329 -17.96 16.40 -39.20
C ILE A 329 -17.01 17.47 -39.66
N THR A 330 -17.38 18.16 -40.74
CA THR A 330 -16.51 19.19 -41.33
C THR A 330 -16.80 20.52 -40.64
N ASN A 331 -16.10 20.77 -39.55
CA ASN A 331 -16.19 22.05 -38.85
C ASN A 331 -14.91 22.86 -39.07
N LEU A 332 -14.41 22.88 -40.30
CA LEU A 332 -13.14 23.52 -40.62
C LEU A 332 -13.05 24.93 -40.01
N CYS A 333 -11.94 25.19 -39.31
CA CYS A 333 -11.73 26.50 -38.70
C CYS A 333 -11.47 27.54 -39.78
N PRO A 334 -11.75 28.82 -39.51
CA PRO A 334 -11.61 29.84 -40.56
C PRO A 334 -10.18 30.13 -40.96
N PHE A 335 -9.41 29.08 -41.28
CA PHE A 335 -8.07 29.29 -41.81
C PHE A 335 -8.10 29.97 -43.17
N GLY A 336 -9.18 29.77 -43.93
CA GLY A 336 -9.32 30.46 -45.20
C GLY A 336 -9.46 31.96 -45.05
N GLU A 337 -10.14 32.39 -43.98
CA GLU A 337 -10.32 33.83 -43.76
C GLU A 337 -9.01 34.52 -43.44
N VAL A 338 -8.01 33.78 -42.97
CA VAL A 338 -6.72 34.36 -42.62
C VAL A 338 -5.74 34.31 -43.78
N PHE A 339 -5.51 33.12 -44.33
CA PHE A 339 -4.51 32.96 -45.38
C PHE A 339 -4.94 33.61 -46.68
N ASN A 340 -6.22 33.51 -47.03
CA ASN A 340 -6.73 34.05 -48.27
C ASN A 340 -7.21 35.49 -48.13
N ALA A 341 -6.76 36.21 -47.11
CA ALA A 341 -7.12 37.62 -46.96
C ALA A 341 -6.56 38.44 -48.12
N THR A 342 -7.41 39.27 -48.72
CA THR A 342 -6.97 40.09 -49.84
C THR A 342 -5.99 41.17 -49.40
N ARG A 343 -6.17 41.69 -48.19
CA ARG A 343 -5.28 42.71 -47.65
C ARG A 343 -4.81 42.29 -46.26
N PHE A 344 -3.52 42.47 -46.01
CA PHE A 344 -2.90 42.19 -44.72
C PHE A 344 -2.60 43.49 -43.99
N ALA A 345 -2.45 43.39 -42.68
CA ALA A 345 -2.14 44.55 -41.86
C ALA A 345 -0.63 44.76 -41.77
N SER A 346 -0.25 45.96 -41.35
CA SER A 346 1.15 46.27 -41.12
C SER A 346 1.69 45.44 -39.96
N VAL A 347 3.00 45.22 -39.96
CA VAL A 347 3.61 44.37 -38.95
C VAL A 347 3.45 44.99 -37.56
N TYR A 348 3.58 46.31 -37.45
CA TYR A 348 3.40 46.96 -36.16
C TYR A 348 1.97 46.84 -35.66
N ALA A 349 1.01 46.73 -36.58
CA ALA A 349 -0.39 46.52 -36.26
C ALA A 349 -0.86 45.16 -36.76
N TRP A 350 -0.04 44.14 -36.53
CA TRP A 350 -0.32 42.79 -37.02
C TRP A 350 -1.69 42.33 -36.54
N ASN A 351 -2.46 41.76 -37.47
CA ASN A 351 -3.80 41.31 -37.12
C ASN A 351 -3.74 39.96 -36.43
N ARG A 352 -4.59 39.80 -35.41
CA ARG A 352 -4.70 38.55 -34.67
C ARG A 352 -6.13 38.07 -34.72
N LYS A 353 -6.30 36.81 -35.07
CA LYS A 353 -7.61 36.16 -35.09
C LYS A 353 -7.62 35.03 -34.07
N ARG A 354 -8.65 35.01 -33.23
CA ARG A 354 -8.81 33.98 -32.22
C ARG A 354 -9.68 32.87 -32.77
N ILE A 355 -9.17 31.64 -32.74
CA ILE A 355 -9.82 30.48 -33.32
C ILE A 355 -10.09 29.48 -32.21
N SER A 356 -11.35 29.08 -32.07
CA SER A 356 -11.74 28.13 -31.04
C SER A 356 -13.06 27.48 -31.43
N ASN A 357 -13.36 26.35 -30.80
CA ASN A 357 -14.62 25.65 -30.98
C ASN A 357 -14.87 25.33 -32.46
N CYS A 358 -13.86 24.72 -33.08
CA CYS A 358 -13.96 24.31 -34.48
C CYS A 358 -12.93 23.23 -34.76
N VAL A 359 -13.14 22.51 -35.86
CA VAL A 359 -12.27 21.42 -36.27
C VAL A 359 -11.21 21.98 -37.20
N ALA A 360 -9.97 22.05 -36.72
CA ALA A 360 -8.88 22.58 -37.53
C ALA A 360 -8.41 21.54 -38.52
N ASP A 361 -8.29 21.95 -39.78
CA ASP A 361 -7.89 21.06 -40.86
C ASP A 361 -6.48 21.46 -41.29
N TYR A 362 -5.48 20.86 -40.64
CA TYR A 362 -4.09 21.23 -40.89
C TYR A 362 -3.60 20.67 -42.22
N SER A 363 -3.99 19.43 -42.55
CA SER A 363 -3.49 18.79 -43.77
C SER A 363 -3.89 19.56 -45.01
N VAL A 364 -5.17 19.93 -45.12
CA VAL A 364 -5.63 20.70 -46.28
C VAL A 364 -5.04 22.12 -46.25
N LEU A 365 -4.94 22.73 -45.07
CA LEU A 365 -4.44 24.09 -44.97
C LEU A 365 -2.99 24.18 -45.44
N TYR A 366 -2.16 23.21 -45.07
CA TYR A 366 -0.75 23.26 -45.40
C TYR A 366 -0.46 22.86 -46.85
N ASN A 367 -1.45 22.33 -47.56
CA ASN A 367 -1.30 21.95 -48.96
C ASN A 367 -2.15 22.79 -49.89
N SER A 368 -2.61 23.95 -49.42
CA SER A 368 -3.47 24.80 -50.24
C SER A 368 -2.65 25.64 -51.22
N ALA A 369 -1.76 26.47 -50.70
CA ALA A 369 -0.95 27.39 -51.49
C ALA A 369 0.52 27.01 -51.39
N SER A 370 1.36 27.83 -52.02
CA SER A 370 2.81 27.65 -52.01
C SER A 370 3.41 28.49 -50.90
N PHE A 371 4.14 27.85 -49.99
CA PHE A 371 4.77 28.51 -48.87
C PHE A 371 6.28 28.55 -49.08
N SER A 372 6.85 29.76 -49.06
CA SER A 372 8.29 29.92 -49.17
C SER A 372 9.02 29.71 -47.85
N THR A 373 8.29 29.71 -46.73
CA THR A 373 8.89 29.46 -45.42
C THR A 373 7.84 28.78 -44.55
N PHE A 374 8.21 27.68 -43.91
CA PHE A 374 7.29 26.93 -43.06
C PHE A 374 8.12 26.27 -41.98
N LYS A 375 8.09 26.83 -40.76
CA LYS A 375 8.87 26.30 -39.65
C LYS A 375 7.99 26.18 -38.42
N CYS A 376 7.96 24.98 -37.83
CA CYS A 376 7.20 24.73 -36.62
C CYS A 376 8.15 24.42 -35.47
N TYR A 377 7.83 24.98 -34.30
CA TYR A 377 8.65 24.83 -33.11
C TYR A 377 7.79 24.32 -31.98
N GLY A 378 8.25 23.26 -31.30
CA GLY A 378 7.50 22.66 -30.22
C GLY A 378 6.39 21.74 -30.67
N VAL A 379 6.20 21.54 -31.97
CA VAL A 379 5.16 20.66 -32.49
C VAL A 379 5.45 20.37 -33.96
N SER A 380 5.07 19.13 -34.44
CA SER A 380 5.20 18.78 -35.84
C SER A 380 3.93 19.11 -36.60
N PRO A 381 4.05 19.47 -37.89
CA PRO A 381 2.84 19.83 -38.66
C PRO A 381 1.81 18.72 -38.76
N THR A 382 2.25 17.46 -38.87
CA THR A 382 1.33 16.35 -39.01
C THR A 382 0.76 15.88 -37.68
N LYS A 383 1.40 16.23 -36.57
CA LYS A 383 0.87 15.83 -35.26
C LYS A 383 -0.33 16.67 -34.84
N LEU A 384 -0.51 17.85 -35.44
CA LEU A 384 -1.62 18.72 -35.06
C LEU A 384 -2.97 18.09 -35.35
N ASN A 385 -3.05 17.20 -36.35
CA ASN A 385 -4.29 16.50 -36.62
C ASN A 385 -4.71 15.62 -35.46
N ASP A 386 -3.77 15.24 -34.59
CA ASP A 386 -4.05 14.40 -33.44
C ASP A 386 -4.01 15.16 -32.12
N LEU A 387 -3.70 16.46 -32.14
CA LEU A 387 -3.59 17.26 -30.93
C LEU A 387 -4.82 18.16 -30.78
N CYS A 388 -5.21 18.38 -29.53
CA CYS A 388 -6.29 19.28 -29.19
C CYS A 388 -5.74 20.45 -28.37
N PHE A 389 -6.25 21.65 -28.65
CA PHE A 389 -5.78 22.85 -28.00
C PHE A 389 -6.96 23.69 -27.53
N THR A 390 -6.72 24.45 -26.46
CA THR A 390 -7.78 25.32 -25.93
C THR A 390 -8.10 26.44 -26.88
N ASN A 391 -7.09 27.11 -27.43
CA ASN A 391 -7.31 28.24 -28.32
C ASN A 391 -6.19 28.30 -29.35
N VAL A 392 -6.47 29.00 -30.45
CA VAL A 392 -5.49 29.23 -31.50
C VAL A 392 -5.44 30.73 -31.78
N TYR A 393 -4.24 31.23 -32.04
CA TYR A 393 -4.03 32.61 -32.43
C TYR A 393 -3.37 32.64 -33.79
N ALA A 394 -4.03 33.29 -34.75
CA ALA A 394 -3.51 33.44 -36.10
C ALA A 394 -3.07 34.89 -36.28
N ASP A 395 -1.76 35.11 -36.34
CA ASP A 395 -1.19 36.44 -36.47
C ASP A 395 -0.72 36.64 -37.91
N SER A 396 -1.38 37.55 -38.62
CA SER A 396 -1.09 37.82 -40.02
C SER A 396 -0.58 39.24 -40.18
N PHE A 397 0.45 39.38 -41.01
CA PHE A 397 1.05 40.69 -41.29
C PHE A 397 1.93 40.55 -42.53
N VAL A 398 2.60 41.66 -42.88
CA VAL A 398 3.47 41.72 -44.05
C VAL A 398 4.81 42.35 -43.64
N ILE A 399 5.90 41.70 -44.03
CA ILE A 399 7.25 42.18 -43.74
C ILE A 399 8.11 42.03 -44.99
N ARG A 400 9.40 42.35 -44.85
CA ARG A 400 10.35 42.07 -45.91
C ARG A 400 10.77 40.61 -45.87
N GLY A 401 11.34 40.14 -46.98
CA GLY A 401 11.88 38.79 -47.01
C GLY A 401 13.03 38.61 -46.05
N ASP A 402 13.96 39.57 -46.04
CA ASP A 402 15.09 39.51 -45.11
C ASP A 402 14.64 39.61 -43.66
N GLU A 403 13.45 40.14 -43.41
CA GLU A 403 12.89 40.18 -42.07
C GLU A 403 12.18 38.89 -41.67
N VAL A 404 11.93 37.99 -42.63
CA VAL A 404 11.23 36.74 -42.33
C VAL A 404 12.04 35.91 -41.34
N ARG A 405 13.36 35.93 -41.45
CA ARG A 405 14.20 35.21 -40.50
C ARG A 405 14.03 35.71 -39.07
N GLN A 406 13.57 36.95 -38.90
CA GLN A 406 13.33 37.49 -37.55
C GLN A 406 12.08 36.91 -36.91
N ILE A 407 11.21 36.28 -37.69
CA ILE A 407 9.97 35.69 -37.14
C ILE A 407 10.31 34.27 -36.73
N ALA A 408 10.87 34.14 -35.53
CA ALA A 408 11.24 32.86 -34.96
C ALA A 408 11.61 33.08 -33.49
N PRO A 409 11.48 32.04 -32.66
CA PRO A 409 11.86 32.19 -31.25
C PRO A 409 13.34 32.53 -31.11
N GLY A 410 13.65 33.38 -30.13
CA GLY A 410 15.02 33.75 -29.87
C GLY A 410 15.66 34.63 -30.92
N GLN A 411 14.87 35.38 -31.67
CA GLN A 411 15.39 36.26 -32.70
C GLN A 411 15.39 37.72 -32.23
N THR A 412 16.23 38.53 -32.87
CA THR A 412 16.34 39.93 -32.56
C THR A 412 16.33 40.74 -33.86
N GLY A 413 15.91 41.99 -33.75
CA GLY A 413 15.85 42.86 -34.90
C GLY A 413 14.74 43.89 -34.79
N ASN A 414 14.58 44.73 -35.82
CA ASN A 414 13.55 45.76 -35.77
C ASN A 414 12.16 45.14 -35.67
N ILE A 415 11.87 44.17 -36.55
CA ILE A 415 10.57 43.51 -36.50
C ILE A 415 10.42 42.73 -35.20
N ALA A 416 11.47 42.02 -34.78
CA ALA A 416 11.41 41.22 -33.57
C ALA A 416 11.21 42.09 -32.34
N ASP A 417 11.93 43.21 -32.25
CA ASP A 417 11.91 43.99 -31.02
C ASP A 417 10.78 45.01 -30.96
N TYR A 418 10.50 45.70 -32.06
CA TYR A 418 9.58 46.82 -32.03
C TYR A 418 8.29 46.58 -32.82
N ASN A 419 8.19 45.50 -33.58
CA ASN A 419 7.01 45.24 -34.39
C ASN A 419 6.27 43.97 -33.98
N TYR A 420 6.98 42.85 -33.90
CA TYR A 420 6.35 41.57 -33.57
C TYR A 420 7.38 40.67 -32.91
N LYS A 421 7.14 40.31 -31.66
CA LYS A 421 8.07 39.52 -30.87
C LYS A 421 7.50 38.14 -30.59
N LEU A 422 8.30 37.11 -30.83
CA LEU A 422 7.90 35.75 -30.51
C LEU A 422 8.60 35.27 -29.24
N PRO A 423 7.90 34.51 -28.40
CA PRO A 423 8.55 33.99 -27.19
C PRO A 423 9.62 32.96 -27.53
N ASP A 424 10.61 32.85 -26.65
CA ASP A 424 11.67 31.88 -26.86
C ASP A 424 11.15 30.46 -26.80
N ASP A 425 10.13 30.20 -25.98
CA ASP A 425 9.49 28.89 -25.89
C ASP A 425 8.24 28.81 -26.73
N PHE A 426 8.21 29.51 -27.87
CA PHE A 426 7.04 29.53 -28.73
C PHE A 426 6.72 28.13 -29.25
N THR A 427 5.47 27.72 -29.06
CA THR A 427 4.97 26.41 -29.50
C THR A 427 3.94 26.68 -30.59
N GLY A 428 4.36 26.56 -31.85
CA GLY A 428 3.48 26.82 -32.96
C GLY A 428 4.27 26.89 -34.25
N CYS A 429 3.56 27.26 -35.31
CA CYS A 429 4.13 27.26 -36.65
C CYS A 429 4.17 28.67 -37.22
N VAL A 430 5.13 28.90 -38.10
CA VAL A 430 5.27 30.16 -38.82
C VAL A 430 5.28 29.85 -40.31
N ILE A 431 4.43 30.54 -41.06
CA ILE A 431 4.31 30.38 -42.50
C ILE A 431 4.52 31.74 -43.15
N ALA A 432 5.34 31.78 -44.20
CA ALA A 432 5.61 33.00 -44.92
C ALA A 432 5.61 32.71 -46.41
N TRP A 433 4.98 33.59 -47.18
CA TRP A 433 4.94 33.42 -48.63
C TRP A 433 5.09 34.77 -49.30
N ASN A 434 5.76 34.78 -50.46
CA ASN A 434 5.97 36.00 -51.21
C ASN A 434 4.63 36.56 -51.67
N SER A 435 4.48 37.88 -51.53
CA SER A 435 3.27 38.59 -51.92
C SER A 435 3.62 39.74 -52.85
N ASN A 436 4.62 39.55 -53.70
CA ASN A 436 5.02 40.61 -54.62
C ASN A 436 3.89 40.96 -55.58
N ASN A 437 3.16 39.95 -56.06
CA ASN A 437 2.02 40.20 -56.93
C ASN A 437 0.83 40.79 -56.20
N LEU A 438 0.85 40.78 -54.86
CA LEU A 438 -0.29 41.21 -54.06
C LEU A 438 -0.06 42.51 -53.31
N ASP A 439 1.10 42.67 -52.67
CA ASP A 439 1.35 43.80 -51.79
C ASP A 439 2.39 44.78 -52.35
N SER A 440 2.63 44.75 -53.66
CA SER A 440 3.55 45.67 -54.30
C SER A 440 2.83 46.42 -55.42
N LYS A 441 3.16 47.69 -55.58
CA LYS A 441 2.58 48.54 -56.60
C LYS A 441 3.68 49.11 -57.48
N VAL A 442 3.29 49.51 -58.70
CA VAL A 442 4.26 50.06 -59.64
C VAL A 442 4.92 51.31 -59.08
N GLY A 443 4.12 52.21 -58.52
CA GLY A 443 4.64 53.39 -57.87
C GLY A 443 5.09 53.19 -56.44
N GLY A 444 4.97 51.98 -55.92
CA GLY A 444 5.35 51.71 -54.55
C GLY A 444 4.16 51.62 -53.62
N ASN A 445 4.06 50.52 -52.88
CA ASN A 445 2.96 50.30 -51.94
C ASN A 445 3.42 50.76 -50.56
N TYR A 446 3.05 51.98 -50.18
CA TYR A 446 3.46 52.59 -48.93
C TYR A 446 2.46 52.37 -47.80
N ASN A 447 1.40 51.58 -48.04
CA ASN A 447 0.40 51.36 -47.00
C ASN A 447 1.00 50.60 -45.82
N TYR A 448 1.85 49.61 -46.09
CA TYR A 448 2.43 48.79 -45.04
C TYR A 448 3.55 49.54 -44.34
N LEU A 449 3.50 49.56 -43.01
CA LEU A 449 4.45 50.31 -42.20
C LEU A 449 5.08 49.38 -41.17
N TYR A 450 6.18 49.84 -40.58
CA TYR A 450 6.86 49.10 -39.53
C TYR A 450 7.41 50.10 -38.52
N ARG A 451 7.41 49.68 -37.25
CA ARG A 451 7.92 50.54 -36.20
C ARG A 451 9.45 50.56 -36.23
N LEU A 452 10.01 51.76 -36.30
CA LEU A 452 11.45 51.95 -36.41
C LEU A 452 12.09 52.42 -35.11
N PHE A 453 11.45 53.35 -34.40
CA PHE A 453 11.98 53.86 -33.14
C PHE A 453 11.05 53.46 -32.00
N ARG A 454 11.63 52.95 -30.91
CA ARG A 454 10.88 52.58 -29.73
C ARG A 454 11.84 52.46 -28.55
N LYS A 455 11.39 52.91 -27.38
CA LYS A 455 12.26 52.92 -26.21
C LYS A 455 12.62 51.51 -25.75
N SER A 456 11.66 50.60 -25.76
CA SER A 456 11.88 49.26 -25.26
C SER A 456 11.33 48.24 -26.26
N ASN A 457 11.90 47.03 -26.22
CA ASN A 457 11.46 45.98 -27.11
C ASN A 457 10.06 45.51 -26.73
N LEU A 458 9.32 45.05 -27.74
CA LEU A 458 8.00 44.49 -27.50
C LEU A 458 8.10 43.15 -26.80
N LYS A 459 7.20 42.93 -25.86
CA LYS A 459 7.07 41.62 -25.23
C LYS A 459 6.45 40.64 -26.21
N PRO A 460 6.62 39.33 -25.98
CA PRO A 460 6.03 38.35 -26.90
C PRO A 460 4.53 38.55 -27.03
N PHE A 461 4.06 38.50 -28.29
CA PHE A 461 2.65 38.65 -28.63
C PHE A 461 2.09 40.00 -28.19
N GLU A 462 2.91 41.04 -28.21
CA GLU A 462 2.48 42.40 -27.89
C GLU A 462 2.34 43.21 -29.17
N ARG A 463 1.26 43.98 -29.25
CA ARG A 463 0.98 44.82 -30.41
C ARG A 463 1.10 46.28 -30.00
N ASP A 464 1.89 47.04 -30.77
CA ASP A 464 2.12 48.45 -30.51
C ASP A 464 1.69 49.26 -31.73
N ILE A 465 0.67 50.08 -31.57
CA ILE A 465 0.14 50.91 -32.66
C ILE A 465 0.28 52.39 -32.34
N SER A 466 1.06 52.74 -31.32
CA SER A 466 1.23 54.13 -30.93
C SER A 466 1.97 54.90 -32.02
N THR A 467 1.52 56.12 -32.30
CA THR A 467 2.12 56.98 -33.30
C THR A 467 2.77 58.21 -32.68
N GLU A 468 3.13 58.14 -31.40
CA GLU A 468 3.75 59.27 -30.74
C GLU A 468 5.13 59.56 -31.32
N ILE A 469 5.46 60.84 -31.45
CA ILE A 469 6.77 61.23 -31.98
C ILE A 469 7.86 60.76 -31.03
N TYR A 470 8.86 60.08 -31.60
CA TYR A 470 9.93 59.49 -30.79
C TYR A 470 10.92 60.58 -30.37
N GLN A 471 11.18 60.63 -29.06
CA GLN A 471 12.11 61.61 -28.51
C GLN A 471 13.50 60.98 -28.44
N ALA A 472 14.36 61.35 -29.38
CA ALA A 472 15.71 60.82 -29.46
C ALA A 472 16.73 61.66 -28.70
N GLY A 473 16.30 62.74 -28.07
CA GLY A 473 17.19 63.58 -27.30
C GLY A 473 16.61 63.98 -25.96
N SER A 474 17.31 64.87 -25.24
CA SER A 474 16.83 65.29 -23.94
C SER A 474 15.63 66.24 -24.07
N THR A 475 15.63 67.09 -25.09
CA THR A 475 14.55 68.05 -25.25
C THR A 475 13.26 67.33 -25.63
N PRO A 476 12.14 67.68 -24.98
CA PRO A 476 10.86 67.07 -25.35
C PRO A 476 10.41 67.52 -26.73
N CYS A 477 9.69 66.63 -27.42
CA CYS A 477 9.19 66.92 -28.75
C CYS A 477 7.82 67.57 -28.73
N ASN A 478 6.96 67.19 -27.78
CA ASN A 478 5.61 67.73 -27.65
C ASN A 478 4.81 67.55 -28.94
N GLY A 479 4.94 66.36 -29.54
CA GLY A 479 4.18 66.04 -30.73
C GLY A 479 4.64 66.71 -32.00
N VAL A 480 5.85 67.27 -32.02
CA VAL A 480 6.41 67.93 -33.19
C VAL A 480 7.66 67.19 -33.60
N LYS A 481 7.68 66.69 -34.83
CA LYS A 481 8.82 65.92 -35.34
C LYS A 481 9.86 66.85 -35.94
N GLY A 482 11.13 66.56 -35.66
CA GLY A 482 12.24 67.35 -36.17
C GLY A 482 13.57 66.74 -35.82
N PHE A 483 14.52 67.56 -35.40
CA PHE A 483 15.81 67.03 -34.94
C PHE A 483 15.60 66.33 -33.60
N ASN A 484 16.12 65.10 -33.50
CA ASN A 484 15.92 64.23 -32.34
C ASN A 484 14.45 63.95 -32.07
N CYS A 485 13.60 64.13 -33.08
CA CYS A 485 12.17 63.88 -32.97
C CYS A 485 11.71 63.29 -34.30
N TYR A 486 11.61 61.96 -34.34
CA TYR A 486 11.33 61.24 -35.58
C TYR A 486 10.00 60.50 -35.46
N PHE A 487 9.32 60.33 -36.59
CA PHE A 487 8.08 59.58 -36.61
C PHE A 487 8.38 58.11 -36.31
N PRO A 488 7.63 57.47 -35.39
CA PRO A 488 7.97 56.10 -34.99
C PRO A 488 7.80 55.08 -36.10
N LEU A 489 7.01 55.36 -37.12
CA LEU A 489 6.70 54.40 -38.17
C LEU A 489 7.40 54.78 -39.47
N GLN A 490 7.84 53.76 -40.19
CA GLN A 490 8.50 53.94 -41.48
C GLN A 490 7.83 53.05 -42.52
N SER A 491 7.78 53.54 -43.75
CA SER A 491 7.10 52.83 -44.83
C SER A 491 8.08 51.96 -45.61
N TYR A 492 7.57 50.82 -46.09
CA TYR A 492 8.37 49.95 -46.94
C TYR A 492 8.36 50.43 -48.39
N GLY A 493 7.19 50.74 -48.92
CA GLY A 493 7.06 51.10 -50.32
C GLY A 493 7.41 49.95 -51.24
N PHE A 494 6.63 48.87 -51.18
CA PHE A 494 6.93 47.67 -51.96
C PHE A 494 6.72 47.93 -53.45
N GLN A 495 7.63 47.40 -54.26
CA GLN A 495 7.53 47.45 -55.71
C GLN A 495 7.77 46.07 -56.29
N PRO A 496 7.14 45.74 -57.42
CA PRO A 496 7.36 44.41 -58.02
C PRO A 496 8.76 44.21 -58.55
N THR A 497 9.53 45.27 -58.77
CA THR A 497 10.86 45.18 -59.34
C THR A 497 11.96 45.09 -58.29
N TYR A 498 11.60 45.10 -57.01
CA TYR A 498 12.60 44.95 -55.95
C TYR A 498 13.12 43.53 -55.88
N GLY A 499 14.27 43.38 -55.22
CA GLY A 499 14.80 42.06 -54.98
C GLY A 499 13.97 41.29 -53.98
N VAL A 500 14.22 39.98 -53.91
CA VAL A 500 13.45 39.11 -53.01
C VAL A 500 13.60 39.55 -51.57
N GLY A 501 14.74 40.15 -51.22
CA GLY A 501 14.92 40.64 -49.87
C GLY A 501 14.01 41.79 -49.51
N TYR A 502 13.74 42.69 -50.45
CA TYR A 502 12.87 43.84 -50.23
C TYR A 502 11.44 43.60 -50.68
N GLN A 503 11.14 42.45 -51.30
CA GLN A 503 9.78 42.19 -51.75
C GLN A 503 8.88 41.88 -50.57
N PRO A 504 7.59 42.20 -50.66
CA PRO A 504 6.67 41.94 -49.55
C PRO A 504 6.46 40.45 -49.35
N TYR A 505 6.39 40.05 -48.08
CA TYR A 505 6.14 38.67 -47.70
C TYR A 505 5.04 38.67 -46.64
N ARG A 506 3.98 37.91 -46.92
CA ARG A 506 2.89 37.74 -45.97
C ARG A 506 3.24 36.61 -45.01
N VAL A 507 3.14 36.89 -43.72
CA VAL A 507 3.49 35.95 -42.67
C VAL A 507 2.26 35.71 -41.81
N VAL A 508 1.93 34.44 -41.61
CA VAL A 508 0.89 34.01 -40.69
C VAL A 508 1.51 33.06 -39.68
N VAL A 509 1.31 33.36 -38.40
CA VAL A 509 1.85 32.57 -37.30
C VAL A 509 0.67 31.91 -36.59
N LEU A 510 0.73 30.59 -36.46
CA LEU A 510 -0.27 29.82 -35.76
C LEU A 510 0.29 29.47 -34.39
N SER A 511 -0.32 30.03 -33.34
CA SER A 511 0.07 29.78 -31.97
C SER A 511 -1.04 28.99 -31.27
N PHE A 512 -0.64 28.07 -30.40
CA PHE A 512 -1.57 27.16 -29.74
C PHE A 512 -1.56 27.44 -28.24
N GLU A 513 -2.61 28.12 -27.76
CA GLU A 513 -2.76 28.41 -26.34
C GLU A 513 -3.41 27.20 -25.67
N LEU A 514 -2.65 26.49 -24.86
CA LEU A 514 -3.14 25.32 -24.14
C LEU A 514 -3.12 25.64 -22.65
N LEU A 515 -4.30 25.87 -22.08
CA LEU A 515 -4.44 26.23 -20.68
C LEU A 515 -4.99 25.05 -19.89
N HIS A 516 -5.18 25.27 -18.59
CA HIS A 516 -5.84 24.27 -17.75
C HIS A 516 -7.35 24.41 -17.86
N ALA A 517 -7.85 24.41 -19.09
CA ALA A 517 -9.26 24.48 -19.40
C ALA A 517 -9.55 23.45 -20.49
N PRO A 518 -10.78 22.98 -20.60
CA PRO A 518 -11.11 22.03 -21.68
C PRO A 518 -10.80 22.61 -23.05
N ALA A 519 -10.22 21.78 -23.91
CA ALA A 519 -9.77 22.23 -25.21
C ALA A 519 -10.96 22.52 -26.12
N THR A 520 -10.70 23.35 -27.13
CA THR A 520 -11.73 23.72 -28.09
C THR A 520 -11.36 23.43 -29.54
N VAL A 521 -10.09 23.24 -29.86
CA VAL A 521 -9.64 23.04 -31.23
C VAL A 521 -8.96 21.68 -31.34
N CYS A 522 -9.40 20.87 -32.29
CA CYS A 522 -8.80 19.57 -32.54
C CYS A 522 -8.62 19.36 -34.04
N GLY A 523 -7.64 18.52 -34.39
CA GLY A 523 -7.38 18.22 -35.77
C GLY A 523 -8.37 17.22 -36.34
N PRO A 524 -8.24 16.95 -37.67
CA PRO A 524 -9.15 16.01 -38.34
C PRO A 524 -9.09 14.62 -37.72
N LYS A 525 -10.22 13.92 -37.70
CA LYS A 525 -10.36 12.63 -37.03
C LYS A 525 -9.78 11.50 -37.88
N LYS A 526 -9.92 10.28 -37.37
CA LYS A 526 -9.49 9.08 -38.08
C LYS A 526 -10.45 7.94 -37.73
N SER A 527 -10.98 7.26 -38.73
CA SER A 527 -11.99 6.24 -38.49
C SER A 527 -11.76 5.04 -39.40
N THR A 528 -11.81 3.84 -38.82
CA THR A 528 -11.74 2.59 -39.55
C THR A 528 -13.14 2.14 -39.94
N ASN A 529 -13.20 1.19 -40.88
CA ASN A 529 -14.47 0.72 -41.40
C ASN A 529 -15.26 -0.03 -40.33
N LEU A 530 -16.57 0.07 -40.40
CA LEU A 530 -17.43 -0.58 -39.42
C LEU A 530 -17.50 -2.08 -39.65
N VAL A 531 -17.47 -2.83 -38.55
CA VAL A 531 -17.56 -4.28 -38.59
C VAL A 531 -18.63 -4.73 -37.60
N LYS A 532 -19.46 -5.68 -38.01
CA LYS A 532 -20.55 -6.15 -37.18
C LYS A 532 -20.51 -7.67 -37.09
N ASN A 533 -21.21 -8.21 -36.09
CA ASN A 533 -21.38 -9.65 -35.90
C ASN A 533 -20.04 -10.37 -35.74
N LYS A 534 -19.15 -9.77 -34.95
CA LYS A 534 -17.86 -10.38 -34.69
C LYS A 534 -17.17 -9.74 -33.50
N CYS A 535 -16.55 -10.57 -32.64
CA CYS A 535 -15.88 -10.07 -31.44
C CYS A 535 -14.72 -9.18 -31.85
N VAL A 536 -14.87 -7.87 -31.62
CA VAL A 536 -13.88 -6.89 -32.04
C VAL A 536 -13.67 -5.89 -30.91
N ASN A 537 -12.58 -5.14 -31.01
CA ASN A 537 -12.28 -4.05 -30.09
C ASN A 537 -12.71 -2.75 -30.73
N PHE A 538 -13.88 -2.26 -30.32
CA PHE A 538 -14.46 -1.06 -30.91
C PHE A 538 -14.04 0.18 -30.12
N ASN A 539 -14.03 1.31 -30.82
CA ASN A 539 -13.68 2.60 -30.22
C ASN A 539 -14.53 3.66 -30.89
N PHE A 540 -15.42 4.28 -30.12
CA PHE A 540 -16.33 5.31 -30.61
C PHE A 540 -16.11 6.58 -29.80
N ASN A 541 -15.46 7.57 -30.41
CA ASN A 541 -15.26 8.87 -29.80
C ASN A 541 -14.62 8.76 -28.42
N GLY A 542 -13.59 7.91 -28.33
CA GLY A 542 -12.89 7.68 -27.09
C GLY A 542 -13.48 6.60 -26.21
N LEU A 543 -14.71 6.18 -26.48
CA LEU A 543 -15.33 5.08 -25.72
C LEU A 543 -14.86 3.76 -26.32
N THR A 544 -13.95 3.09 -25.60
CA THR A 544 -13.40 1.83 -26.07
C THR A 544 -14.08 0.66 -25.39
N GLY A 545 -14.09 -0.48 -26.06
CA GLY A 545 -14.64 -1.70 -25.48
C GLY A 545 -14.38 -2.87 -26.39
N THR A 546 -14.74 -4.06 -25.90
CA THR A 546 -14.59 -5.29 -26.65
C THR A 546 -15.90 -6.05 -26.64
N GLY A 547 -16.38 -6.41 -27.82
CA GLY A 547 -17.67 -7.09 -27.89
C GLY A 547 -18.07 -7.33 -29.33
N VAL A 548 -19.33 -7.74 -29.48
CA VAL A 548 -19.91 -8.00 -30.79
C VAL A 548 -20.91 -6.89 -31.08
N LEU A 549 -20.74 -6.21 -32.21
CA LEU A 549 -21.61 -5.13 -32.63
C LEU A 549 -22.68 -5.67 -33.56
N THR A 550 -23.94 -5.33 -33.29
CA THR A 550 -25.04 -5.72 -34.14
C THR A 550 -25.89 -4.49 -34.46
N GLU A 551 -26.61 -4.56 -35.59
CA GLU A 551 -27.58 -3.52 -35.89
C GLU A 551 -28.72 -3.59 -34.89
N SER A 552 -29.18 -2.42 -34.45
CA SER A 552 -30.11 -2.31 -33.34
C SER A 552 -31.41 -1.65 -33.77
N ASN A 553 -32.49 -1.98 -33.07
CA ASN A 553 -33.79 -1.37 -33.27
C ASN A 553 -34.11 -0.32 -32.21
N LYS A 554 -33.15 0.04 -31.36
CA LYS A 554 -33.40 1.02 -30.31
C LYS A 554 -33.74 2.37 -30.91
N LYS A 555 -34.65 3.09 -30.24
CA LYS A 555 -35.07 4.42 -30.67
C LYS A 555 -34.40 5.46 -29.77
N PHE A 556 -33.15 5.78 -30.11
CA PHE A 556 -32.37 6.74 -29.32
C PHE A 556 -32.96 8.14 -29.45
N LEU A 557 -32.60 9.01 -28.50
CA LEU A 557 -32.87 10.43 -28.65
C LEU A 557 -31.77 11.09 -29.48
N PRO A 558 -32.09 12.19 -30.16
CA PRO A 558 -31.11 12.79 -31.07
C PRO A 558 -29.81 13.20 -30.40
N PHE A 559 -29.86 13.69 -29.15
CA PHE A 559 -28.67 14.18 -28.48
C PHE A 559 -27.92 13.11 -27.71
N GLN A 560 -28.46 11.90 -27.64
CA GLN A 560 -27.82 10.81 -26.91
C GLN A 560 -26.83 10.07 -27.80
N GLN A 561 -25.71 9.65 -27.22
CA GLN A 561 -24.68 8.95 -27.97
C GLN A 561 -24.37 7.55 -27.44
N PHE A 562 -24.76 7.23 -26.21
CA PHE A 562 -24.43 5.94 -25.62
C PHE A 562 -25.66 5.37 -24.93
N GLY A 563 -25.64 4.05 -24.75
CA GLY A 563 -26.73 3.37 -24.09
C GLY A 563 -26.26 2.30 -23.13
N ARG A 564 -26.69 2.39 -21.87
CA ARG A 564 -26.29 1.46 -20.84
C ARG A 564 -27.50 0.70 -20.30
N ASP A 565 -27.26 -0.08 -19.25
CA ASP A 565 -28.30 -0.87 -18.60
C ASP A 565 -28.04 -0.84 -17.10
N ILE A 566 -28.67 -1.76 -16.38
CA ILE A 566 -28.55 -1.81 -14.92
C ILE A 566 -27.10 -1.89 -14.49
N ALA A 567 -26.31 -2.73 -15.18
CA ALA A 567 -24.90 -2.84 -14.87
C ALA A 567 -24.12 -1.58 -15.22
N ASP A 568 -24.72 -0.64 -15.96
CA ASP A 568 -24.10 0.60 -16.39
C ASP A 568 -22.89 0.37 -17.29
N THR A 569 -22.76 -0.83 -17.85
CA THR A 569 -21.75 -1.08 -18.86
C THR A 569 -22.31 -0.77 -20.24
N THR A 570 -21.40 -0.53 -21.19
CA THR A 570 -21.80 -0.10 -22.52
C THR A 570 -22.60 -1.18 -23.23
N ASP A 571 -23.90 -0.95 -23.37
CA ASP A 571 -24.79 -1.89 -24.06
C ASP A 571 -25.03 -1.54 -25.51
N ALA A 572 -25.13 -0.26 -25.85
CA ALA A 572 -25.32 0.17 -27.22
C ALA A 572 -24.70 1.55 -27.41
N VAL A 573 -24.26 1.81 -28.64
CA VAL A 573 -23.58 3.06 -28.97
C VAL A 573 -24.17 3.61 -30.27
N ARG A 574 -23.76 4.82 -30.61
CA ARG A 574 -24.18 5.48 -31.84
C ARG A 574 -22.95 5.76 -32.69
N ASP A 575 -23.01 5.35 -33.95
CA ASP A 575 -21.89 5.60 -34.84
C ASP A 575 -21.78 7.10 -35.09
N PRO A 576 -20.64 7.72 -34.79
CA PRO A 576 -20.52 9.16 -34.99
C PRO A 576 -20.71 9.61 -36.44
N GLN A 577 -20.27 8.81 -37.39
CA GLN A 577 -20.36 9.22 -38.79
C GLN A 577 -21.79 9.06 -39.31
N THR A 578 -22.31 7.84 -39.30
CA THR A 578 -23.70 7.59 -39.66
C THR A 578 -24.50 7.40 -38.39
N LEU A 579 -25.52 8.24 -38.20
CA LEU A 579 -26.30 8.21 -36.97
C LEU A 579 -27.21 6.98 -36.96
N GLU A 580 -26.57 5.82 -36.81
CA GLU A 580 -27.25 4.55 -36.65
C GLU A 580 -26.73 3.86 -35.40
N ILE A 581 -27.63 3.21 -34.70
CA ILE A 581 -27.34 2.67 -33.37
C ILE A 581 -26.85 1.24 -33.51
N LEU A 582 -25.94 0.85 -32.62
CA LEU A 582 -25.37 -0.49 -32.62
C LEU A 582 -25.47 -1.09 -31.23
N ASP A 583 -26.04 -2.29 -31.13
CA ASP A 583 -26.06 -3.03 -29.88
C ASP A 583 -24.73 -3.73 -29.65
N ILE A 584 -24.30 -3.73 -28.40
CA ILE A 584 -23.04 -4.37 -28.00
C ILE A 584 -23.39 -5.58 -27.14
N THR A 585 -22.85 -6.74 -27.52
CA THR A 585 -22.99 -7.95 -26.72
C THR A 585 -21.62 -8.45 -26.27
N PRO A 586 -21.47 -8.90 -25.02
CA PRO A 586 -20.18 -9.44 -24.59
C PRO A 586 -19.79 -10.66 -25.41
N CYS A 587 -18.51 -10.78 -25.71
CA CYS A 587 -18.05 -11.89 -26.54
C CYS A 587 -18.28 -13.24 -25.86
N SER A 588 -18.59 -14.27 -26.66
CA SER A 588 -19.04 -15.54 -26.09
C SER A 588 -17.96 -16.21 -25.25
N PHE A 589 -18.39 -16.89 -24.19
CA PHE A 589 -17.49 -17.63 -23.30
C PHE A 589 -18.31 -18.64 -22.52
N GLY A 590 -17.63 -19.61 -21.93
CA GLY A 590 -18.35 -20.58 -21.14
C GLY A 590 -17.43 -21.59 -20.51
N GLY A 591 -18.03 -22.43 -19.67
CA GLY A 591 -17.29 -23.51 -19.08
C GLY A 591 -17.09 -24.65 -20.05
N VAL A 592 -15.96 -25.34 -19.90
CA VAL A 592 -15.58 -26.45 -20.77
C VAL A 592 -15.43 -27.67 -19.89
N SER A 593 -16.34 -28.64 -20.07
CA SER A 593 -16.32 -29.89 -19.35
C SER A 593 -16.10 -31.04 -20.32
N VAL A 594 -15.70 -32.19 -19.78
CA VAL A 594 -15.40 -33.36 -20.59
C VAL A 594 -16.21 -34.53 -20.03
N ILE A 595 -17.15 -35.02 -20.84
CA ILE A 595 -17.90 -36.22 -20.50
C ILE A 595 -17.06 -37.42 -20.93
N THR A 596 -16.68 -38.26 -19.98
CA THR A 596 -15.88 -39.44 -20.27
C THR A 596 -16.42 -40.63 -19.50
N PRO A 597 -16.58 -41.78 -20.13
CA PRO A 597 -16.69 -43.02 -19.36
C PRO A 597 -15.37 -43.28 -18.65
N GLY A 598 -15.42 -44.14 -17.64
CA GLY A 598 -14.24 -44.43 -16.84
C GLY A 598 -13.00 -44.75 -17.67
N THR A 599 -11.87 -44.12 -17.33
CA THR A 599 -10.64 -44.41 -18.06
C THR A 599 -10.30 -45.89 -18.02
N ASN A 600 -10.72 -46.58 -16.95
CA ASN A 600 -10.67 -48.03 -16.94
C ASN A 600 -11.45 -48.63 -18.11
N THR A 601 -12.54 -47.98 -18.53
CA THR A 601 -13.38 -48.52 -19.58
C THR A 601 -12.90 -48.12 -20.97
N SER A 602 -12.54 -46.85 -21.15
CA SER A 602 -12.18 -46.36 -22.48
C SER A 602 -11.47 -45.04 -22.36
N ASN A 603 -10.89 -44.59 -23.48
CA ASN A 603 -10.26 -43.29 -23.56
C ASN A 603 -11.01 -42.31 -24.44
N GLN A 604 -12.04 -42.76 -25.16
CA GLN A 604 -12.82 -41.85 -25.98
C GLN A 604 -13.63 -40.92 -25.11
N VAL A 605 -13.67 -39.63 -25.47
CA VAL A 605 -14.33 -38.61 -24.66
C VAL A 605 -15.16 -37.70 -25.54
N ALA A 606 -16.13 -37.03 -24.91
CA ALA A 606 -16.92 -35.99 -25.54
C ALA A 606 -16.74 -34.70 -24.76
N VAL A 607 -16.96 -33.57 -25.43
CA VAL A 607 -16.69 -32.26 -24.87
C VAL A 607 -17.99 -31.48 -24.79
N LEU A 608 -18.20 -30.77 -23.69
CA LEU A 608 -19.37 -29.92 -23.50
C LEU A 608 -18.91 -28.48 -23.28
N TYR A 609 -19.37 -27.57 -24.13
CA TYR A 609 -19.18 -26.14 -23.96
C TYR A 609 -20.50 -25.58 -23.47
N GLN A 610 -20.50 -25.01 -22.27
CA GLN A 610 -21.73 -24.68 -21.56
C GLN A 610 -22.37 -23.42 -22.12
N GLY A 611 -23.62 -23.55 -22.57
CA GLY A 611 -24.41 -22.40 -22.94
C GLY A 611 -23.91 -21.64 -24.14
N VAL A 612 -23.13 -22.27 -25.01
CA VAL A 612 -22.59 -21.63 -26.20
C VAL A 612 -23.30 -22.20 -27.41
N ASN A 613 -23.55 -21.35 -28.41
CA ASN A 613 -24.10 -21.83 -29.65
C ASN A 613 -23.05 -22.59 -30.44
N CYS A 614 -23.50 -23.59 -31.20
CA CYS A 614 -22.57 -24.42 -31.95
C CYS A 614 -22.13 -23.75 -33.24
N THR A 615 -21.69 -22.50 -33.16
CA THR A 615 -21.16 -21.81 -34.32
C THR A 615 -19.82 -21.16 -33.99
N GLU A 616 -19.64 -20.79 -32.73
CA GLU A 616 -18.39 -20.17 -32.30
C GLU A 616 -17.31 -21.18 -31.95
N VAL A 617 -17.66 -22.45 -31.81
CA VAL A 617 -16.66 -23.47 -31.53
C VAL A 617 -15.84 -23.67 -32.79
N PRO A 618 -14.51 -23.73 -32.70
CA PRO A 618 -13.70 -23.92 -33.93
C PRO A 618 -14.02 -25.20 -34.68
N VAL A 619 -13.89 -26.35 -34.03
CA VAL A 619 -14.19 -27.63 -34.66
C VAL A 619 -14.43 -28.71 -33.60
N ASN A 638 -20.98 -35.06 -35.62
CA ASN A 638 -20.34 -35.14 -34.31
C ASN A 638 -20.56 -33.87 -33.50
N VAL A 639 -21.61 -33.13 -33.82
CA VAL A 639 -21.96 -31.90 -33.13
C VAL A 639 -23.43 -31.93 -32.78
N PHE A 640 -23.74 -31.66 -31.52
CA PHE A 640 -25.11 -31.56 -31.03
C PHE A 640 -25.28 -30.22 -30.35
N GLN A 641 -26.43 -29.60 -30.54
CA GLN A 641 -26.74 -28.31 -29.92
C GLN A 641 -27.91 -28.50 -28.97
N THR A 642 -27.62 -28.65 -27.68
CA THR A 642 -28.63 -28.76 -26.65
C THR A 642 -28.75 -27.43 -25.92
N ARG A 643 -29.84 -27.29 -25.16
CA ARG A 643 -30.02 -26.09 -24.36
C ARG A 643 -28.91 -25.93 -23.33
N ALA A 644 -28.29 -27.04 -22.92
CA ALA A 644 -27.13 -26.95 -22.05
C ALA A 644 -25.96 -26.30 -22.76
N GLY A 645 -25.77 -26.60 -24.04
CA GLY A 645 -24.70 -25.97 -24.80
C GLY A 645 -24.35 -26.80 -26.03
N CYS A 646 -23.08 -26.73 -26.41
CA CYS A 646 -22.58 -27.40 -27.60
C CYS A 646 -21.84 -28.66 -27.18
N LEU A 647 -22.25 -29.79 -27.74
CA LEU A 647 -21.68 -31.10 -27.42
C LEU A 647 -20.91 -31.59 -28.64
N ILE A 648 -19.64 -31.90 -28.45
CA ILE A 648 -18.76 -32.36 -29.52
C ILE A 648 -18.38 -33.80 -29.20
N GLY A 649 -18.50 -34.67 -30.21
CA GLY A 649 -18.08 -36.04 -30.06
C GLY A 649 -19.13 -37.01 -29.57
N ALA A 650 -20.37 -36.57 -29.42
CA ALA A 650 -21.46 -37.44 -28.98
C ALA A 650 -22.45 -37.58 -30.12
N GLU A 651 -22.84 -38.82 -30.40
CA GLU A 651 -23.81 -39.13 -31.45
C GLU A 651 -25.20 -39.09 -30.83
N HIS A 652 -26.03 -38.15 -31.26
CA HIS A 652 -27.37 -38.02 -30.72
C HIS A 652 -28.18 -39.28 -31.00
N VAL A 653 -28.94 -39.73 -30.01
CA VAL A 653 -29.77 -40.93 -30.12
C VAL A 653 -31.20 -40.54 -29.79
N ASN A 654 -32.14 -40.94 -30.66
CA ASN A 654 -33.54 -40.66 -30.40
C ASN A 654 -34.09 -41.50 -29.26
N ASN A 655 -33.60 -42.73 -29.08
CA ASN A 655 -34.05 -43.56 -27.99
C ASN A 655 -33.70 -42.92 -26.65
N SER A 656 -34.54 -43.16 -25.65
CA SER A 656 -34.35 -42.61 -24.32
C SER A 656 -34.06 -43.74 -23.34
N TYR A 657 -32.98 -43.59 -22.59
CA TYR A 657 -32.60 -44.53 -21.54
C TYR A 657 -32.52 -43.80 -20.22
N GLU A 658 -32.16 -44.53 -19.16
CA GLU A 658 -31.90 -43.91 -17.89
C GLU A 658 -30.68 -43.00 -17.99
N CYS A 659 -30.70 -41.91 -17.23
CA CYS A 659 -29.58 -40.99 -17.24
C CYS A 659 -28.37 -41.64 -16.58
N ASP A 660 -27.23 -41.59 -17.26
CA ASP A 660 -25.98 -42.13 -16.73
C ASP A 660 -25.02 -41.04 -16.31
N ILE A 661 -24.71 -40.10 -17.20
CA ILE A 661 -23.82 -38.99 -16.89
C ILE A 661 -24.60 -37.70 -17.16
N PRO A 662 -25.05 -37.01 -16.13
CA PRO A 662 -25.88 -35.83 -16.36
C PRO A 662 -25.12 -34.69 -17.02
N ILE A 663 -25.48 -34.38 -18.26
CA ILE A 663 -24.90 -33.20 -18.92
C ILE A 663 -25.71 -31.97 -18.57
N GLY A 664 -27.02 -32.03 -18.73
CA GLY A 664 -27.89 -30.94 -18.34
C GLY A 664 -29.03 -30.74 -19.31
N ALA A 665 -30.03 -30.00 -18.82
CA ALA A 665 -31.26 -29.73 -19.57
C ALA A 665 -31.96 -31.02 -19.98
N GLY A 666 -31.88 -32.05 -19.14
CA GLY A 666 -32.44 -33.34 -19.45
C GLY A 666 -31.61 -34.18 -20.39
N ILE A 667 -30.42 -33.73 -20.75
CA ILE A 667 -29.55 -34.43 -21.68
C ILE A 667 -28.48 -35.15 -20.88
N CYS A 668 -28.37 -36.46 -21.08
CA CYS A 668 -27.34 -37.28 -20.47
C CYS A 668 -26.67 -38.14 -21.53
N ALA A 669 -25.35 -38.31 -21.41
CA ALA A 669 -24.56 -39.05 -22.39
C ALA A 669 -23.88 -40.23 -21.71
N SER A 670 -23.90 -41.38 -22.38
CA SER A 670 -23.31 -42.59 -21.86
C SER A 670 -22.58 -43.34 -22.96
N TYR A 671 -21.67 -44.21 -22.55
CA TYR A 671 -20.86 -45.01 -23.46
C TYR A 671 -21.61 -46.31 -23.75
N GLN A 672 -22.01 -46.49 -25.01
CA GLN A 672 -22.77 -47.67 -25.42
C GLN A 672 -22.47 -47.96 -26.88
N THR A 673 -22.85 -49.16 -27.30
CA THR A 673 -22.63 -49.61 -28.68
C THR A 673 -23.33 -48.69 -29.69
N SER A 686 -16.46 -50.25 -31.56
CA SER A 686 -17.70 -49.78 -32.15
C SER A 686 -18.48 -48.92 -31.15
N GLN A 687 -18.34 -49.24 -29.87
CA GLN A 687 -19.04 -48.49 -28.84
C GLN A 687 -18.49 -47.06 -28.77
N SER A 688 -19.39 -46.11 -28.54
CA SER A 688 -19.05 -44.70 -28.48
C SER A 688 -19.99 -44.00 -27.52
N ILE A 689 -19.85 -42.68 -27.42
CA ILE A 689 -20.63 -41.86 -26.50
C ILE A 689 -21.89 -41.38 -27.21
N ILE A 690 -23.04 -41.67 -26.63
CA ILE A 690 -24.33 -41.26 -27.17
C ILE A 690 -25.07 -40.44 -26.12
N ALA A 691 -25.59 -39.30 -26.54
CA ALA A 691 -26.32 -38.39 -25.66
C ALA A 691 -27.80 -38.42 -26.01
N TYR A 692 -28.65 -38.34 -25.00
CA TYR A 692 -30.08 -38.48 -25.20
C TYR A 692 -30.83 -37.75 -24.12
N THR A 693 -32.09 -37.44 -24.41
CA THR A 693 -33.00 -36.92 -23.39
C THR A 693 -33.30 -38.04 -22.40
N MET A 694 -32.87 -37.84 -21.14
CA MET A 694 -32.94 -38.92 -20.17
C MET A 694 -34.37 -39.39 -19.97
N SER A 695 -34.53 -40.70 -19.90
CA SER A 695 -35.83 -41.31 -19.67
C SER A 695 -36.05 -41.48 -18.17
N LEU A 696 -37.25 -41.12 -17.72
CA LEU A 696 -37.57 -41.18 -16.30
C LEU A 696 -38.14 -42.54 -15.92
N GLY A 697 -37.44 -43.61 -16.30
CA GLY A 697 -37.93 -44.94 -16.03
C GLY A 697 -39.03 -45.36 -16.98
N VAL A 698 -39.61 -46.51 -16.68
CA VAL A 698 -40.64 -47.13 -17.51
C VAL A 698 -42.00 -46.61 -17.10
N GLU A 699 -42.79 -46.14 -18.06
CA GLU A 699 -44.17 -45.75 -17.77
C GLU A 699 -44.96 -46.95 -17.31
N ASN A 700 -45.97 -46.71 -16.49
CA ASN A 700 -46.77 -47.80 -15.93
C ASN A 700 -48.19 -47.30 -15.74
N SER A 701 -49.10 -47.76 -16.60
CA SER A 701 -50.51 -47.48 -16.43
C SER A 701 -51.08 -48.47 -15.42
N VAL A 702 -51.47 -47.97 -14.25
CA VAL A 702 -52.07 -48.85 -13.25
C VAL A 702 -53.48 -49.19 -13.68
N ALA A 703 -53.82 -50.49 -13.61
CA ALA A 703 -55.12 -50.95 -14.06
C ALA A 703 -56.21 -50.51 -13.10
N TYR A 704 -56.50 -49.21 -13.06
CA TYR A 704 -57.48 -48.68 -12.15
C TYR A 704 -58.89 -48.84 -12.71
N SER A 705 -59.81 -49.24 -11.84
CA SER A 705 -61.23 -49.28 -12.18
C SER A 705 -62.01 -49.18 -10.88
N ASN A 706 -63.26 -48.75 -11.00
CA ASN A 706 -64.00 -48.35 -9.80
C ASN A 706 -64.40 -49.53 -8.92
N ASN A 707 -64.25 -50.77 -9.38
CA ASN A 707 -64.61 -51.91 -8.56
C ASN A 707 -63.57 -53.02 -8.67
N SER A 708 -62.29 -52.67 -8.61
CA SER A 708 -61.23 -53.68 -8.65
C SER A 708 -60.06 -53.26 -7.79
N ILE A 709 -59.51 -54.20 -7.04
CA ILE A 709 -58.42 -53.94 -6.10
C ILE A 709 -57.30 -54.94 -6.35
N ALA A 710 -56.06 -54.47 -6.24
CA ALA A 710 -54.89 -55.34 -6.32
C ALA A 710 -54.44 -55.66 -4.89
N ILE A 711 -54.44 -56.94 -4.54
CA ILE A 711 -53.97 -57.35 -3.23
C ILE A 711 -52.75 -58.25 -3.40
N PRO A 712 -51.67 -58.03 -2.66
CA PRO A 712 -50.50 -58.91 -2.79
C PRO A 712 -50.75 -60.25 -2.12
N THR A 713 -50.33 -61.32 -2.78
CA THR A 713 -50.40 -62.65 -2.21
C THR A 713 -49.06 -63.13 -1.68
N ASN A 714 -48.02 -62.32 -1.78
CA ASN A 714 -46.70 -62.74 -1.34
C ASN A 714 -45.89 -61.49 -1.02
N PHE A 715 -44.82 -61.67 -0.27
CA PHE A 715 -44.03 -60.55 0.23
C PHE A 715 -42.55 -60.90 0.22
N THR A 716 -41.74 -59.88 0.49
CA THR A 716 -40.30 -60.02 0.53
C THR A 716 -39.77 -59.21 1.70
N ILE A 717 -38.76 -59.75 2.39
CA ILE A 717 -38.05 -59.04 3.44
C ILE A 717 -36.80 -58.45 2.80
N SER A 718 -36.82 -57.16 2.53
CA SER A 718 -35.75 -56.50 1.79
C SER A 718 -34.88 -55.71 2.77
N VAL A 719 -33.57 -55.85 2.62
CA VAL A 719 -32.61 -55.20 3.50
C VAL A 719 -31.86 -54.15 2.67
N THR A 720 -32.11 -52.88 2.97
CA THR A 720 -31.45 -51.80 2.26
C THR A 720 -30.42 -51.11 3.15
N THR A 721 -29.61 -50.25 2.53
CA THR A 721 -28.49 -49.58 3.18
C THR A 721 -28.70 -48.08 3.16
N GLU A 722 -28.45 -47.44 4.30
CA GLU A 722 -28.57 -45.98 4.41
C GLU A 722 -27.38 -45.47 5.21
N ILE A 723 -26.48 -44.76 4.55
CA ILE A 723 -25.21 -44.37 5.14
C ILE A 723 -25.28 -42.88 5.47
N LEU A 724 -24.99 -42.54 6.72
CA LEU A 724 -25.08 -41.16 7.17
C LEU A 724 -23.77 -40.73 7.82
N PRO A 725 -23.17 -39.63 7.39
CA PRO A 725 -22.04 -39.08 8.12
C PRO A 725 -22.44 -38.73 9.53
N VAL A 726 -21.51 -38.93 10.47
CA VAL A 726 -21.75 -38.63 11.88
C VAL A 726 -20.89 -37.49 12.37
N SER A 727 -19.61 -37.47 12.00
CA SER A 727 -18.72 -36.42 12.47
C SER A 727 -17.60 -36.22 11.45
N MET A 728 -16.83 -35.17 11.66
CA MET A 728 -15.68 -34.87 10.81
C MET A 728 -14.42 -34.85 11.67
N THR A 729 -13.27 -34.87 10.99
CA THR A 729 -12.00 -34.91 11.69
C THR A 729 -11.80 -33.64 12.51
N LYS A 730 -11.42 -33.82 13.78
CA LYS A 730 -11.23 -32.71 14.70
C LYS A 730 -9.84 -32.12 14.45
N THR A 731 -9.80 -31.04 13.67
CA THR A 731 -8.53 -30.40 13.32
C THR A 731 -8.43 -29.06 14.03
N SER A 732 -7.29 -28.80 14.63
CA SER A 732 -6.99 -27.50 15.23
C SER A 732 -5.79 -26.89 14.52
N VAL A 733 -5.77 -25.57 14.46
CA VAL A 733 -4.70 -24.83 13.80
C VAL A 733 -4.09 -23.87 14.80
N ASP A 734 -2.79 -23.99 15.02
CA ASP A 734 -2.06 -23.03 15.85
C ASP A 734 -1.88 -21.78 15.00
N CYS A 735 -2.75 -20.80 15.24
CA CYS A 735 -2.87 -19.65 14.35
C CYS A 735 -1.54 -18.93 14.15
N THR A 736 -0.85 -18.61 15.23
CA THR A 736 0.41 -17.90 15.12
C THR A 736 1.46 -18.75 14.42
N MET A 737 1.51 -20.04 14.75
CA MET A 737 2.51 -20.92 14.14
C MET A 737 2.30 -21.03 12.64
N TYR A 738 1.04 -21.07 12.19
CA TYR A 738 0.78 -21.05 10.76
C TYR A 738 1.21 -19.71 10.16
N ILE A 739 0.75 -18.61 10.74
CA ILE A 739 1.02 -17.31 10.15
C ILE A 739 2.48 -16.92 10.33
N CYS A 740 3.02 -17.11 11.53
CA CYS A 740 4.32 -16.59 11.92
C CYS A 740 5.14 -17.66 12.62
N GLY A 741 5.22 -18.84 12.02
CA GLY A 741 6.00 -19.91 12.60
C GLY A 741 7.45 -19.52 12.86
N ASP A 742 7.80 -19.39 14.14
CA ASP A 742 9.18 -19.13 14.55
C ASP A 742 9.73 -17.85 13.95
N SER A 743 8.98 -16.76 14.10
CA SER A 743 9.43 -15.44 13.68
C SER A 743 8.95 -14.40 14.69
N THR A 744 9.89 -13.70 15.31
CA THR A 744 9.51 -12.72 16.33
C THR A 744 8.84 -11.50 15.71
N GLU A 745 9.42 -10.94 14.65
CA GLU A 745 8.86 -9.75 14.04
C GLU A 745 7.47 -10.01 13.49
N CYS A 746 7.27 -11.17 12.87
CA CYS A 746 5.96 -11.53 12.34
C CYS A 746 4.94 -11.60 13.47
N SER A 747 5.31 -12.21 14.59
CA SER A 747 4.39 -12.28 15.72
C SER A 747 4.07 -10.89 16.26
N ASN A 748 5.09 -10.03 16.35
CA ASN A 748 4.86 -8.67 16.83
C ASN A 748 3.89 -7.92 15.93
N LEU A 749 4.07 -8.05 14.61
CA LEU A 749 3.13 -7.41 13.68
C LEU A 749 1.74 -8.01 13.81
N LEU A 750 1.65 -9.33 14.00
CA LEU A 750 0.36 -9.97 14.14
C LEU A 750 -0.37 -9.51 15.41
N LEU A 751 0.39 -9.15 16.45
CA LEU A 751 -0.22 -8.62 17.66
C LEU A 751 -1.08 -7.39 17.37
N GLN A 752 -0.69 -6.61 16.35
CA GLN A 752 -1.47 -5.42 16.00
C GLN A 752 -2.82 -5.77 15.40
N TYR A 753 -3.02 -7.01 14.97
CA TYR A 753 -4.28 -7.43 14.38
C TYR A 753 -5.32 -7.83 15.42
N GLY A 754 -5.14 -7.42 16.68
CA GLY A 754 -6.14 -7.74 17.68
C GLY A 754 -6.21 -9.23 17.96
N SER A 755 -7.42 -9.72 18.21
CA SER A 755 -7.64 -11.07 18.72
C SER A 755 -8.08 -12.04 17.63
N PHE A 756 -7.54 -11.90 16.42
CA PHE A 756 -7.93 -12.81 15.34
C PHE A 756 -7.56 -14.25 15.67
N CYS A 757 -6.34 -14.48 16.13
CA CYS A 757 -5.90 -15.84 16.43
C CYS A 757 -6.75 -16.48 17.52
N THR A 758 -7.05 -15.70 18.56
CA THR A 758 -7.84 -16.24 19.67
C THR A 758 -9.22 -16.66 19.20
N GLN A 759 -9.87 -15.83 18.39
CA GLN A 759 -11.22 -16.16 17.95
C GLN A 759 -11.21 -17.32 16.98
N LEU A 760 -10.17 -17.42 16.15
CA LEU A 760 -10.07 -18.58 15.26
C LEU A 760 -9.91 -19.88 16.06
N ASN A 761 -9.05 -19.85 17.08
CA ASN A 761 -8.91 -21.02 17.94
C ASN A 761 -10.22 -21.34 18.64
N ARG A 762 -10.95 -20.30 19.07
CA ARG A 762 -12.23 -20.52 19.72
C ARG A 762 -13.22 -21.17 18.77
N ALA A 763 -13.27 -20.72 17.52
CA ALA A 763 -14.19 -21.31 16.56
C ALA A 763 -13.84 -22.76 16.29
N LEU A 764 -12.56 -23.06 16.12
CA LEU A 764 -12.17 -24.45 15.87
C LEU A 764 -12.45 -25.33 17.08
N THR A 765 -12.26 -24.79 18.29
CA THR A 765 -12.59 -25.54 19.49
C THR A 765 -14.08 -25.82 19.58
N GLY A 766 -14.91 -24.83 19.23
CA GLY A 766 -16.33 -25.07 19.17
C GLY A 766 -16.68 -26.16 18.17
N ILE A 767 -16.00 -26.16 17.02
CA ILE A 767 -16.22 -27.20 16.03
C ILE A 767 -15.86 -28.58 16.60
N ALA A 768 -14.73 -28.67 17.30
CA ALA A 768 -14.32 -29.94 17.88
C ALA A 768 -15.32 -30.45 18.90
N VAL A 769 -15.77 -29.57 19.80
CA VAL A 769 -16.75 -29.98 20.79
C VAL A 769 -18.05 -30.37 20.12
N GLU A 770 -18.42 -29.67 19.05
CA GLU A 770 -19.63 -30.02 18.31
C GLU A 770 -19.50 -31.41 17.69
N GLN A 771 -18.33 -31.75 17.16
CA GLN A 771 -18.14 -33.09 16.62
C GLN A 771 -18.28 -34.15 17.70
N ASP A 772 -17.64 -33.92 18.85
CA ASP A 772 -17.74 -34.91 19.92
C ASP A 772 -19.19 -35.06 20.39
N LYS A 773 -19.91 -33.95 20.49
CA LYS A 773 -21.31 -34.03 20.89
C LYS A 773 -22.14 -34.73 19.82
N ASN A 774 -21.80 -34.54 18.56
CA ASN A 774 -22.49 -35.25 17.49
C ASN A 774 -22.35 -36.75 17.66
N THR A 775 -21.12 -37.22 17.86
CA THR A 775 -20.92 -38.66 18.03
C THR A 775 -21.64 -39.15 19.29
N GLN A 776 -21.56 -38.37 20.37
CA GLN A 776 -22.25 -38.75 21.61
C GLN A 776 -23.74 -38.91 21.38
N GLU A 777 -24.37 -37.94 20.72
CA GLU A 777 -25.79 -38.01 20.47
C GLU A 777 -26.15 -39.16 19.56
N VAL A 778 -25.32 -39.40 18.53
CA VAL A 778 -25.65 -40.44 17.56
C VAL A 778 -25.59 -41.82 18.20
N PHE A 779 -24.54 -42.11 18.95
CA PHE A 779 -24.38 -43.46 19.50
C PHE A 779 -24.84 -43.57 20.95
N ALA A 780 -24.34 -42.71 21.83
CA ALA A 780 -24.58 -42.89 23.26
C ALA A 780 -26.02 -42.57 23.62
N GLN A 781 -26.96 -43.35 23.09
CA GLN A 781 -28.35 -43.22 23.44
C GLN A 781 -28.88 -44.38 24.28
N VAL A 782 -28.05 -45.38 24.55
CA VAL A 782 -28.45 -46.53 25.35
C VAL A 782 -27.92 -46.34 26.76
N LYS A 783 -28.76 -46.57 27.76
CA LYS A 783 -28.36 -46.36 29.14
C LYS A 783 -27.23 -47.30 29.54
N GLN A 784 -27.36 -48.59 29.22
CA GLN A 784 -26.43 -49.62 29.67
C GLN A 784 -25.77 -50.27 28.47
N ILE A 785 -25.03 -51.34 28.73
CA ILE A 785 -24.32 -52.09 27.70
C ILE A 785 -24.91 -53.50 27.69
N TYR A 786 -25.96 -53.70 26.91
CA TYR A 786 -26.51 -55.04 26.76
C TYR A 786 -25.59 -55.89 25.91
N LYS A 787 -25.53 -57.18 26.21
CA LYS A 787 -24.81 -58.13 25.38
C LYS A 787 -25.70 -59.34 25.13
N THR A 788 -25.69 -59.82 23.89
CA THR A 788 -26.54 -60.95 23.54
C THR A 788 -26.04 -62.22 24.23
N PRO A 789 -26.94 -63.11 24.62
CA PRO A 789 -26.53 -64.38 25.19
C PRO A 789 -25.83 -65.24 24.16
N PRO A 790 -24.97 -66.17 24.58
CA PRO A 790 -24.24 -66.99 23.61
C PRO A 790 -25.14 -67.81 22.70
N ILE A 791 -26.31 -68.23 23.18
CA ILE A 791 -27.20 -69.08 22.39
C ILE A 791 -27.97 -68.21 21.41
N LYS A 792 -27.71 -68.42 20.11
CA LYS A 792 -28.38 -67.66 19.05
C LYS A 792 -29.59 -68.43 18.53
N ASP A 793 -30.53 -68.71 19.42
CA ASP A 793 -31.77 -69.42 19.05
C ASP A 793 -32.83 -68.37 18.71
N PHE A 794 -32.65 -67.77 17.54
CA PHE A 794 -33.49 -66.66 17.11
C PHE A 794 -34.53 -67.09 16.07
N GLY A 795 -35.05 -68.31 16.21
CA GLY A 795 -36.11 -68.75 15.33
C GLY A 795 -35.74 -68.85 13.87
N GLY A 796 -34.46 -69.01 13.56
CA GLY A 796 -33.98 -69.09 12.20
C GLY A 796 -33.34 -67.83 11.68
N PHE A 797 -33.55 -66.70 12.37
CA PHE A 797 -32.91 -65.46 11.98
C PHE A 797 -31.46 -65.48 12.41
N ASN A 798 -30.55 -65.23 11.48
CA ASN A 798 -29.12 -65.43 11.70
C ASN A 798 -28.44 -64.08 11.78
N PHE A 799 -27.97 -63.73 12.97
CA PHE A 799 -27.34 -62.44 13.24
C PHE A 799 -25.82 -62.51 13.24
N SER A 800 -25.23 -63.67 12.96
CA SER A 800 -23.80 -63.86 13.21
C SER A 800 -22.94 -62.91 12.38
N GLN A 801 -23.50 -62.33 11.34
CA GLN A 801 -22.75 -61.42 10.48
C GLN A 801 -22.73 -59.98 11.00
N ILE A 802 -23.62 -59.64 11.93
CA ILE A 802 -23.65 -58.29 12.47
C ILE A 802 -23.35 -58.24 13.96
N LEU A 803 -23.50 -59.34 14.69
CA LEU A 803 -23.12 -59.34 16.09
C LEU A 803 -21.60 -59.25 16.20
N PRO A 804 -21.10 -58.74 17.32
CA PRO A 804 -19.64 -58.61 17.48
C PRO A 804 -18.95 -59.96 17.40
N ASP A 805 -17.74 -59.94 16.84
CA ASP A 805 -16.97 -61.15 16.62
C ASP A 805 -15.92 -61.28 17.71
N PRO A 806 -16.00 -62.30 18.57
CA PRO A 806 -15.01 -62.43 19.65
C PRO A 806 -13.58 -62.58 19.16
N SER A 807 -13.38 -63.26 18.02
CA SER A 807 -12.02 -63.54 17.56
C SER A 807 -11.25 -62.26 17.25
N LYS A 808 -11.91 -61.30 16.62
CA LYS A 808 -11.25 -60.05 16.27
C LYS A 808 -10.78 -59.34 17.54
N PRO A 809 -9.56 -58.79 17.56
CA PRO A 809 -9.13 -58.04 18.76
C PRO A 809 -10.07 -56.89 19.09
N SER A 810 -10.58 -56.19 18.08
CA SER A 810 -11.63 -55.22 18.29
C SER A 810 -12.98 -55.92 18.37
N LYS A 811 -13.87 -55.36 19.18
CA LYS A 811 -15.20 -55.95 19.32
C LYS A 811 -16.05 -55.51 18.14
N ARG A 812 -15.56 -55.78 16.93
CA ARG A 812 -16.14 -55.24 15.70
C ARG A 812 -16.73 -56.37 14.86
N SER A 813 -17.91 -56.13 14.31
CA SER A 813 -18.62 -57.16 13.56
C SER A 813 -18.00 -57.31 12.17
N PHE A 814 -18.52 -58.29 11.42
CA PHE A 814 -17.99 -58.60 10.10
C PHE A 814 -18.26 -57.46 9.11
N ILE A 815 -19.51 -57.02 9.03
CA ILE A 815 -19.86 -55.97 8.07
C ILE A 815 -19.19 -54.66 8.46
N GLU A 816 -19.12 -54.37 9.76
CA GLU A 816 -18.38 -53.19 10.19
C GLU A 816 -16.91 -53.31 9.83
N ASP A 817 -16.36 -54.52 9.91
CA ASP A 817 -14.97 -54.70 9.52
C ASP A 817 -14.78 -54.40 8.04
N LEU A 818 -15.71 -54.85 7.20
CA LEU A 818 -15.63 -54.50 5.78
C LEU A 818 -15.73 -53.00 5.57
N LEU A 819 -16.63 -52.34 6.31
CA LEU A 819 -16.79 -50.91 6.17
C LEU A 819 -15.50 -50.18 6.53
N PHE A 820 -14.84 -50.60 7.61
CA PHE A 820 -13.59 -49.99 7.99
C PHE A 820 -12.49 -50.27 6.97
N ASN A 821 -12.47 -51.48 6.41
CA ASN A 821 -11.45 -51.81 5.43
C ASN A 821 -11.59 -50.98 4.16
N LYS A 822 -12.83 -50.75 3.71
CA LYS A 822 -13.02 -50.04 2.44
C LYS A 822 -12.55 -48.59 2.54
N VAL A 823 -13.18 -47.82 3.41
CA VAL A 823 -12.94 -46.38 3.45
C VAL A 823 -11.53 -46.11 3.93
N THR A 824 -10.84 -45.19 3.25
CA THR A 824 -9.47 -44.83 3.61
C THR A 824 -9.42 -43.47 4.30
N PHE A 852 1.18 -29.95 9.30
CA PHE A 852 2.26 -30.00 10.29
C PHE A 852 3.02 -28.69 10.32
N ASN A 853 2.27 -27.59 10.27
CA ASN A 853 2.76 -26.23 10.47
C ASN A 853 1.86 -25.49 11.43
N GLY A 854 1.54 -26.13 12.55
CA GLY A 854 0.49 -25.67 13.43
C GLY A 854 -0.81 -26.44 13.30
N LEU A 855 -0.85 -27.47 12.49
CA LEU A 855 -2.06 -28.25 12.24
C LEU A 855 -2.01 -29.53 13.05
N THR A 856 -2.86 -29.63 14.06
CA THR A 856 -2.97 -30.82 14.88
C THR A 856 -4.29 -31.53 14.62
N VAL A 857 -4.26 -32.85 14.74
CA VAL A 857 -5.46 -33.67 14.61
C VAL A 857 -5.74 -34.24 15.99
N LEU A 858 -6.65 -33.60 16.71
CA LEU A 858 -7.00 -34.08 18.04
C LEU A 858 -7.77 -35.39 17.91
N PRO A 859 -7.35 -36.44 18.60
CA PRO A 859 -8.06 -37.71 18.48
C PRO A 859 -9.47 -37.60 19.00
N PRO A 860 -10.40 -38.36 18.44
CA PRO A 860 -11.80 -38.25 18.88
C PRO A 860 -11.96 -38.76 20.31
N LEU A 861 -12.98 -38.22 20.99
CA LEU A 861 -13.21 -38.60 22.37
C LEU A 861 -13.55 -40.07 22.50
N LEU A 862 -14.44 -40.57 21.66
CA LEU A 862 -14.87 -41.96 21.71
C LEU A 862 -14.07 -42.78 20.70
N THR A 863 -13.29 -43.74 21.19
CA THR A 863 -12.48 -44.57 20.32
C THR A 863 -13.37 -45.51 19.51
N ASP A 864 -12.85 -45.94 18.37
CA ASP A 864 -13.60 -46.84 17.49
C ASP A 864 -14.00 -48.12 18.21
N GLU A 865 -13.20 -48.58 19.16
CA GLU A 865 -13.60 -49.73 19.96
C GLU A 865 -14.84 -49.42 20.78
N MET A 866 -14.90 -48.23 21.37
CA MET A 866 -16.10 -47.85 22.11
C MET A 866 -17.29 -47.69 21.19
N ILE A 867 -17.07 -47.16 19.99
CA ILE A 867 -18.17 -47.05 19.03
C ILE A 867 -18.70 -48.43 18.69
N ALA A 868 -17.79 -49.39 18.49
CA ALA A 868 -18.22 -50.76 18.21
C ALA A 868 -18.99 -51.34 19.39
N GLN A 869 -18.55 -51.06 20.61
CA GLN A 869 -19.28 -51.52 21.79
C GLN A 869 -20.68 -50.94 21.83
N TYR A 870 -20.81 -49.65 21.52
CA TYR A 870 -22.14 -49.03 21.51
C TYR A 870 -23.02 -49.66 20.45
N THR A 871 -22.46 -49.91 19.27
CA THR A 871 -23.25 -50.56 18.22
C THR A 871 -23.67 -51.96 18.62
N SER A 872 -22.78 -52.70 19.26
CA SER A 872 -23.12 -54.04 19.74
C SER A 872 -24.21 -53.98 20.80
N ALA A 873 -24.13 -53.01 21.70
CA ALA A 873 -25.17 -52.86 22.71
C ALA A 873 -26.51 -52.56 22.07
N LEU A 874 -26.53 -51.67 21.08
CA LEU A 874 -27.78 -51.36 20.39
C LEU A 874 -28.33 -52.60 19.69
N LEU A 875 -27.46 -53.37 19.05
CA LEU A 875 -27.91 -54.59 18.39
C LEU A 875 -28.51 -55.57 19.40
N ALA A 876 -27.84 -55.73 20.54
CA ALA A 876 -28.35 -56.63 21.57
C ALA A 876 -29.70 -56.17 22.09
N GLY A 877 -29.84 -54.86 22.31
CA GLY A 877 -31.12 -54.34 22.77
C GLY A 877 -32.22 -54.60 21.77
N THR A 878 -31.97 -54.31 20.50
CA THR A 878 -33.00 -54.52 19.48
C THR A 878 -33.36 -55.99 19.36
N ILE A 879 -32.37 -56.87 19.45
CA ILE A 879 -32.62 -58.29 19.24
C ILE A 879 -33.36 -58.89 20.41
N THR A 880 -32.86 -58.71 21.62
CA THR A 880 -33.38 -59.43 22.78
C THR A 880 -34.43 -58.66 23.55
N SER A 881 -34.75 -57.43 23.16
CA SER A 881 -35.73 -56.67 23.92
C SER A 881 -36.71 -55.88 23.07
N GLY A 882 -36.59 -55.91 21.75
CA GLY A 882 -37.51 -55.12 20.96
C GLY A 882 -37.32 -53.63 21.23
N TRP A 883 -38.42 -52.90 21.17
CA TRP A 883 -38.39 -51.47 21.39
C TRP A 883 -38.44 -51.10 22.87
N THR A 884 -38.61 -52.07 23.76
CA THR A 884 -38.80 -51.73 25.17
C THR A 884 -37.56 -51.07 25.75
N PHE A 885 -36.37 -51.56 25.40
CA PHE A 885 -35.17 -50.99 25.97
C PHE A 885 -34.98 -49.54 25.58
N GLY A 886 -35.59 -49.10 24.47
CA GLY A 886 -35.57 -47.69 24.14
C GLY A 886 -36.38 -46.86 25.12
N ALA A 887 -37.55 -47.35 25.51
CA ALA A 887 -38.44 -46.58 26.39
C ALA A 887 -38.04 -46.72 27.85
N GLY A 888 -38.12 -47.94 28.38
CA GLY A 888 -37.81 -48.14 29.78
C GLY A 888 -36.77 -49.22 29.98
N ALA A 889 -37.01 -50.12 30.93
CA ALA A 889 -36.12 -51.25 31.12
C ALA A 889 -36.27 -52.25 29.99
N ALA A 890 -35.16 -52.85 29.58
CA ALA A 890 -35.19 -53.86 28.53
C ALA A 890 -35.94 -55.08 29.00
N LEU A 891 -36.80 -55.61 28.15
CA LEU A 891 -37.62 -56.77 28.47
C LEU A 891 -37.30 -57.88 27.48
N GLN A 892 -36.89 -59.04 27.98
CA GLN A 892 -36.63 -60.15 27.09
C GLN A 892 -37.92 -60.61 26.43
N ILE A 893 -37.80 -61.04 25.18
CA ILE A 893 -38.94 -61.47 24.38
C ILE A 893 -38.43 -62.29 23.21
N PRO A 894 -39.03 -63.44 22.91
CA PRO A 894 -38.55 -64.25 21.79
C PRO A 894 -38.61 -63.47 20.50
N PHE A 895 -37.58 -63.64 19.66
CA PHE A 895 -37.42 -62.78 18.50
C PHE A 895 -38.58 -62.90 17.53
N ALA A 896 -39.09 -64.11 17.32
CA ALA A 896 -40.24 -64.29 16.44
C ALA A 896 -41.44 -63.50 16.95
N MET A 897 -41.62 -63.43 18.26
CA MET A 897 -42.69 -62.62 18.81
C MET A 897 -42.47 -61.14 18.52
N GLN A 898 -41.23 -60.67 18.59
CA GLN A 898 -40.96 -59.28 18.22
C GLN A 898 -41.32 -59.03 16.76
N MET A 899 -40.97 -59.97 15.88
CA MET A 899 -41.34 -59.81 14.48
C MET A 899 -42.86 -59.82 14.32
N ALA A 900 -43.55 -60.63 15.11
CA ALA A 900 -45.01 -60.62 15.06
C ALA A 900 -45.57 -59.27 15.46
N TYR A 901 -45.00 -58.67 16.51
CA TYR A 901 -45.42 -57.33 16.90
C TYR A 901 -45.19 -56.34 15.78
N ARG A 902 -44.02 -56.40 15.14
CA ARG A 902 -43.72 -55.45 14.07
C ARG A 902 -44.63 -55.67 12.86
N PHE A 903 -45.03 -56.91 12.61
CA PHE A 903 -46.03 -57.16 11.59
C PHE A 903 -47.36 -56.53 11.96
N ASN A 904 -47.74 -56.62 13.23
CA ASN A 904 -48.90 -55.87 13.71
C ASN A 904 -48.71 -54.38 13.47
N GLY A 905 -47.45 -53.93 13.43
CA GLY A 905 -47.20 -52.52 13.15
C GLY A 905 -47.66 -52.09 11.78
N ILE A 906 -47.37 -52.89 10.76
CA ILE A 906 -47.60 -52.49 9.37
C ILE A 906 -48.93 -53.03 8.85
N GLY A 907 -49.81 -53.51 9.73
CA GLY A 907 -51.10 -53.97 9.27
C GLY A 907 -51.14 -55.36 8.72
N VAL A 908 -50.16 -56.21 9.05
CA VAL A 908 -50.19 -57.62 8.68
C VAL A 908 -50.33 -58.43 9.96
N THR A 909 -51.34 -59.29 10.02
CA THR A 909 -51.65 -60.00 11.25
C THR A 909 -50.52 -60.97 11.62
N GLN A 910 -50.28 -61.11 12.93
CA GLN A 910 -49.03 -61.70 13.39
C GLN A 910 -48.91 -63.17 13.00
N ASN A 911 -50.04 -63.87 12.84
CA ASN A 911 -49.98 -65.27 12.43
C ASN A 911 -49.20 -65.42 11.13
N VAL A 912 -49.35 -64.46 10.22
CA VAL A 912 -48.64 -64.51 8.94
C VAL A 912 -47.15 -64.71 9.17
N LEU A 913 -46.61 -64.07 10.20
CA LEU A 913 -45.20 -64.26 10.54
C LEU A 913 -44.93 -65.73 10.85
N TYR A 914 -45.63 -66.27 11.84
CA TYR A 914 -45.33 -67.62 12.32
C TYR A 914 -45.51 -68.65 11.21
N GLU A 915 -46.62 -68.55 10.47
CA GLU A 915 -46.89 -69.49 9.39
C GLU A 915 -45.87 -69.41 8.27
N ASN A 916 -45.05 -68.37 8.24
CA ASN A 916 -43.98 -68.28 7.26
C ASN A 916 -42.62 -68.14 7.91
N GLN A 917 -42.53 -68.45 9.21
CA GLN A 917 -41.35 -68.08 10.01
C GLN A 917 -40.05 -68.46 9.32
N LYS A 918 -39.83 -69.76 9.14
CA LYS A 918 -38.60 -70.22 8.51
C LYS A 918 -38.36 -69.48 7.20
N LEU A 919 -39.38 -69.46 6.34
CA LEU A 919 -39.27 -68.81 5.05
C LEU A 919 -38.75 -67.39 5.21
N ILE A 920 -39.41 -66.60 6.07
CA ILE A 920 -39.00 -65.23 6.26
C ILE A 920 -37.54 -65.18 6.69
N ALA A 921 -37.20 -66.00 7.69
CA ALA A 921 -35.83 -66.04 8.17
C ALA A 921 -34.87 -66.25 7.01
N ASN A 922 -35.18 -67.24 6.16
CA ASN A 922 -34.29 -67.51 5.03
C ASN A 922 -34.07 -66.26 4.22
N GLN A 923 -35.16 -65.61 3.81
CA GLN A 923 -35.03 -64.36 3.06
C GLN A 923 -34.20 -63.36 3.85
N PHE A 924 -34.57 -63.16 5.11
CA PHE A 924 -33.78 -62.30 5.99
C PHE A 924 -32.32 -62.70 5.92
N ASN A 925 -32.04 -63.98 6.21
CA ASN A 925 -30.67 -64.45 6.14
C ASN A 925 -30.08 -64.15 4.77
N SER A 926 -30.79 -64.57 3.71
CA SER A 926 -30.30 -64.34 2.37
C SER A 926 -30.05 -62.86 2.14
N ALA A 927 -31.00 -62.01 2.56
CA ALA A 927 -30.85 -60.59 2.36
C ALA A 927 -29.54 -60.10 2.96
N ILE A 928 -29.27 -60.51 4.20
CA ILE A 928 -28.05 -60.05 4.86
C ILE A 928 -26.84 -60.43 4.04
N GLY A 929 -26.84 -61.66 3.50
CA GLY A 929 -25.70 -62.09 2.71
C GLY A 929 -25.46 -61.15 1.54
N LYS A 930 -26.53 -60.80 0.82
CA LYS A 930 -26.37 -59.90 -0.31
C LYS A 930 -25.73 -58.60 0.11
N ILE A 931 -26.08 -58.09 1.30
CA ILE A 931 -25.46 -56.88 1.82
C ILE A 931 -23.95 -57.00 1.74
N GLN A 932 -23.41 -58.08 2.32
CA GLN A 932 -21.96 -58.28 2.30
C GLN A 932 -21.45 -58.16 0.87
N ASP A 933 -22.08 -58.89 -0.04
CA ASP A 933 -21.63 -58.88 -1.43
C ASP A 933 -21.54 -57.46 -1.95
N SER A 934 -22.58 -56.66 -1.73
CA SER A 934 -22.54 -55.27 -2.19
C SER A 934 -21.34 -54.56 -1.59
N LEU A 935 -21.22 -54.61 -0.27
CA LEU A 935 -20.08 -53.97 0.38
C LEU A 935 -18.78 -54.67 -0.01
N SER A 936 -18.86 -55.95 -0.35
CA SER A 936 -17.68 -56.64 -0.84
C SER A 936 -17.25 -56.08 -2.20
N SER A 937 -18.21 -55.75 -3.05
CA SER A 937 -17.90 -55.48 -4.45
C SER A 937 -17.66 -54.00 -4.72
N THR A 938 -18.68 -53.17 -4.49
CA THR A 938 -18.67 -51.79 -4.97
C THR A 938 -18.44 -50.83 -3.81
N ALA A 939 -17.54 -49.88 -4.01
CA ALA A 939 -17.25 -48.84 -3.04
C ALA A 939 -18.05 -47.57 -3.27
N SER A 940 -18.90 -47.54 -4.31
CA SER A 940 -19.67 -46.35 -4.59
C SER A 940 -20.72 -46.07 -3.53
N ALA A 941 -21.17 -47.11 -2.80
CA ALA A 941 -22.17 -46.90 -1.77
C ALA A 941 -21.63 -46.01 -0.65
N LEU A 942 -20.40 -46.27 -0.21
CA LEU A 942 -19.80 -45.59 0.93
C LEU A 942 -19.27 -44.22 0.61
N GLY A 943 -19.43 -43.78 -0.64
CA GLY A 943 -18.86 -42.50 -1.03
C GLY A 943 -19.27 -41.36 -0.12
N LYS A 944 -20.51 -41.42 0.39
CA LYS A 944 -20.98 -40.38 1.30
C LYS A 944 -20.00 -40.14 2.44
N LEU A 945 -19.55 -41.22 3.09
CA LEU A 945 -18.51 -41.06 4.09
C LEU A 945 -17.22 -40.56 3.45
N GLN A 946 -16.77 -41.25 2.40
CA GLN A 946 -15.49 -40.97 1.79
C GLN A 946 -15.36 -39.50 1.42
N ASP A 947 -16.35 -39.01 0.66
CA ASP A 947 -16.41 -37.59 0.28
C ASP A 947 -16.03 -36.69 1.44
N VAL A 948 -16.73 -36.85 2.57
CA VAL A 948 -16.50 -35.97 3.72
C VAL A 948 -15.01 -35.86 4.00
N VAL A 949 -14.37 -37.00 4.26
CA VAL A 949 -12.96 -36.99 4.64
C VAL A 949 -12.16 -36.26 3.59
N ASN A 950 -12.36 -36.62 2.33
CA ASN A 950 -11.59 -36.03 1.25
C ASN A 950 -11.65 -34.52 1.32
N GLN A 951 -12.88 -33.98 1.43
CA GLN A 951 -13.03 -32.54 1.45
C GLN A 951 -12.15 -31.93 2.53
N ASN A 952 -12.27 -32.44 3.75
CA ASN A 952 -11.46 -31.92 4.84
C ASN A 952 -9.98 -32.01 4.48
N ALA A 953 -9.53 -33.20 4.09
CA ALA A 953 -8.14 -33.35 3.70
C ALA A 953 -7.82 -32.38 2.59
N GLN A 954 -8.68 -32.32 1.57
CA GLN A 954 -8.49 -31.37 0.49
C GLN A 954 -8.31 -29.96 1.04
N ALA A 955 -9.25 -29.54 1.89
CA ALA A 955 -9.15 -28.21 2.47
C ALA A 955 -7.81 -28.04 3.15
N LEU A 956 -7.42 -29.02 3.98
CA LEU A 956 -6.16 -28.92 4.69
C LEU A 956 -5.02 -28.73 3.70
N ASN A 957 -4.99 -29.54 2.65
CA ASN A 957 -3.93 -29.40 1.66
C ASN A 957 -3.95 -27.99 1.08
N THR A 958 -5.14 -27.50 0.72
CA THR A 958 -5.25 -26.13 0.26
C THR A 958 -4.60 -25.18 1.24
N LEU A 959 -4.97 -25.31 2.52
CA LEU A 959 -4.39 -24.45 3.54
C LEU A 959 -2.89 -24.52 3.51
N VAL A 960 -2.34 -25.73 3.47
CA VAL A 960 -0.89 -25.88 3.46
C VAL A 960 -0.32 -25.22 2.22
N LYS A 961 -0.94 -25.43 1.06
CA LYS A 961 -0.42 -24.82 -0.16
C LYS A 961 -0.53 -23.31 -0.10
N GLN A 962 -1.47 -22.78 0.68
CA GLN A 962 -1.55 -21.35 0.82
C GLN A 962 -0.33 -20.76 1.50
N LEU A 963 0.48 -21.57 2.17
CA LEU A 963 1.74 -21.05 2.70
C LEU A 963 2.71 -20.67 1.60
N SER A 964 2.63 -21.30 0.43
CA SER A 964 3.61 -21.14 -0.63
C SER A 964 3.18 -20.11 -1.67
N SER A 965 2.33 -19.16 -1.28
CA SER A 965 1.90 -18.09 -2.16
C SER A 965 2.45 -16.75 -1.68
N ASN A 966 2.78 -15.88 -2.64
CA ASN A 966 3.46 -14.64 -2.31
C ASN A 966 2.52 -13.60 -1.73
N PHE A 967 1.29 -13.55 -2.21
CA PHE A 967 0.30 -12.56 -1.78
C PHE A 967 0.81 -11.13 -1.95
N GLY A 968 1.69 -10.91 -2.92
CA GLY A 968 2.29 -9.61 -3.14
C GLY A 968 3.70 -9.47 -2.57
N ALA A 969 4.12 -10.37 -1.70
CA ALA A 969 5.46 -10.31 -1.15
C ALA A 969 6.48 -10.76 -2.18
N ILE A 970 7.74 -10.38 -1.94
CA ILE A 970 8.82 -10.78 -2.84
C ILE A 970 8.99 -12.29 -2.83
N SER A 971 8.71 -12.92 -1.68
CA SER A 971 8.82 -14.37 -1.55
C SER A 971 7.69 -14.89 -0.69
N SER A 972 7.61 -16.22 -0.59
CA SER A 972 6.67 -16.89 0.28
C SER A 972 7.31 -17.33 1.61
N VAL A 973 8.56 -16.95 1.84
CA VAL A 973 9.31 -17.37 3.03
C VAL A 973 9.61 -16.14 3.87
N LEU A 974 9.16 -16.16 5.12
CA LEU A 974 9.48 -15.06 6.03
C LEU A 974 10.97 -14.99 6.33
N ASN A 975 11.61 -16.15 6.48
CA ASN A 975 13.03 -16.17 6.81
C ASN A 975 13.86 -15.52 5.71
N ASP A 976 13.53 -15.80 4.45
CA ASP A 976 14.27 -15.21 3.35
C ASP A 976 14.11 -13.69 3.33
N ILE A 977 12.90 -13.19 3.55
CA ILE A 977 12.68 -11.75 3.57
C ILE A 977 13.44 -11.11 4.71
N LEU A 978 13.40 -11.74 5.89
CA LEU A 978 14.12 -11.21 7.04
C LEU A 978 15.62 -11.18 6.80
N SER A 979 16.15 -12.22 6.16
CA SER A 979 17.59 -12.30 5.93
C SER A 979 18.05 -11.37 4.82
N ARG A 980 17.18 -11.09 3.84
CA ARG A 980 17.56 -10.30 2.68
C ARG A 980 17.21 -8.82 2.82
N LEU A 981 16.37 -8.45 3.78
CA LEU A 981 15.97 -7.06 3.93
C LEU A 981 16.05 -6.66 5.39
N ASP A 982 16.32 -5.37 5.61
CA ASP A 982 16.26 -4.81 6.95
C ASP A 982 14.81 -4.76 7.42
N PRO A 983 14.59 -4.76 8.73
CA PRO A 983 13.22 -4.79 9.25
C PRO A 983 12.34 -3.67 8.70
N PRO A 984 12.85 -2.44 8.57
CA PRO A 984 12.00 -1.40 7.95
C PRO A 984 11.59 -1.76 6.54
N GLU A 985 12.45 -2.43 5.79
CA GLU A 985 12.09 -2.84 4.42
C GLU A 985 11.32 -4.15 4.42
N ALA A 986 11.70 -5.09 5.28
CA ALA A 986 11.04 -6.39 5.31
C ALA A 986 9.58 -6.27 5.73
N GLU A 987 9.30 -5.41 6.71
CA GLU A 987 7.95 -5.35 7.27
C GLU A 987 6.90 -5.02 6.23
N VAL A 988 7.27 -4.32 5.15
CA VAL A 988 6.30 -3.99 4.11
C VAL A 988 5.77 -5.26 3.47
N GLN A 989 6.66 -6.18 3.11
CA GLN A 989 6.23 -7.46 2.55
C GLN A 989 5.66 -8.38 3.62
N ILE A 990 6.16 -8.26 4.86
CA ILE A 990 5.66 -9.10 5.94
C ILE A 990 4.20 -8.80 6.21
N ASP A 991 3.79 -7.54 6.13
CA ASP A 991 2.39 -7.19 6.30
C ASP A 991 1.55 -7.83 5.21
N ARG A 992 2.03 -7.83 3.98
CA ARG A 992 1.29 -8.47 2.89
C ARG A 992 1.15 -9.97 3.14
N LEU A 993 2.25 -10.62 3.55
CA LEU A 993 2.18 -12.04 3.84
C LEU A 993 1.20 -12.32 4.98
N ILE A 994 1.25 -11.51 6.02
CA ILE A 994 0.35 -11.69 7.16
C ILE A 994 -1.09 -11.55 6.71
N THR A 995 -1.39 -10.52 5.91
CA THR A 995 -2.76 -10.33 5.45
C THR A 995 -3.22 -11.51 4.60
N GLY A 996 -2.36 -11.97 3.69
CA GLY A 996 -2.77 -13.08 2.83
C GLY A 996 -3.01 -14.35 3.61
N ARG A 997 -2.09 -14.71 4.50
CA ARG A 997 -2.26 -15.94 5.27
C ARG A 997 -3.43 -15.83 6.23
N LEU A 998 -3.64 -14.66 6.82
CA LEU A 998 -4.79 -14.47 7.71
C LEU A 998 -6.09 -14.61 6.94
N GLN A 999 -6.16 -14.04 5.74
CA GLN A 999 -7.37 -14.19 4.93
C GLN A 999 -7.59 -15.65 4.56
N SER A 1000 -6.52 -16.36 4.22
CA SER A 1000 -6.66 -17.79 3.92
C SER A 1000 -7.19 -18.55 5.13
N LEU A 1001 -6.66 -18.25 6.31
CA LEU A 1001 -7.14 -18.91 7.52
C LEU A 1001 -8.60 -18.59 7.78
N GLN A 1002 -9.00 -17.33 7.58
CA GLN A 1002 -10.40 -16.97 7.79
C GLN A 1002 -11.31 -17.71 6.84
N THR A 1003 -10.92 -17.80 5.56
CA THR A 1003 -11.74 -18.54 4.60
C THR A 1003 -11.82 -20.02 4.97
N TYR A 1004 -10.69 -20.60 5.38
CA TYR A 1004 -10.69 -21.99 5.80
C TYR A 1004 -11.59 -22.22 6.99
N VAL A 1005 -11.56 -21.30 7.95
CA VAL A 1005 -12.42 -21.42 9.13
C VAL A 1005 -13.89 -21.29 8.73
N THR A 1006 -14.20 -20.39 7.80
CA THR A 1006 -15.58 -20.27 7.34
C THR A 1006 -16.04 -21.55 6.67
N GLN A 1007 -15.20 -22.13 5.81
CA GLN A 1007 -15.56 -23.39 5.18
C GLN A 1007 -15.73 -24.50 6.21
N GLN A 1008 -14.85 -24.57 7.19
CA GLN A 1008 -14.96 -25.58 8.22
C GLN A 1008 -16.22 -25.40 9.05
N LEU A 1009 -16.59 -24.14 9.36
CA LEU A 1009 -17.82 -23.90 10.10
C LEU A 1009 -19.03 -24.34 9.29
N ILE A 1010 -19.07 -24.02 8.01
CA ILE A 1010 -20.22 -24.42 7.19
C ILE A 1010 -20.29 -25.93 7.08
N ARG A 1011 -19.15 -26.58 6.85
CA ARG A 1011 -19.13 -28.03 6.75
C ARG A 1011 -19.50 -28.67 8.07
N ALA A 1012 -19.09 -28.08 9.19
CA ALA A 1012 -19.47 -28.62 10.49
C ALA A 1012 -20.97 -28.45 10.75
N ALA A 1013 -21.55 -27.35 10.27
CA ALA A 1013 -23.00 -27.22 10.37
C ALA A 1013 -23.70 -28.29 9.54
N GLU A 1014 -23.20 -28.55 8.34
CA GLU A 1014 -23.78 -29.59 7.51
C GLU A 1014 -23.67 -30.95 8.20
N ILE A 1015 -22.50 -31.23 8.77
CA ILE A 1015 -22.30 -32.50 9.45
C ILE A 1015 -23.18 -32.59 10.69
N ARG A 1016 -23.40 -31.48 11.39
CA ARG A 1016 -24.28 -31.52 12.55
C ARG A 1016 -25.71 -31.80 12.13
N ALA A 1017 -26.16 -31.21 11.04
CA ALA A 1017 -27.50 -31.54 10.53
C ALA A 1017 -27.60 -33.02 10.18
N SER A 1018 -26.58 -33.54 9.50
CA SER A 1018 -26.56 -34.96 9.17
C SER A 1018 -26.56 -35.83 10.42
N ALA A 1019 -25.80 -35.44 11.43
CA ALA A 1019 -25.74 -36.21 12.67
C ALA A 1019 -27.06 -36.16 13.41
N ASN A 1020 -27.75 -35.02 13.38
CA ASN A 1020 -29.07 -34.96 13.99
C ASN A 1020 -30.05 -35.86 13.25
N LEU A 1021 -29.97 -35.90 11.93
CA LEU A 1021 -30.81 -36.81 11.17
C LEU A 1021 -30.53 -38.26 11.55
N ALA A 1022 -29.24 -38.61 11.67
CA ALA A 1022 -28.89 -39.97 12.06
C ALA A 1022 -29.38 -40.27 13.46
N ALA A 1023 -29.29 -39.29 14.38
CA ALA A 1023 -29.78 -39.51 15.73
C ALA A 1023 -31.29 -39.74 15.74
N THR A 1024 -32.02 -38.98 14.93
CA THR A 1024 -33.46 -39.19 14.84
C THR A 1024 -33.77 -40.58 14.29
N LYS A 1025 -33.03 -41.01 13.27
CA LYS A 1025 -33.24 -42.35 12.74
C LYS A 1025 -32.95 -43.41 13.79
N MET A 1026 -31.86 -43.25 14.54
CA MET A 1026 -31.51 -44.20 15.58
C MET A 1026 -32.59 -44.23 16.66
N SER A 1027 -33.15 -43.08 16.99
CA SER A 1027 -34.19 -43.00 18.01
C SER A 1027 -35.48 -43.64 17.51
N GLU A 1028 -35.76 -43.55 16.22
CA GLU A 1028 -37.01 -44.05 15.67
C GLU A 1028 -36.87 -45.37 14.93
N CYS A 1029 -35.91 -45.49 14.02
CA CYS A 1029 -35.84 -46.71 13.23
C CYS A 1029 -35.27 -47.89 14.02
N VAL A 1030 -34.32 -47.63 14.92
CA VAL A 1030 -33.69 -48.70 15.66
C VAL A 1030 -34.45 -48.98 16.94
N LEU A 1031 -34.58 -47.97 17.79
CA LEU A 1031 -35.19 -48.14 19.11
C LEU A 1031 -36.68 -48.42 19.04
N GLY A 1032 -37.29 -48.39 17.86
CA GLY A 1032 -38.70 -48.66 17.73
C GLY A 1032 -39.07 -48.87 16.28
N GLN A 1033 -40.38 -48.89 16.02
CA GLN A 1033 -40.92 -49.01 14.67
C GLN A 1033 -41.62 -47.71 14.31
N SER A 1034 -41.16 -47.07 13.25
CA SER A 1034 -41.69 -45.78 12.85
C SER A 1034 -42.74 -45.96 11.76
N LYS A 1035 -43.90 -45.33 11.97
CA LYS A 1035 -44.94 -45.32 10.94
C LYS A 1035 -44.62 -44.42 9.77
N ARG A 1036 -43.56 -43.61 9.86
CA ARG A 1036 -43.21 -42.71 8.78
C ARG A 1036 -42.75 -43.51 7.56
N VAL A 1037 -43.22 -43.09 6.38
CA VAL A 1037 -42.90 -43.79 5.15
C VAL A 1037 -41.60 -43.24 4.58
N ASP A 1038 -40.73 -44.12 4.10
CA ASP A 1038 -39.45 -43.80 3.51
C ASP A 1038 -38.48 -43.14 4.48
N PHE A 1039 -38.84 -43.06 5.77
CA PHE A 1039 -37.89 -42.52 6.73
C PHE A 1039 -36.97 -43.60 7.27
N CYS A 1040 -37.42 -44.85 7.28
CA CYS A 1040 -36.57 -45.94 7.74
C CYS A 1040 -36.37 -46.94 6.62
N GLY A 1041 -36.09 -46.43 5.42
CA GLY A 1041 -35.94 -47.25 4.24
C GLY A 1041 -37.25 -47.37 3.47
N LYS A 1042 -37.12 -47.71 2.19
CA LYS A 1042 -38.30 -47.83 1.35
C LYS A 1042 -39.18 -48.99 1.80
N GLY A 1043 -40.48 -48.82 1.68
CA GLY A 1043 -41.42 -49.84 2.06
C GLY A 1043 -41.84 -49.73 3.51
N TYR A 1044 -42.85 -50.51 3.86
CA TYR A 1044 -43.28 -50.59 5.25
C TYR A 1044 -42.10 -51.03 6.10
N HIS A 1045 -41.83 -50.30 7.18
CA HIS A 1045 -40.60 -50.50 7.93
C HIS A 1045 -40.80 -51.56 9.01
N LEU A 1046 -39.86 -52.48 9.12
CA LEU A 1046 -39.85 -53.48 10.17
C LEU A 1046 -38.87 -53.12 11.29
N MET A 1047 -37.59 -52.97 10.95
CA MET A 1047 -36.59 -52.63 11.96
C MET A 1047 -35.35 -52.10 11.26
N SER A 1048 -34.37 -51.70 12.06
CA SER A 1048 -33.12 -51.20 11.52
C SER A 1048 -31.97 -51.63 12.41
N PHE A 1049 -30.81 -51.83 11.81
CA PHE A 1049 -29.61 -52.28 12.51
C PHE A 1049 -28.47 -51.31 12.25
N PRO A 1050 -27.89 -50.72 13.28
CA PRO A 1050 -26.79 -49.78 13.06
C PRO A 1050 -25.46 -50.49 12.92
N GLN A 1051 -24.51 -49.79 12.30
CA GLN A 1051 -23.14 -50.26 12.16
C GLN A 1051 -22.22 -49.06 12.18
N SER A 1052 -21.20 -49.10 13.02
CA SER A 1052 -20.23 -48.01 13.05
C SER A 1052 -19.41 -48.00 11.76
N ALA A 1053 -18.78 -46.87 11.48
CA ALA A 1053 -17.91 -46.73 10.32
C ALA A 1053 -17.09 -45.47 10.51
N PRO A 1054 -15.98 -45.32 9.75
CA PRO A 1054 -15.15 -44.13 9.91
C PRO A 1054 -15.93 -42.84 9.81
N HIS A 1055 -16.05 -42.12 10.92
CA HIS A 1055 -16.73 -40.83 10.96
C HIS A 1055 -18.16 -40.94 10.45
N GLY A 1056 -18.79 -42.09 10.64
CA GLY A 1056 -20.13 -42.25 10.10
C GLY A 1056 -20.81 -43.50 10.60
N VAL A 1057 -22.08 -43.63 10.23
CA VAL A 1057 -22.89 -44.76 10.63
C VAL A 1057 -23.60 -45.31 9.41
N VAL A 1058 -23.96 -46.59 9.48
CA VAL A 1058 -24.61 -47.30 8.38
C VAL A 1058 -25.81 -48.04 8.94
N PHE A 1059 -26.99 -47.77 8.41
CA PHE A 1059 -28.21 -48.44 8.83
C PHE A 1059 -28.58 -49.51 7.80
N LEU A 1060 -28.74 -50.74 8.27
CA LEU A 1060 -29.39 -51.78 7.51
C LEU A 1060 -30.86 -51.73 7.86
N HIS A 1061 -31.66 -51.20 6.95
CA HIS A 1061 -33.10 -51.13 7.14
C HIS A 1061 -33.71 -52.44 6.65
N VAL A 1062 -34.29 -53.21 7.58
CA VAL A 1062 -35.03 -54.42 7.22
C VAL A 1062 -36.49 -54.03 7.10
N THR A 1063 -37.01 -54.11 5.87
CA THR A 1063 -38.35 -53.64 5.55
C THR A 1063 -39.14 -54.73 4.86
N TYR A 1064 -40.45 -54.52 4.80
CA TYR A 1064 -41.41 -55.43 4.17
C TYR A 1064 -41.80 -54.83 2.83
N VAL A 1065 -41.87 -55.66 1.79
CA VAL A 1065 -42.28 -55.22 0.47
C VAL A 1065 -43.28 -56.23 -0.09
N PRO A 1066 -44.52 -55.83 -0.39
CA PRO A 1066 -45.44 -56.74 -1.07
C PRO A 1066 -44.88 -57.15 -2.42
N ALA A 1067 -45.10 -58.41 -2.79
CA ALA A 1067 -44.38 -59.00 -3.91
C ALA A 1067 -45.29 -59.34 -5.09
N GLN A 1068 -46.32 -60.15 -4.90
CA GLN A 1068 -47.13 -60.66 -6.01
C GLN A 1068 -48.56 -60.18 -5.83
N GLU A 1069 -48.98 -59.27 -6.70
CA GLU A 1069 -50.32 -58.70 -6.64
C GLU A 1069 -51.28 -59.50 -7.52
N LYS A 1070 -52.52 -59.59 -7.06
CA LYS A 1070 -53.59 -60.22 -7.83
C LYS A 1070 -54.79 -59.29 -7.88
N ASN A 1071 -55.42 -59.24 -9.04
CA ASN A 1071 -56.67 -58.51 -9.22
C ASN A 1071 -57.80 -59.21 -8.47
N PHE A 1072 -58.72 -58.41 -7.95
CA PHE A 1072 -59.96 -58.95 -7.41
C PHE A 1072 -61.06 -57.92 -7.62
N THR A 1073 -62.29 -58.41 -7.67
CA THR A 1073 -63.45 -57.55 -7.71
C THR A 1073 -63.82 -57.16 -6.29
N THR A 1074 -63.95 -55.87 -6.04
CA THR A 1074 -64.21 -55.36 -4.70
C THR A 1074 -65.44 -54.48 -4.70
N ALA A 1075 -66.14 -54.49 -3.57
CA ALA A 1075 -67.25 -53.59 -3.34
C ALA A 1075 -67.06 -52.90 -2.00
N PRO A 1076 -67.36 -51.61 -1.91
CA PRO A 1076 -67.11 -50.89 -0.66
C PRO A 1076 -67.86 -51.46 0.53
N ALA A 1077 -69.04 -52.03 0.32
CA ALA A 1077 -69.82 -52.56 1.43
C ALA A 1077 -70.66 -53.74 0.91
N ILE A 1078 -71.53 -54.25 1.76
CA ILE A 1078 -72.30 -55.45 1.47
C ILE A 1078 -73.65 -55.37 2.19
N CYS A 1079 -74.70 -55.81 1.51
CA CYS A 1079 -76.04 -55.88 2.08
C CYS A 1079 -76.41 -57.33 2.32
N HIS A 1080 -76.84 -57.64 3.54
CA HIS A 1080 -77.34 -58.97 3.87
C HIS A 1080 -78.85 -59.01 4.01
N ASP A 1081 -79.40 -58.12 4.83
CA ASP A 1081 -80.84 -57.99 5.01
C ASP A 1081 -81.28 -56.57 4.74
N GLY A 1082 -80.66 -55.93 3.75
CA GLY A 1082 -80.86 -54.53 3.49
C GLY A 1082 -79.97 -53.60 4.27
N LYS A 1083 -79.16 -54.12 5.20
CA LYS A 1083 -78.28 -53.31 6.02
C LYS A 1083 -76.87 -53.35 5.44
N ALA A 1084 -76.20 -52.21 5.44
CA ALA A 1084 -74.84 -52.13 4.93
C ALA A 1084 -73.88 -52.84 5.87
N HIS A 1085 -72.94 -53.59 5.30
CA HIS A 1085 -71.87 -54.23 6.05
C HIS A 1085 -70.54 -53.64 5.65
N PHE A 1086 -69.75 -53.26 6.62
CA PHE A 1086 -68.41 -52.82 6.31
C PHE A 1086 -67.40 -53.64 7.09
N PRO A 1087 -66.19 -53.86 6.55
CA PRO A 1087 -65.21 -54.71 7.22
C PRO A 1087 -64.70 -54.06 8.51
N ARG A 1088 -64.60 -54.86 9.57
CA ARG A 1088 -64.00 -54.37 10.80
C ARG A 1088 -62.53 -54.01 10.58
N GLU A 1089 -61.72 -55.01 10.24
CA GLU A 1089 -60.32 -54.80 9.91
C GLU A 1089 -60.02 -55.59 8.65
N GLY A 1090 -59.98 -54.91 7.52
CA GLY A 1090 -59.75 -55.55 6.25
C GLY A 1090 -60.60 -54.91 5.19
N VAL A 1091 -60.81 -55.65 4.10
CA VAL A 1091 -61.55 -55.16 2.95
C VAL A 1091 -62.24 -56.33 2.28
N PHE A 1092 -63.38 -56.05 1.65
CA PHE A 1092 -64.11 -57.06 0.91
C PHE A 1092 -63.48 -57.28 -0.46
N VAL A 1093 -63.23 -58.54 -0.79
CA VAL A 1093 -62.74 -58.93 -2.11
C VAL A 1093 -63.57 -60.10 -2.61
N SER A 1094 -63.51 -60.33 -3.91
CA SER A 1094 -64.17 -61.47 -4.52
C SER A 1094 -63.28 -62.03 -5.62
N ASN A 1095 -63.16 -63.36 -5.65
CA ASN A 1095 -62.48 -64.04 -6.74
C ASN A 1095 -63.42 -64.28 -7.91
N GLY A 1096 -64.56 -63.62 -7.95
CA GLY A 1096 -65.49 -63.74 -9.05
C GLY A 1096 -66.85 -64.27 -8.64
N THR A 1097 -66.87 -65.19 -7.69
CA THR A 1097 -68.11 -65.83 -7.30
C THR A 1097 -68.40 -65.72 -5.81
N HIS A 1098 -67.39 -65.83 -4.96
CA HIS A 1098 -67.57 -65.78 -3.53
C HIS A 1098 -66.90 -64.54 -2.95
N TRP A 1099 -67.51 -63.99 -1.90
CA TRP A 1099 -67.05 -62.76 -1.27
C TRP A 1099 -66.38 -63.10 0.05
N PHE A 1100 -65.19 -62.54 0.26
CA PHE A 1100 -64.44 -62.73 1.50
C PHE A 1100 -63.97 -61.37 1.98
N VAL A 1101 -63.49 -61.33 3.22
CA VAL A 1101 -62.90 -60.14 3.81
C VAL A 1101 -61.47 -60.51 4.18
N THR A 1102 -60.51 -59.80 3.61
CA THR A 1102 -59.10 -60.08 3.85
C THR A 1102 -58.37 -58.81 4.25
N GLN A 1103 -57.27 -58.99 4.98
CA GLN A 1103 -56.43 -57.85 5.33
C GLN A 1103 -55.88 -57.20 4.06
N ARG A 1104 -55.61 -55.91 4.14
CA ARG A 1104 -55.34 -55.12 2.95
C ARG A 1104 -54.00 -55.47 2.30
N ASN A 1105 -52.97 -55.77 3.09
CA ASN A 1105 -51.63 -55.95 2.54
C ASN A 1105 -51.22 -57.40 2.34
N PHE A 1106 -52.12 -58.36 2.49
CA PHE A 1106 -51.77 -59.77 2.28
C PHE A 1106 -53.05 -60.55 2.08
N TYR A 1107 -53.20 -61.18 0.92
CA TYR A 1107 -54.44 -61.84 0.55
C TYR A 1107 -54.63 -63.08 1.40
N GLU A 1108 -55.48 -62.96 2.43
CA GLU A 1108 -55.86 -64.09 3.27
C GLU A 1108 -57.38 -64.08 3.37
N PRO A 1109 -58.07 -64.58 2.35
CA PRO A 1109 -59.54 -64.51 2.35
C PRO A 1109 -60.13 -65.30 3.51
N GLN A 1110 -61.20 -64.75 4.08
CA GLN A 1110 -61.95 -65.43 5.13
C GLN A 1110 -63.42 -65.16 4.91
N ILE A 1111 -64.25 -66.14 5.32
CA ILE A 1111 -65.68 -66.02 5.12
C ILE A 1111 -66.20 -64.78 5.87
N ILE A 1112 -67.17 -64.11 5.26
CA ILE A 1112 -67.66 -62.82 5.76
C ILE A 1112 -68.76 -63.12 6.78
N THR A 1113 -68.44 -62.93 8.04
CA THR A 1113 -69.37 -63.17 9.14
C THR A 1113 -69.53 -61.89 9.96
N THR A 1114 -70.40 -61.98 10.96
CA THR A 1114 -70.64 -60.83 11.84
C THR A 1114 -69.39 -60.39 12.58
N ASP A 1115 -68.47 -61.31 12.85
CA ASP A 1115 -67.28 -60.97 13.61
C ASP A 1115 -66.37 -60.03 12.82
N ASN A 1116 -66.25 -60.26 11.52
CA ASN A 1116 -65.36 -59.44 10.70
C ASN A 1116 -66.01 -58.14 10.24
N THR A 1117 -67.30 -57.96 10.47
CA THR A 1117 -68.06 -56.86 9.88
C THR A 1117 -68.84 -56.10 10.93
N PHE A 1118 -69.19 -54.86 10.59
CA PHE A 1118 -70.10 -54.06 11.39
C PHE A 1118 -71.15 -53.44 10.48
N VAL A 1119 -72.34 -53.26 11.02
CA VAL A 1119 -73.47 -52.73 10.28
C VAL A 1119 -73.62 -51.24 10.56
N SER A 1120 -74.08 -50.50 9.55
CA SER A 1120 -74.31 -49.07 9.72
C SER A 1120 -75.42 -48.68 8.76
N GLY A 1121 -76.65 -48.58 9.26
CA GLY A 1121 -77.77 -48.14 8.45
C GLY A 1121 -78.18 -49.14 7.39
N ASN A 1122 -79.11 -48.70 6.55
CA ASN A 1122 -79.62 -49.53 5.46
C ASN A 1122 -78.67 -49.42 4.28
N CYS A 1123 -79.12 -49.86 3.12
CA CYS A 1123 -78.27 -49.96 1.93
C CYS A 1123 -78.66 -49.02 0.81
N ASP A 1124 -79.33 -47.91 1.12
CA ASP A 1124 -79.75 -46.97 0.08
C ASP A 1124 -78.79 -45.82 -0.12
N VAL A 1125 -77.66 -45.80 0.59
CA VAL A 1125 -76.74 -44.68 0.55
C VAL A 1125 -75.42 -45.03 -0.14
N VAL A 1126 -74.90 -46.22 0.12
CA VAL A 1126 -73.58 -46.59 -0.39
C VAL A 1126 -73.64 -46.71 -1.91
N ILE A 1127 -72.53 -46.37 -2.55
CA ILE A 1127 -72.37 -46.49 -4.00
C ILE A 1127 -71.31 -47.54 -4.29
N GLY A 1128 -71.64 -48.46 -5.19
CA GLY A 1128 -70.78 -49.61 -5.43
C GLY A 1128 -71.12 -50.83 -4.61
N ILE A 1129 -72.15 -50.75 -3.76
CA ILE A 1129 -72.49 -51.86 -2.91
C ILE A 1129 -73.01 -53.03 -3.74
N VAL A 1130 -72.92 -54.23 -3.16
CA VAL A 1130 -73.37 -55.46 -3.80
C VAL A 1130 -74.18 -56.26 -2.79
N ASN A 1131 -74.75 -57.36 -3.27
CA ASN A 1131 -75.52 -58.27 -2.44
C ASN A 1131 -74.69 -59.50 -2.08
N ASN A 1132 -74.89 -60.01 -0.87
CA ASN A 1132 -74.16 -61.17 -0.39
C ASN A 1132 -74.79 -61.64 0.91
N THR A 1133 -74.60 -62.92 1.22
CA THR A 1133 -75.07 -63.46 2.48
C THR A 1133 -73.99 -63.31 3.56
N VAL A 1134 -74.38 -62.77 4.71
CA VAL A 1134 -73.46 -62.59 5.83
C VAL A 1134 -73.72 -63.74 6.79
N TYR A 1135 -72.76 -64.66 6.86
CA TYR A 1135 -72.87 -65.79 7.76
C TYR A 1135 -72.94 -65.32 9.21
N ASP A 1136 -73.74 -66.01 10.01
CA ASP A 1136 -73.84 -65.71 11.43
C ASP A 1136 -73.26 -66.87 12.23
N PRO A 1137 -72.17 -66.68 12.96
CA PRO A 1137 -71.62 -67.79 13.76
C PRO A 1137 -72.60 -68.35 14.78
N LEU A 1138 -73.47 -67.51 15.32
CA LEU A 1138 -74.37 -67.95 16.37
C LEU A 1138 -75.50 -68.83 15.85
N GLN A 1139 -75.84 -68.71 14.57
CA GLN A 1139 -77.01 -69.44 14.04
C GLN A 1139 -76.85 -70.95 14.09
N PRO A 1140 -75.76 -71.57 13.60
CA PRO A 1140 -75.66 -73.02 13.72
C PRO A 1140 -75.64 -73.51 15.15
N GLU A 1141 -75.00 -72.74 16.05
CA GLU A 1141 -74.97 -73.11 17.45
C GLU A 1141 -76.37 -73.11 18.04
N LEU A 1142 -77.17 -72.09 17.70
CA LEU A 1142 -78.55 -72.06 18.17
C LEU A 1142 -79.37 -73.18 17.57
N ASP A 1143 -79.10 -73.55 16.30
CA ASP A 1143 -79.85 -74.61 15.66
C ASP A 1143 -79.65 -75.94 16.37
N SER A 1144 -78.41 -76.25 16.76
CA SER A 1144 -78.12 -77.50 17.43
C SER A 1144 -78.56 -77.44 18.89
N SER B 13 27.09 19.14 50.84
CA SER B 13 28.04 19.70 51.80
C SER B 13 29.36 18.93 51.77
N GLN B 14 30.05 18.89 52.91
CA GLN B 14 31.34 18.22 53.02
C GLN B 14 31.14 16.81 53.55
N CYS B 15 31.71 15.84 52.86
CA CYS B 15 31.53 14.44 53.23
C CYS B 15 32.24 14.12 54.55
N VAL B 16 31.65 13.21 55.31
CA VAL B 16 32.22 12.73 56.56
C VAL B 16 32.92 11.41 56.27
N ASN B 17 34.18 11.30 56.70
CA ASN B 17 35.01 10.15 56.41
C ASN B 17 34.94 9.13 57.54
N PHE B 18 34.70 7.87 57.20
CA PHE B 18 34.77 6.76 58.14
C PHE B 18 35.91 5.85 57.72
N THR B 19 36.85 5.63 58.63
CA THR B 19 37.97 4.74 58.33
C THR B 19 37.50 3.30 58.14
N THR B 20 36.58 2.84 58.97
CA THR B 20 36.09 1.47 58.94
C THR B 20 34.72 1.42 58.29
N ARG B 21 34.58 0.60 57.25
CA ARG B 21 33.32 0.41 56.54
C ARG B 21 33.03 -1.08 56.45
N THR B 22 31.77 -1.43 56.64
CA THR B 22 31.35 -2.83 56.62
C THR B 22 29.91 -2.89 56.14
N GLN B 23 29.50 -4.07 55.67
CA GLN B 23 28.13 -4.29 55.22
C GLN B 23 27.69 -5.69 55.59
N LEU B 24 26.47 -5.80 56.13
CA LEU B 24 25.95 -7.09 56.54
C LEU B 24 25.62 -7.95 55.32
N PRO B 25 25.71 -9.28 55.46
CA PRO B 25 25.42 -10.14 54.32
C PRO B 25 23.96 -10.04 53.92
N PRO B 26 23.65 -10.27 52.65
CA PRO B 26 22.26 -10.23 52.20
C PRO B 26 21.46 -11.40 52.73
N ALA B 27 20.14 -11.23 52.73
CA ALA B 27 19.21 -12.31 53.08
C ALA B 27 18.15 -12.41 52.00
N TYR B 28 17.53 -13.59 51.91
CA TYR B 28 16.57 -13.86 50.84
C TYR B 28 15.22 -14.27 51.42
N THR B 29 14.15 -13.76 50.81
CA THR B 29 12.80 -14.12 51.24
C THR B 29 11.90 -14.14 50.01
N ASN B 30 10.61 -14.36 50.25
CA ASN B 30 9.63 -14.57 49.20
C ASN B 30 8.69 -13.37 49.12
N SER B 31 8.37 -12.95 47.89
CA SER B 31 7.56 -11.75 47.70
C SER B 31 6.08 -11.98 47.97
N PHE B 32 5.64 -13.23 47.98
CA PHE B 32 4.23 -13.57 48.20
C PHE B 32 3.32 -12.90 47.18
N THR B 33 2.47 -11.99 47.63
CA THR B 33 1.44 -11.40 46.77
C THR B 33 1.47 -9.88 46.85
N ARG B 34 2.66 -9.30 46.84
CA ARG B 34 2.81 -7.86 46.86
C ARG B 34 3.29 -7.38 45.49
N GLY B 35 3.57 -6.09 45.41
CA GLY B 35 4.04 -5.50 44.17
C GLY B 35 2.97 -5.13 43.19
N VAL B 36 1.69 -5.26 43.55
CA VAL B 36 0.62 -4.85 42.67
C VAL B 36 0.41 -3.35 42.81
N TYR B 37 0.48 -2.65 41.70
CA TYR B 37 0.28 -1.21 41.67
C TYR B 37 -0.58 -0.87 40.46
N TYR B 38 -1.33 0.21 40.58
CA TYR B 38 -2.26 0.58 39.53
C TYR B 38 -1.48 0.90 38.27
N PRO B 39 -1.69 0.17 37.16
CA PRO B 39 -0.92 0.47 35.95
C PRO B 39 -1.17 1.86 35.43
N ASP B 40 -2.37 2.39 35.64
CA ASP B 40 -2.76 3.67 35.08
C ASP B 40 -3.51 4.50 36.12
N LYS B 41 -4.13 5.58 35.69
CA LYS B 41 -4.97 6.39 36.54
C LYS B 41 -6.45 6.28 36.16
N VAL B 42 -6.82 5.17 35.53
CA VAL B 42 -8.17 4.98 35.02
C VAL B 42 -8.99 4.21 36.05
N PHE B 43 -10.04 4.84 36.55
CA PHE B 43 -10.97 4.16 37.44
C PHE B 43 -11.75 3.12 36.67
N ARG B 44 -12.11 2.05 37.37
CA ARG B 44 -12.96 1.01 36.80
C ARG B 44 -13.89 0.52 37.90
N SER B 45 -14.87 -0.29 37.51
CA SER B 45 -15.84 -0.76 38.48
C SER B 45 -16.16 -2.23 38.25
N SER B 46 -15.84 -3.05 39.24
CA SER B 46 -16.21 -4.47 39.28
C SER B 46 -15.91 -5.16 37.95
N VAL B 47 -14.65 -5.10 37.54
CA VAL B 47 -14.21 -5.65 36.26
C VAL B 47 -12.87 -6.34 36.47
N LEU B 48 -12.67 -7.47 35.80
CA LEU B 48 -11.38 -8.13 35.76
C LEU B 48 -10.62 -7.58 34.57
N HIS B 49 -9.50 -6.92 34.85
CA HIS B 49 -8.71 -6.22 33.83
C HIS B 49 -7.38 -6.93 33.69
N SER B 50 -7.03 -7.30 32.45
CA SER B 50 -5.76 -7.95 32.18
C SER B 50 -4.81 -6.94 31.56
N THR B 51 -3.65 -6.76 32.18
CA THR B 51 -2.66 -5.79 31.72
C THR B 51 -1.28 -6.44 31.73
N GLN B 52 -0.50 -6.16 30.69
CA GLN B 52 0.88 -6.61 30.62
C GLN B 52 1.78 -5.41 30.88
N ASP B 53 2.55 -5.47 31.97
CA ASP B 53 3.44 -4.37 32.33
C ASP B 53 4.53 -4.91 33.24
N LEU B 54 5.34 -4.02 33.79
CA LEU B 54 6.41 -4.40 34.70
C LEU B 54 5.81 -4.60 36.09
N PHE B 55 5.95 -5.81 36.62
CA PHE B 55 5.49 -6.11 37.96
C PHE B 55 6.52 -7.01 38.64
N LEU B 56 6.39 -7.14 39.96
CA LEU B 56 7.19 -8.09 40.71
C LEU B 56 6.49 -9.44 40.63
N PRO B 57 7.07 -10.45 39.99
CA PRO B 57 6.38 -11.73 39.86
C PRO B 57 6.07 -12.31 41.24
N PHE B 58 4.90 -12.92 41.35
CA PHE B 58 4.45 -13.41 42.64
C PHE B 58 5.42 -14.44 43.20
N PHE B 59 5.61 -14.38 44.52
CA PHE B 59 6.46 -15.33 45.24
C PHE B 59 7.88 -15.36 44.72
N SER B 60 8.40 -14.21 44.28
CA SER B 60 9.74 -14.15 43.74
C SER B 60 10.78 -14.09 44.86
N ASN B 61 12.04 -14.31 44.47
CA ASN B 61 13.15 -14.13 45.38
C ASN B 61 13.40 -12.65 45.58
N VAL B 62 13.45 -12.21 46.84
CA VAL B 62 13.63 -10.81 47.19
C VAL B 62 14.80 -10.72 48.16
N THR B 63 15.72 -9.80 47.88
CA THR B 63 16.93 -9.64 48.68
C THR B 63 16.71 -8.51 49.68
N TRP B 64 16.89 -8.81 50.95
CA TRP B 64 16.60 -7.87 52.02
C TRP B 64 17.71 -7.86 53.05
N PHE B 65 17.77 -6.76 53.79
CA PHE B 65 18.81 -6.52 54.79
C PHE B 65 18.22 -5.68 55.92
N HIS B 66 19.10 -5.28 56.83
CA HIS B 66 18.75 -4.45 57.97
C HIS B 66 19.45 -3.10 57.86
N ALA B 67 18.82 -2.07 58.42
CA ALA B 67 19.34 -0.70 58.39
C ALA B 67 19.78 -0.34 59.81
N ILE B 68 21.08 -0.16 59.98
CA ILE B 68 21.66 0.22 61.28
C ILE B 68 21.60 1.74 61.39
N HIS B 69 20.88 2.23 62.40
CA HIS B 69 20.69 3.66 62.59
C HIS B 69 21.40 4.19 63.82
N VAL B 70 22.05 3.33 64.60
CA VAL B 70 22.71 3.75 65.83
C VAL B 70 23.99 2.94 65.99
N SER B 71 25.01 3.57 66.56
CA SER B 71 26.32 2.95 66.73
C SER B 71 26.57 2.72 68.21
N GLY B 72 26.88 1.48 68.58
CA GLY B 72 27.13 1.12 69.96
C GLY B 72 27.15 -0.37 70.19
N GLY B 75 31.95 0.17 68.89
CA GLY B 75 30.79 0.85 68.36
C GLY B 75 31.13 2.04 67.47
N THR B 76 32.25 1.94 66.76
CA THR B 76 32.70 2.97 65.83
C THR B 76 32.85 2.43 64.42
N LYS B 77 32.03 1.46 64.04
CA LYS B 77 32.07 0.86 62.71
C LYS B 77 30.95 1.44 61.86
N ARG B 78 31.29 1.87 60.65
CA ARG B 78 30.32 2.45 59.73
C ARG B 78 29.76 1.36 58.84
N PHE B 79 28.49 1.03 59.04
CA PHE B 79 27.81 0.04 58.21
C PHE B 79 27.12 0.78 57.07
N ALA B 80 27.74 0.74 55.89
CA ALA B 80 27.27 1.49 54.73
C ALA B 80 26.31 0.63 53.90
N ASN B 81 25.22 1.26 53.46
CA ASN B 81 24.28 0.57 52.58
C ASN B 81 24.92 0.32 51.22
N PRO B 82 24.63 -0.82 50.60
CA PRO B 82 25.28 -1.18 49.34
C PRO B 82 24.54 -0.65 48.13
N VAL B 83 25.28 -0.49 47.05
CA VAL B 83 24.74 0.00 45.79
C VAL B 83 24.11 -1.17 45.05
N LEU B 84 22.80 -1.11 44.87
CA LEU B 84 22.08 -2.20 44.24
C LEU B 84 21.73 -1.84 42.80
N PRO B 85 21.70 -2.81 41.90
CA PRO B 85 21.31 -2.53 40.51
C PRO B 85 19.88 -2.07 40.43
N PHE B 86 19.60 -1.23 39.44
CA PHE B 86 18.25 -0.73 39.21
C PHE B 86 17.48 -1.53 38.18
N ASN B 87 18.15 -2.00 37.14
CA ASN B 87 17.55 -2.82 36.08
C ASN B 87 16.41 -2.02 35.47
N ASP B 88 15.22 -2.58 35.30
CA ASP B 88 14.10 -1.87 34.70
C ASP B 88 13.16 -1.29 35.73
N GLY B 89 13.49 -1.36 37.00
CA GLY B 89 12.64 -0.88 38.07
C GLY B 89 12.88 -1.68 39.33
N VAL B 90 12.54 -1.09 40.47
CA VAL B 90 12.84 -1.67 41.77
C VAL B 90 11.61 -1.63 42.65
N TYR B 91 11.34 -2.75 43.32
CA TYR B 91 10.34 -2.82 44.38
C TYR B 91 11.08 -2.77 45.71
N PHE B 92 10.88 -1.70 46.47
CA PHE B 92 11.59 -1.45 47.71
C PHE B 92 10.58 -1.33 48.84
N ALA B 93 10.71 -2.16 49.86
CA ALA B 93 9.82 -2.12 51.01
C ALA B 93 10.62 -1.92 52.28
N SER B 94 10.03 -1.25 53.26
CA SER B 94 10.70 -0.98 54.53
C SER B 94 9.74 -1.25 55.68
N THR B 95 10.19 -2.06 56.64
CA THR B 95 9.48 -2.28 57.90
C THR B 95 10.24 -1.57 59.00
N GLU B 96 9.56 -0.67 59.71
CA GLU B 96 10.23 0.12 60.73
C GLU B 96 9.19 0.62 61.74
N LYS B 97 9.70 1.07 62.89
CA LYS B 97 8.84 1.75 63.86
C LYS B 97 8.89 3.26 63.68
N SER B 98 10.10 3.83 63.70
CA SER B 98 10.31 5.21 63.32
C SER B 98 10.92 5.27 61.92
N ASN B 99 10.75 6.42 61.27
CA ASN B 99 11.12 6.55 59.86
C ASN B 99 12.64 6.59 59.73
N ILE B 100 13.23 5.40 59.71
CA ILE B 100 14.67 5.29 59.55
C ILE B 100 15.07 5.41 58.08
N ILE B 101 14.34 4.72 57.21
CA ILE B 101 14.58 4.83 55.76
C ILE B 101 14.01 6.15 55.27
N ARG B 102 14.86 6.95 54.61
CA ARG B 102 14.47 8.30 54.24
C ARG B 102 14.59 8.62 52.76
N GLY B 103 15.46 7.95 52.01
CA GLY B 103 15.66 8.37 50.65
C GLY B 103 16.47 7.36 49.86
N TRP B 104 16.77 7.76 48.62
CA TRP B 104 17.44 6.90 47.66
C TRP B 104 18.24 7.78 46.70
N ILE B 105 19.19 7.15 46.02
CA ILE B 105 19.97 7.81 44.98
C ILE B 105 19.97 6.91 43.75
N PHE B 106 19.81 7.52 42.58
CA PHE B 106 19.66 6.79 41.33
C PHE B 106 20.65 7.31 40.30
N GLY B 107 21.05 6.41 39.40
CA GLY B 107 21.93 6.79 38.31
C GLY B 107 22.66 5.59 37.77
N THR B 108 23.71 5.89 37.00
CA THR B 108 24.59 4.87 36.43
C THR B 108 25.99 4.92 37.04
N THR B 109 26.64 6.08 36.99
CA THR B 109 27.98 6.23 37.55
C THR B 109 27.99 6.79 38.96
N LEU B 110 26.89 7.44 39.37
CA LEU B 110 26.77 8.00 40.72
C LEU B 110 27.93 8.94 41.04
N ASP B 111 28.29 9.79 40.09
CA ASP B 111 29.32 10.79 40.27
C ASP B 111 28.96 12.03 39.45
N SER B 112 29.80 13.05 39.55
CA SER B 112 29.54 14.29 38.80
C SER B 112 29.70 14.11 37.30
N LYS B 113 30.28 13.00 36.85
CA LYS B 113 30.42 12.78 35.41
C LYS B 113 29.07 12.70 34.72
N THR B 114 28.11 12.02 35.34
CA THR B 114 26.80 11.80 34.76
C THR B 114 25.72 12.38 35.66
N GLN B 115 24.60 12.76 35.06
CA GLN B 115 23.46 13.24 35.82
C GLN B 115 22.93 12.14 36.73
N SER B 116 22.67 12.50 37.98
CA SER B 116 22.22 11.54 38.98
C SER B 116 21.06 12.11 39.78
N LEU B 117 20.18 11.24 40.23
CA LEU B 117 18.98 11.61 40.96
C LEU B 117 19.16 11.36 42.45
N LEU B 118 18.59 12.25 43.27
CA LEU B 118 18.54 12.08 44.71
C LEU B 118 17.12 12.34 45.17
N ILE B 119 16.59 11.41 45.96
CA ILE B 119 15.28 11.56 46.59
C ILE B 119 15.47 11.43 48.09
N VAL B 120 14.78 12.28 48.85
CA VAL B 120 14.85 12.22 50.31
C VAL B 120 13.55 12.77 50.87
N ASN B 121 13.17 12.28 52.04
CA ASN B 121 12.03 12.78 52.80
C ASN B 121 12.55 13.11 54.19
N ASN B 122 13.11 14.32 54.34
CA ASN B 122 13.74 14.72 55.59
C ASN B 122 12.68 15.17 56.60
N ALA B 123 13.15 15.76 57.71
CA ALA B 123 12.24 16.26 58.72
C ALA B 123 11.38 17.40 58.19
N THR B 124 11.90 18.18 57.23
CA THR B 124 11.15 19.31 56.71
C THR B 124 10.17 18.88 55.63
N ASN B 125 10.67 18.33 54.53
CA ASN B 125 9.82 18.01 53.39
C ASN B 125 10.56 17.03 52.48
N VAL B 126 9.93 16.70 51.35
CA VAL B 126 10.47 15.77 50.38
C VAL B 126 11.23 16.57 49.33
N VAL B 127 12.50 16.23 49.12
CA VAL B 127 13.36 16.90 48.15
C VAL B 127 13.80 15.87 47.12
N ILE B 128 13.59 16.21 45.84
CA ILE B 128 13.96 15.33 44.73
C ILE B 128 14.71 16.19 43.72
N LYS B 129 16.02 15.94 43.59
CA LYS B 129 16.89 16.76 42.75
C LYS B 129 17.70 15.88 41.81
N VAL B 130 17.73 16.25 40.53
CA VAL B 130 18.56 15.58 39.54
C VAL B 130 19.68 16.54 39.19
N CYS B 131 20.89 16.20 39.65
CA CYS B 131 22.08 17.02 39.45
C CYS B 131 23.28 16.09 39.30
N GLU B 132 24.41 16.68 38.93
CA GLU B 132 25.66 15.93 38.80
C GLU B 132 26.33 15.80 40.18
N PHE B 133 25.64 15.11 41.09
CA PHE B 133 26.16 14.92 42.43
C PHE B 133 27.40 14.02 42.43
N GLN B 134 28.38 14.40 43.25
CA GLN B 134 29.54 13.57 43.51
C GLN B 134 29.35 13.01 44.91
N PHE B 135 28.65 11.88 44.98
CA PHE B 135 28.13 11.38 46.24
C PHE B 135 29.25 11.00 47.20
N CYS B 136 28.98 11.17 48.49
CA CYS B 136 29.89 10.69 49.51
C CYS B 136 29.90 9.15 49.52
N ASN B 137 31.07 8.60 49.84
CA ASN B 137 31.19 7.15 49.92
C ASN B 137 30.31 6.58 51.01
N ASP B 138 30.12 7.33 52.11
CA ASP B 138 29.27 6.93 53.22
C ASP B 138 28.25 8.04 53.45
N PRO B 139 27.14 8.02 52.72
CA PRO B 139 26.09 9.03 52.92
C PRO B 139 25.61 9.06 54.36
N PHE B 140 25.48 10.27 54.91
CA PHE B 140 25.21 10.44 56.32
C PHE B 140 24.05 11.40 56.52
N LEU B 141 23.09 10.99 57.34
CA LEU B 141 22.02 11.87 57.82
C LEU B 141 21.91 11.65 59.33
N GLY B 142 22.20 12.68 60.10
CA GLY B 142 22.28 12.54 61.54
C GLY B 142 21.36 13.48 62.31
N VAL B 143 20.67 12.93 63.30
CA VAL B 143 19.79 13.69 64.17
C VAL B 143 20.33 13.59 65.59
N TYR B 144 20.02 14.61 66.40
CA TYR B 144 20.40 14.62 67.80
C TYR B 144 19.18 14.90 68.65
N TYR B 145 19.14 14.27 69.83
CA TYR B 145 18.02 14.41 70.73
C TYR B 145 18.18 15.70 71.53
N HIS B 146 17.28 16.66 71.31
CA HIS B 146 17.29 17.91 72.05
C HIS B 146 16.55 17.67 73.36
N LYS B 147 17.32 17.50 74.45
CA LYS B 147 16.72 17.13 75.73
C LYS B 147 15.79 18.24 76.24
N ASN B 148 16.17 19.50 76.02
CA ASN B 148 15.31 20.60 76.44
C ASN B 148 13.97 20.57 75.71
N ASN B 149 13.98 20.30 74.41
CA ASN B 149 12.77 20.23 73.62
C ASN B 149 12.11 18.86 73.66
N LYS B 150 12.81 17.85 74.17
CA LYS B 150 12.26 16.48 74.29
C LYS B 150 11.76 15.97 72.95
N SER B 151 12.52 16.24 71.89
CA SER B 151 12.19 15.77 70.55
C SER B 151 13.45 15.76 69.71
N TRP B 152 13.63 14.72 68.92
CA TRP B 152 14.78 14.63 68.04
C TRP B 152 14.73 15.70 66.96
N MET B 153 15.91 16.21 66.60
CA MET B 153 16.03 17.23 65.57
C MET B 153 17.24 16.91 64.70
N GLU B 154 17.04 16.91 63.39
CA GLU B 154 18.14 16.62 62.47
C GLU B 154 19.17 17.73 62.51
N SER B 155 20.45 17.36 62.48
CA SER B 155 21.52 18.34 62.48
C SER B 155 22.67 18.04 61.53
N GLU B 156 22.63 16.93 60.80
CA GLU B 156 23.73 16.57 59.91
C GLU B 156 23.18 16.03 58.61
N PHE B 157 23.71 16.52 57.49
CA PHE B 157 23.32 16.04 56.16
C PHE B 157 24.57 16.11 55.28
N ARG B 158 25.26 14.97 55.12
CA ARG B 158 26.46 14.88 54.30
C ARG B 158 26.27 13.69 53.36
N VAL B 159 25.65 13.94 52.22
CA VAL B 159 25.34 12.89 51.25
C VAL B 159 26.14 13.06 49.97
N TYR B 160 26.20 14.28 49.45
CA TYR B 160 26.93 14.59 48.22
C TYR B 160 28.00 15.61 48.52
N SER B 161 29.18 15.41 47.92
CA SER B 161 30.26 16.38 48.10
C SER B 161 29.98 17.69 47.38
N SER B 162 29.37 17.62 46.20
CA SER B 162 29.09 18.82 45.42
C SER B 162 27.87 18.58 44.54
N ALA B 163 27.29 19.67 44.07
CA ALA B 163 26.12 19.60 43.20
C ALA B 163 26.24 20.70 42.15
N ASN B 164 26.43 20.31 40.89
CA ASN B 164 26.57 21.25 39.80
C ASN B 164 25.72 20.79 38.61
N ASN B 165 25.35 21.75 37.78
CA ASN B 165 24.55 21.51 36.57
C ASN B 165 23.30 20.69 36.89
N CYS B 166 22.54 21.20 37.85
CA CYS B 166 21.31 20.53 38.26
C CYS B 166 20.35 20.42 37.08
N THR B 167 19.75 19.24 36.92
CA THR B 167 18.84 18.98 35.82
C THR B 167 17.37 19.05 36.22
N PHE B 168 17.05 18.91 37.51
CA PHE B 168 15.67 18.98 37.96
C PHE B 168 15.65 19.24 39.46
N GLU B 169 14.59 19.89 39.93
CA GLU B 169 14.41 20.08 41.37
C GLU B 169 12.93 20.18 41.70
N TYR B 170 12.51 19.43 42.71
CA TYR B 170 11.15 19.54 43.25
C TYR B 170 11.20 19.30 44.75
N VAL B 171 10.68 20.26 45.51
CA VAL B 171 10.58 20.15 46.96
C VAL B 171 9.11 20.17 47.32
N SER B 172 8.67 19.15 48.06
CA SER B 172 7.30 19.10 48.53
C SER B 172 7.07 20.16 49.61
N GLN B 173 5.81 20.33 49.99
CA GLN B 173 5.48 21.28 51.03
C GLN B 173 6.12 20.86 52.35
N PRO B 174 6.64 21.82 53.12
CA PRO B 174 7.27 21.47 54.41
C PRO B 174 6.26 20.85 55.36
N PHE B 175 6.74 19.88 56.15
CA PHE B 175 5.89 19.22 57.14
C PHE B 175 6.77 18.73 58.28
N LEU B 176 6.14 18.04 59.22
CA LEU B 176 6.81 17.53 60.41
C LEU B 176 6.72 16.02 60.45
N MET B 177 7.86 15.36 60.59
CA MET B 177 7.93 13.90 60.65
C MET B 177 8.23 13.45 62.08
N ASP B 178 7.56 12.38 62.51
CA ASP B 178 7.79 11.83 63.84
C ASP B 178 9.19 11.24 63.93
N LEU B 179 9.91 11.58 64.99
CA LEU B 179 11.27 11.08 65.18
C LEU B 179 11.42 10.30 66.48
N PHE B 186 3.52 -3.25 66.75
CA PHE B 186 2.98 -2.24 65.86
C PHE B 186 4.08 -1.61 65.01
N LYS B 187 4.42 -2.27 63.92
CA LYS B 187 5.37 -1.76 62.94
C LYS B 187 4.63 -1.11 61.79
N ASN B 188 5.36 -0.36 60.98
CA ASN B 188 4.83 0.29 59.79
C ASN B 188 5.59 -0.23 58.58
N LEU B 189 4.85 -0.64 57.55
CA LEU B 189 5.42 -1.08 56.29
C LEU B 189 5.15 -0.01 55.24
N ARG B 190 6.23 0.52 54.68
CA ARG B 190 6.16 1.47 53.58
C ARG B 190 6.69 0.77 52.34
N GLU B 191 5.80 0.53 51.38
CA GLU B 191 6.17 -0.11 50.12
C GLU B 191 6.25 0.95 49.03
N PHE B 192 7.22 0.79 48.14
CA PHE B 192 7.43 1.70 47.05
C PHE B 192 7.82 0.91 45.82
N VAL B 193 7.36 1.38 44.66
CA VAL B 193 7.78 0.86 43.37
C VAL B 193 8.30 2.01 42.55
N PHE B 194 9.55 1.90 42.11
CA PHE B 194 10.20 2.92 41.31
C PHE B 194 10.41 2.35 39.91
N LYS B 195 9.88 3.04 38.90
CA LYS B 195 9.97 2.57 37.52
C LYS B 195 10.41 3.72 36.63
N ASN B 196 11.52 3.51 35.90
CA ASN B 196 12.02 4.50 34.96
C ASN B 196 11.65 4.04 33.56
N ILE B 197 10.61 4.65 32.99
CA ILE B 197 10.10 4.27 31.68
C ILE B 197 9.87 5.53 30.86
N ASP B 198 10.42 5.54 29.63
CA ASP B 198 10.25 6.65 28.70
C ASP B 198 10.70 7.98 29.30
N GLY B 199 11.83 7.95 30.01
CA GLY B 199 12.33 9.14 30.65
C GLY B 199 11.49 9.63 31.80
N TYR B 200 10.51 8.85 32.23
CA TYR B 200 9.65 9.21 33.35
C TYR B 200 10.00 8.33 34.54
N PHE B 201 10.35 8.95 35.65
CA PHE B 201 10.58 8.26 36.91
C PHE B 201 9.25 8.28 37.67
N LYS B 202 8.62 7.12 37.77
CA LYS B 202 7.33 6.99 38.42
C LYS B 202 7.51 6.28 39.76
N ILE B 203 6.95 6.86 40.81
CA ILE B 203 7.02 6.32 42.15
C ILE B 203 5.59 6.07 42.60
N TYR B 204 5.29 4.80 42.89
CA TYR B 204 4.03 4.40 43.48
C TYR B 204 4.28 3.99 44.91
N SER B 205 3.42 4.43 45.83
CA SER B 205 3.67 4.24 47.25
C SER B 205 2.46 3.63 47.93
N LYS B 206 2.72 2.94 49.03
CA LYS B 206 1.67 2.39 49.88
C LYS B 206 2.19 2.32 51.30
N HIS B 207 1.31 2.58 52.26
CA HIS B 207 1.66 2.53 53.67
C HIS B 207 0.66 1.68 54.41
N THR B 208 1.14 0.75 55.23
CA THR B 208 0.27 -0.14 55.98
C THR B 208 0.79 -0.30 57.40
N PRO B 209 -0.10 -0.53 58.36
CA PRO B 209 0.34 -0.96 59.69
C PRO B 209 0.51 -2.47 59.73
N ILE B 210 1.72 -2.94 59.97
CA ILE B 210 2.03 -4.37 59.96
C ILE B 210 2.40 -4.78 61.38
N ASN B 211 1.77 -5.86 61.86
CA ASN B 211 2.04 -6.38 63.20
C ASN B 211 3.11 -7.46 63.21
N LEU B 212 3.63 -7.86 62.05
CA LEU B 212 4.73 -8.80 62.02
C LEU B 212 5.99 -8.15 62.56
N VAL B 213 6.88 -8.98 63.10
CA VAL B 213 8.12 -8.51 63.71
C VAL B 213 9.29 -8.62 62.73
N ARG B 214 9.37 -9.71 61.97
CA ARG B 214 10.48 -9.90 61.04
C ARG B 214 9.97 -10.66 59.83
N GLY B 215 10.60 -10.40 58.69
CA GLY B 215 10.17 -11.02 57.45
C GLY B 215 9.13 -10.19 56.72
N LEU B 216 9.05 -10.42 55.42
CA LEU B 216 8.06 -9.70 54.61
C LEU B 216 6.69 -10.29 54.87
N PRO B 217 5.70 -9.47 55.23
CA PRO B 217 4.38 -10.02 55.54
C PRO B 217 3.72 -10.62 54.32
N GLN B 218 2.87 -11.62 54.57
CA GLN B 218 2.10 -12.27 53.53
C GLN B 218 0.70 -11.70 53.52
N GLY B 219 0.33 -11.07 52.41
CA GLY B 219 -0.95 -10.42 52.30
C GLY B 219 -1.06 -9.69 50.98
N PHE B 220 -2.17 -8.98 50.81
CA PHE B 220 -2.43 -8.27 49.58
C PHE B 220 -2.85 -6.84 49.88
N SER B 221 -2.31 -5.91 49.08
CA SER B 221 -2.68 -4.49 49.18
C SER B 221 -2.20 -3.78 47.94
N ALA B 222 -3.07 -2.96 47.35
CA ALA B 222 -2.71 -2.21 46.15
C ALA B 222 -1.72 -1.10 46.50
N LEU B 223 -0.91 -0.74 45.51
CA LEU B 223 0.03 0.37 45.64
C LEU B 223 -0.44 1.53 44.78
N GLU B 224 -0.71 2.67 45.42
CA GLU B 224 -1.23 3.82 44.71
C GLU B 224 -0.11 4.61 44.06
N PRO B 225 -0.38 5.31 42.96
CA PRO B 225 0.62 6.21 42.40
C PRO B 225 0.89 7.38 43.34
N LEU B 226 2.17 7.76 43.42
CA LEU B 226 2.57 8.90 44.22
C LEU B 226 3.02 10.08 43.37
N VAL B 227 3.97 9.88 42.47
CA VAL B 227 4.41 10.98 41.62
C VAL B 227 5.21 10.50 40.41
N ASP B 228 5.08 11.21 39.30
CA ASP B 228 5.87 10.95 38.11
C ASP B 228 6.66 12.20 37.75
N LEU B 229 7.94 12.03 37.46
CA LEU B 229 8.80 13.16 37.12
C LEU B 229 9.49 12.90 35.79
N PRO B 230 9.42 13.84 34.84
CA PRO B 230 10.06 13.65 33.53
C PRO B 230 11.56 14.01 33.56
N ILE B 231 12.30 13.31 34.41
CA ILE B 231 13.73 13.61 34.54
C ILE B 231 14.48 13.24 33.27
N GLY B 232 14.07 12.16 32.61
CA GLY B 232 14.67 11.77 31.35
C GLY B 232 16.14 11.43 31.45
N ILE B 233 16.52 10.66 32.46
CA ILE B 233 17.92 10.33 32.71
C ILE B 233 18.09 8.81 32.62
N ASN B 234 19.35 8.39 32.58
CA ASN B 234 19.71 6.98 32.52
C ASN B 234 20.07 6.51 33.92
N ILE B 235 19.42 5.44 34.37
CA ILE B 235 19.60 4.90 35.71
C ILE B 235 19.86 3.41 35.61
N THR B 236 20.92 2.94 36.26
CA THR B 236 21.22 1.52 36.33
C THR B 236 21.47 0.99 37.73
N ARG B 237 21.76 1.85 38.71
CA ARG B 237 22.01 1.42 40.07
C ARG B 237 21.35 2.39 41.04
N PHE B 238 21.15 1.93 42.26
CA PHE B 238 20.58 2.78 43.29
C PHE B 238 21.01 2.28 44.67
N GLN B 239 20.82 3.14 45.67
CA GLN B 239 21.20 2.83 47.04
C GLN B 239 20.16 3.42 47.98
N THR B 240 20.06 2.83 49.17
CA THR B 240 19.13 3.28 50.19
C THR B 240 19.78 4.38 51.04
N LEU B 241 18.95 5.25 51.58
CA LEU B 241 19.40 6.30 52.49
C LEU B 241 18.76 6.10 53.86
N HIS B 242 19.59 6.09 54.89
CA HIS B 242 19.19 5.84 56.27
C HIS B 242 19.44 7.07 57.12
N ILE B 243 18.89 7.04 58.33
CA ILE B 243 19.12 8.08 59.32
C ILE B 243 20.08 7.54 60.38
N SER B 244 20.89 8.42 60.94
CA SER B 244 21.78 8.08 62.05
C SER B 244 21.38 8.89 63.27
N TYR B 245 21.08 8.20 64.38
CA TYR B 245 20.64 8.84 65.60
C TYR B 245 21.86 9.09 66.48
N LEU B 246 22.28 10.36 66.57
CA LEU B 246 23.43 10.70 67.39
C LEU B 246 23.08 10.53 68.86
N THR B 247 23.92 9.77 69.56
CA THR B 247 23.71 9.46 70.97
C THR B 247 24.98 9.74 71.75
N PRO B 248 24.85 10.17 73.01
CA PRO B 248 26.05 10.38 73.84
C PRO B 248 26.88 9.12 74.03
N GLY B 249 26.23 7.96 74.10
CA GLY B 249 26.94 6.71 74.29
C GLY B 249 27.06 6.29 75.75
N ALA B 257 18.36 -1.40 69.43
CA ALA B 257 18.69 -2.68 68.82
C ALA B 257 17.65 -3.07 67.76
N GLY B 258 16.47 -2.47 67.86
CA GLY B 258 15.40 -2.77 66.94
C GLY B 258 15.58 -2.12 65.59
N ALA B 259 16.59 -2.56 64.85
CA ALA B 259 16.89 -1.99 63.55
C ALA B 259 15.78 -2.30 62.55
N ALA B 260 15.49 -1.34 61.68
CA ALA B 260 14.50 -1.53 60.63
C ALA B 260 15.03 -2.51 59.59
N ALA B 261 14.11 -3.07 58.80
CA ALA B 261 14.46 -3.99 57.75
C ALA B 261 13.96 -3.46 56.41
N TYR B 262 14.63 -3.83 55.33
CA TYR B 262 14.17 -3.38 54.02
C TYR B 262 14.50 -4.42 52.96
N TYR B 263 13.59 -4.52 51.98
CA TYR B 263 13.57 -5.57 50.98
C TYR B 263 13.61 -4.94 49.60
N VAL B 264 14.26 -5.64 48.67
CA VAL B 264 14.44 -5.16 47.30
C VAL B 264 14.19 -6.32 46.34
N GLY B 265 13.34 -6.07 45.33
CA GLY B 265 13.15 -7.00 44.25
C GLY B 265 13.13 -6.25 42.93
N TYR B 266 13.16 -7.02 41.85
CA TYR B 266 13.25 -6.46 40.50
C TYR B 266 11.98 -6.77 39.71
N LEU B 267 11.48 -5.77 39.00
CA LEU B 267 10.30 -5.94 38.19
C LEU B 267 10.65 -6.56 36.85
N GLN B 268 9.67 -7.23 36.26
CA GLN B 268 9.82 -7.91 34.99
C GLN B 268 8.55 -7.71 34.17
N PRO B 269 8.63 -7.82 32.85
CA PRO B 269 7.42 -7.73 32.03
C PRO B 269 6.57 -8.97 32.19
N ARG B 270 5.41 -8.82 32.83
CA ARG B 270 4.51 -9.93 33.11
C ARG B 270 3.09 -9.49 32.82
N THR B 271 2.21 -10.49 32.70
CA THR B 271 0.78 -10.25 32.50
C THR B 271 0.05 -10.51 33.80
N PHE B 272 -0.82 -9.59 34.18
CA PHE B 272 -1.54 -9.66 35.46
C PHE B 272 -3.03 -9.50 35.20
N LEU B 273 -3.82 -10.14 36.06
CA LEU B 273 -5.27 -10.02 36.04
C LEU B 273 -5.72 -9.41 37.36
N LEU B 274 -6.18 -8.17 37.32
CA LEU B 274 -6.58 -7.43 38.51
C LEU B 274 -8.10 -7.38 38.60
N LYS B 275 -8.61 -7.27 39.83
CA LYS B 275 -10.05 -7.19 40.09
C LYS B 275 -10.38 -5.81 40.63
N TYR B 276 -10.97 -4.96 39.79
CA TYR B 276 -11.45 -3.67 40.25
C TYR B 276 -12.84 -3.84 40.86
N ASN B 277 -12.99 -3.39 42.11
CA ASN B 277 -14.23 -3.56 42.85
C ASN B 277 -15.19 -2.41 42.53
N GLU B 278 -16.25 -2.30 43.32
CA GLU B 278 -17.22 -1.22 43.13
C GLU B 278 -16.55 0.13 43.32
N ASN B 279 -15.75 0.27 44.38
CA ASN B 279 -15.09 1.54 44.67
C ASN B 279 -13.86 1.77 43.80
N GLY B 280 -13.46 0.78 43.01
CA GLY B 280 -12.31 0.93 42.14
C GLY B 280 -10.99 0.49 42.74
N THR B 281 -10.96 0.15 44.02
CA THR B 281 -9.73 -0.32 44.64
C THR B 281 -9.37 -1.70 44.09
N ILE B 282 -8.08 -1.92 43.88
CA ILE B 282 -7.62 -3.23 43.42
C ILE B 282 -7.78 -4.22 44.56
N THR B 283 -8.76 -5.12 44.45
CA THR B 283 -9.01 -6.09 45.51
C THR B 283 -8.03 -7.26 45.46
N ASP B 284 -7.73 -7.78 44.27
CA ASP B 284 -6.84 -8.92 44.17
C ASP B 284 -6.27 -8.97 42.76
N ALA B 285 -5.22 -9.76 42.61
CA ALA B 285 -4.54 -9.90 41.32
C ALA B 285 -4.00 -11.30 41.16
N VAL B 286 -3.85 -11.72 39.91
CA VAL B 286 -3.34 -13.04 39.57
C VAL B 286 -2.19 -12.86 38.58
N ASP B 287 -1.07 -13.50 38.88
CA ASP B 287 0.09 -13.50 37.99
C ASP B 287 -0.12 -14.59 36.96
N CYS B 288 -0.25 -14.18 35.68
CA CYS B 288 -0.65 -15.13 34.65
C CYS B 288 0.35 -16.26 34.47
N ALA B 289 1.64 -15.93 34.48
CA ALA B 289 2.68 -16.89 34.10
C ALA B 289 3.20 -17.69 35.28
N LEU B 290 2.60 -17.58 36.45
CA LEU B 290 3.14 -18.24 37.64
C LEU B 290 3.01 -19.76 37.54
N ASP B 291 1.83 -20.25 37.19
CA ASP B 291 1.55 -21.68 37.20
C ASP B 291 0.34 -21.94 36.31
N PRO B 292 0.14 -23.19 35.87
CA PRO B 292 -0.91 -23.45 34.87
C PRO B 292 -2.30 -22.99 35.30
N LEU B 293 -2.63 -23.11 36.59
CA LEU B 293 -3.91 -22.60 37.06
C LEU B 293 -4.04 -21.12 36.77
N SER B 294 -2.97 -20.36 37.03
CA SER B 294 -3.00 -18.93 36.74
C SER B 294 -3.13 -18.67 35.25
N GLU B 295 -2.51 -19.50 34.42
CA GLU B 295 -2.67 -19.36 32.97
C GLU B 295 -4.13 -19.55 32.58
N THR B 296 -4.79 -20.55 33.15
CA THR B 296 -6.21 -20.75 32.88
C THR B 296 -7.02 -19.54 33.33
N LYS B 297 -6.74 -19.04 34.53
CA LYS B 297 -7.50 -17.92 35.06
C LYS B 297 -7.36 -16.69 34.18
N CYS B 298 -6.13 -16.40 33.73
CA CYS B 298 -5.95 -15.27 32.83
C CYS B 298 -6.58 -15.51 31.47
N THR B 299 -6.53 -16.74 30.97
CA THR B 299 -7.18 -17.02 29.69
C THR B 299 -8.69 -16.83 29.78
N LEU B 300 -9.29 -17.27 30.88
CA LEU B 300 -10.73 -17.14 31.07
C LEU B 300 -11.12 -15.81 31.69
N LYS B 301 -10.17 -15.00 32.14
CA LYS B 301 -10.45 -13.72 32.78
C LYS B 301 -11.41 -13.90 33.97
N SER B 302 -11.19 -14.96 34.74
CA SER B 302 -12.03 -15.29 35.87
C SER B 302 -11.17 -15.76 37.03
N PHE B 303 -11.51 -15.30 38.24
CA PHE B 303 -10.85 -15.78 39.44
C PHE B 303 -11.31 -17.17 39.83
N THR B 304 -12.46 -17.59 39.35
CA THR B 304 -13.01 -18.91 39.62
C THR B 304 -13.05 -19.70 38.33
N VAL B 305 -12.54 -20.93 38.36
CA VAL B 305 -12.56 -21.83 37.22
C VAL B 305 -13.30 -23.09 37.60
N GLU B 306 -14.32 -23.43 36.82
CA GLU B 306 -15.13 -24.60 37.11
C GLU B 306 -14.46 -25.85 36.56
N LYS B 307 -14.97 -27.00 36.96
CA LYS B 307 -14.40 -28.27 36.55
C LYS B 307 -14.42 -28.42 35.04
N GLY B 308 -13.32 -28.87 34.48
CA GLY B 308 -13.20 -29.05 33.05
C GLY B 308 -11.75 -28.94 32.61
N ILE B 309 -11.58 -29.07 31.30
CA ILE B 309 -10.27 -28.95 30.67
C ILE B 309 -10.33 -27.77 29.72
N TYR B 310 -9.37 -26.86 29.84
CA TYR B 310 -9.39 -25.59 29.10
C TYR B 310 -8.11 -25.50 28.27
N GLN B 311 -8.27 -25.16 26.99
CA GLN B 311 -7.12 -24.95 26.11
C GLN B 311 -6.44 -23.65 26.51
N THR B 312 -5.28 -23.75 27.15
CA THR B 312 -4.62 -22.55 27.66
C THR B 312 -3.59 -21.99 26.68
N SER B 313 -2.58 -22.77 26.35
CA SER B 313 -1.41 -22.22 25.67
C SER B 313 -0.95 -23.17 24.57
N ASN B 314 0.25 -22.91 24.05
CA ASN B 314 0.85 -23.72 23.00
C ASN B 314 2.28 -24.05 23.37
N PHE B 315 2.60 -25.33 23.39
CA PHE B 315 3.94 -25.79 23.75
C PHE B 315 4.73 -26.04 22.48
N ARG B 316 5.85 -25.33 22.33
CA ARG B 316 6.74 -25.47 21.20
C ARG B 316 8.17 -25.56 21.72
N VAL B 317 8.82 -26.69 21.48
CA VAL B 317 10.23 -26.83 21.83
C VAL B 317 11.07 -25.98 20.89
N GLN B 318 12.16 -25.37 21.44
CA GLN B 318 13.06 -24.53 20.67
C GLN B 318 14.30 -25.30 20.24
N PRO B 319 14.87 -24.95 19.09
CA PRO B 319 16.06 -25.66 18.61
C PRO B 319 17.22 -25.52 19.58
N THR B 320 17.92 -26.63 19.80
CA THR B 320 19.02 -26.61 20.75
C THR B 320 20.26 -25.93 20.17
N GLU B 321 20.56 -26.17 18.90
CA GLU B 321 21.76 -25.63 18.29
C GLU B 321 21.57 -25.59 16.78
N SER B 322 22.56 -25.04 16.08
CA SER B 322 22.52 -24.90 14.63
C SER B 322 23.58 -25.82 14.00
N ILE B 323 23.18 -26.50 12.93
CA ILE B 323 24.06 -27.42 12.22
C ILE B 323 24.25 -26.90 10.81
N VAL B 324 25.52 -26.75 10.42
CA VAL B 324 25.89 -26.26 9.09
C VAL B 324 26.73 -27.32 8.42
N ARG B 325 26.28 -27.79 7.27
CA ARG B 325 27.01 -28.80 6.53
C ARG B 325 27.01 -28.45 5.04
N PHE B 326 28.18 -28.57 4.43
CA PHE B 326 28.38 -28.21 3.04
C PHE B 326 29.32 -29.23 2.41
N PRO B 327 29.33 -29.33 1.07
CA PRO B 327 30.28 -30.22 0.40
C PRO B 327 31.72 -29.84 0.69
N ASN B 328 32.51 -30.81 1.12
CA ASN B 328 33.90 -30.57 1.50
C ASN B 328 34.82 -30.56 0.29
N ILE B 329 34.28 -30.25 -0.89
CA ILE B 329 35.05 -30.23 -2.14
C ILE B 329 36.31 -29.35 -2.04
N THR B 330 37.40 -29.82 -2.63
CA THR B 330 38.71 -29.18 -2.59
C THR B 330 39.04 -28.49 -3.91
N ASN B 331 38.04 -27.94 -4.60
CA ASN B 331 38.28 -27.25 -5.87
C ASN B 331 38.91 -25.89 -5.58
N LEU B 332 40.19 -25.93 -5.21
CA LEU B 332 40.94 -24.74 -4.85
C LEU B 332 41.48 -24.03 -6.09
N CYS B 333 41.42 -22.71 -6.07
CA CYS B 333 41.95 -21.93 -7.19
C CYS B 333 43.47 -22.01 -7.21
N PRO B 334 44.09 -22.04 -8.40
CA PRO B 334 45.54 -22.25 -8.47
C PRO B 334 46.34 -20.98 -8.22
N PHE B 335 46.28 -20.45 -7.00
CA PHE B 335 47.13 -19.32 -6.66
C PHE B 335 48.58 -19.75 -6.47
N GLY B 336 48.81 -21.05 -6.26
CA GLY B 336 50.17 -21.55 -6.15
C GLY B 336 50.99 -21.38 -7.41
N GLU B 337 50.35 -21.58 -8.58
CA GLU B 337 51.06 -21.41 -9.84
C GLU B 337 51.58 -19.99 -10.01
N VAL B 338 50.90 -19.00 -9.45
CA VAL B 338 51.34 -17.62 -9.53
C VAL B 338 52.26 -17.25 -8.37
N PHE B 339 51.84 -17.56 -7.14
CA PHE B 339 52.61 -17.15 -5.97
C PHE B 339 53.91 -17.93 -5.84
N ASN B 340 53.90 -19.20 -6.24
CA ASN B 340 55.10 -20.02 -6.19
C ASN B 340 55.81 -20.13 -7.52
N ALA B 341 55.55 -19.20 -8.46
CA ALA B 341 56.25 -19.20 -9.73
C ALA B 341 57.74 -18.96 -9.52
N THR B 342 58.58 -19.77 -10.18
CA THR B 342 60.02 -19.66 -9.99
C THR B 342 60.57 -18.36 -10.57
N ARG B 343 59.98 -17.88 -11.66
CA ARG B 343 60.45 -16.68 -12.35
C ARG B 343 59.29 -15.76 -12.66
N PHE B 344 59.52 -14.47 -12.46
CA PHE B 344 58.51 -13.44 -12.69
C PHE B 344 58.86 -12.62 -13.93
N ALA B 345 57.84 -11.97 -14.49
CA ALA B 345 58.03 -11.11 -15.65
C ALA B 345 58.30 -9.68 -15.19
N SER B 346 58.83 -8.89 -16.12
CA SER B 346 59.13 -7.50 -15.82
C SER B 346 57.85 -6.70 -15.62
N VAL B 347 57.98 -5.58 -14.92
CA VAL B 347 56.80 -4.77 -14.57
C VAL B 347 56.15 -4.21 -15.83
N TYR B 348 56.95 -3.84 -16.83
CA TYR B 348 56.39 -3.31 -18.07
C TYR B 348 55.60 -4.38 -18.82
N ALA B 349 55.98 -5.64 -18.67
CA ALA B 349 55.28 -6.77 -19.28
C ALA B 349 54.70 -7.66 -18.19
N TRP B 350 54.06 -7.04 -17.21
CA TRP B 350 53.51 -7.75 -16.06
C TRP B 350 52.58 -8.88 -16.49
N ASN B 351 52.72 -10.04 -15.85
CA ASN B 351 51.93 -11.20 -16.23
C ASN B 351 50.54 -11.16 -15.61
N ARG B 352 49.54 -11.58 -16.38
CA ARG B 352 48.17 -11.64 -15.90
C ARG B 352 47.60 -13.03 -16.17
N LYS B 353 46.99 -13.61 -15.14
CA LYS B 353 46.31 -14.89 -15.26
C LYS B 353 44.87 -14.75 -14.77
N ARG B 354 43.95 -15.36 -15.51
CA ARG B 354 42.53 -15.33 -15.18
C ARG B 354 42.16 -16.59 -14.39
N ILE B 355 41.50 -16.40 -13.27
CA ILE B 355 41.10 -17.49 -12.38
C ILE B 355 39.58 -17.48 -12.25
N SER B 356 38.97 -18.64 -12.52
CA SER B 356 37.52 -18.75 -12.42
C SER B 356 37.15 -20.21 -12.24
N ASN B 357 35.88 -20.43 -11.85
CA ASN B 357 35.30 -21.75 -11.70
C ASN B 357 36.11 -22.61 -10.72
N CYS B 358 36.40 -22.01 -9.57
CA CYS B 358 37.15 -22.68 -8.52
C CYS B 358 36.88 -21.95 -7.21
N VAL B 359 37.13 -22.64 -6.11
CA VAL B 359 36.99 -22.08 -4.77
C VAL B 359 38.33 -21.47 -4.39
N ALA B 360 38.31 -20.20 -4.00
CA ALA B 360 39.52 -19.50 -3.60
C ALA B 360 39.67 -19.59 -2.09
N ASP B 361 40.70 -20.31 -1.63
CA ASP B 361 40.99 -20.43 -0.21
C ASP B 361 41.89 -19.27 0.17
N TYR B 362 41.30 -18.22 0.72
CA TYR B 362 42.06 -17.01 1.04
C TYR B 362 42.89 -17.16 2.31
N SER B 363 42.38 -17.87 3.32
CA SER B 363 43.08 -17.94 4.59
C SER B 363 44.43 -18.65 4.45
N VAL B 364 44.43 -19.84 3.85
CA VAL B 364 45.69 -20.56 3.68
C VAL B 364 46.61 -19.82 2.72
N LEU B 365 46.04 -19.19 1.68
CA LEU B 365 46.85 -18.41 0.75
C LEU B 365 47.55 -17.24 1.45
N TYR B 366 46.88 -16.63 2.43
CA TYR B 366 47.44 -15.48 3.12
C TYR B 366 48.35 -15.86 4.28
N ASN B 367 48.39 -17.13 4.67
CA ASN B 367 49.22 -17.60 5.78
C ASN B 367 50.37 -18.48 5.30
N SER B 368 50.63 -18.49 3.99
CA SER B 368 51.67 -19.37 3.45
C SER B 368 53.06 -18.82 3.69
N ALA B 369 53.34 -17.62 3.17
CA ALA B 369 54.66 -17.01 3.28
C ALA B 369 54.61 -15.78 4.16
N SER B 370 55.79 -15.27 4.51
CA SER B 370 55.92 -14.05 5.30
C SER B 370 55.83 -12.86 4.35
N PHE B 371 54.78 -12.07 4.51
CA PHE B 371 54.47 -10.99 3.58
C PHE B 371 54.97 -9.66 4.13
N SER B 372 55.87 -9.03 3.38
CA SER B 372 56.37 -7.70 3.75
C SER B 372 55.35 -6.60 3.44
N THR B 373 54.41 -6.85 2.53
CA THR B 373 53.40 -5.86 2.19
C THR B 373 52.12 -6.58 1.83
N PHE B 374 51.02 -6.19 2.48
CA PHE B 374 49.72 -6.80 2.22
C PHE B 374 48.66 -5.73 2.43
N LYS B 375 48.19 -5.15 1.32
CA LYS B 375 47.22 -4.06 1.39
C LYS B 375 46.02 -4.39 0.52
N CYS B 376 44.84 -4.46 1.14
CA CYS B 376 43.60 -4.70 0.42
C CYS B 376 42.74 -3.44 0.47
N TYR B 377 42.07 -3.15 -0.64
CA TYR B 377 41.28 -1.95 -0.80
C TYR B 377 39.89 -2.34 -1.28
N GLY B 378 38.87 -1.86 -0.58
CA GLY B 378 37.50 -2.21 -0.88
C GLY B 378 37.02 -3.52 -0.31
N VAL B 379 37.88 -4.24 0.42
CA VAL B 379 37.50 -5.53 1.00
C VAL B 379 38.51 -5.90 2.08
N SER B 380 38.02 -6.50 3.17
CA SER B 380 38.93 -6.99 4.18
C SER B 380 39.48 -8.35 3.77
N PRO B 381 40.68 -8.71 4.24
CA PRO B 381 41.23 -10.03 3.88
C PRO B 381 40.34 -11.19 4.29
N THR B 382 39.65 -11.06 5.42
CA THR B 382 38.81 -12.15 5.92
C THR B 382 37.49 -12.27 5.17
N LYS B 383 36.93 -11.16 4.69
CA LYS B 383 35.62 -11.20 4.04
C LYS B 383 35.64 -11.92 2.70
N LEU B 384 36.81 -12.10 2.09
CA LEU B 384 36.88 -12.79 0.81
C LEU B 384 36.45 -14.24 0.93
N ASN B 385 36.64 -14.84 2.10
CA ASN B 385 36.18 -16.21 2.32
C ASN B 385 34.66 -16.32 2.25
N ASP B 386 33.96 -15.18 2.29
CA ASP B 386 32.51 -15.16 2.26
C ASP B 386 31.93 -14.60 0.97
N LEU B 387 32.77 -14.11 0.06
CA LEU B 387 32.31 -13.42 -1.14
C LEU B 387 32.48 -14.29 -2.38
N CYS B 388 31.64 -14.03 -3.38
CA CYS B 388 31.73 -14.65 -4.68
C CYS B 388 31.99 -13.57 -5.74
N PHE B 389 32.78 -13.92 -6.74
CA PHE B 389 33.14 -12.98 -7.80
C PHE B 389 33.08 -13.68 -9.15
N THR B 390 32.85 -12.89 -10.19
CA THR B 390 32.77 -13.44 -11.53
C THR B 390 34.12 -13.98 -11.98
N ASN B 391 35.18 -13.20 -11.80
CA ASN B 391 36.51 -13.57 -12.26
C ASN B 391 37.55 -13.04 -11.29
N VAL B 392 38.74 -13.63 -11.34
CA VAL B 392 39.88 -13.17 -10.56
C VAL B 392 41.04 -12.95 -11.53
N TYR B 393 41.85 -11.93 -11.24
CA TYR B 393 43.01 -11.61 -12.04
C TYR B 393 44.24 -11.56 -11.15
N ALA B 394 45.25 -12.36 -11.49
CA ALA B 394 46.51 -12.40 -10.78
C ALA B 394 47.55 -11.72 -11.66
N ASP B 395 48.00 -10.53 -11.26
CA ASP B 395 49.01 -9.77 -11.98
C ASP B 395 50.32 -9.81 -11.20
N SER B 396 51.33 -10.45 -11.76
CA SER B 396 52.61 -10.66 -11.08
C SER B 396 53.71 -9.92 -11.83
N PHE B 397 54.64 -9.34 -11.04
CA PHE B 397 55.79 -8.64 -11.59
C PHE B 397 56.83 -8.47 -10.48
N VAL B 398 57.94 -7.83 -10.83
CA VAL B 398 59.01 -7.52 -9.89
C VAL B 398 59.40 -6.06 -10.06
N ILE B 399 59.60 -5.37 -8.94
CA ILE B 399 59.99 -3.97 -8.93
C ILE B 399 61.05 -3.75 -7.86
N ARG B 400 61.45 -2.50 -7.69
CA ARG B 400 62.28 -2.13 -6.55
C ARG B 400 61.41 -1.98 -5.30
N GLY B 401 62.08 -2.00 -4.15
CA GLY B 401 61.36 -1.78 -2.91
C GLY B 401 60.71 -0.41 -2.84
N ASP B 402 61.47 0.62 -3.19
CA ASP B 402 60.96 1.98 -3.14
C ASP B 402 59.83 2.21 -4.13
N GLU B 403 59.73 1.38 -5.17
CA GLU B 403 58.64 1.47 -6.14
C GLU B 403 57.42 0.68 -5.71
N VAL B 404 57.50 -0.11 -4.64
CA VAL B 404 56.36 -0.90 -4.19
C VAL B 404 55.19 0.00 -3.80
N ARG B 405 55.49 1.17 -3.22
CA ARG B 405 54.43 2.10 -2.85
C ARG B 405 53.65 2.57 -4.07
N GLN B 406 54.25 2.50 -5.26
CA GLN B 406 53.56 2.93 -6.47
C GLN B 406 52.35 2.07 -6.81
N ILE B 407 52.29 0.84 -6.31
CA ILE B 407 51.20 -0.08 -6.66
C ILE B 407 50.10 0.13 -5.62
N ALA B 408 49.26 1.13 -5.87
CA ALA B 408 48.13 1.43 -5.01
C ALA B 408 47.20 2.38 -5.76
N PRO B 409 45.92 2.44 -5.38
CA PRO B 409 45.01 3.37 -6.06
C PRO B 409 45.46 4.81 -5.94
N GLY B 410 45.33 5.55 -7.04
CA GLY B 410 45.65 6.97 -7.03
C GLY B 410 47.11 7.30 -6.87
N GLN B 411 48.02 6.40 -7.22
CA GLN B 411 49.45 6.64 -7.10
C GLN B 411 50.01 7.17 -8.40
N THR B 412 51.16 7.85 -8.30
CA THR B 412 51.86 8.36 -9.47
C THR B 412 53.33 8.02 -9.35
N GLY B 413 53.99 7.96 -10.49
CA GLY B 413 55.40 7.60 -10.54
C GLY B 413 55.68 6.83 -11.81
N ASN B 414 56.96 6.47 -11.97
CA ASN B 414 57.37 5.74 -13.17
C ASN B 414 56.64 4.41 -13.29
N ILE B 415 56.62 3.64 -12.20
CA ILE B 415 55.91 2.36 -12.20
C ILE B 415 54.41 2.59 -12.34
N ALA B 416 53.88 3.56 -11.60
CA ALA B 416 52.44 3.80 -11.62
C ALA B 416 51.96 4.30 -12.98
N ASP B 417 52.75 5.15 -13.64
CA ASP B 417 52.29 5.78 -14.86
C ASP B 417 52.67 5.04 -16.12
N TYR B 418 53.88 4.49 -16.20
CA TYR B 418 54.38 3.91 -17.44
C TYR B 418 54.50 2.39 -17.43
N ASN B 419 54.38 1.74 -16.27
CA ASN B 419 54.59 0.31 -16.19
C ASN B 419 53.35 -0.45 -15.73
N TYR B 420 52.70 0.01 -14.66
CA TYR B 420 51.49 -0.64 -14.19
C TYR B 420 50.65 0.38 -13.43
N LYS B 421 49.40 0.55 -13.86
CA LYS B 421 48.51 1.55 -13.31
C LYS B 421 47.32 0.89 -12.65
N LEU B 422 46.97 1.37 -11.46
CA LEU B 422 45.81 0.90 -10.73
C LEU B 422 44.72 1.97 -10.72
N PRO B 423 43.45 1.58 -10.81
CA PRO B 423 42.38 2.57 -10.72
C PRO B 423 42.26 3.12 -9.31
N ASP B 424 41.74 4.35 -9.22
CA ASP B 424 41.54 4.98 -7.92
C ASP B 424 40.55 4.21 -7.07
N ASP B 425 39.60 3.53 -7.71
CA ASP B 425 38.57 2.75 -7.01
C ASP B 425 38.89 1.26 -6.99
N PHE B 426 40.17 0.91 -6.95
CA PHE B 426 40.56 -0.49 -7.01
C PHE B 426 39.96 -1.29 -5.87
N THR B 427 39.34 -2.42 -6.23
CA THR B 427 38.73 -3.33 -5.26
C THR B 427 39.47 -4.66 -5.37
N GLY B 428 40.41 -4.89 -4.45
CA GLY B 428 41.22 -6.09 -4.50
C GLY B 428 42.40 -5.94 -3.57
N CYS B 429 43.31 -6.91 -3.67
CA CYS B 429 44.43 -6.98 -2.74
C CYS B 429 45.76 -6.88 -3.48
N VAL B 430 46.77 -6.41 -2.77
CA VAL B 430 48.13 -6.32 -3.26
C VAL B 430 49.04 -7.00 -2.25
N ILE B 431 49.90 -7.90 -2.74
CA ILE B 431 50.86 -8.59 -1.90
C ILE B 431 52.25 -8.38 -2.49
N ALA B 432 53.21 -8.05 -1.63
CA ALA B 432 54.57 -7.81 -2.06
C ALA B 432 55.53 -8.39 -1.05
N TRP B 433 56.59 -9.03 -1.55
CA TRP B 433 57.60 -9.64 -0.70
C TRP B 433 58.96 -9.56 -1.36
N ASN B 434 59.99 -9.37 -0.54
CA ASN B 434 61.35 -9.27 -1.06
C ASN B 434 61.76 -10.57 -1.71
N SER B 435 62.45 -10.46 -2.85
CA SER B 435 63.01 -11.60 -3.56
C SER B 435 64.51 -11.41 -3.78
N ASN B 436 65.20 -10.85 -2.78
CA ASN B 436 66.64 -10.64 -2.91
C ASN B 436 67.38 -11.97 -3.06
N ASN B 437 66.97 -12.99 -2.31
CA ASN B 437 67.57 -14.31 -2.43
C ASN B 437 67.09 -15.06 -3.66
N LEU B 438 66.18 -14.48 -4.45
CA LEU B 438 65.67 -15.11 -5.67
C LEU B 438 66.02 -14.34 -6.93
N ASP B 439 65.86 -13.02 -6.95
CA ASP B 439 65.99 -12.23 -8.16
C ASP B 439 67.22 -11.31 -8.14
N SER B 440 68.23 -11.64 -7.36
CA SER B 440 69.47 -10.86 -7.32
C SER B 440 70.65 -11.75 -7.67
N LYS B 441 71.54 -11.24 -8.51
CA LYS B 441 72.72 -11.97 -8.94
C LYS B 441 73.98 -11.22 -8.54
N VAL B 442 75.07 -11.97 -8.40
CA VAL B 442 76.34 -11.37 -7.99
C VAL B 442 76.81 -10.36 -9.03
N GLY B 443 76.72 -10.71 -10.31
CA GLY B 443 77.03 -9.80 -11.37
C GLY B 443 75.91 -8.87 -11.77
N GLY B 444 74.75 -8.98 -11.12
CA GLY B 444 73.61 -8.13 -11.44
C GLY B 444 72.57 -8.84 -12.26
N ASN B 445 71.32 -8.83 -11.78
CA ASN B 445 70.20 -9.45 -12.48
C ASN B 445 69.53 -8.38 -13.33
N TYR B 446 69.92 -8.29 -14.59
CA TYR B 446 69.43 -7.27 -15.50
C TYR B 446 68.23 -7.73 -16.32
N ASN B 447 67.74 -8.94 -16.08
CA ASN B 447 66.63 -9.46 -16.88
C ASN B 447 65.34 -8.69 -16.61
N TYR B 448 65.16 -8.20 -15.39
CA TYR B 448 63.98 -7.41 -15.05
C TYR B 448 64.14 -5.99 -15.59
N LEU B 449 63.09 -5.52 -16.28
CA LEU B 449 63.13 -4.22 -16.94
C LEU B 449 61.89 -3.43 -16.54
N TYR B 450 61.95 -2.13 -16.82
CA TYR B 450 60.81 -1.25 -16.54
C TYR B 450 60.78 -0.13 -17.57
N ARG B 451 59.57 0.28 -17.94
CA ARG B 451 59.40 1.35 -18.90
C ARG B 451 59.75 2.70 -18.29
N LEU B 452 60.61 3.45 -18.97
CA LEU B 452 61.09 4.74 -18.46
C LEU B 452 60.50 5.94 -19.18
N PHE B 453 60.53 5.96 -20.51
CA PHE B 453 59.98 7.05 -21.29
C PHE B 453 58.68 6.61 -21.94
N ARG B 454 57.64 7.42 -21.81
CA ARG B 454 56.36 7.17 -22.46
C ARG B 454 55.62 8.49 -22.59
N LYS B 455 54.94 8.67 -23.73
CA LYS B 455 54.28 9.94 -24.01
C LYS B 455 53.15 10.21 -23.02
N SER B 456 52.36 9.17 -22.70
CA SER B 456 51.23 9.33 -21.79
C SER B 456 51.25 8.22 -20.76
N ASN B 457 50.65 8.49 -19.60
CA ASN B 457 50.58 7.50 -18.54
C ASN B 457 49.65 6.37 -18.93
N LEU B 458 49.89 5.20 -18.35
CA LEU B 458 49.05 4.04 -18.63
C LEU B 458 47.70 4.17 -17.95
N LYS B 459 46.67 3.71 -18.64
CA LYS B 459 45.36 3.55 -18.04
C LYS B 459 45.38 2.34 -17.11
N PRO B 460 44.45 2.27 -16.16
CA PRO B 460 44.46 1.13 -15.23
C PRO B 460 44.39 -0.21 -15.96
N PHE B 461 45.23 -1.14 -15.51
CA PHE B 461 45.28 -2.50 -16.05
C PHE B 461 45.62 -2.53 -17.53
N GLU B 462 46.37 -1.54 -18.00
CA GLU B 462 46.86 -1.49 -19.36
C GLU B 462 48.34 -1.85 -19.38
N ARG B 463 48.72 -2.75 -20.30
CA ARG B 463 50.08 -3.26 -20.39
C ARG B 463 50.75 -2.70 -21.63
N ASP B 464 51.97 -2.18 -21.45
CA ASP B 464 52.75 -1.62 -22.54
C ASP B 464 54.01 -2.43 -22.71
N ILE B 465 54.18 -3.06 -23.87
CA ILE B 465 55.34 -3.88 -24.18
C ILE B 465 56.12 -3.32 -25.36
N SER B 466 55.83 -2.08 -25.76
CA SER B 466 56.52 -1.48 -26.89
C SER B 466 57.98 -1.19 -26.56
N THR B 467 58.86 -1.49 -27.50
CA THR B 467 60.28 -1.18 -27.39
C THR B 467 60.71 -0.12 -28.38
N GLU B 468 59.77 0.60 -28.98
CA GLU B 468 60.09 1.62 -29.97
C GLU B 468 60.89 2.75 -29.34
N ILE B 469 61.89 3.23 -30.07
CA ILE B 469 62.74 4.31 -29.56
C ILE B 469 61.90 5.54 -29.29
N TYR B 470 61.99 6.06 -28.07
CA TYR B 470 61.18 7.21 -27.68
C TYR B 470 61.73 8.47 -28.31
N GLN B 471 60.85 9.26 -28.91
CA GLN B 471 61.24 10.51 -29.57
C GLN B 471 61.19 11.62 -28.52
N ALA B 472 62.34 11.99 -27.99
CA ALA B 472 62.45 13.04 -26.99
C ALA B 472 62.73 14.41 -27.57
N GLY B 473 62.91 14.51 -28.89
CA GLY B 473 63.15 15.79 -29.53
C GLY B 473 62.24 16.02 -30.71
N SER B 474 62.48 17.09 -31.46
CA SER B 474 61.66 17.38 -32.62
C SER B 474 62.00 16.46 -33.80
N THR B 475 63.28 16.13 -33.96
CA THR B 475 63.69 15.29 -35.07
C THR B 475 63.25 13.84 -34.82
N PRO B 476 62.86 13.14 -35.88
CA PRO B 476 62.45 11.74 -35.70
C PRO B 476 63.64 10.84 -35.38
N CYS B 477 63.35 9.73 -34.71
CA CYS B 477 64.37 8.74 -34.39
C CYS B 477 64.50 7.67 -35.47
N ASN B 478 63.38 7.28 -36.09
CA ASN B 478 63.39 6.30 -37.19
C ASN B 478 64.05 4.99 -36.76
N GLY B 479 63.77 4.56 -35.54
CA GLY B 479 64.36 3.34 -35.03
C GLY B 479 65.83 3.47 -34.67
N VAL B 480 66.34 4.69 -34.55
CA VAL B 480 67.74 4.94 -34.24
C VAL B 480 67.80 5.69 -32.91
N LYS B 481 68.53 5.13 -31.94
CA LYS B 481 68.68 5.73 -30.63
C LYS B 481 69.91 6.63 -30.60
N GLY B 482 69.78 7.79 -29.94
CA GLY B 482 70.88 8.72 -29.82
C GLY B 482 70.52 9.94 -29.00
N PHE B 483 70.91 11.12 -29.47
CA PHE B 483 70.49 12.36 -28.83
C PHE B 483 69.00 12.56 -29.05
N ASN B 484 68.28 12.78 -27.95
CA ASN B 484 66.82 12.88 -27.95
C ASN B 484 66.14 11.62 -28.49
N CYS B 485 66.84 10.48 -28.43
CA CYS B 485 66.30 9.19 -28.87
C CYS B 485 66.86 8.12 -27.94
N TYR B 486 66.05 7.68 -26.99
CA TYR B 486 66.47 6.76 -25.94
C TYR B 486 65.61 5.50 -25.98
N PHE B 487 66.20 4.38 -25.57
CA PHE B 487 65.44 3.13 -25.48
C PHE B 487 64.44 3.24 -24.34
N PRO B 488 63.16 2.92 -24.59
CA PRO B 488 62.13 3.19 -23.55
C PRO B 488 62.27 2.34 -22.30
N LEU B 489 63.00 1.21 -22.35
CA LEU B 489 63.08 0.30 -21.22
C LEU B 489 64.45 0.40 -20.55
N GLN B 490 64.45 0.27 -19.23
CA GLN B 490 65.64 0.38 -18.41
C GLN B 490 65.73 -0.82 -17.49
N SER B 491 66.96 -1.23 -17.20
CA SER B 491 67.18 -2.44 -16.41
C SER B 491 67.33 -2.11 -14.93
N TYR B 492 67.04 -3.11 -14.10
CA TYR B 492 67.17 -2.95 -12.65
C TYR B 492 68.55 -3.33 -12.16
N GLY B 493 69.09 -4.45 -12.63
CA GLY B 493 70.39 -4.92 -12.19
C GLY B 493 70.46 -5.22 -10.71
N PHE B 494 69.53 -6.03 -10.22
CA PHE B 494 69.47 -6.36 -8.81
C PHE B 494 70.71 -7.14 -8.38
N GLN B 495 71.23 -6.81 -7.21
CA GLN B 495 72.35 -7.52 -6.61
C GLN B 495 72.05 -7.81 -5.14
N PRO B 496 72.59 -8.92 -4.60
CA PRO B 496 72.28 -9.26 -3.21
C PRO B 496 72.80 -8.26 -2.20
N THR B 497 73.77 -7.43 -2.56
CA THR B 497 74.36 -6.46 -1.64
C THR B 497 73.71 -5.09 -1.74
N TYR B 498 72.67 -4.94 -2.57
CA TYR B 498 71.96 -3.68 -2.64
C TYR B 498 71.09 -3.47 -1.41
N GLY B 499 70.71 -2.22 -1.19
CA GLY B 499 69.74 -1.93 -0.14
C GLY B 499 68.36 -2.43 -0.50
N VAL B 500 67.54 -2.63 0.53
CA VAL B 500 66.21 -3.19 0.33
C VAL B 500 65.38 -2.32 -0.59
N GLY B 501 65.65 -1.01 -0.63
CA GLY B 501 65.02 -0.17 -1.62
C GLY B 501 65.39 -0.55 -3.03
N TYR B 502 66.66 -0.90 -3.26
CA TYR B 502 67.13 -1.37 -4.55
C TYR B 502 66.99 -2.87 -4.72
N GLN B 503 66.60 -3.60 -3.68
CA GLN B 503 66.46 -5.04 -3.80
C GLN B 503 65.17 -5.38 -4.54
N PRO B 504 65.16 -6.50 -5.27
CA PRO B 504 63.94 -6.89 -5.98
C PRO B 504 62.82 -7.24 -5.03
N TYR B 505 61.60 -6.93 -5.45
CA TYR B 505 60.39 -7.26 -4.71
C TYR B 505 59.37 -7.83 -5.68
N ARG B 506 58.89 -9.03 -5.40
CA ARG B 506 57.85 -9.65 -6.20
C ARG B 506 56.49 -9.18 -5.69
N VAL B 507 55.66 -8.70 -6.62
CA VAL B 507 54.36 -8.14 -6.31
C VAL B 507 53.31 -8.88 -7.12
N VAL B 508 52.24 -9.29 -6.46
CA VAL B 508 51.08 -9.90 -7.08
C VAL B 508 49.85 -9.09 -6.68
N VAL B 509 49.08 -8.69 -7.68
CA VAL B 509 47.84 -7.94 -7.48
C VAL B 509 46.69 -8.88 -7.80
N LEU B 510 45.81 -9.07 -6.83
CA LEU B 510 44.60 -9.88 -6.99
C LEU B 510 43.42 -8.94 -7.20
N SER B 511 42.84 -9.00 -8.40
CA SER B 511 41.71 -8.17 -8.77
C SER B 511 40.45 -9.02 -8.88
N PHE B 512 39.34 -8.51 -8.38
CA PHE B 512 38.10 -9.26 -8.28
C PHE B 512 37.06 -8.61 -9.20
N GLU B 513 36.81 -9.24 -10.34
CA GLU B 513 35.83 -8.76 -11.31
C GLU B 513 34.48 -9.36 -10.95
N LEU B 514 33.51 -8.50 -10.64
CA LEU B 514 32.15 -8.92 -10.32
C LEU B 514 31.21 -8.30 -11.34
N LEU B 515 30.75 -9.09 -12.29
CA LEU B 515 29.82 -8.66 -13.32
C LEU B 515 28.44 -9.23 -13.03
N HIS B 516 27.48 -8.85 -13.88
CA HIS B 516 26.10 -9.33 -13.75
C HIS B 516 25.95 -10.67 -14.49
N ALA B 517 26.81 -11.60 -14.11
CA ALA B 517 26.88 -12.94 -14.68
C ALA B 517 26.99 -13.93 -13.53
N PRO B 518 26.63 -15.20 -13.74
CA PRO B 518 26.73 -16.18 -12.66
C PRO B 518 28.16 -16.27 -12.13
N ALA B 519 28.28 -16.16 -10.81
CA ALA B 519 29.60 -16.11 -10.18
C ALA B 519 30.31 -17.46 -10.33
N THR B 520 31.65 -17.39 -10.41
CA THR B 520 32.45 -18.57 -10.62
C THR B 520 33.39 -18.90 -9.47
N VAL B 521 33.82 -17.92 -8.70
CA VAL B 521 34.77 -18.13 -7.60
C VAL B 521 34.12 -17.69 -6.30
N CYS B 522 34.16 -18.56 -5.29
CA CYS B 522 33.64 -18.24 -3.97
C CYS B 522 34.65 -18.69 -2.92
N GLY B 523 34.41 -18.27 -1.67
CA GLY B 523 35.25 -18.64 -0.56
C GLY B 523 34.96 -20.03 -0.04
N PRO B 524 35.79 -20.47 0.92
CA PRO B 524 35.65 -21.82 1.50
C PRO B 524 34.36 -22.04 2.28
N LYS B 525 33.70 -23.18 2.06
CA LYS B 525 32.47 -23.52 2.78
C LYS B 525 32.81 -24.21 4.09
N LYS B 526 32.31 -23.67 5.19
CA LYS B 526 32.45 -24.34 6.48
C LYS B 526 31.40 -25.43 6.62
N SER B 527 31.63 -26.35 7.56
CA SER B 527 30.71 -27.45 7.80
C SER B 527 30.92 -27.95 9.21
N THR B 528 29.85 -27.99 10.01
CA THR B 528 29.95 -28.41 11.40
C THR B 528 29.59 -29.90 11.51
N ASN B 529 29.72 -30.43 12.72
CA ASN B 529 29.40 -31.83 12.94
C ASN B 529 27.90 -32.05 12.84
N LEU B 530 27.52 -33.30 12.57
CA LEU B 530 26.13 -33.68 12.41
C LEU B 530 25.50 -34.00 13.76
N VAL B 531 24.24 -33.60 13.90
CA VAL B 531 23.47 -33.85 15.12
C VAL B 531 22.20 -34.59 14.74
N LYS B 532 21.90 -35.66 15.47
CA LYS B 532 20.75 -36.50 15.19
C LYS B 532 19.82 -36.54 16.40
N ASN B 533 18.54 -36.80 16.13
CA ASN B 533 17.53 -37.00 17.17
C ASN B 533 17.45 -35.80 18.12
N LYS B 534 17.52 -34.59 17.56
CA LYS B 534 17.41 -33.40 18.38
C LYS B 534 16.92 -32.24 17.54
N CYS B 535 16.03 -31.42 18.11
CA CYS B 535 15.54 -30.23 17.44
C CYS B 535 16.68 -29.25 17.23
N VAL B 536 17.11 -29.08 15.99
CA VAL B 536 18.27 -28.26 15.66
C VAL B 536 17.97 -27.37 14.48
N ASN B 537 18.75 -26.32 14.36
CA ASN B 537 18.66 -25.37 13.25
C ASN B 537 19.65 -25.81 12.18
N PHE B 538 19.18 -26.57 11.20
CA PHE B 538 20.08 -27.16 10.23
C PHE B 538 20.23 -26.27 9.00
N ASN B 539 21.38 -26.43 8.35
CA ASN B 539 21.66 -25.76 7.08
C ASN B 539 22.49 -26.71 6.23
N PHE B 540 21.82 -27.41 5.32
CA PHE B 540 22.46 -28.39 4.44
C PHE B 540 22.66 -27.74 3.07
N ASN B 541 23.91 -27.45 2.74
CA ASN B 541 24.27 -26.94 1.42
C ASN B 541 23.47 -25.69 1.07
N GLY B 542 23.33 -24.79 2.03
CA GLY B 542 22.60 -23.56 1.83
C GLY B 542 21.11 -23.67 2.06
N LEU B 543 20.57 -24.88 2.15
CA LEU B 543 19.16 -25.07 2.47
C LEU B 543 18.98 -25.00 3.97
N THR B 544 18.33 -23.95 4.46
CA THR B 544 18.16 -23.74 5.87
C THR B 544 16.81 -24.28 6.35
N GLY B 545 16.76 -24.59 7.64
CA GLY B 545 15.51 -25.03 8.24
C GLY B 545 15.72 -25.38 9.68
N THR B 546 14.63 -25.78 10.33
CA THR B 546 14.66 -26.20 11.73
C THR B 546 13.90 -27.50 11.87
N GLY B 547 14.49 -28.48 12.55
CA GLY B 547 13.83 -29.75 12.73
C GLY B 547 14.76 -30.77 13.34
N VAL B 548 14.27 -32.00 13.37
CA VAL B 548 14.98 -33.13 13.95
C VAL B 548 15.46 -34.03 12.83
N LEU B 549 16.75 -34.36 12.82
CA LEU B 549 17.35 -35.19 11.81
C LEU B 549 17.46 -36.62 12.33
N THR B 550 16.96 -37.57 11.55
CA THR B 550 17.01 -38.97 11.93
C THR B 550 17.55 -39.80 10.77
N GLU B 551 18.16 -40.93 11.11
CA GLU B 551 18.57 -41.88 10.08
C GLU B 551 17.34 -42.33 9.31
N SER B 552 17.46 -42.38 7.98
CA SER B 552 16.32 -42.63 7.12
C SER B 552 16.54 -43.87 6.26
N ASN B 553 15.44 -44.48 5.85
CA ASN B 553 15.46 -45.62 4.95
C ASN B 553 15.08 -45.25 3.52
N LYS B 554 14.95 -43.97 3.22
CA LYS B 554 14.62 -43.54 1.86
C LYS B 554 15.76 -43.87 0.90
N LYS B 555 15.39 -44.31 -0.31
CA LYS B 555 16.37 -44.67 -1.32
C LYS B 555 16.45 -43.56 -2.36
N PHE B 556 17.27 -42.56 -2.04
CA PHE B 556 17.44 -41.42 -2.94
C PHE B 556 18.15 -41.83 -4.22
N LEU B 557 17.92 -41.08 -5.28
CA LEU B 557 18.64 -41.28 -6.53
C LEU B 557 20.04 -40.70 -6.42
N PRO B 558 21.00 -41.22 -7.19
CA PRO B 558 22.40 -40.80 -7.00
C PRO B 558 22.63 -39.31 -7.20
N PHE B 559 21.75 -38.65 -7.94
CA PHE B 559 21.89 -37.22 -8.19
C PHE B 559 21.02 -36.34 -7.31
N GLN B 560 19.87 -36.85 -6.87
CA GLN B 560 18.91 -36.03 -6.13
C GLN B 560 19.48 -35.61 -4.78
N GLN B 561 19.04 -34.44 -4.31
CA GLN B 561 19.52 -33.91 -3.04
C GLN B 561 18.48 -34.02 -1.92
N PHE B 562 17.30 -33.46 -2.12
CA PHE B 562 16.28 -33.42 -1.08
C PHE B 562 15.02 -34.13 -1.50
N GLY B 563 14.21 -34.50 -0.51
CA GLY B 563 12.95 -35.14 -0.78
C GLY B 563 11.78 -34.41 -0.16
N ARG B 564 10.84 -33.96 -0.99
CA ARG B 564 9.69 -33.21 -0.51
C ARG B 564 8.46 -34.11 -0.43
N ASP B 565 7.33 -33.48 -0.17
CA ASP B 565 6.06 -34.18 0.02
C ASP B 565 4.98 -33.36 -0.66
N ILE B 566 3.71 -33.68 -0.36
CA ILE B 566 2.59 -32.91 -0.90
C ILE B 566 2.71 -31.46 -0.48
N ALA B 567 3.15 -31.21 0.75
CA ALA B 567 3.32 -29.85 1.25
C ALA B 567 4.45 -29.11 0.56
N ASP B 568 5.26 -29.80 -0.25
CA ASP B 568 6.46 -29.22 -0.86
C ASP B 568 7.43 -28.74 0.21
N THR B 569 7.43 -29.43 1.35
CA THR B 569 8.29 -29.11 2.47
C THR B 569 9.39 -30.16 2.57
N THR B 570 10.56 -29.72 3.02
CA THR B 570 11.72 -30.60 3.03
C THR B 570 11.50 -31.75 4.01
N ASP B 571 11.22 -32.94 3.48
CA ASP B 571 11.03 -34.11 4.31
C ASP B 571 12.36 -34.76 4.68
N ALA B 572 13.28 -34.84 3.73
CA ALA B 572 14.58 -35.45 3.98
C ALA B 572 15.64 -34.71 3.16
N VAL B 573 16.89 -34.87 3.59
CA VAL B 573 18.02 -34.24 2.92
C VAL B 573 19.14 -35.25 2.73
N ARG B 574 20.08 -34.90 1.86
CA ARG B 574 21.27 -35.70 1.61
C ARG B 574 22.46 -34.95 2.18
N ASP B 575 23.17 -35.59 3.11
CA ASP B 575 24.32 -34.94 3.73
C ASP B 575 25.42 -34.74 2.70
N PRO B 576 25.84 -33.51 2.43
CA PRO B 576 26.80 -33.28 1.33
C PRO B 576 28.12 -34.03 1.47
N GLN B 577 28.65 -34.18 2.68
CA GLN B 577 29.93 -34.87 2.82
C GLN B 577 29.74 -36.38 2.78
N THR B 578 29.02 -36.92 3.76
CA THR B 578 28.69 -38.35 3.78
C THR B 578 27.37 -38.54 3.05
N LEU B 579 27.41 -39.23 1.91
CA LEU B 579 26.24 -39.36 1.06
C LEU B 579 25.24 -40.29 1.74
N GLU B 580 24.57 -39.74 2.75
CA GLU B 580 23.53 -40.44 3.48
C GLU B 580 22.28 -39.56 3.52
N ILE B 581 21.14 -40.19 3.74
CA ILE B 581 19.86 -39.52 3.71
C ILE B 581 19.32 -39.40 5.13
N LEU B 582 18.87 -38.22 5.49
CA LEU B 582 18.36 -37.93 6.82
C LEU B 582 16.94 -37.42 6.73
N ASP B 583 16.04 -38.06 7.46
CA ASP B 583 14.67 -37.57 7.58
C ASP B 583 14.63 -36.37 8.49
N ILE B 584 13.83 -35.37 8.12
CA ILE B 584 13.64 -34.16 8.90
C ILE B 584 12.21 -34.14 9.39
N THR B 585 12.04 -34.27 10.70
CA THR B 585 10.74 -34.23 11.35
C THR B 585 10.58 -32.92 12.10
N PRO B 586 9.48 -32.20 11.92
CA PRO B 586 9.31 -30.91 12.62
C PRO B 586 9.39 -31.10 14.13
N CYS B 587 10.01 -30.14 14.80
CA CYS B 587 10.13 -30.24 16.25
C CYS B 587 8.74 -30.27 16.89
N SER B 588 8.53 -31.22 17.80
CA SER B 588 7.19 -31.49 18.30
C SER B 588 6.59 -30.29 19.02
N PHE B 589 5.29 -30.10 18.84
CA PHE B 589 4.57 -28.98 19.42
C PHE B 589 3.13 -29.44 19.62
N GLY B 590 2.38 -28.66 20.39
CA GLY B 590 1.00 -29.04 20.62
C GLY B 590 0.28 -28.03 21.48
N GLY B 591 -1.00 -28.32 21.70
CA GLY B 591 -1.78 -27.53 22.63
C GLY B 591 -1.44 -27.85 24.07
N VAL B 592 -1.69 -26.89 24.95
CA VAL B 592 -1.42 -27.00 26.37
C VAL B 592 -2.73 -26.73 27.10
N SER B 593 -3.36 -27.80 27.58
CA SER B 593 -4.61 -27.71 28.31
C SER B 593 -4.40 -28.08 29.77
N VAL B 594 -5.35 -27.71 30.61
CA VAL B 594 -5.27 -27.96 32.04
C VAL B 594 -6.52 -28.69 32.48
N ILE B 595 -6.35 -29.92 32.96
CA ILE B 595 -7.42 -30.66 33.58
C ILE B 595 -7.51 -30.18 35.03
N THR B 596 -8.58 -29.48 35.36
CA THR B 596 -8.75 -28.97 36.71
C THR B 596 -10.17 -29.20 37.19
N PRO B 597 -10.36 -29.76 38.38
CA PRO B 597 -11.68 -29.74 38.99
C PRO B 597 -12.07 -28.31 39.34
N GLY B 598 -13.33 -28.14 39.75
CA GLY B 598 -13.79 -26.83 40.14
C GLY B 598 -12.90 -26.19 41.18
N THR B 599 -12.48 -24.95 40.93
CA THR B 599 -11.64 -24.24 41.89
C THR B 599 -12.31 -24.17 43.25
N ASN B 600 -13.64 -24.17 43.27
CA ASN B 600 -14.36 -24.23 44.52
C ASN B 600 -14.00 -25.48 45.33
N THR B 601 -13.64 -26.57 44.64
CA THR B 601 -13.31 -27.81 45.33
C THR B 601 -11.85 -27.87 45.75
N SER B 602 -10.94 -27.60 44.83
CA SER B 602 -9.51 -27.66 45.12
C SER B 602 -8.76 -26.83 44.10
N ASN B 603 -7.44 -26.74 44.30
CA ASN B 603 -6.56 -26.06 43.37
C ASN B 603 -5.61 -27.01 42.66
N GLN B 604 -5.61 -28.29 43.00
CA GLN B 604 -4.69 -29.22 42.38
C GLN B 604 -5.15 -29.54 40.96
N VAL B 605 -4.22 -29.40 40.00
CA VAL B 605 -4.53 -29.48 38.59
C VAL B 605 -3.53 -30.39 37.90
N ALA B 606 -3.88 -30.82 36.70
CA ALA B 606 -3.01 -31.62 35.85
C ALA B 606 -2.86 -30.94 34.50
N VAL B 607 -1.76 -31.22 33.81
CA VAL B 607 -1.42 -30.56 32.56
C VAL B 607 -1.40 -31.58 31.45
N LEU B 608 -2.07 -31.28 30.35
CA LEU B 608 -2.09 -32.13 29.16
C LEU B 608 -1.42 -31.38 28.02
N TYR B 609 -0.30 -31.93 27.55
CA TYR B 609 0.33 -31.48 26.31
C TYR B 609 -0.21 -32.38 25.20
N GLN B 610 -1.07 -31.84 24.36
CA GLN B 610 -1.81 -32.67 23.41
C GLN B 610 -0.91 -33.13 22.27
N GLY B 611 -0.94 -34.43 22.00
CA GLY B 611 -0.31 -34.98 20.82
C GLY B 611 1.19 -34.88 20.76
N VAL B 612 1.88 -34.97 21.89
CA VAL B 612 3.34 -34.96 21.92
C VAL B 612 3.82 -36.12 22.77
N ASN B 613 5.01 -36.61 22.49
CA ASN B 613 5.58 -37.70 23.27
C ASN B 613 6.01 -37.20 24.64
N CYS B 614 6.03 -38.11 25.61
CA CYS B 614 6.45 -37.75 26.96
C CYS B 614 7.96 -37.80 27.10
N THR B 615 8.68 -37.17 26.19
CA THR B 615 10.13 -37.04 26.28
C THR B 615 10.51 -35.60 26.00
N GLU B 616 9.68 -34.92 25.22
CA GLU B 616 9.87 -33.52 24.88
C GLU B 616 9.35 -32.59 25.97
N VAL B 617 8.73 -33.13 27.01
CA VAL B 617 8.24 -32.32 28.12
C VAL B 617 9.41 -31.98 29.03
N PRO B 618 9.63 -30.70 29.35
CA PRO B 618 10.74 -30.36 30.24
C PRO B 618 10.65 -31.03 31.60
N VAL B 619 9.43 -31.21 32.12
CA VAL B 619 9.19 -31.84 33.42
C VAL B 619 9.99 -31.14 34.52
N SER B 637 5.15 -34.92 38.54
CA SER B 637 5.92 -36.13 38.78
C SER B 637 5.41 -37.28 37.92
N ASN B 638 4.19 -37.73 38.19
CA ASN B 638 3.61 -38.83 37.43
C ASN B 638 3.38 -38.42 35.98
N VAL B 639 3.67 -39.34 35.07
CA VAL B 639 3.58 -39.08 33.63
C VAL B 639 2.79 -40.20 32.98
N PHE B 640 1.84 -39.83 32.12
CA PHE B 640 0.99 -40.78 31.45
C PHE B 640 0.95 -40.45 29.96
N GLN B 641 1.38 -41.39 29.13
CA GLN B 641 1.48 -41.14 27.69
C GLN B 641 0.28 -41.73 26.97
N THR B 642 -0.82 -40.99 26.99
CA THR B 642 -2.00 -41.47 26.29
C THR B 642 -1.94 -41.10 24.82
N ARG B 643 -2.77 -41.76 24.02
CA ARG B 643 -2.82 -41.45 22.60
C ARG B 643 -3.23 -40.01 22.34
N ALA B 644 -3.87 -39.35 23.30
CA ALA B 644 -4.17 -37.94 23.16
C ALA B 644 -2.95 -37.05 23.39
N GLY B 645 -2.00 -37.49 24.19
CA GLY B 645 -0.81 -36.71 24.45
C GLY B 645 -0.20 -37.10 25.79
N CYS B 646 0.62 -36.18 26.30
CA CYS B 646 1.33 -36.41 27.55
C CYS B 646 0.58 -35.75 28.70
N LEU B 647 0.26 -36.52 29.73
CA LEU B 647 -0.45 -36.06 30.89
C LEU B 647 0.51 -36.02 32.08
N ILE B 648 0.50 -34.92 32.82
CA ILE B 648 1.34 -34.75 33.99
C ILE B 648 0.45 -34.36 35.17
N GLY B 649 0.72 -34.96 36.32
CA GLY B 649 -0.02 -34.64 37.52
C GLY B 649 -1.26 -35.46 37.74
N ALA B 650 -1.56 -36.41 36.86
CA ALA B 650 -2.69 -37.31 37.04
C ALA B 650 -2.18 -38.71 37.32
N GLU B 651 -2.79 -39.37 38.29
CA GLU B 651 -2.39 -40.71 38.69
C GLU B 651 -3.17 -41.73 37.86
N HIS B 652 -2.46 -42.46 37.00
CA HIS B 652 -3.10 -43.46 36.16
C HIS B 652 -3.79 -44.51 37.02
N VAL B 653 -5.04 -44.82 36.70
CA VAL B 653 -5.83 -45.77 37.45
C VAL B 653 -6.36 -46.83 36.51
N ASN B 654 -6.19 -48.10 36.90
CA ASN B 654 -6.67 -49.21 36.08
C ASN B 654 -8.18 -49.29 36.06
N ASN B 655 -8.83 -49.08 37.20
CA ASN B 655 -10.27 -49.22 37.29
C ASN B 655 -10.98 -48.17 36.43
N SER B 656 -12.10 -48.56 35.84
CA SER B 656 -12.83 -47.71 34.91
C SER B 656 -14.13 -47.23 35.54
N TYR B 657 -14.43 -45.95 35.34
CA TYR B 657 -15.64 -45.33 35.86
C TYR B 657 -16.33 -44.57 34.73
N GLU B 658 -17.37 -43.82 35.08
CA GLU B 658 -18.03 -42.97 34.10
C GLU B 658 -17.19 -41.73 33.83
N CYS B 659 -17.17 -41.29 32.58
CA CYS B 659 -16.35 -40.15 32.21
C CYS B 659 -16.83 -38.88 32.91
N ASP B 660 -15.89 -38.14 33.47
CA ASP B 660 -16.19 -36.92 34.20
C ASP B 660 -15.63 -35.69 33.49
N ILE B 661 -14.33 -35.67 33.22
CA ILE B 661 -13.69 -34.60 32.47
C ILE B 661 -13.03 -35.22 31.24
N PRO B 662 -13.61 -35.02 30.07
CA PRO B 662 -13.12 -35.73 28.89
C PRO B 662 -11.75 -35.25 28.44
N ILE B 663 -10.73 -36.09 28.62
CA ILE B 663 -9.41 -35.77 28.10
C ILE B 663 -9.33 -36.14 26.62
N GLY B 664 -9.64 -37.38 26.29
CA GLY B 664 -9.68 -37.79 24.90
C GLY B 664 -9.19 -39.22 24.74
N ALA B 665 -9.52 -39.78 23.58
CA ALA B 665 -9.14 -41.15 23.23
C ALA B 665 -9.59 -42.14 24.28
N GLY B 666 -10.77 -41.91 24.86
CA GLY B 666 -11.29 -42.79 25.88
C GLY B 666 -10.77 -42.53 27.28
N ILE B 667 -9.91 -41.54 27.46
CA ILE B 667 -9.34 -41.24 28.77
C ILE B 667 -10.05 -40.03 29.34
N CYS B 668 -10.53 -40.16 30.57
CA CYS B 668 -11.14 -39.06 31.30
C CYS B 668 -10.54 -38.98 32.69
N ALA B 669 -10.43 -37.76 33.21
CA ALA B 669 -9.83 -37.51 34.51
C ALA B 669 -10.88 -37.00 35.48
N SER B 670 -10.73 -37.39 36.74
CA SER B 670 -11.67 -36.98 37.78
C SER B 670 -10.92 -36.86 39.10
N TYR B 671 -11.47 -36.03 39.98
CA TYR B 671 -10.90 -35.79 41.31
C TYR B 671 -11.55 -36.75 42.29
N GLN B 672 -10.74 -37.62 42.90
CA GLN B 672 -11.28 -38.65 43.77
C GLN B 672 -10.26 -39.00 44.85
N THR B 673 -10.75 -39.66 45.90
CA THR B 673 -9.91 -40.06 47.02
C THR B 673 -8.83 -41.04 46.58
N SER B 686 -5.47 -36.52 50.47
CA SER B 686 -5.41 -37.86 49.90
C SER B 686 -6.07 -37.89 48.53
N GLN B 687 -7.06 -37.03 48.34
CA GLN B 687 -7.73 -36.95 47.05
C GLN B 687 -6.81 -36.33 46.01
N SER B 688 -6.89 -36.85 44.79
CA SER B 688 -6.03 -36.40 43.70
C SER B 688 -6.77 -36.61 42.39
N ILE B 689 -6.11 -36.23 41.29
CA ILE B 689 -6.67 -36.35 39.96
C ILE B 689 -6.23 -37.69 39.37
N ILE B 690 -7.20 -38.48 38.92
CA ILE B 690 -6.94 -39.79 38.34
C ILE B 690 -7.51 -39.80 36.93
N ALA B 691 -6.70 -40.27 35.98
CA ALA B 691 -7.11 -40.43 34.59
C ALA B 691 -7.27 -41.90 34.29
N TYR B 692 -8.37 -42.26 33.62
CA TYR B 692 -8.69 -43.65 33.38
C TYR B 692 -9.40 -43.81 32.05
N THR B 693 -9.35 -45.03 31.52
CA THR B 693 -10.16 -45.39 30.36
C THR B 693 -11.63 -45.46 30.79
N MET B 694 -12.44 -44.54 30.29
CA MET B 694 -13.83 -44.44 30.74
C MET B 694 -14.60 -45.70 30.38
N SER B 695 -15.49 -46.11 31.28
CA SER B 695 -16.39 -47.21 31.03
C SER B 695 -17.75 -46.67 30.60
N LEU B 696 -18.35 -47.29 29.59
CA LEU B 696 -19.60 -46.80 29.03
C LEU B 696 -20.80 -47.37 29.76
N GLY B 697 -20.81 -47.25 31.09
CA GLY B 697 -21.91 -47.75 31.87
C GLY B 697 -21.71 -49.19 32.31
N VAL B 698 -22.81 -49.79 32.76
CA VAL B 698 -22.82 -51.17 33.25
C VAL B 698 -23.14 -52.10 32.10
N GLU B 699 -22.30 -53.11 31.91
CA GLU B 699 -22.61 -54.19 31.00
C GLU B 699 -23.73 -55.04 31.58
N ASN B 700 -24.91 -54.99 30.97
CA ASN B 700 -26.11 -55.61 31.54
C ASN B 700 -26.55 -56.76 30.65
N SER B 701 -26.31 -58.01 31.08
CA SER B 701 -26.68 -59.17 30.28
C SER B 701 -28.20 -59.36 30.32
N VAL B 702 -28.82 -59.36 29.14
CA VAL B 702 -30.25 -59.59 29.06
C VAL B 702 -30.52 -61.08 29.24
N ALA B 703 -31.47 -61.40 30.12
CA ALA B 703 -31.82 -62.79 30.37
C ALA B 703 -32.75 -63.30 29.28
N TYR B 704 -32.21 -63.50 28.09
CA TYR B 704 -33.01 -63.85 26.92
C TYR B 704 -33.14 -65.35 26.76
N SER B 705 -34.29 -65.77 26.20
CA SER B 705 -34.48 -67.13 25.76
C SER B 705 -35.64 -67.13 24.76
N ASN B 706 -35.84 -68.29 24.12
CA ASN B 706 -36.80 -68.37 23.03
C ASN B 706 -38.24 -68.52 23.50
N ASN B 707 -38.50 -68.68 24.79
CA ASN B 707 -39.87 -68.76 25.25
C ASN B 707 -40.08 -68.03 26.57
N SER B 708 -39.33 -66.95 26.80
CA SER B 708 -39.46 -66.17 28.02
C SER B 708 -39.70 -64.72 27.66
N ILE B 709 -40.70 -64.11 28.29
CA ILE B 709 -41.03 -62.70 28.07
C ILE B 709 -41.01 -61.99 29.41
N ALA B 710 -40.40 -60.80 29.45
CA ALA B 710 -40.46 -59.93 30.60
C ALA B 710 -41.57 -58.93 30.40
N ILE B 711 -42.51 -58.87 31.34
CA ILE B 711 -43.62 -57.94 31.21
C ILE B 711 -43.68 -57.02 32.42
N PRO B 712 -43.78 -55.71 32.23
CA PRO B 712 -43.90 -54.81 33.37
C PRO B 712 -45.24 -54.97 34.07
N THR B 713 -45.23 -54.76 35.39
CA THR B 713 -46.44 -54.72 36.18
C THR B 713 -46.69 -53.36 36.82
N ASN B 714 -45.69 -52.49 36.85
CA ASN B 714 -45.85 -51.16 37.43
C ASN B 714 -45.17 -50.16 36.50
N PHE B 715 -45.45 -48.88 36.71
CA PHE B 715 -45.06 -47.86 35.76
C PHE B 715 -44.81 -46.56 36.51
N THR B 716 -44.37 -45.55 35.78
CA THR B 716 -44.13 -44.24 36.34
C THR B 716 -44.39 -43.17 35.29
N ILE B 717 -44.73 -41.98 35.77
CA ILE B 717 -44.99 -40.83 34.92
C ILE B 717 -43.85 -39.86 35.15
N SER B 718 -42.85 -39.90 34.29
CA SER B 718 -41.65 -39.10 34.48
C SER B 718 -41.79 -37.77 33.74
N VAL B 719 -41.26 -36.71 34.35
CA VAL B 719 -41.28 -35.38 33.75
C VAL B 719 -39.84 -34.99 33.48
N THR B 720 -39.45 -35.07 32.21
CA THR B 720 -38.12 -34.61 31.83
C THR B 720 -38.19 -33.16 31.36
N THR B 721 -37.02 -32.56 31.21
CA THR B 721 -36.90 -31.16 30.82
C THR B 721 -36.02 -31.05 29.58
N GLU B 722 -36.51 -30.32 28.57
CA GLU B 722 -35.75 -30.10 27.34
C GLU B 722 -35.71 -28.61 27.05
N ILE B 723 -34.53 -28.07 26.81
CA ILE B 723 -34.33 -26.64 26.63
C ILE B 723 -33.87 -26.38 25.20
N LEU B 724 -34.53 -25.44 24.52
CA LEU B 724 -34.19 -25.14 23.13
C LEU B 724 -34.13 -23.63 22.93
N PRO B 725 -33.03 -23.09 22.43
CA PRO B 725 -33.02 -21.67 22.04
C PRO B 725 -34.01 -21.45 20.91
N VAL B 726 -34.59 -20.25 20.88
CA VAL B 726 -35.57 -19.88 19.87
C VAL B 726 -35.08 -18.73 18.99
N SER B 727 -34.75 -17.60 19.61
CA SER B 727 -34.24 -16.46 18.87
C SER B 727 -33.02 -15.88 19.59
N MET B 728 -32.12 -15.30 18.82
CA MET B 728 -30.96 -14.62 19.35
C MET B 728 -31.22 -13.12 19.40
N THR B 729 -30.34 -12.41 20.09
CA THR B 729 -30.54 -10.97 20.27
C THR B 729 -30.41 -10.22 18.95
N LYS B 730 -31.38 -9.39 18.65
CA LYS B 730 -31.42 -8.63 17.40
C LYS B 730 -30.52 -7.42 17.55
N THR B 731 -29.33 -7.48 16.94
CA THR B 731 -28.33 -6.43 17.05
C THR B 731 -28.09 -5.82 15.67
N SER B 732 -28.11 -4.49 15.59
CA SER B 732 -27.82 -3.76 14.38
C SER B 732 -26.54 -2.97 14.56
N VAL B 733 -25.68 -3.00 13.55
CA VAL B 733 -24.42 -2.26 13.57
C VAL B 733 -24.50 -1.15 12.54
N ASP B 734 -24.32 0.08 13.00
CA ASP B 734 -24.23 1.21 12.08
C ASP B 734 -22.85 1.21 11.43
N CYS B 735 -22.76 0.57 10.26
CA CYS B 735 -21.47 0.29 9.64
C CYS B 735 -20.62 1.55 9.50
N THR B 736 -21.20 2.62 8.94
CA THR B 736 -20.45 3.86 8.79
C THR B 736 -20.05 4.42 10.15
N MET B 737 -20.98 4.42 11.11
CA MET B 737 -20.66 4.97 12.42
C MET B 737 -19.62 4.12 13.14
N TYR B 738 -19.71 2.79 13.02
CA TYR B 738 -18.72 1.94 13.66
C TYR B 738 -17.34 2.16 13.08
N ILE B 739 -17.22 2.06 11.75
CA ILE B 739 -15.89 2.16 11.14
C ILE B 739 -15.38 3.59 11.18
N CYS B 740 -16.25 4.56 10.91
CA CYS B 740 -15.85 5.94 10.66
C CYS B 740 -16.64 6.90 11.54
N GLY B 741 -16.69 6.61 12.83
CA GLY B 741 -17.44 7.42 13.77
C GLY B 741 -17.10 8.91 13.74
N ASP B 742 -18.07 9.71 13.30
CA ASP B 742 -18.00 11.17 13.38
C ASP B 742 -16.78 11.74 12.65
N SER B 743 -16.43 11.13 11.52
CA SER B 743 -15.34 11.62 10.69
C SER B 743 -15.80 11.66 9.25
N THR B 744 -15.77 12.86 8.64
CA THR B 744 -16.18 12.99 7.25
C THR B 744 -15.19 12.32 6.31
N GLU B 745 -13.89 12.51 6.58
CA GLU B 745 -12.86 11.97 5.68
C GLU B 745 -12.90 10.45 5.67
N CYS B 746 -13.08 9.83 6.84
CA CYS B 746 -13.18 8.39 6.90
C CYS B 746 -14.39 7.90 6.11
N SER B 747 -15.52 8.60 6.23
CA SER B 747 -16.70 8.23 5.46
C SER B 747 -16.45 8.33 3.96
N ASN B 748 -15.78 9.40 3.54
CA ASN B 748 -15.47 9.57 2.12
C ASN B 748 -14.58 8.44 1.62
N LEU B 749 -13.57 8.07 2.41
CA LEU B 749 -12.72 6.96 2.01
C LEU B 749 -13.51 5.65 1.96
N LEU B 750 -14.42 5.46 2.92
CA LEU B 750 -15.25 4.27 2.93
C LEU B 750 -16.16 4.22 1.70
N LEU B 751 -16.52 5.39 1.16
CA LEU B 751 -17.33 5.41 -0.05
C LEU B 751 -16.66 4.63 -1.18
N GLN B 752 -15.34 4.63 -1.25
CA GLN B 752 -14.64 3.95 -2.33
C GLN B 752 -14.85 2.44 -2.28
N TYR B 753 -15.27 1.91 -1.13
CA TYR B 753 -15.46 0.47 -0.97
C TYR B 753 -16.84 0.02 -1.40
N GLY B 754 -17.50 0.78 -2.26
CA GLY B 754 -18.76 0.34 -2.84
C GLY B 754 -19.93 0.40 -1.89
N SER B 755 -20.53 -0.76 -1.62
CA SER B 755 -21.77 -0.83 -0.86
C SER B 755 -21.66 -1.86 0.25
N PHE B 756 -20.48 -1.97 0.86
CA PHE B 756 -20.29 -2.95 1.92
C PHE B 756 -21.22 -2.67 3.10
N CYS B 757 -21.34 -1.40 3.50
CA CYS B 757 -22.20 -1.07 4.63
C CYS B 757 -23.65 -1.43 4.34
N THR B 758 -24.11 -1.16 3.12
CA THR B 758 -25.49 -1.45 2.77
C THR B 758 -25.80 -2.94 2.90
N GLN B 759 -24.93 -3.79 2.36
CA GLN B 759 -25.22 -5.22 2.41
C GLN B 759 -25.01 -5.80 3.80
N LEU B 760 -24.08 -5.24 4.56
CA LEU B 760 -23.95 -5.66 5.96
C LEU B 760 -25.22 -5.35 6.74
N ASN B 761 -25.75 -4.13 6.56
CA ASN B 761 -27.01 -3.79 7.21
C ASN B 761 -28.13 -4.69 6.72
N ARG B 762 -28.12 -5.03 5.43
CA ARG B 762 -29.12 -5.94 4.90
C ARG B 762 -29.05 -7.30 5.57
N ALA B 763 -27.84 -7.83 5.73
CA ALA B 763 -27.68 -9.14 6.36
C ALA B 763 -28.15 -9.11 7.80
N LEU B 764 -27.78 -8.08 8.55
CA LEU B 764 -28.18 -8.03 9.96
C LEU B 764 -29.68 -7.81 10.10
N THR B 765 -30.27 -7.00 9.22
CA THR B 765 -31.73 -6.83 9.26
C THR B 765 -32.43 -8.13 8.93
N GLY B 766 -31.91 -8.88 7.95
CA GLY B 766 -32.48 -10.19 7.68
C GLY B 766 -32.37 -11.12 8.88
N ILE B 767 -31.25 -11.04 9.60
CA ILE B 767 -31.09 -11.83 10.81
C ILE B 767 -32.18 -11.47 11.82
N ALA B 768 -32.41 -10.18 12.02
CA ALA B 768 -33.42 -9.76 12.99
C ALA B 768 -34.82 -10.21 12.59
N VAL B 769 -35.15 -10.06 11.31
CA VAL B 769 -36.46 -10.50 10.83
C VAL B 769 -36.61 -12.00 11.02
N GLU B 770 -35.56 -12.76 10.75
CA GLU B 770 -35.60 -14.20 10.95
C GLU B 770 -35.78 -14.56 12.41
N GLN B 771 -35.17 -13.78 13.31
CA GLN B 771 -35.38 -14.01 14.74
C GLN B 771 -36.84 -13.83 15.11
N ASP B 772 -37.46 -12.74 14.65
CA ASP B 772 -38.86 -12.53 14.96
C ASP B 772 -39.73 -13.64 14.36
N LYS B 773 -39.40 -14.07 13.14
CA LYS B 773 -40.14 -15.15 12.51
C LYS B 773 -40.01 -16.44 13.29
N ASN B 774 -38.81 -16.70 13.82
CA ASN B 774 -38.61 -17.91 14.64
C ASN B 774 -39.48 -17.86 15.88
N THR B 775 -39.51 -16.71 16.55
CA THR B 775 -40.37 -16.61 17.73
C THR B 775 -41.82 -16.82 17.35
N GLN B 776 -42.26 -16.21 16.24
CA GLN B 776 -43.65 -16.35 15.81
C GLN B 776 -44.01 -17.80 15.54
N GLU B 777 -43.15 -18.51 14.81
CA GLU B 777 -43.44 -19.91 14.50
C GLU B 777 -43.39 -20.78 15.75
N VAL B 778 -42.47 -20.48 16.66
CA VAL B 778 -42.33 -21.31 17.85
C VAL B 778 -43.55 -21.20 18.75
N PHE B 779 -44.03 -19.97 18.99
CA PHE B 779 -45.08 -19.80 19.97
C PHE B 779 -46.45 -19.50 19.38
N ALA B 780 -46.52 -18.74 18.29
CA ALA B 780 -47.82 -18.32 17.75
C ALA B 780 -48.40 -19.39 16.81
N GLN B 781 -48.58 -20.58 17.36
CA GLN B 781 -49.19 -21.69 16.64
C GLN B 781 -50.65 -21.91 17.02
N VAL B 782 -51.22 -21.07 17.86
CA VAL B 782 -52.60 -21.23 18.31
C VAL B 782 -53.39 -20.04 17.81
N LYS B 783 -54.56 -20.32 17.22
CA LYS B 783 -55.36 -19.26 16.63
C LYS B 783 -55.84 -18.26 17.68
N GLN B 784 -56.33 -18.76 18.81
CA GLN B 784 -56.93 -17.91 19.82
C GLN B 784 -56.14 -18.01 21.13
N ILE B 785 -56.60 -17.27 22.12
CA ILE B 785 -56.01 -17.31 23.45
C ILE B 785 -56.97 -18.03 24.39
N TYR B 786 -56.74 -19.32 24.60
CA TYR B 786 -57.54 -20.04 25.57
C TYR B 786 -57.11 -19.68 26.98
N LYS B 787 -58.09 -19.59 27.88
CA LYS B 787 -57.82 -19.36 29.29
C LYS B 787 -58.47 -20.45 30.10
N THR B 788 -57.71 -21.04 31.01
CA THR B 788 -58.23 -22.14 31.81
C THR B 788 -59.34 -21.64 32.73
N PRO B 789 -60.36 -22.45 32.96
CA PRO B 789 -61.42 -22.07 33.90
C PRO B 789 -60.87 -21.98 35.31
N PRO B 790 -61.45 -21.12 36.15
CA PRO B 790 -60.92 -20.95 37.51
C PRO B 790 -60.95 -22.22 38.35
N ILE B 791 -61.96 -23.05 38.18
CA ILE B 791 -62.10 -24.26 39.00
C ILE B 791 -61.16 -25.32 38.44
N LYS B 792 -60.09 -25.62 39.15
CA LYS B 792 -59.07 -26.57 38.69
C LYS B 792 -59.37 -27.98 39.23
N ASP B 793 -60.54 -28.48 38.87
CA ASP B 793 -60.94 -29.85 39.21
C ASP B 793 -60.49 -30.81 38.11
N PHE B 794 -59.17 -30.91 37.95
CA PHE B 794 -58.56 -31.71 36.92
C PHE B 794 -58.36 -33.16 37.33
N GLY B 795 -59.13 -33.65 38.29
CA GLY B 795 -58.98 -35.02 38.71
C GLY B 795 -57.63 -35.31 39.35
N GLY B 796 -57.22 -34.45 40.27
CA GLY B 796 -56.00 -34.70 41.01
C GLY B 796 -54.76 -34.08 40.41
N PHE B 797 -54.68 -34.04 39.08
CA PHE B 797 -53.56 -33.40 38.43
C PHE B 797 -53.50 -31.93 38.83
N ASN B 798 -52.35 -31.47 39.28
CA ASN B 798 -52.21 -30.15 39.89
C ASN B 798 -51.23 -29.31 39.08
N PHE B 799 -51.74 -28.26 38.45
CA PHE B 799 -50.96 -27.45 37.52
C PHE B 799 -50.59 -26.08 38.08
N SER B 800 -50.70 -25.88 39.40
CA SER B 800 -50.47 -24.55 39.95
C SER B 800 -49.08 -24.03 39.62
N GLN B 801 -48.15 -24.92 39.34
CA GLN B 801 -46.76 -24.53 39.12
C GLN B 801 -46.46 -24.16 37.67
N ILE B 802 -47.37 -24.43 36.74
CA ILE B 802 -47.13 -24.11 35.34
C ILE B 802 -48.19 -23.22 34.73
N LEU B 803 -49.40 -23.16 35.28
CA LEU B 803 -50.35 -22.16 34.82
C LEU B 803 -49.89 -20.78 35.27
N PRO B 804 -50.25 -19.73 34.53
CA PRO B 804 -49.84 -18.39 34.93
C PRO B 804 -50.40 -18.02 36.29
N ASP B 805 -49.61 -17.27 37.04
CA ASP B 805 -49.99 -16.84 38.38
C ASP B 805 -50.59 -15.44 38.32
N PRO B 806 -51.86 -15.25 38.69
CA PRO B 806 -52.42 -13.89 38.69
C PRO B 806 -51.67 -12.92 39.59
N SER B 807 -51.07 -13.40 40.67
CA SER B 807 -50.37 -12.51 41.60
C SER B 807 -49.23 -11.79 40.91
N LYS B 808 -48.45 -12.49 40.11
CA LYS B 808 -47.35 -11.86 39.41
C LYS B 808 -47.90 -10.81 38.45
N PRO B 809 -47.33 -9.60 38.41
CA PRO B 809 -47.83 -8.59 37.47
C PRO B 809 -47.75 -9.05 36.02
N SER B 810 -46.70 -9.76 35.64
CA SER B 810 -46.66 -10.41 34.35
C SER B 810 -47.44 -11.72 34.43
N LYS B 811 -48.20 -12.00 33.38
CA LYS B 811 -49.02 -13.21 33.37
C LYS B 811 -48.11 -14.41 33.19
N ARG B 812 -47.30 -14.70 34.21
CA ARG B 812 -46.18 -15.62 34.10
C ARG B 812 -46.31 -16.72 35.14
N SER B 813 -45.98 -17.95 34.75
CA SER B 813 -46.05 -19.08 35.65
C SER B 813 -44.83 -19.12 36.56
N PHE B 814 -44.94 -19.90 37.63
CA PHE B 814 -43.88 -19.91 38.65
C PHE B 814 -42.58 -20.48 38.10
N ILE B 815 -42.66 -21.62 37.41
CA ILE B 815 -41.45 -22.20 36.84
C ILE B 815 -40.86 -21.27 35.79
N GLU B 816 -41.73 -20.57 35.06
CA GLU B 816 -41.24 -19.53 34.16
C GLU B 816 -40.51 -18.45 34.93
N ASP B 817 -41.01 -18.09 36.12
CA ASP B 817 -40.31 -17.11 36.95
C ASP B 817 -38.93 -17.62 37.34
N LEU B 818 -38.83 -18.89 37.72
CA LEU B 818 -37.51 -19.45 38.03
C LEU B 818 -36.60 -19.39 36.82
N LEU B 819 -37.13 -19.72 35.65
CA LEU B 819 -36.33 -19.67 34.43
C LEU B 819 -35.83 -18.27 34.15
N PHE B 820 -36.70 -17.27 34.30
CA PHE B 820 -36.29 -15.89 34.07
C PHE B 820 -35.22 -15.47 35.07
N ASN B 821 -35.38 -15.83 36.34
CA ASN B 821 -34.43 -15.41 37.35
C ASN B 821 -33.07 -16.07 37.15
N LYS B 822 -33.06 -17.35 36.77
CA LYS B 822 -31.79 -18.06 36.62
C LYS B 822 -30.98 -17.49 35.45
N VAL B 823 -31.63 -17.31 34.30
CA VAL B 823 -30.92 -16.78 33.14
C VAL B 823 -30.65 -15.29 33.36
N THR B 824 -29.42 -14.88 33.12
CA THR B 824 -29.03 -13.49 33.30
C THR B 824 -28.66 -12.85 31.96
N PHE B 852 -22.99 1.46 21.33
CA PHE B 852 -22.70 2.86 21.63
C PHE B 852 -21.68 3.39 20.64
N ASN B 853 -21.13 2.48 19.83
CA ASN B 853 -20.26 2.82 18.72
C ASN B 853 -20.95 2.51 17.40
N GLY B 854 -22.24 2.83 17.30
CA GLY B 854 -23.06 2.42 16.19
C GLY B 854 -23.78 1.11 16.40
N LEU B 855 -23.66 0.51 17.58
CA LEU B 855 -24.27 -0.78 17.88
C LEU B 855 -25.55 -0.53 18.67
N THR B 856 -26.67 -0.95 18.12
CA THR B 856 -27.97 -0.85 18.77
C THR B 856 -28.57 -2.23 18.93
N VAL B 857 -29.42 -2.41 19.92
CA VAL B 857 -30.13 -3.65 20.16
C VAL B 857 -31.59 -3.42 19.80
N LEU B 858 -32.05 -4.08 18.76
CA LEU B 858 -33.45 -3.92 18.39
C LEU B 858 -34.33 -4.73 19.32
N PRO B 859 -35.33 -4.12 19.94
CA PRO B 859 -36.23 -4.88 20.81
C PRO B 859 -37.01 -5.91 20.00
N PRO B 860 -37.26 -7.08 20.56
CA PRO B 860 -38.00 -8.11 19.83
C PRO B 860 -39.45 -7.71 19.65
N LEU B 861 -40.05 -8.26 18.58
CA LEU B 861 -41.44 -7.94 18.26
C LEU B 861 -42.39 -8.36 19.37
N LEU B 862 -42.20 -9.54 19.92
CA LEU B 862 -43.06 -10.08 20.96
C LEU B 862 -42.38 -9.87 22.31
N THR B 863 -43.03 -9.10 23.19
CA THR B 863 -42.51 -8.91 24.53
C THR B 863 -42.69 -10.18 25.35
N ASP B 864 -41.96 -10.24 26.47
CA ASP B 864 -42.06 -11.40 27.35
C ASP B 864 -43.49 -11.62 27.83
N GLU B 865 -44.23 -10.55 28.08
CA GLU B 865 -45.61 -10.69 28.52
C GLU B 865 -46.46 -11.43 27.49
N MET B 866 -46.30 -11.08 26.22
CA MET B 866 -47.08 -11.73 25.18
C MET B 866 -46.69 -13.19 25.02
N ILE B 867 -45.40 -13.50 25.13
CA ILE B 867 -44.97 -14.88 25.05
C ILE B 867 -45.55 -15.68 26.21
N ALA B 868 -45.58 -15.08 27.40
CA ALA B 868 -46.21 -15.74 28.53
C ALA B 868 -47.69 -15.99 28.28
N GLN B 869 -48.37 -15.01 27.67
CA GLN B 869 -49.78 -15.21 27.33
C GLN B 869 -49.96 -16.36 26.35
N TYR B 870 -49.08 -16.45 25.35
CA TYR B 870 -49.16 -17.54 24.38
C TYR B 870 -48.94 -18.89 25.06
N THR B 871 -47.98 -18.95 25.98
CA THR B 871 -47.76 -20.19 26.71
C THR B 871 -48.97 -20.55 27.56
N SER B 872 -49.60 -19.55 28.19
CA SER B 872 -50.80 -19.82 28.95
C SER B 872 -51.91 -20.36 28.08
N ALA B 873 -52.07 -19.78 26.88
CA ALA B 873 -53.08 -20.28 25.96
C ALA B 873 -52.79 -21.71 25.54
N LEU B 874 -51.52 -22.01 25.25
CA LEU B 874 -51.18 -23.36 24.85
C LEU B 874 -51.45 -24.35 25.97
N LEU B 875 -51.10 -23.99 27.20
CA LEU B 875 -51.38 -24.87 28.33
C LEU B 875 -52.88 -25.08 28.50
N ALA B 876 -53.67 -24.01 28.40
CA ALA B 876 -55.10 -24.14 28.54
C ALA B 876 -55.67 -25.07 27.47
N GLY B 877 -55.21 -24.91 26.23
CA GLY B 877 -55.67 -25.78 25.18
C GLY B 877 -55.30 -27.23 25.41
N THR B 878 -54.04 -27.49 25.76
CA THR B 878 -53.58 -28.85 25.97
C THR B 878 -54.33 -29.51 27.12
N ILE B 879 -54.60 -28.76 28.18
CA ILE B 879 -55.26 -29.35 29.34
C ILE B 879 -56.74 -29.59 29.06
N THR B 880 -57.46 -28.53 28.65
CA THR B 880 -58.91 -28.63 28.57
C THR B 880 -59.42 -29.24 27.28
N SER B 881 -58.56 -29.44 26.29
CA SER B 881 -59.03 -29.92 25.00
C SER B 881 -58.20 -31.04 24.39
N GLY B 882 -57.01 -31.31 24.90
CA GLY B 882 -56.19 -32.36 24.33
C GLY B 882 -55.56 -31.91 23.04
N TRP B 883 -55.65 -32.75 22.02
CA TRP B 883 -55.15 -32.41 20.70
C TRP B 883 -56.22 -31.84 19.79
N THR B 884 -57.48 -31.80 20.22
CA THR B 884 -58.54 -31.31 19.36
C THR B 884 -58.31 -29.85 18.98
N PHE B 885 -57.88 -29.03 19.95
CA PHE B 885 -57.63 -27.63 19.64
C PHE B 885 -56.45 -27.44 18.71
N GLY B 886 -55.64 -28.48 18.53
CA GLY B 886 -54.61 -28.42 17.51
C GLY B 886 -55.13 -28.61 16.10
N ALA B 887 -56.20 -29.37 15.93
CA ALA B 887 -56.77 -29.58 14.61
C ALA B 887 -57.71 -28.45 14.23
N GLY B 888 -58.79 -28.28 14.98
CA GLY B 888 -59.75 -27.23 14.70
C GLY B 888 -60.18 -26.51 15.95
N ALA B 889 -61.48 -26.35 16.15
CA ALA B 889 -61.99 -25.70 17.34
C ALA B 889 -61.73 -26.58 18.57
N ALA B 890 -61.36 -25.95 19.67
CA ALA B 890 -61.13 -26.68 20.91
C ALA B 890 -62.41 -27.33 21.38
N LEU B 891 -62.32 -28.61 21.78
CA LEU B 891 -63.45 -29.34 22.31
C LEU B 891 -63.18 -29.65 23.77
N GLN B 892 -64.09 -29.22 24.65
CA GLN B 892 -63.90 -29.51 26.06
C GLN B 892 -64.01 -31.01 26.31
N ILE B 893 -63.22 -31.48 27.26
CA ILE B 893 -63.15 -32.90 27.59
C ILE B 893 -62.46 -33.07 28.94
N PRO B 894 -63.04 -33.82 29.87
CA PRO B 894 -62.42 -33.95 31.19
C PRO B 894 -61.03 -34.53 31.10
N PHE B 895 -60.14 -34.03 31.96
CA PHE B 895 -58.72 -34.35 31.82
C PHE B 895 -58.45 -35.83 31.99
N ALA B 896 -59.16 -36.49 32.91
CA ALA B 896 -58.99 -37.92 33.08
C ALA B 896 -59.27 -38.67 31.78
N MET B 897 -60.30 -38.23 31.06
CA MET B 897 -60.60 -38.86 29.78
C MET B 897 -59.48 -38.63 28.77
N GLN B 898 -58.82 -37.47 28.81
CA GLN B 898 -57.70 -37.24 27.91
C GLN B 898 -56.53 -38.16 28.26
N MET B 899 -56.26 -38.33 29.56
CA MET B 899 -55.22 -39.27 29.94
C MET B 899 -55.58 -40.68 29.49
N ALA B 900 -56.85 -41.06 29.58
CA ALA B 900 -57.26 -42.37 29.09
C ALA B 900 -57.01 -42.50 27.59
N TYR B 901 -57.37 -41.46 26.83
CA TYR B 901 -57.11 -41.48 25.40
C TYR B 901 -55.62 -41.65 25.11
N ARG B 902 -54.78 -40.91 25.83
CA ARG B 902 -53.35 -40.99 25.57
C ARG B 902 -52.80 -42.35 25.97
N PHE B 903 -53.31 -42.93 27.06
CA PHE B 903 -52.89 -44.27 27.44
C PHE B 903 -53.23 -45.27 26.35
N ASN B 904 -54.42 -45.15 25.77
CA ASN B 904 -54.75 -45.94 24.59
C ASN B 904 -53.78 -45.62 23.46
N GLY B 905 -53.33 -44.36 23.38
CA GLY B 905 -52.41 -43.98 22.34
C GLY B 905 -51.07 -44.69 22.42
N ILE B 906 -50.57 -44.91 23.64
CA ILE B 906 -49.27 -45.56 23.79
C ILE B 906 -49.36 -47.08 23.78
N GLY B 907 -50.55 -47.65 23.68
CA GLY B 907 -50.72 -49.09 23.67
C GLY B 907 -51.16 -49.70 24.98
N VAL B 908 -51.51 -48.89 25.98
CA VAL B 908 -52.03 -49.37 27.25
C VAL B 908 -53.53 -49.18 27.27
N THR B 909 -54.27 -50.25 27.58
CA THR B 909 -55.72 -50.17 27.61
C THR B 909 -56.16 -49.10 28.60
N GLN B 910 -57.25 -48.42 28.28
CA GLN B 910 -57.58 -47.18 28.97
C GLN B 910 -57.93 -47.40 30.44
N ASN B 911 -58.54 -48.54 30.76
CA ASN B 911 -58.98 -48.77 32.14
C ASN B 911 -57.83 -48.60 33.12
N VAL B 912 -56.62 -48.98 32.72
CA VAL B 912 -55.47 -48.89 33.62
C VAL B 912 -55.37 -47.51 34.24
N LEU B 913 -55.70 -46.47 33.46
CA LEU B 913 -55.64 -45.11 34.00
C LEU B 913 -56.56 -44.95 35.19
N TYR B 914 -57.85 -45.24 35.00
CA TYR B 914 -58.85 -44.91 36.01
C TYR B 914 -58.58 -45.64 37.31
N GLU B 915 -58.30 -46.93 37.21
CA GLU B 915 -58.05 -47.73 38.41
C GLU B 915 -56.87 -47.23 39.21
N ASN B 916 -56.00 -46.43 38.59
CA ASN B 916 -54.86 -45.86 39.30
C ASN B 916 -54.86 -44.34 39.25
N GLN B 917 -56.01 -43.73 38.89
CA GLN B 917 -56.05 -42.30 38.61
C GLN B 917 -55.33 -41.49 39.69
N LYS B 918 -55.84 -41.57 40.92
CA LYS B 918 -55.24 -40.80 42.01
C LYS B 918 -53.74 -41.03 42.07
N LEU B 919 -53.34 -42.31 42.08
CA LEU B 919 -51.93 -42.63 42.18
C LEU B 919 -51.13 -41.90 41.11
N ILE B 920 -51.57 -42.01 39.86
CA ILE B 920 -50.83 -41.39 38.77
C ILE B 920 -50.69 -39.90 39.03
N ALA B 921 -51.80 -39.27 39.43
CA ALA B 921 -51.77 -37.84 39.71
C ALA B 921 -50.63 -37.53 40.67
N ASN B 922 -50.55 -38.27 41.78
CA ASN B 922 -49.50 -38.02 42.75
C ASN B 922 -48.15 -38.06 42.07
N GLN B 923 -47.87 -39.13 41.35
CA GLN B 923 -46.60 -39.23 40.64
C GLN B 923 -46.40 -38.02 39.77
N PHE B 924 -47.40 -37.72 38.94
CA PHE B 924 -47.36 -36.53 38.11
C PHE B 924 -46.99 -35.33 38.95
N ASN B 925 -47.80 -35.04 39.98
CA ASN B 925 -47.53 -33.91 40.85
C ASN B 925 -46.12 -34.00 41.39
N SER B 926 -45.76 -35.15 41.94
CA SER B 926 -44.44 -35.29 42.54
C SER B 926 -43.36 -34.93 41.52
N ALA B 927 -43.49 -35.47 40.31
CA ALA B 927 -42.49 -35.19 39.29
C ALA B 927 -42.36 -33.69 39.08
N ILE B 928 -43.50 -33.01 38.91
CA ILE B 928 -43.48 -31.57 38.69
C ILE B 928 -42.73 -30.89 39.83
N GLY B 929 -43.01 -31.32 41.06
CA GLY B 929 -42.34 -30.70 42.20
C GLY B 929 -40.84 -30.79 42.09
N LYS B 930 -40.33 -31.99 41.76
CA LYS B 930 -38.88 -32.15 41.69
C LYS B 930 -38.31 -31.26 40.60
N ILE B 931 -39.09 -31.00 39.54
CA ILE B 931 -38.64 -30.11 38.49
C ILE B 931 -38.24 -28.77 39.08
N GLN B 932 -39.08 -28.23 39.97
CA GLN B 932 -38.76 -26.98 40.64
C GLN B 932 -37.38 -27.07 41.26
N ASP B 933 -37.17 -28.11 42.07
CA ASP B 933 -35.86 -28.27 42.71
C ASP B 933 -34.78 -28.45 41.66
N SER B 934 -35.06 -29.24 40.62
CA SER B 934 -34.08 -29.44 39.57
C SER B 934 -33.65 -28.11 38.97
N LEU B 935 -34.55 -27.14 38.93
CA LEU B 935 -34.18 -25.82 38.46
C LEU B 935 -33.74 -24.93 39.62
N SER B 936 -34.35 -25.11 40.80
CA SER B 936 -34.05 -24.21 41.90
C SER B 936 -32.60 -24.36 42.37
N SER B 937 -32.11 -25.59 42.45
CA SER B 937 -30.75 -25.82 42.93
C SER B 937 -29.72 -25.65 41.81
N THR B 938 -29.85 -26.45 40.75
CA THR B 938 -28.85 -26.52 39.70
C THR B 938 -29.28 -25.65 38.52
N ALA B 939 -28.38 -24.79 38.06
CA ALA B 939 -28.62 -23.92 36.92
C ALA B 939 -27.85 -24.32 35.68
N SER B 940 -27.00 -25.36 35.76
CA SER B 940 -26.21 -25.76 34.61
C SER B 940 -27.08 -26.27 33.47
N ALA B 941 -28.28 -26.76 33.79
CA ALA B 941 -29.17 -27.26 32.75
C ALA B 941 -29.52 -26.16 31.74
N LEU B 942 -29.76 -24.96 32.23
CA LEU B 942 -30.05 -23.80 31.38
C LEU B 942 -28.88 -23.37 30.55
N GLY B 943 -27.75 -24.05 30.64
CA GLY B 943 -26.57 -23.63 29.87
C GLY B 943 -26.88 -23.51 28.39
N LYS B 944 -27.61 -24.49 27.85
CA LYS B 944 -28.03 -24.49 26.45
C LYS B 944 -28.51 -23.12 26.02
N LEU B 945 -29.27 -22.45 26.89
CA LEU B 945 -29.69 -21.08 26.59
C LEU B 945 -28.57 -20.09 26.87
N GLN B 946 -28.07 -20.09 28.10
CA GLN B 946 -27.13 -19.07 28.55
C GLN B 946 -25.94 -18.96 27.60
N ASP B 947 -25.32 -20.11 27.30
CA ASP B 947 -24.22 -20.19 26.35
C ASP B 947 -24.47 -19.32 25.13
N VAL B 948 -25.63 -19.51 24.48
CA VAL B 948 -25.91 -18.81 23.24
C VAL B 948 -25.79 -17.31 23.46
N VAL B 949 -26.46 -16.80 24.49
CA VAL B 949 -26.39 -15.37 24.79
C VAL B 949 -24.94 -14.95 24.94
N ASN B 950 -24.19 -15.72 25.75
CA ASN B 950 -22.78 -15.42 25.95
C ASN B 950 -22.08 -15.24 24.62
N GLN B 951 -22.26 -16.21 23.72
CA GLN B 951 -21.58 -16.14 22.43
C GLN B 951 -21.84 -14.81 21.77
N ASN B 952 -23.12 -14.42 21.68
CA ASN B 952 -23.46 -13.14 21.08
C ASN B 952 -22.67 -12.03 21.74
N ALA B 953 -22.82 -11.90 23.07
CA ALA B 953 -22.11 -10.87 23.79
C ALA B 953 -20.62 -10.97 23.51
N GLN B 954 -20.08 -12.19 23.57
CA GLN B 954 -18.66 -12.38 23.35
C GLN B 954 -18.25 -11.75 22.03
N ALA B 955 -18.96 -12.10 20.96
CA ALA B 955 -18.61 -11.57 19.64
C ALA B 955 -18.59 -10.05 19.69
N LEU B 956 -19.65 -9.45 20.23
CA LEU B 956 -19.73 -8.00 20.26
C LEU B 956 -18.52 -7.42 20.97
N ASN B 957 -18.14 -8.01 22.11
CA ASN B 957 -16.97 -7.53 22.82
C ASN B 957 -15.76 -7.52 21.91
N THR B 958 -15.49 -8.66 21.26
CA THR B 958 -14.39 -8.71 20.31
C THR B 958 -14.53 -7.59 19.29
N LEU B 959 -15.72 -7.46 18.71
CA LEU B 959 -15.96 -6.42 17.73
C LEU B 959 -15.59 -5.06 18.31
N VAL B 960 -16.10 -4.75 19.50
CA VAL B 960 -15.78 -3.46 20.12
C VAL B 960 -14.29 -3.37 20.40
N LYS B 961 -13.70 -4.45 20.90
CA LYS B 961 -12.27 -4.43 21.15
C LYS B 961 -11.49 -4.33 19.86
N GLN B 962 -12.07 -4.76 18.75
CA GLN B 962 -11.40 -4.59 17.47
C GLN B 962 -11.24 -3.12 17.10
N LEU B 963 -12.00 -2.22 17.73
CA LEU B 963 -11.78 -0.80 17.51
C LEU B 963 -10.43 -0.34 18.05
N SER B 964 -9.81 -1.11 18.94
CA SER B 964 -8.58 -0.71 19.60
C SER B 964 -7.34 -1.33 18.97
N SER B 965 -7.45 -1.80 17.73
CA SER B 965 -6.32 -2.39 17.02
C SER B 965 -5.84 -1.44 15.93
N ASN B 966 -4.52 -1.37 15.78
CA ASN B 966 -3.93 -0.43 14.82
C ASN B 966 -4.08 -0.94 13.39
N PHE B 967 -3.99 -2.25 13.19
CA PHE B 967 -4.01 -2.84 11.85
C PHE B 967 -2.92 -2.25 10.96
N GLY B 968 -1.74 -2.01 11.54
CA GLY B 968 -0.64 -1.42 10.82
C GLY B 968 -0.57 0.09 10.89
N ALA B 969 -1.64 0.75 11.36
CA ALA B 969 -1.63 2.19 11.43
C ALA B 969 -0.85 2.66 12.65
N ILE B 970 -0.54 3.95 12.67
CA ILE B 970 0.19 4.54 13.80
C ILE B 970 -0.66 4.50 15.06
N SER B 971 -1.97 4.66 14.92
CA SER B 971 -2.86 4.70 16.06
C SER B 971 -4.17 3.98 15.74
N SER B 972 -4.88 3.61 16.80
CA SER B 972 -6.18 2.99 16.69
C SER B 972 -7.31 4.00 16.80
N VAL B 973 -7.00 5.29 16.86
CA VAL B 973 -8.00 6.35 16.95
C VAL B 973 -7.87 7.24 15.73
N LEU B 974 -8.97 7.38 14.99
CA LEU B 974 -8.96 8.23 13.80
C LEU B 974 -8.70 9.68 14.15
N ASN B 975 -9.26 10.14 15.26
CA ASN B 975 -9.11 11.55 15.65
C ASN B 975 -7.65 11.92 15.82
N ASP B 976 -6.85 11.00 16.37
CA ASP B 976 -5.43 11.27 16.56
C ASP B 976 -4.73 11.53 15.23
N ILE B 977 -4.93 10.63 14.27
CA ILE B 977 -4.26 10.76 12.98
C ILE B 977 -4.77 11.98 12.24
N LEU B 978 -6.08 12.25 12.33
CA LEU B 978 -6.63 13.45 11.70
C LEU B 978 -6.01 14.71 12.27
N SER B 979 -5.88 14.79 13.60
CA SER B 979 -5.36 15.98 14.23
C SER B 979 -3.85 16.12 14.04
N ARG B 980 -3.15 15.01 13.84
CA ARG B 980 -1.70 15.06 13.70
C ARG B 980 -1.23 15.12 12.26
N LEU B 981 -1.61 14.14 11.44
CA LEU B 981 -1.09 14.02 10.08
C LEU B 981 -2.03 14.68 9.08
N ASP B 982 -1.45 15.22 8.02
CA ASP B 982 -2.22 15.84 6.96
C ASP B 982 -2.91 14.77 6.11
N PRO B 983 -3.97 15.14 5.39
CA PRO B 983 -4.70 14.16 4.58
C PRO B 983 -3.80 13.40 3.62
N PRO B 984 -2.83 14.07 2.94
CA PRO B 984 -1.92 13.28 2.10
C PRO B 984 -1.16 12.23 2.87
N GLU B 985 -0.84 12.49 4.13
CA GLU B 985 -0.20 11.49 4.98
C GLU B 985 -1.21 10.61 5.69
N ALA B 986 -2.28 11.20 6.21
CA ALA B 986 -3.22 10.47 7.05
C ALA B 986 -4.07 9.49 6.24
N GLU B 987 -4.16 9.68 4.93
CA GLU B 987 -5.06 8.84 4.14
C GLU B 987 -4.63 7.38 4.14
N VAL B 988 -3.33 7.11 4.06
CA VAL B 988 -2.87 5.73 4.06
C VAL B 988 -3.20 5.05 5.39
N GLN B 989 -2.97 5.76 6.49
CA GLN B 989 -3.29 5.19 7.80
C GLN B 989 -4.80 4.94 7.93
N ILE B 990 -5.60 5.88 7.46
CA ILE B 990 -7.05 5.70 7.54
C ILE B 990 -7.49 4.55 6.66
N ASP B 991 -6.84 4.36 5.51
CA ASP B 991 -7.15 3.23 4.66
C ASP B 991 -6.83 1.91 5.34
N ARG B 992 -5.68 1.84 6.02
CA ARG B 992 -5.34 0.64 6.77
C ARG B 992 -6.38 0.37 7.86
N LEU B 993 -6.76 1.41 8.59
CA LEU B 993 -7.77 1.26 9.64
C LEU B 993 -9.09 0.80 9.05
N ILE B 994 -9.48 1.37 7.92
CA ILE B 994 -10.74 1.00 7.28
C ILE B 994 -10.71 -0.45 6.84
N THR B 995 -9.60 -0.88 6.23
CA THR B 995 -9.50 -2.27 5.82
C THR B 995 -9.62 -3.20 7.01
N GLY B 996 -8.89 -2.90 8.09
CA GLY B 996 -8.92 -3.76 9.26
C GLY B 996 -10.31 -3.83 9.89
N ARG B 997 -10.92 -2.66 10.10
CA ARG B 997 -12.22 -2.64 10.77
C ARG B 997 -13.30 -3.25 9.90
N LEU B 998 -13.23 -3.01 8.59
CA LEU B 998 -14.19 -3.61 7.67
C LEU B 998 -14.07 -5.13 7.66
N GLN B 999 -12.84 -5.64 7.64
CA GLN B 999 -12.67 -7.09 7.72
C GLN B 999 -13.21 -7.64 9.03
N SER B 1000 -12.96 -6.92 10.13
CA SER B 1000 -13.49 -7.37 11.41
C SER B 1000 -15.01 -7.40 11.40
N LEU B 1001 -15.63 -6.36 10.84
CA LEU B 1001 -17.09 -6.31 10.78
C LEU B 1001 -17.63 -7.44 9.91
N GLN B 1002 -16.97 -7.72 8.79
CA GLN B 1002 -17.43 -8.81 7.94
C GLN B 1002 -17.28 -10.15 8.64
N THR B 1003 -16.21 -10.35 9.39
CA THR B 1003 -16.05 -11.57 10.15
C THR B 1003 -17.17 -11.72 11.18
N TYR B 1004 -17.47 -10.63 11.89
CA TYR B 1004 -18.56 -10.67 12.86
C TYR B 1004 -19.89 -10.98 12.19
N VAL B 1005 -20.15 -10.37 11.03
CA VAL B 1005 -21.41 -10.60 10.35
C VAL B 1005 -21.51 -12.05 9.87
N THR B 1006 -20.41 -12.60 9.35
CA THR B 1006 -20.43 -13.99 8.91
C THR B 1006 -20.70 -14.94 10.06
N GLN B 1007 -20.03 -14.71 11.20
CA GLN B 1007 -20.29 -15.55 12.35
C GLN B 1007 -21.72 -15.39 12.85
N GLN B 1008 -22.25 -14.17 12.80
CA GLN B 1008 -23.63 -13.96 13.19
C GLN B 1008 -24.58 -14.70 12.25
N LEU B 1009 -24.29 -14.69 10.96
CA LEU B 1009 -25.13 -15.42 10.01
C LEU B 1009 -25.11 -16.91 10.29
N ILE B 1010 -23.93 -17.46 10.55
CA ILE B 1010 -23.85 -18.89 10.82
C ILE B 1010 -24.59 -19.25 12.11
N ARG B 1011 -24.39 -18.45 13.16
CA ARG B 1011 -25.10 -18.70 14.41
C ARG B 1011 -26.61 -18.53 14.22
N ALA B 1012 -27.02 -17.58 13.40
CA ALA B 1012 -28.45 -17.40 13.15
C ALA B 1012 -29.02 -18.59 12.40
N ALA B 1013 -28.27 -19.16 11.46
CA ALA B 1013 -28.75 -20.36 10.78
C ALA B 1013 -28.88 -21.52 11.75
N GLU B 1014 -27.91 -21.69 12.64
CA GLU B 1014 -28.02 -22.74 13.65
C GLU B 1014 -29.24 -22.52 14.53
N ILE B 1015 -29.46 -21.26 14.94
CA ILE B 1015 -30.60 -20.96 15.79
C ILE B 1015 -31.90 -21.19 15.03
N ARG B 1016 -31.92 -20.91 13.73
CA ARG B 1016 -33.13 -21.19 12.96
C ARG B 1016 -33.41 -22.68 12.87
N ALA B 1017 -32.35 -23.49 12.71
CA ALA B 1017 -32.56 -24.94 12.74
C ALA B 1017 -33.10 -25.37 14.09
N SER B 1018 -32.54 -24.84 15.17
CA SER B 1018 -33.02 -25.19 16.50
C SER B 1018 -34.47 -24.74 16.69
N ALA B 1019 -34.82 -23.58 16.16
CA ALA B 1019 -36.18 -23.07 16.29
C ALA B 1019 -37.16 -23.91 15.49
N ASN B 1020 -36.73 -24.40 14.32
CA ASN B 1020 -37.57 -25.33 13.59
C ASN B 1020 -37.79 -26.62 14.38
N LEU B 1021 -36.73 -27.11 15.03
CA LEU B 1021 -36.90 -28.29 15.87
C LEU B 1021 -37.88 -28.03 17.01
N ALA B 1022 -37.76 -26.87 17.64
CA ALA B 1022 -38.69 -26.54 18.72
C ALA B 1022 -40.11 -26.38 18.20
N ALA B 1023 -40.26 -25.80 17.01
CA ALA B 1023 -41.59 -25.66 16.42
C ALA B 1023 -42.19 -27.02 16.13
N THR B 1024 -41.39 -27.95 15.62
CA THR B 1024 -41.90 -29.30 15.38
C THR B 1024 -42.31 -29.96 16.69
N LYS B 1025 -41.52 -29.79 17.74
CA LYS B 1025 -41.90 -30.34 19.04
C LYS B 1025 -43.20 -29.72 19.53
N MET B 1026 -43.34 -28.40 19.40
CA MET B 1026 -44.55 -27.73 19.84
C MET B 1026 -45.76 -28.22 19.08
N SER B 1027 -45.62 -28.42 17.77
CA SER B 1027 -46.76 -28.84 16.96
C SER B 1027 -47.09 -30.31 17.18
N GLU B 1028 -46.10 -31.12 17.52
CA GLU B 1028 -46.32 -32.55 17.69
C GLU B 1028 -46.38 -32.98 19.15
N CYS B 1029 -45.38 -32.63 19.95
CA CYS B 1029 -45.37 -33.09 21.34
C CYS B 1029 -46.49 -32.44 22.14
N VAL B 1030 -46.78 -31.16 21.89
CA VAL B 1030 -47.75 -30.45 22.70
C VAL B 1030 -49.15 -30.60 22.10
N LEU B 1031 -49.33 -30.11 20.87
CA LEU B 1031 -50.65 -30.09 20.26
C LEU B 1031 -51.18 -31.48 19.95
N GLY B 1032 -50.41 -32.52 20.22
CA GLY B 1032 -50.86 -33.89 20.07
C GLY B 1032 -49.93 -34.81 20.82
N GLN B 1033 -50.15 -36.12 20.65
CA GLN B 1033 -49.25 -37.14 21.17
C GLN B 1033 -48.47 -37.73 20.00
N SER B 1034 -47.14 -37.70 20.11
CA SER B 1034 -46.30 -38.16 19.01
C SER B 1034 -45.92 -39.62 19.23
N LYS B 1035 -46.11 -40.43 18.19
CA LYS B 1035 -45.70 -41.83 18.22
C LYS B 1035 -44.21 -42.02 17.98
N ARG B 1036 -43.51 -40.96 17.58
CA ARG B 1036 -42.07 -41.05 17.46
C ARG B 1036 -41.45 -41.32 18.81
N VAL B 1037 -40.46 -42.20 18.84
CA VAL B 1037 -39.81 -42.58 20.08
C VAL B 1037 -38.63 -41.66 20.35
N ASP B 1038 -38.55 -41.15 21.57
CA ASP B 1038 -37.49 -40.26 22.04
C ASP B 1038 -37.46 -38.94 21.30
N PHE B 1039 -38.45 -38.65 20.46
CA PHE B 1039 -38.52 -37.32 19.89
C PHE B 1039 -39.04 -36.31 20.91
N CYS B 1040 -39.94 -36.75 21.78
CA CYS B 1040 -40.50 -35.90 22.83
C CYS B 1040 -40.09 -36.40 24.21
N GLY B 1041 -38.82 -36.75 24.36
CA GLY B 1041 -38.33 -37.26 25.61
C GLY B 1041 -38.33 -38.79 25.65
N LYS B 1042 -37.49 -39.34 26.52
CA LYS B 1042 -37.34 -40.78 26.60
C LYS B 1042 -38.62 -41.44 27.08
N GLY B 1043 -38.92 -42.60 26.51
CA GLY B 1043 -40.10 -43.36 26.87
C GLY B 1043 -41.25 -43.08 25.93
N TYR B 1044 -42.34 -43.82 26.14
CA TYR B 1044 -43.56 -43.58 25.38
C TYR B 1044 -44.11 -42.22 25.79
N HIS B 1045 -44.22 -41.31 24.82
CA HIS B 1045 -44.60 -39.95 25.13
C HIS B 1045 -46.08 -39.86 25.47
N LEU B 1046 -46.41 -39.09 26.51
CA LEU B 1046 -47.80 -38.82 26.86
C LEU B 1046 -48.21 -37.40 26.46
N MET B 1047 -47.49 -36.40 26.93
CA MET B 1047 -47.80 -35.02 26.57
C MET B 1047 -46.58 -34.16 26.83
N SER B 1048 -46.69 -32.88 26.48
CA SER B 1048 -45.59 -31.95 26.70
C SER B 1048 -46.17 -30.58 26.99
N PHE B 1049 -45.51 -29.87 27.89
CA PHE B 1049 -45.98 -28.57 28.35
C PHE B 1049 -44.91 -27.52 28.07
N PRO B 1050 -45.21 -26.45 27.37
CA PRO B 1050 -44.20 -25.43 27.07
C PRO B 1050 -44.12 -24.38 28.16
N GLN B 1051 -42.93 -23.78 28.26
CA GLN B 1051 -42.70 -22.67 29.18
C GLN B 1051 -41.74 -21.71 28.52
N SER B 1052 -42.10 -20.43 28.48
CA SER B 1052 -41.24 -19.42 27.90
C SER B 1052 -40.00 -19.21 28.75
N ALA B 1053 -38.88 -18.96 28.11
CA ALA B 1053 -37.64 -18.63 28.78
C ALA B 1053 -36.93 -17.56 27.96
N PRO B 1054 -36.05 -16.77 28.57
CA PRO B 1054 -35.32 -15.77 27.81
C PRO B 1054 -34.65 -16.34 26.58
N HIS B 1055 -35.11 -15.90 25.41
CA HIS B 1055 -34.56 -16.34 24.12
C HIS B 1055 -34.65 -17.85 23.95
N GLY B 1056 -35.74 -18.45 24.41
CA GLY B 1056 -35.89 -19.87 24.21
C GLY B 1056 -37.14 -20.42 24.86
N VAL B 1057 -37.27 -21.74 24.76
CA VAL B 1057 -38.43 -22.46 25.27
C VAL B 1057 -37.95 -23.66 26.08
N VAL B 1058 -38.77 -24.06 27.05
CA VAL B 1058 -38.50 -25.20 27.91
C VAL B 1058 -39.70 -26.12 27.86
N PHE B 1059 -39.49 -27.34 27.41
CA PHE B 1059 -40.52 -28.35 27.37
C PHE B 1059 -40.43 -29.21 28.62
N LEU B 1060 -41.55 -29.33 29.33
CA LEU B 1060 -41.73 -30.39 30.32
C LEU B 1060 -42.36 -31.57 29.60
N HIS B 1061 -41.57 -32.60 29.35
CA HIS B 1061 -42.05 -33.80 28.68
C HIS B 1061 -42.62 -34.73 29.74
N VAL B 1062 -43.92 -34.98 29.68
CA VAL B 1062 -44.56 -35.94 30.57
C VAL B 1062 -44.68 -37.25 29.81
N THR B 1063 -43.93 -38.26 30.26
CA THR B 1063 -43.77 -39.52 29.54
C THR B 1063 -44.04 -40.70 30.46
N TYR B 1064 -44.32 -41.85 29.84
CA TYR B 1064 -44.69 -43.08 30.55
C TYR B 1064 -43.51 -44.04 30.48
N VAL B 1065 -43.09 -44.54 31.63
CA VAL B 1065 -41.96 -45.46 31.72
C VAL B 1065 -42.40 -46.70 32.49
N PRO B 1066 -42.48 -47.87 31.87
CA PRO B 1066 -42.76 -49.09 32.64
C PRO B 1066 -41.68 -49.32 33.69
N ALA B 1067 -42.10 -49.82 34.85
CA ALA B 1067 -41.24 -49.83 36.02
C ALA B 1067 -40.84 -51.21 36.50
N GLN B 1068 -41.80 -52.07 36.84
CA GLN B 1068 -41.51 -53.31 37.54
C GLN B 1068 -41.76 -54.48 36.59
N GLU B 1069 -40.71 -55.23 36.28
CA GLU B 1069 -40.77 -56.32 35.33
C GLU B 1069 -40.91 -57.65 36.05
N LYS B 1070 -41.62 -58.58 35.41
CA LYS B 1070 -41.70 -59.95 35.88
C LYS B 1070 -41.47 -60.90 34.72
N ASN B 1071 -40.69 -61.95 34.98
CA ASN B 1071 -40.52 -63.03 34.02
C ASN B 1071 -41.83 -63.78 33.82
N PHE B 1072 -42.02 -64.29 32.61
CA PHE B 1072 -43.11 -65.20 32.35
C PHE B 1072 -42.72 -66.14 31.22
N THR B 1073 -43.30 -67.32 31.23
CA THR B 1073 -43.15 -68.28 30.14
C THR B 1073 -44.22 -67.97 29.10
N THR B 1074 -43.80 -67.76 27.86
CA THR B 1074 -44.69 -67.34 26.80
C THR B 1074 -44.71 -68.38 25.69
N ALA B 1075 -45.83 -68.43 24.98
CA ALA B 1075 -45.96 -69.29 23.81
C ALA B 1075 -46.47 -68.45 22.66
N PRO B 1076 -45.85 -68.53 21.48
CA PRO B 1076 -46.30 -67.71 20.35
C PRO B 1076 -47.76 -67.94 19.98
N ALA B 1077 -48.28 -69.15 20.15
CA ALA B 1077 -49.65 -69.43 19.81
C ALA B 1077 -50.16 -70.56 20.69
N ILE B 1078 -51.41 -70.97 20.47
CA ILE B 1078 -52.07 -71.95 21.33
C ILE B 1078 -52.98 -72.81 20.48
N CYS B 1079 -53.02 -74.11 20.78
CA CYS B 1079 -53.88 -75.08 20.10
C CYS B 1079 -54.98 -75.54 21.03
N HIS B 1080 -56.22 -75.50 20.57
CA HIS B 1080 -57.34 -76.01 21.34
C HIS B 1080 -57.98 -77.24 20.72
N ASP B 1081 -58.36 -77.17 19.45
CA ASP B 1081 -58.92 -78.29 18.73
C ASP B 1081 -58.09 -78.61 17.51
N GLY B 1082 -56.77 -78.49 17.63
CA GLY B 1082 -55.90 -78.52 16.48
C GLY B 1082 -55.82 -77.21 15.74
N LYS B 1083 -56.52 -76.19 16.19
CA LYS B 1083 -56.55 -74.89 15.54
C LYS B 1083 -55.60 -73.94 16.26
N ALA B 1084 -54.84 -73.18 15.49
CA ALA B 1084 -53.96 -72.17 16.06
C ALA B 1084 -54.77 -71.07 16.71
N HIS B 1085 -54.19 -70.45 17.74
CA HIS B 1085 -54.81 -69.32 18.42
C HIS B 1085 -53.80 -68.20 18.55
N PHE B 1086 -54.24 -66.98 18.24
CA PHE B 1086 -53.39 -65.83 18.45
C PHE B 1086 -54.20 -64.71 19.11
N PRO B 1087 -53.57 -63.88 19.94
CA PRO B 1087 -54.32 -62.82 20.61
C PRO B 1087 -54.48 -61.61 19.71
N ARG B 1088 -55.70 -61.08 19.65
CA ARG B 1088 -55.97 -59.92 18.81
C ARG B 1088 -55.15 -58.72 19.26
N GLU B 1089 -55.20 -58.40 20.55
CA GLU B 1089 -54.43 -57.29 21.11
C GLU B 1089 -53.87 -57.75 22.44
N GLY B 1090 -52.66 -58.29 22.39
CA GLY B 1090 -52.02 -58.80 23.58
C GLY B 1090 -51.07 -59.93 23.22
N VAL B 1091 -50.78 -60.75 24.23
CA VAL B 1091 -49.88 -61.87 24.08
C VAL B 1091 -50.20 -62.88 25.17
N PHE B 1092 -50.03 -64.17 24.85
CA PHE B 1092 -50.23 -65.22 25.83
C PHE B 1092 -49.03 -65.28 26.78
N VAL B 1093 -49.31 -65.30 28.08
CA VAL B 1093 -48.29 -65.43 29.09
C VAL B 1093 -48.72 -66.52 30.07
N SER B 1094 -47.75 -67.01 30.83
CA SER B 1094 -47.99 -68.06 31.82
C SER B 1094 -47.18 -67.75 33.06
N ASN B 1095 -47.85 -67.77 34.21
CA ASN B 1095 -47.17 -67.60 35.48
C ASN B 1095 -46.50 -68.88 35.96
N GLY B 1096 -46.45 -69.91 35.11
CA GLY B 1096 -45.81 -71.15 35.47
C GLY B 1096 -46.76 -72.33 35.40
N THR B 1097 -48.05 -72.10 35.64
CA THR B 1097 -49.01 -73.19 35.69
C THR B 1097 -50.17 -72.99 34.72
N HIS B 1098 -50.67 -71.77 34.63
CA HIS B 1098 -51.82 -71.45 33.79
C HIS B 1098 -51.39 -70.56 32.64
N TRP B 1099 -52.33 -70.28 31.75
CA TRP B 1099 -52.11 -69.41 30.61
C TRP B 1099 -53.19 -68.34 30.57
N PHE B 1100 -52.78 -67.11 30.30
CA PHE B 1100 -53.69 -66.00 30.09
C PHE B 1100 -53.23 -65.18 28.89
N VAL B 1101 -54.05 -64.20 28.51
CA VAL B 1101 -53.70 -63.26 27.46
C VAL B 1101 -53.70 -61.87 28.10
N THR B 1102 -52.58 -61.17 27.99
CA THR B 1102 -52.42 -59.87 28.60
C THR B 1102 -51.80 -58.88 27.62
N GLN B 1103 -52.08 -57.60 27.83
CA GLN B 1103 -51.49 -56.56 27.01
C GLN B 1103 -49.98 -56.54 27.19
N ARG B 1104 -49.28 -56.10 26.15
CA ARG B 1104 -47.83 -56.25 26.10
C ARG B 1104 -47.11 -55.36 27.12
N ASN B 1105 -47.58 -54.14 27.31
CA ASN B 1105 -46.83 -53.17 28.10
C ASN B 1105 -47.30 -53.04 29.55
N PHE B 1106 -48.24 -53.88 29.98
CA PHE B 1106 -48.68 -53.84 31.37
C PHE B 1106 -49.37 -55.15 31.70
N TYR B 1107 -48.86 -55.84 32.71
CA TYR B 1107 -49.36 -57.18 33.05
C TYR B 1107 -50.80 -57.05 33.53
N GLU B 1108 -51.73 -57.57 32.73
CA GLU B 1108 -53.14 -57.63 33.09
C GLU B 1108 -53.70 -58.95 32.59
N PRO B 1109 -53.45 -60.04 33.30
CA PRO B 1109 -53.88 -61.36 32.82
C PRO B 1109 -55.39 -61.42 32.66
N GLN B 1110 -55.82 -62.12 31.61
CA GLN B 1110 -57.24 -62.34 31.37
C GLN B 1110 -57.42 -63.75 30.85
N ILE B 1111 -58.52 -64.40 31.25
CA ILE B 1111 -58.78 -65.76 30.83
C ILE B 1111 -58.94 -65.82 29.32
N ILE B 1112 -58.28 -66.78 28.70
CA ILE B 1112 -58.22 -66.87 27.24
C ILE B 1112 -59.55 -67.36 26.72
N THR B 1113 -60.19 -66.54 25.90
CA THR B 1113 -61.51 -66.85 25.35
C THR B 1113 -61.49 -66.69 23.84
N THR B 1114 -62.66 -66.91 23.23
CA THR B 1114 -62.80 -66.71 21.80
C THR B 1114 -62.73 -65.24 21.42
N ASP B 1115 -63.09 -64.34 22.33
CA ASP B 1115 -63.03 -62.92 22.01
C ASP B 1115 -61.59 -62.41 21.99
N ASN B 1116 -60.77 -62.84 22.94
CA ASN B 1116 -59.40 -62.37 23.00
C ASN B 1116 -58.54 -62.99 21.91
N THR B 1117 -59.01 -64.07 21.28
CA THR B 1117 -58.19 -64.85 20.37
C THR B 1117 -58.88 -65.00 19.02
N PHE B 1118 -58.08 -65.19 17.99
CA PHE B 1118 -58.56 -65.56 16.67
C PHE B 1118 -57.77 -66.77 16.18
N VAL B 1119 -58.44 -67.60 15.39
CA VAL B 1119 -57.84 -68.83 14.90
C VAL B 1119 -57.36 -68.61 13.46
N SER B 1120 -56.36 -69.41 13.08
CA SER B 1120 -55.83 -69.35 11.71
C SER B 1120 -55.21 -70.70 11.39
N GLY B 1121 -55.89 -71.49 10.57
CA GLY B 1121 -55.34 -72.75 10.14
C GLY B 1121 -55.22 -73.78 11.26
N ASN B 1122 -54.58 -74.89 10.92
CA ASN B 1122 -54.40 -75.99 11.85
C ASN B 1122 -53.23 -75.68 12.77
N CYS B 1123 -52.78 -76.69 13.52
CA CYS B 1123 -51.70 -76.50 14.48
C CYS B 1123 -50.46 -77.33 14.15
N ASP B 1124 -50.11 -77.43 12.87
CA ASP B 1124 -48.87 -78.07 12.47
C ASP B 1124 -47.91 -77.11 11.77
N VAL B 1125 -48.13 -75.81 11.92
CA VAL B 1125 -47.36 -74.80 11.22
C VAL B 1125 -46.47 -74.02 12.18
N VAL B 1126 -47.04 -73.53 13.27
CA VAL B 1126 -46.33 -72.63 14.17
C VAL B 1126 -45.23 -73.40 14.91
N ILE B 1127 -44.15 -72.70 15.22
CA ILE B 1127 -43.03 -73.24 15.97
C ILE B 1127 -43.10 -72.68 17.39
N GLY B 1128 -42.92 -73.54 18.37
CA GLY B 1128 -43.01 -73.14 19.76
C GLY B 1128 -44.41 -73.13 20.32
N ILE B 1129 -45.39 -73.62 19.57
CA ILE B 1129 -46.76 -73.64 20.04
C ILE B 1129 -46.88 -74.58 21.24
N VAL B 1130 -47.86 -74.32 22.10
CA VAL B 1130 -48.11 -75.15 23.27
C VAL B 1130 -49.60 -75.45 23.34
N ASN B 1131 -49.92 -76.49 24.10
CA ASN B 1131 -51.31 -76.91 24.28
C ASN B 1131 -51.93 -76.19 25.46
N ASN B 1132 -53.21 -75.82 25.29
CA ASN B 1132 -53.98 -75.16 26.34
C ASN B 1132 -55.43 -75.13 25.90
N THR B 1133 -56.32 -75.10 26.88
CA THR B 1133 -57.75 -75.04 26.60
C THR B 1133 -58.16 -73.60 26.32
N VAL B 1134 -58.93 -73.40 25.26
CA VAL B 1134 -59.43 -72.09 24.89
C VAL B 1134 -60.89 -72.01 25.34
N TYR B 1135 -61.15 -71.14 26.31
CA TYR B 1135 -62.49 -71.00 26.84
C TYR B 1135 -63.43 -70.43 25.77
N ASP B 1136 -64.69 -70.82 25.85
CA ASP B 1136 -65.73 -70.28 24.99
C ASP B 1136 -66.82 -69.67 25.86
N PRO B 1137 -66.97 -68.35 25.89
CA PRO B 1137 -68.01 -67.74 26.73
C PRO B 1137 -69.40 -68.19 26.36
N LEU B 1138 -69.65 -68.51 25.09
CA LEU B 1138 -70.97 -68.92 24.66
C LEU B 1138 -71.36 -70.28 25.22
N GLN B 1139 -70.37 -71.11 25.56
CA GLN B 1139 -70.65 -72.48 25.98
C GLN B 1139 -71.46 -72.56 27.27
N PRO B 1140 -71.06 -71.92 28.38
CA PRO B 1140 -71.90 -71.99 29.59
C PRO B 1140 -73.25 -71.34 29.39
N GLU B 1141 -73.32 -70.29 28.57
CA GLU B 1141 -74.59 -69.65 28.28
C GLU B 1141 -75.53 -70.63 27.59
N LEU B 1142 -75.03 -71.37 26.60
CA LEU B 1142 -75.85 -72.35 25.91
C LEU B 1142 -76.21 -73.51 26.82
N ASP B 1143 -75.29 -73.91 27.70
CA ASP B 1143 -75.58 -75.00 28.62
C ASP B 1143 -76.75 -74.65 29.53
N SER B 1144 -76.77 -73.41 30.05
CA SER B 1144 -77.86 -72.98 30.91
C SER B 1144 -79.06 -72.51 30.08
N SER C 13 -22.04 49.13 -28.77
CA SER C 13 -23.08 50.13 -29.00
C SER C 13 -23.02 51.26 -27.97
N GLN C 14 -23.76 52.33 -28.21
CA GLN C 14 -23.83 53.44 -27.28
C GLN C 14 -25.02 53.25 -26.35
N CYS C 15 -24.77 53.35 -25.04
CA CYS C 15 -25.82 53.10 -24.07
C CYS C 15 -26.89 54.18 -24.11
N VAL C 16 -28.12 53.76 -23.87
CA VAL C 16 -29.26 54.66 -23.77
C VAL C 16 -29.49 54.97 -22.29
N ASN C 17 -29.48 56.25 -21.95
CA ASN C 17 -29.60 56.68 -20.56
C ASN C 17 -31.04 57.00 -20.24
N PHE C 18 -31.55 56.40 -19.16
CA PHE C 18 -32.93 56.60 -18.72
C PHE C 18 -32.92 57.42 -17.43
N THR C 19 -33.64 58.54 -17.44
CA THR C 19 -33.68 59.40 -16.27
C THR C 19 -34.31 58.70 -15.07
N THR C 20 -35.43 58.02 -15.29
CA THR C 20 -36.15 57.33 -14.23
C THR C 20 -35.93 55.83 -14.37
N ARG C 21 -35.51 55.19 -13.29
CA ARG C 21 -35.28 53.75 -13.26
C ARG C 21 -36.12 53.14 -12.14
N THR C 22 -36.73 51.99 -12.43
CA THR C 22 -37.63 51.35 -11.48
C THR C 22 -37.52 49.85 -11.66
N GLN C 23 -37.94 49.12 -10.63
CA GLN C 23 -37.96 47.66 -10.66
C GLN C 23 -39.22 47.16 -9.96
N LEU C 24 -39.90 46.20 -10.59
CA LEU C 24 -41.13 45.68 -10.03
C LEU C 24 -40.85 44.85 -8.78
N PRO C 25 -41.77 44.85 -7.82
CA PRO C 25 -41.54 44.10 -6.59
C PRO C 25 -41.43 42.62 -6.89
N PRO C 26 -40.51 41.92 -6.23
CA PRO C 26 -40.42 40.47 -6.40
C PRO C 26 -41.61 39.77 -5.77
N ALA C 27 -41.99 38.65 -6.39
CA ALA C 27 -43.07 37.82 -5.87
C ALA C 27 -42.54 36.40 -5.70
N TYR C 28 -43.26 35.61 -4.90
CA TYR C 28 -42.81 34.27 -4.54
C TYR C 28 -43.85 33.24 -4.95
N THR C 29 -43.38 32.10 -5.44
CA THR C 29 -44.25 30.98 -5.77
C THR C 29 -43.52 29.68 -5.44
N ASN C 30 -44.15 28.57 -5.79
CA ASN C 30 -43.64 27.24 -5.47
C ASN C 30 -43.15 26.55 -6.74
N SER C 31 -42.05 25.81 -6.62
CA SER C 31 -41.49 25.14 -7.79
C SER C 31 -42.30 23.93 -8.21
N PHE C 32 -43.08 23.35 -7.29
CA PHE C 32 -43.89 22.17 -7.58
C PHE C 32 -43.03 21.01 -8.06
N THR C 33 -43.16 20.64 -9.34
CA THR C 33 -42.50 19.45 -9.87
C THR C 33 -41.82 19.73 -11.20
N ARG C 34 -41.05 20.80 -11.27
CA ARG C 34 -40.33 21.16 -12.48
C ARG C 34 -38.82 21.15 -12.24
N GLY C 35 -38.07 21.44 -13.28
CA GLY C 35 -36.63 21.49 -13.20
C GLY C 35 -35.91 20.19 -13.43
N VAL C 36 -36.60 19.14 -13.84
CA VAL C 36 -35.96 17.86 -14.11
C VAL C 36 -35.27 17.91 -15.47
N TYR C 37 -33.95 17.73 -15.47
CA TYR C 37 -33.18 17.82 -16.69
C TYR C 37 -32.21 16.66 -16.76
N TYR C 38 -31.92 16.23 -17.99
CA TYR C 38 -31.10 15.04 -18.18
C TYR C 38 -29.68 15.30 -17.67
N PRO C 39 -29.20 14.52 -16.72
CA PRO C 39 -27.85 14.77 -16.19
C PRO C 39 -26.76 14.51 -17.21
N ASP C 40 -26.92 13.50 -18.06
CA ASP C 40 -25.94 13.17 -19.07
C ASP C 40 -26.63 12.84 -20.39
N LYS C 41 -25.88 12.31 -21.35
CA LYS C 41 -26.44 11.95 -22.64
C LYS C 41 -26.47 10.43 -22.83
N VAL C 42 -26.53 9.69 -21.74
CA VAL C 42 -26.58 8.23 -21.79
C VAL C 42 -28.03 7.79 -21.87
N PHE C 43 -28.36 7.07 -22.93
CA PHE C 43 -29.71 6.57 -23.08
C PHE C 43 -29.98 5.43 -22.11
N ARG C 44 -31.23 5.34 -21.65
CA ARG C 44 -31.67 4.31 -20.74
C ARG C 44 -33.13 4.00 -21.08
N SER C 45 -33.59 2.83 -20.63
CA SER C 45 -34.96 2.45 -20.94
C SER C 45 -35.52 1.56 -19.84
N SER C 46 -36.74 1.87 -19.40
CA SER C 46 -37.48 1.08 -18.42
C SER C 46 -36.61 0.81 -17.20
N VAL C 47 -35.94 1.85 -16.72
CA VAL C 47 -34.98 1.71 -15.65
C VAL C 47 -35.12 2.88 -14.69
N LEU C 48 -35.03 2.59 -13.40
CA LEU C 48 -35.04 3.61 -12.37
C LEU C 48 -33.59 3.91 -12.02
N HIS C 49 -33.18 5.16 -12.21
CA HIS C 49 -31.80 5.57 -12.05
C HIS C 49 -31.70 6.66 -11.00
N SER C 50 -30.83 6.44 -10.01
CA SER C 50 -30.57 7.44 -8.98
C SER C 50 -29.31 8.20 -9.34
N THR C 51 -29.39 9.53 -9.31
CA THR C 51 -28.29 10.40 -9.69
C THR C 51 -28.18 11.54 -8.70
N GLN C 52 -26.95 11.84 -8.27
CA GLN C 52 -26.68 12.95 -7.36
C GLN C 52 -26.07 14.08 -8.16
N ASP C 53 -26.80 15.19 -8.29
CA ASP C 53 -26.33 16.32 -9.08
C ASP C 53 -27.11 17.56 -8.67
N LEU C 54 -26.87 18.66 -9.36
CA LEU C 54 -27.59 19.90 -9.09
C LEU C 54 -28.97 19.82 -9.72
N PHE C 55 -30.01 19.95 -8.90
CA PHE C 55 -31.38 19.99 -9.37
C PHE C 55 -32.13 21.06 -8.59
N LEU C 56 -33.26 21.50 -9.13
CA LEU C 56 -34.12 22.41 -8.39
C LEU C 56 -35.02 21.56 -7.51
N PRO C 57 -34.87 21.61 -6.19
CA PRO C 57 -35.68 20.73 -5.33
C PRO C 57 -37.15 21.02 -5.51
N PHE C 58 -37.95 19.96 -5.46
CA PHE C 58 -39.38 20.11 -5.66
C PHE C 58 -40.00 20.97 -4.56
N PHE C 59 -41.04 21.71 -4.94
CA PHE C 59 -41.79 22.56 -4.02
C PHE C 59 -40.90 23.61 -3.37
N SER C 60 -39.95 24.14 -4.14
CA SER C 60 -39.03 25.15 -3.64
C SER C 60 -39.61 26.54 -3.82
N ASN C 61 -39.05 27.49 -3.06
CA ASN C 61 -39.44 28.89 -3.20
C ASN C 61 -38.79 29.47 -4.45
N VAL C 62 -39.61 30.05 -5.33
CA VAL C 62 -39.16 30.56 -6.61
C VAL C 62 -39.47 32.04 -6.66
N THR C 63 -38.47 32.85 -6.99
CA THR C 63 -38.61 34.30 -7.04
C THR C 63 -38.95 34.70 -8.47
N TRP C 64 -40.11 35.31 -8.66
CA TRP C 64 -40.61 35.58 -10.00
C TRP C 64 -41.11 37.00 -10.10
N PHE C 65 -41.10 37.50 -11.33
CA PHE C 65 -41.34 38.90 -11.64
C PHE C 65 -42.01 39.00 -13.00
N HIS C 66 -42.36 40.22 -13.38
CA HIS C 66 -42.96 40.52 -14.68
C HIS C 66 -42.03 41.41 -15.46
N ALA C 67 -41.96 41.17 -16.77
CA ALA C 67 -41.11 41.94 -17.67
C ALA C 67 -41.99 42.86 -18.50
N ILE C 68 -41.88 44.16 -18.26
CA ILE C 68 -42.68 45.15 -18.98
C ILE C 68 -41.99 45.44 -20.31
N HIS C 69 -42.67 45.14 -21.40
CA HIS C 69 -42.11 45.25 -22.74
C HIS C 69 -42.66 46.45 -23.51
N VAL C 70 -43.51 47.26 -22.89
CA VAL C 70 -44.14 48.39 -23.58
C VAL C 70 -44.23 49.54 -22.60
N SER C 71 -43.99 50.75 -23.11
CA SER C 71 -44.05 51.97 -22.30
C SER C 71 -45.28 52.77 -22.70
N GLY C 72 -46.11 53.09 -21.71
CA GLY C 72 -47.34 53.83 -21.95
C GLY C 72 -48.05 54.21 -20.67
N GLY C 75 -46.00 57.48 -19.36
CA GLY C 75 -45.38 56.34 -20.02
C GLY C 75 -43.91 56.55 -20.32
N THR C 76 -43.21 57.22 -19.41
CA THR C 76 -41.78 57.46 -19.54
C THR C 76 -41.00 56.87 -18.36
N LYS C 77 -41.44 55.73 -17.84
CA LYS C 77 -40.79 55.07 -16.72
C LYS C 77 -40.08 53.82 -17.23
N ARG C 78 -38.79 53.71 -16.94
CA ARG C 78 -37.97 52.60 -17.39
C ARG C 78 -37.92 51.55 -16.28
N PHE C 79 -38.65 50.45 -16.45
CA PHE C 79 -38.66 49.36 -15.48
C PHE C 79 -37.53 48.40 -15.85
N ALA C 80 -36.38 48.57 -15.22
CA ALA C 80 -35.19 47.79 -15.54
C ALA C 80 -35.13 46.53 -14.70
N ASN C 81 -34.65 45.46 -15.31
CA ASN C 81 -34.53 44.20 -14.61
C ASN C 81 -33.44 44.28 -13.54
N PRO C 82 -33.60 43.58 -12.43
CA PRO C 82 -32.59 43.60 -11.38
C PRO C 82 -31.53 42.52 -11.57
N VAL C 83 -30.39 42.74 -10.93
CA VAL C 83 -29.28 41.81 -11.00
C VAL C 83 -29.49 40.71 -9.97
N LEU C 84 -29.50 39.46 -10.42
CA LEU C 84 -29.69 38.36 -9.52
C LEU C 84 -28.42 37.53 -9.42
N PRO C 85 -28.03 37.10 -8.22
CA PRO C 85 -26.87 36.22 -8.10
C PRO C 85 -27.10 34.89 -8.79
N PHE C 86 -26.01 34.31 -9.26
CA PHE C 86 -26.07 33.07 -10.03
C PHE C 86 -25.96 31.82 -9.15
N ASN C 87 -25.17 31.89 -8.08
CA ASN C 87 -24.98 30.78 -7.14
C ASN C 87 -24.45 29.57 -7.91
N ASP C 88 -24.99 28.38 -7.72
CA ASP C 88 -24.47 27.17 -8.34
C ASP C 88 -25.18 26.81 -9.64
N GLY C 89 -26.12 27.63 -10.08
CA GLY C 89 -26.91 27.33 -11.27
C GLY C 89 -28.32 27.81 -11.06
N VAL C 90 -28.97 28.14 -12.17
CA VAL C 90 -30.28 28.79 -12.12
C VAL C 90 -31.27 28.04 -12.99
N TYR C 91 -32.46 27.82 -12.45
CA TYR C 91 -33.62 27.39 -13.22
C TYR C 91 -34.40 28.65 -13.57
N PHE C 92 -34.36 29.01 -14.84
CA PHE C 92 -35.04 30.20 -15.33
C PHE C 92 -36.19 29.77 -16.24
N ALA C 93 -37.41 30.15 -15.88
CA ALA C 93 -38.56 29.86 -16.72
C ALA C 93 -39.18 31.16 -17.18
N SER C 94 -39.77 31.15 -18.37
CA SER C 94 -40.45 32.33 -18.89
C SER C 94 -41.76 31.91 -19.53
N THR C 95 -42.86 32.55 -19.13
CA THR C 95 -44.16 32.35 -19.75
C THR C 95 -44.51 33.59 -20.56
N GLU C 96 -44.79 33.40 -21.84
CA GLU C 96 -45.03 34.53 -22.72
C GLU C 96 -45.85 34.08 -23.93
N LYS C 97 -46.44 35.06 -24.61
CA LYS C 97 -47.11 34.80 -25.88
C LYS C 97 -46.15 35.03 -27.04
N SER C 98 -45.60 36.24 -27.14
CA SER C 98 -44.52 36.54 -28.07
C SER C 98 -43.18 36.47 -27.36
N ASN C 99 -42.14 36.21 -28.14
CA ASN C 99 -40.81 35.94 -27.58
C ASN C 99 -40.21 37.25 -27.04
N ILE C 100 -40.69 37.64 -25.86
CA ILE C 100 -40.23 38.87 -25.24
C ILE C 100 -38.81 38.71 -24.69
N ILE C 101 -38.57 37.63 -23.95
CA ILE C 101 -37.26 37.40 -23.37
C ILE C 101 -36.29 37.03 -24.47
N ARG C 102 -35.15 37.74 -24.53
CA ARG C 102 -34.20 37.52 -25.60
C ARG C 102 -32.88 36.93 -25.16
N GLY C 103 -32.43 37.19 -23.93
CA GLY C 103 -31.13 36.70 -23.54
C GLY C 103 -30.83 37.05 -22.11
N TRP C 104 -29.58 36.79 -21.74
CA TRP C 104 -29.10 37.00 -20.38
C TRP C 104 -27.66 37.47 -20.42
N ILE C 105 -27.22 38.05 -19.30
CA ILE C 105 -25.86 38.51 -19.13
C ILE C 105 -25.29 37.83 -17.88
N PHE C 106 -24.06 37.34 -17.98
CA PHE C 106 -23.47 36.55 -16.91
C PHE C 106 -22.08 37.08 -16.58
N GLY C 107 -21.68 36.87 -15.33
CA GLY C 107 -20.36 37.28 -14.89
C GLY C 107 -20.36 37.49 -13.38
N THR C 108 -19.34 38.20 -12.93
CA THR C 108 -19.21 38.60 -11.54
C THR C 108 -19.35 40.10 -11.34
N THR C 109 -18.58 40.89 -12.06
CA THR C 109 -18.63 42.34 -11.93
C THR C 109 -19.41 43.01 -13.06
N LEU C 110 -19.55 42.35 -14.21
CA LEU C 110 -20.30 42.88 -15.35
C LEU C 110 -19.73 44.21 -15.83
N ASP C 111 -18.41 44.29 -15.90
CA ASP C 111 -17.73 45.47 -16.43
C ASP C 111 -16.49 45.02 -17.19
N SER C 112 -15.71 45.99 -17.67
CA SER C 112 -14.51 45.67 -18.42
C SER C 112 -13.41 45.06 -17.56
N LYS C 113 -13.54 45.13 -16.23
CA LYS C 113 -12.49 44.59 -15.36
C LYS C 113 -12.38 43.08 -15.51
N THR C 114 -13.50 42.38 -15.62
CA THR C 114 -13.52 40.93 -15.65
C THR C 114 -14.24 40.43 -16.90
N GLN C 115 -13.86 39.24 -17.35
CA GLN C 115 -14.54 38.63 -18.49
C GLN C 115 -16.01 38.38 -18.16
N SER C 116 -16.87 38.73 -19.10
CA SER C 116 -18.31 38.61 -18.90
C SER C 116 -18.96 38.00 -20.14
N LEU C 117 -19.99 37.19 -19.90
CA LEU C 117 -20.70 36.49 -20.95
C LEU C 117 -21.99 37.23 -21.29
N LEU C 118 -22.35 37.19 -22.56
CA LEU C 118 -23.62 37.74 -23.05
C LEU C 118 -24.23 36.74 -24.01
N ILE C 119 -25.44 36.28 -23.70
CA ILE C 119 -26.17 35.35 -24.55
C ILE C 119 -27.45 36.03 -25.00
N VAL C 120 -27.77 35.89 -26.29
CA VAL C 120 -28.96 36.52 -26.85
C VAL C 120 -29.43 35.69 -28.02
N ASN C 121 -30.73 35.76 -28.30
CA ASN C 121 -31.36 35.13 -29.46
C ASN C 121 -32.17 36.23 -30.15
N ASN C 122 -31.51 36.98 -31.02
CA ASN C 122 -32.17 38.08 -31.72
C ASN C 122 -33.03 37.54 -32.85
N ALA C 123 -33.56 38.46 -33.67
CA ALA C 123 -34.39 38.05 -34.80
C ALA C 123 -33.60 37.19 -35.78
N THR C 124 -32.30 37.44 -35.91
CA THR C 124 -31.49 36.69 -36.87
C THR C 124 -31.07 35.33 -36.32
N ASN C 125 -30.31 35.32 -35.23
CA ASN C 125 -29.73 34.09 -34.72
C ASN C 125 -29.32 34.29 -33.26
N VAL C 126 -28.67 33.26 -32.71
CA VAL C 126 -28.22 33.26 -31.32
C VAL C 126 -26.75 33.67 -31.28
N VAL C 127 -26.45 34.65 -30.44
CA VAL C 127 -25.09 35.15 -30.25
C VAL C 127 -24.69 34.91 -28.80
N ILE C 128 -23.56 34.23 -28.60
CA ILE C 128 -23.03 33.94 -27.28
C ILE C 128 -21.58 34.39 -27.27
N LYS C 129 -21.30 35.48 -26.57
CA LYS C 129 -19.99 36.11 -26.61
C LYS C 129 -19.47 36.37 -25.21
N VAL C 130 -18.25 35.93 -24.94
CA VAL C 130 -17.56 36.21 -23.69
C VAL C 130 -16.49 37.24 -24.00
N CYS C 131 -16.67 38.44 -23.47
CA CYS C 131 -15.79 39.57 -23.69
C CYS C 131 -15.77 40.41 -22.43
N GLU C 132 -14.84 41.36 -22.37
CA GLU C 132 -14.80 42.32 -21.27
C GLU C 132 -15.80 43.44 -21.54
N PHE C 133 -17.07 43.06 -21.62
CA PHE C 133 -18.13 44.00 -21.92
C PHE C 133 -18.23 45.05 -20.82
N GLN C 134 -18.53 46.28 -21.22
CA GLN C 134 -18.89 47.35 -20.29
C GLN C 134 -20.38 47.58 -20.48
N PHE C 135 -21.17 46.81 -19.74
CA PHE C 135 -22.61 46.75 -20.00
C PHE C 135 -23.29 48.07 -19.69
N CYS C 136 -24.37 48.35 -20.40
CA CYS C 136 -25.20 49.51 -20.12
C CYS C 136 -25.98 49.30 -18.82
N ASN C 137 -26.33 50.42 -18.19
CA ASN C 137 -27.11 50.36 -16.97
C ASN C 137 -28.49 49.77 -17.23
N ASP C 138 -29.09 50.12 -18.36
CA ASP C 138 -30.41 49.62 -18.76
C ASP C 138 -30.31 49.07 -20.18
N PRO C 139 -29.84 47.83 -20.33
CA PRO C 139 -29.75 47.24 -21.67
C PRO C 139 -31.11 47.23 -22.36
N PHE C 140 -31.12 47.68 -23.61
CA PHE C 140 -32.36 47.93 -24.34
C PHE C 140 -32.28 47.28 -25.70
N LEU C 141 -33.27 46.44 -26.01
CA LEU C 141 -33.39 45.83 -27.33
C LEU C 141 -34.79 46.16 -27.85
N GLY C 142 -34.85 46.98 -28.88
CA GLY C 142 -36.11 47.53 -29.34
C GLY C 142 -36.44 47.23 -30.79
N VAL C 143 -37.70 46.87 -31.01
CA VAL C 143 -38.23 46.57 -32.34
C VAL C 143 -39.35 47.56 -32.63
N TYR C 144 -39.49 47.90 -33.91
CA TYR C 144 -40.53 48.82 -34.35
C TYR C 144 -41.41 48.13 -35.37
N TYR C 145 -42.70 48.47 -35.36
CA TYR C 145 -43.65 47.86 -36.27
C TYR C 145 -43.55 48.52 -37.64
N HIS C 146 -43.12 47.75 -38.64
CA HIS C 146 -43.02 48.25 -40.01
C HIS C 146 -44.41 48.11 -40.64
N LYS C 147 -45.14 49.23 -40.71
CA LYS C 147 -46.52 49.18 -41.19
C LYS C 147 -46.57 48.73 -42.65
N ASN C 148 -45.61 49.17 -43.46
CA ASN C 148 -45.59 48.76 -44.86
C ASN C 148 -45.40 47.26 -44.99
N ASN C 149 -44.51 46.68 -44.19
CA ASN C 149 -44.28 45.24 -44.20
C ASN C 149 -45.24 44.48 -43.28
N LYS C 150 -45.99 45.19 -42.45
CA LYS C 150 -46.94 44.56 -41.51
C LYS C 150 -46.25 43.54 -40.62
N SER C 151 -45.04 43.86 -40.18
CA SER C 151 -44.25 42.97 -39.34
C SER C 151 -43.24 43.77 -38.55
N TRP C 152 -43.10 43.45 -37.28
CA TRP C 152 -42.10 44.11 -36.44
C TRP C 152 -40.70 43.77 -36.92
N MET C 153 -39.81 44.74 -36.81
CA MET C 153 -38.40 44.56 -37.17
C MET C 153 -37.53 45.20 -36.10
N GLU C 154 -36.59 44.42 -35.57
CA GLU C 154 -35.71 44.94 -34.52
C GLU C 154 -34.79 46.01 -35.09
N SER C 155 -34.62 47.09 -34.32
CA SER C 155 -33.79 48.20 -34.79
C SER C 155 -32.95 48.85 -33.70
N GLU C 156 -32.97 48.34 -32.46
CA GLU C 156 -32.20 48.95 -31.40
C GLU C 156 -31.55 47.86 -30.55
N PHE C 157 -30.24 47.98 -30.31
CA PHE C 157 -29.51 47.10 -29.41
C PHE C 157 -28.46 47.93 -28.68
N ARG C 158 -28.72 48.25 -27.42
CA ARG C 158 -27.81 49.03 -26.59
C ARG C 158 -27.67 48.30 -25.26
N VAL C 159 -26.69 47.40 -25.17
CA VAL C 159 -26.49 46.56 -24.00
C VAL C 159 -25.13 46.78 -23.36
N TYR C 160 -24.07 46.76 -24.16
CA TYR C 160 -22.72 47.03 -23.66
C TYR C 160 -22.13 48.20 -24.43
N SER C 161 -21.49 49.10 -23.68
CA SER C 161 -20.83 50.24 -24.32
C SER C 161 -19.58 49.82 -25.08
N SER C 162 -18.83 48.85 -24.56
CA SER C 162 -17.59 48.43 -25.18
C SER C 162 -17.43 46.92 -25.04
N ALA C 163 -16.59 46.36 -25.90
CA ALA C 163 -16.26 44.94 -25.86
C ALA C 163 -14.80 44.79 -26.25
N ASN C 164 -13.95 44.45 -25.28
CA ASN C 164 -12.52 44.31 -25.51
C ASN C 164 -12.05 42.96 -25.00
N ASN C 165 -11.03 42.43 -25.67
CA ASN C 165 -10.39 41.17 -25.28
C ASN C 165 -11.42 40.04 -25.15
N CYS C 166 -12.17 39.83 -26.24
CA CYS C 166 -13.16 38.77 -26.27
C CYS C 166 -12.51 37.42 -26.06
N THR C 167 -13.11 36.62 -25.17
CA THR C 167 -12.59 35.30 -24.84
C THR C 167 -13.42 34.16 -25.41
N PHE C 168 -14.59 34.45 -25.98
CA PHE C 168 -15.34 33.43 -26.71
C PHE C 168 -16.36 34.10 -27.62
N GLU C 169 -16.69 33.43 -28.71
CA GLU C 169 -17.76 33.90 -29.57
C GLU C 169 -18.35 32.72 -30.32
N TYR C 170 -19.68 32.66 -30.36
CA TYR C 170 -20.36 31.65 -31.16
C TYR C 170 -21.69 32.21 -31.65
N VAL C 171 -21.97 32.02 -32.93
CA VAL C 171 -23.22 32.43 -33.55
C VAL C 171 -23.89 31.20 -34.15
N SER C 172 -25.15 30.97 -33.80
CA SER C 172 -25.91 29.90 -34.42
C SER C 172 -26.38 30.32 -35.81
N GLN C 173 -27.00 29.39 -36.52
CA GLN C 173 -27.45 29.67 -37.88
C GLN C 173 -28.57 30.69 -37.87
N PRO C 174 -28.58 31.61 -38.85
CA PRO C 174 -29.63 32.63 -38.89
C PRO C 174 -31.01 32.03 -39.13
N PHE C 175 -32.01 32.64 -38.52
CA PHE C 175 -33.40 32.24 -38.69
C PHE C 175 -34.28 33.46 -38.50
N LEU C 176 -35.60 33.23 -38.49
CA LEU C 176 -36.58 34.29 -38.29
C LEU C 176 -37.40 34.00 -37.04
N MET C 177 -37.48 34.96 -36.13
CA MET C 177 -38.28 34.82 -34.93
C MET C 177 -39.62 35.54 -35.13
N ASP C 178 -40.69 34.89 -34.68
CA ASP C 178 -42.03 35.46 -34.83
C ASP C 178 -42.22 36.60 -33.84
N LEU C 179 -42.42 37.80 -34.37
CA LEU C 179 -42.64 38.97 -33.53
C LEU C 179 -44.12 39.32 -33.46
N PHE C 186 -53.67 30.99 -25.34
CA PHE C 186 -52.55 30.11 -25.67
C PHE C 186 -51.22 30.80 -25.43
N LYS C 187 -50.47 30.32 -24.45
CA LYS C 187 -49.15 30.85 -24.15
C LYS C 187 -48.11 29.77 -24.33
N ASN C 188 -46.84 30.16 -24.24
CA ASN C 188 -45.71 29.25 -24.36
C ASN C 188 -44.78 29.43 -23.18
N LEU C 189 -44.31 28.30 -22.65
CA LEU C 189 -43.37 28.27 -21.54
C LEU C 189 -42.01 27.82 -22.06
N ARG C 190 -41.00 28.64 -21.85
CA ARG C 190 -39.62 28.32 -22.21
C ARG C 190 -38.83 28.17 -20.92
N GLU C 191 -38.38 26.95 -20.64
CA GLU C 191 -37.60 26.67 -19.44
C GLU C 191 -36.14 26.46 -19.80
N PHE C 192 -35.25 26.91 -18.94
CA PHE C 192 -33.82 26.79 -19.17
C PHE C 192 -33.14 26.53 -17.85
N VAL C 193 -32.11 25.70 -17.90
CA VAL C 193 -31.29 25.41 -16.73
C VAL C 193 -29.85 25.77 -17.10
N PHE C 194 -29.26 26.68 -16.32
CA PHE C 194 -27.90 27.14 -16.54
C PHE C 194 -27.02 26.62 -15.41
N LYS C 195 -26.00 25.86 -15.76
CA LYS C 195 -25.10 25.26 -14.78
C LYS C 195 -23.66 25.56 -15.16
N ASN C 196 -22.92 26.21 -14.26
CA ASN C 196 -21.53 26.55 -14.51
C ASN C 196 -20.65 25.65 -13.64
N ILE C 197 -20.06 24.63 -14.27
CA ILE C 197 -19.24 23.64 -13.56
C ILE C 197 -18.07 23.25 -14.43
N ASP C 198 -16.87 23.23 -13.83
CA ASP C 198 -15.65 22.72 -14.48
C ASP C 198 -15.32 23.49 -15.75
N GLY C 199 -15.38 24.81 -15.68
CA GLY C 199 -15.12 25.63 -16.85
C GLY C 199 -16.16 25.49 -17.94
N TYR C 200 -17.26 24.81 -17.66
CA TYR C 200 -18.30 24.53 -18.63
C TYR C 200 -19.57 25.27 -18.23
N PHE C 201 -20.08 26.10 -19.13
CA PHE C 201 -21.38 26.74 -19.00
C PHE C 201 -22.37 25.93 -19.81
N LYS C 202 -23.22 25.17 -19.12
CA LYS C 202 -24.15 24.25 -19.76
C LYS C 202 -25.55 24.81 -19.70
N ILE C 203 -26.24 24.81 -20.85
CA ILE C 203 -27.59 25.30 -20.99
C ILE C 203 -28.46 24.14 -21.45
N TYR C 204 -29.42 23.77 -20.61
CA TYR C 204 -30.49 22.84 -20.97
C TYR C 204 -31.73 23.66 -21.27
N SER C 205 -32.50 23.23 -22.26
CA SER C 205 -33.64 24.01 -22.71
C SER C 205 -34.86 23.11 -22.87
N LYS C 206 -36.03 23.72 -22.79
CA LYS C 206 -37.27 23.03 -23.08
C LYS C 206 -38.34 24.04 -23.45
N HIS C 207 -39.21 23.65 -24.38
CA HIS C 207 -40.25 24.52 -24.90
C HIS C 207 -41.58 23.78 -24.83
N THR C 208 -42.60 24.40 -24.24
CA THR C 208 -43.89 23.75 -24.07
C THR C 208 -45.02 24.71 -24.39
N PRO C 209 -46.13 24.21 -24.92
CA PRO C 209 -47.34 25.05 -25.01
C PRO C 209 -48.18 24.99 -23.75
N ILE C 210 -48.35 26.12 -23.07
CA ILE C 210 -49.04 26.18 -21.79
C ILE C 210 -50.26 27.08 -21.93
N ASN C 211 -51.42 26.58 -21.47
CA ASN C 211 -52.65 27.34 -21.49
C ASN C 211 -52.86 28.16 -20.22
N LEU C 212 -52.04 27.94 -19.18
CA LEU C 212 -52.18 28.70 -17.96
C LEU C 212 -51.83 30.17 -18.19
N VAL C 213 -52.54 31.05 -17.51
CA VAL C 213 -52.40 32.48 -17.71
C VAL C 213 -51.41 33.10 -16.72
N ARG C 214 -51.43 32.64 -15.47
CA ARG C 214 -50.58 33.23 -14.45
C ARG C 214 -50.14 32.14 -13.47
N GLY C 215 -48.99 32.36 -12.86
CA GLY C 215 -48.46 31.40 -11.91
C GLY C 215 -47.67 30.30 -12.60
N LEU C 216 -46.71 29.76 -11.89
CA LEU C 216 -45.89 28.68 -12.43
C LEU C 216 -46.74 27.43 -12.58
N PRO C 217 -46.80 26.81 -13.75
CA PRO C 217 -47.68 25.66 -13.95
C PRO C 217 -47.19 24.45 -13.16
N GLN C 218 -48.14 23.60 -12.81
CA GLN C 218 -47.83 22.36 -12.10
C GLN C 218 -47.86 21.21 -13.11
N GLY C 219 -46.71 20.57 -13.29
CA GLY C 219 -46.61 19.47 -14.22
C GLY C 219 -45.18 18.97 -14.32
N PHE C 220 -45.02 17.89 -15.07
CA PHE C 220 -43.73 17.24 -15.23
C PHE C 220 -43.32 17.26 -16.69
N SER C 221 -42.06 17.64 -16.94
CA SER C 221 -41.55 17.77 -18.30
C SER C 221 -40.03 17.74 -18.24
N ALA C 222 -39.42 16.80 -18.95
CA ALA C 222 -37.96 16.72 -18.96
C ALA C 222 -37.36 17.90 -19.73
N LEU C 223 -36.22 18.38 -19.24
CA LEU C 223 -35.50 19.47 -19.88
C LEU C 223 -34.24 18.92 -20.53
N GLU C 224 -34.24 18.87 -21.85
CA GLU C 224 -33.16 18.32 -22.64
C GLU C 224 -32.02 19.32 -22.81
N PRO C 225 -30.80 18.85 -23.05
CA PRO C 225 -29.67 19.78 -23.23
C PRO C 225 -29.82 20.59 -24.50
N LEU C 226 -29.27 21.80 -24.46
CA LEU C 226 -29.14 22.61 -25.67
C LEU C 226 -27.68 22.76 -26.07
N VAL C 227 -26.82 23.25 -25.16
CA VAL C 227 -25.40 23.37 -25.50
C VAL C 227 -24.55 23.64 -24.27
N ASP C 228 -23.32 23.13 -24.26
CA ASP C 228 -22.35 23.44 -23.22
C ASP C 228 -21.12 24.09 -23.85
N LEU C 229 -20.60 25.13 -23.21
CA LEU C 229 -19.50 25.90 -23.76
C LEU C 229 -18.34 25.96 -22.76
N PRO C 230 -17.11 25.68 -23.18
CA PRO C 230 -15.96 25.72 -22.26
C PRO C 230 -15.37 27.12 -22.11
N ILE C 231 -16.21 28.08 -21.70
CA ILE C 231 -15.74 29.45 -21.59
C ILE C 231 -14.75 29.59 -20.44
N GLY C 232 -14.95 28.86 -19.36
CA GLY C 232 -14.04 28.88 -18.24
C GLY C 232 -13.90 30.22 -17.54
N ILE C 233 -15.03 30.87 -17.25
CA ILE C 233 -15.04 32.14 -16.53
C ILE C 233 -15.76 31.95 -15.20
N ASN C 234 -15.65 32.95 -14.35
CA ASN C 234 -16.34 32.96 -13.06
C ASN C 234 -17.61 33.80 -13.20
N ILE C 235 -18.74 33.23 -12.78
CA ILE C 235 -20.03 33.91 -12.83
C ILE C 235 -20.64 33.85 -11.45
N THR C 236 -21.06 35.01 -10.93
CA THR C 236 -21.76 35.07 -9.67
C THR C 236 -23.07 35.82 -9.73
N ARG C 237 -23.29 36.68 -10.73
CA ARG C 237 -24.53 37.41 -10.89
C ARG C 237 -24.96 37.34 -12.35
N PHE C 238 -26.26 37.48 -12.58
CA PHE C 238 -26.79 37.45 -13.93
C PHE C 238 -28.07 38.26 -14.00
N GLN C 239 -28.41 38.70 -15.20
CA GLN C 239 -29.63 39.46 -15.45
C GLN C 239 -30.18 39.10 -16.83
N THR C 240 -31.49 39.18 -16.95
CA THR C 240 -32.19 38.83 -18.19
C THR C 240 -32.42 40.08 -19.02
N LEU C 241 -32.60 39.88 -20.33
CA LEU C 241 -32.89 40.97 -21.26
C LEU C 241 -34.26 40.74 -21.89
N HIS C 242 -35.07 41.79 -21.90
CA HIS C 242 -36.41 41.76 -22.48
C HIS C 242 -36.45 42.67 -23.70
N ILE C 243 -37.45 42.44 -24.55
CA ILE C 243 -37.60 43.18 -25.80
C ILE C 243 -38.59 44.31 -25.57
N SER C 244 -38.47 45.36 -26.38
CA SER C 244 -39.33 46.52 -26.31
C SER C 244 -39.99 46.74 -27.65
N TYR C 245 -41.27 47.09 -27.63
CA TYR C 245 -42.03 47.41 -28.83
C TYR C 245 -42.21 48.92 -28.88
N LEU C 246 -41.45 49.59 -29.74
CA LEU C 246 -41.62 51.02 -29.92
C LEU C 246 -42.92 51.30 -30.68
N THR C 247 -43.73 52.20 -30.13
CA THR C 247 -45.04 52.49 -30.66
C THR C 247 -45.23 54.00 -30.81
N PRO C 248 -46.08 54.43 -31.73
CA PRO C 248 -46.31 55.88 -31.89
C PRO C 248 -46.87 56.55 -30.64
N GLY C 249 -47.68 55.83 -29.87
CA GLY C 249 -48.25 56.40 -28.65
C GLY C 249 -49.25 57.51 -28.90
N ALA C 257 -50.25 45.34 -22.13
CA ALA C 257 -50.81 45.16 -20.79
C ALA C 257 -50.44 43.80 -20.21
N GLY C 258 -50.73 42.74 -20.97
CA GLY C 258 -50.41 41.39 -20.55
C GLY C 258 -48.94 41.10 -20.68
N ALA C 259 -48.13 41.74 -19.83
CA ALA C 259 -46.69 41.58 -19.91
C ALA C 259 -46.27 40.15 -19.60
N ALA C 260 -45.17 39.72 -20.23
CA ALA C 260 -44.65 38.37 -20.01
C ALA C 260 -44.14 38.23 -18.58
N ALA C 261 -44.13 36.99 -18.10
CA ALA C 261 -43.70 36.71 -16.74
C ALA C 261 -42.50 35.79 -16.75
N TYR C 262 -41.68 35.86 -15.70
CA TYR C 262 -40.58 34.92 -15.61
C TYR C 262 -40.32 34.59 -14.14
N TYR C 263 -39.71 33.42 -13.93
CA TYR C 263 -39.44 32.89 -12.61
C TYR C 263 -37.99 32.43 -12.56
N VAL C 264 -37.38 32.52 -11.38
CA VAL C 264 -36.01 32.12 -11.18
C VAL C 264 -35.91 31.34 -9.88
N GLY C 265 -35.24 30.19 -9.94
CA GLY C 265 -34.90 29.46 -8.74
C GLY C 265 -33.44 29.04 -8.79
N TYR C 266 -32.91 28.68 -7.62
CA TYR C 266 -31.51 28.36 -7.49
C TYR C 266 -31.37 26.87 -7.19
N LEU C 267 -30.56 26.19 -8.00
CA LEU C 267 -30.40 24.75 -7.89
C LEU C 267 -29.64 24.40 -6.63
N GLN C 268 -29.78 23.15 -6.21
CA GLN C 268 -29.14 22.63 -5.02
C GLN C 268 -28.59 21.24 -5.31
N PRO C 269 -27.55 20.83 -4.60
CA PRO C 269 -27.08 19.44 -4.74
C PRO C 269 -28.07 18.47 -4.13
N ARG C 270 -28.74 17.69 -4.98
CA ARG C 270 -29.78 16.78 -4.53
C ARG C 270 -29.63 15.45 -5.25
N THR C 271 -30.25 14.42 -4.67
CA THR C 271 -30.30 13.10 -5.26
C THR C 271 -31.69 12.87 -5.83
N PHE C 272 -31.75 12.48 -7.09
CA PHE C 272 -33.00 12.33 -7.82
C PHE C 272 -33.12 10.93 -8.38
N LEU C 273 -34.33 10.40 -8.36
CA LEU C 273 -34.63 9.12 -8.98
C LEU C 273 -35.44 9.39 -10.25
N LEU C 274 -34.88 9.03 -11.40
CA LEU C 274 -35.53 9.21 -12.69
C LEU C 274 -36.08 7.87 -13.17
N LYS C 275 -37.25 7.92 -13.81
CA LYS C 275 -37.91 6.72 -14.31
C LYS C 275 -37.85 6.75 -15.83
N TYR C 276 -36.82 6.13 -16.41
CA TYR C 276 -36.71 6.06 -17.85
C TYR C 276 -37.68 5.03 -18.40
N ASN C 277 -38.53 5.47 -19.33
CA ASN C 277 -39.53 4.61 -19.95
C ASN C 277 -38.93 3.94 -21.18
N GLU C 278 -39.81 3.34 -22.00
CA GLU C 278 -39.34 2.59 -23.16
C GLU C 278 -38.55 3.48 -24.11
N ASN C 279 -39.08 4.65 -24.45
CA ASN C 279 -38.43 5.53 -25.40
C ASN C 279 -37.28 6.31 -24.79
N GLY C 280 -37.08 6.22 -23.47
CA GLY C 280 -35.97 6.88 -22.83
C GLY C 280 -36.26 8.27 -22.30
N THR C 281 -37.40 8.85 -22.63
CA THR C 281 -37.78 10.13 -22.05
C THR C 281 -38.07 9.96 -20.57
N ILE C 282 -37.56 10.88 -19.76
CA ILE C 282 -37.73 10.80 -18.32
C ILE C 282 -39.21 11.01 -18.00
N THR C 283 -39.90 9.94 -17.63
CA THR C 283 -41.33 10.04 -17.33
C THR C 283 -41.58 10.72 -15.99
N ASP C 284 -40.81 10.39 -14.97
CA ASP C 284 -41.07 10.93 -13.63
C ASP C 284 -39.77 10.97 -12.85
N ALA C 285 -39.78 11.77 -11.80
CA ALA C 285 -38.62 11.93 -10.92
C ALA C 285 -39.08 12.05 -9.48
N VAL C 286 -38.20 11.67 -8.57
CA VAL C 286 -38.45 11.76 -7.14
C VAL C 286 -37.23 12.39 -6.48
N ASP C 287 -37.44 13.47 -5.73
CA ASP C 287 -36.39 14.13 -4.99
C ASP C 287 -36.21 13.43 -3.64
N CYS C 288 -35.09 12.74 -3.48
CA CYS C 288 -34.95 11.83 -2.34
C CYS C 288 -35.03 12.56 -1.02
N ALA C 289 -34.39 13.73 -0.92
CA ALA C 289 -34.32 14.45 0.34
C ALA C 289 -35.54 15.29 0.62
N LEU C 290 -36.57 15.23 -0.23
CA LEU C 290 -37.72 16.11 -0.06
C LEU C 290 -38.56 15.75 1.16
N ASP C 291 -38.87 14.47 1.33
CA ASP C 291 -39.77 14.03 2.39
C ASP C 291 -39.49 12.56 2.69
N PRO C 292 -39.82 12.09 3.89
CA PRO C 292 -39.44 10.72 4.27
C PRO C 292 -39.96 9.66 3.31
N LEU C 293 -41.18 9.85 2.78
CA LEU C 293 -41.69 8.91 1.80
C LEU C 293 -40.80 8.86 0.58
N SER C 294 -40.32 10.02 0.12
CA SER C 294 -39.40 10.04 -1.00
C SER C 294 -38.08 9.36 -0.66
N GLU C 295 -37.62 9.48 0.59
CA GLU C 295 -36.44 8.74 1.01
C GLU C 295 -36.68 7.25 0.91
N THR C 296 -37.86 6.79 1.33
CA THR C 296 -38.18 5.37 1.20
C THR C 296 -38.18 4.94 -0.26
N LYS C 297 -38.77 5.75 -1.13
CA LYS C 297 -38.83 5.40 -2.54
C LYS C 297 -37.44 5.31 -3.14
N CYS C 298 -36.56 6.25 -2.79
CA CYS C 298 -35.18 6.18 -3.30
C CYS C 298 -34.44 4.99 -2.71
N THR C 299 -34.69 4.67 -1.44
CA THR C 299 -34.01 3.54 -0.82
C THR C 299 -34.42 2.23 -1.46
N LEU C 300 -35.69 2.10 -1.80
CA LEU C 300 -36.21 0.90 -2.44
C LEU C 300 -36.05 0.93 -3.96
N LYS C 301 -35.55 2.03 -4.52
CA LYS C 301 -35.35 2.16 -5.96
C LYS C 301 -36.63 1.87 -6.73
N SER C 302 -37.76 2.33 -6.20
CA SER C 302 -39.05 2.09 -6.84
C SER C 302 -39.99 3.26 -6.57
N PHE C 303 -40.98 3.40 -7.45
CA PHE C 303 -42.03 4.40 -7.26
C PHE C 303 -43.22 3.87 -6.49
N THR C 304 -43.27 2.58 -6.19
CA THR C 304 -44.36 2.01 -5.41
C THR C 304 -43.77 1.29 -4.20
N VAL C 305 -44.27 1.64 -3.02
CA VAL C 305 -43.82 1.04 -1.77
C VAL C 305 -45.02 0.38 -1.10
N GLU C 306 -44.91 -0.91 -0.82
CA GLU C 306 -45.99 -1.68 -0.24
C GLU C 306 -46.10 -1.42 1.25
N LYS C 307 -47.17 -1.92 1.84
CA LYS C 307 -47.36 -1.79 3.28
C LYS C 307 -46.24 -2.47 4.04
N GLY C 308 -45.76 -1.81 5.08
CA GLY C 308 -44.69 -2.35 5.89
C GLY C 308 -43.88 -1.23 6.51
N ILE C 309 -42.80 -1.63 7.19
CA ILE C 309 -41.84 -0.71 7.79
C ILE C 309 -40.51 -0.92 7.10
N TYR C 310 -39.91 0.16 6.62
CA TYR C 310 -38.72 0.11 5.80
C TYR C 310 -37.62 0.92 6.47
N GLN C 311 -36.47 0.30 6.69
CA GLN C 311 -35.32 0.96 7.31
C GLN C 311 -34.75 1.97 6.33
N THR C 312 -34.97 3.26 6.58
CA THR C 312 -34.56 4.26 5.62
C THR C 312 -33.15 4.79 5.89
N SER C 313 -32.94 5.41 7.05
CA SER C 313 -31.71 6.17 7.28
C SER C 313 -31.28 5.99 8.72
N ASN C 314 -30.35 6.84 9.16
CA ASN C 314 -29.89 6.85 10.54
C ASN C 314 -29.78 8.28 11.01
N PHE C 315 -30.40 8.56 12.16
CA PHE C 315 -30.35 9.89 12.74
C PHE C 315 -29.35 9.92 13.88
N ARG C 316 -28.44 10.88 13.83
CA ARG C 316 -27.48 11.14 14.90
C ARG C 316 -27.53 12.63 15.21
N VAL C 317 -27.77 12.97 16.47
CA VAL C 317 -27.79 14.37 16.87
C VAL C 317 -26.35 14.88 16.86
N GLN C 318 -26.07 15.86 16.00
CA GLN C 318 -24.72 16.39 15.87
C GLN C 318 -24.37 17.28 17.05
N PRO C 319 -23.10 17.37 17.41
CA PRO C 319 -22.71 18.16 18.57
C PRO C 319 -23.09 19.63 18.41
N THR C 320 -23.56 20.22 19.51
CA THR C 320 -23.95 21.62 19.50
C THR C 320 -22.74 22.54 19.48
N GLU C 321 -21.68 22.17 20.19
CA GLU C 321 -20.52 23.05 20.34
C GLU C 321 -19.34 22.20 20.77
N SER C 322 -18.25 22.89 21.12
CA SER C 322 -17.04 22.25 21.61
C SER C 322 -16.72 22.77 23.01
N ILE C 323 -16.27 21.86 23.87
CA ILE C 323 -15.86 22.20 25.23
C ILE C 323 -14.43 21.71 25.43
N VAL C 324 -13.55 22.61 25.90
CA VAL C 324 -12.16 22.29 26.17
C VAL C 324 -11.83 22.74 27.58
N ARG C 325 -11.27 21.85 28.39
CA ARG C 325 -10.90 22.17 29.76
C ARG C 325 -9.55 21.56 30.09
N PHE C 326 -8.71 22.34 30.75
CA PHE C 326 -7.38 21.97 31.19
C PHE C 326 -7.22 22.42 32.63
N PRO C 327 -6.28 21.82 33.38
CA PRO C 327 -5.97 22.35 34.71
C PRO C 327 -5.39 23.75 34.61
N ASN C 328 -6.03 24.73 35.22
CA ASN C 328 -5.57 26.11 35.11
C ASN C 328 -4.13 26.36 35.52
N ILE C 329 -3.52 27.34 34.87
CA ILE C 329 -2.15 27.71 35.15
C ILE C 329 -2.03 28.55 36.41
N THR C 330 -0.84 28.54 36.99
CA THR C 330 -0.52 29.30 38.18
C THR C 330 1.00 29.24 38.32
N ASN C 331 1.52 28.03 38.31
CA ASN C 331 2.95 27.81 38.37
C ASN C 331 3.47 28.37 37.07
N LEU C 332 4.53 29.15 37.10
CA LEU C 332 5.00 29.73 35.84
C LEU C 332 6.50 29.96 35.90
N CYS C 333 7.13 29.91 34.73
CA CYS C 333 8.58 30.07 34.65
C CYS C 333 9.01 31.47 35.09
N PRO C 334 10.19 31.61 35.71
CA PRO C 334 10.67 32.93 36.20
C PRO C 334 11.32 33.77 35.11
N PHE C 335 10.49 34.30 34.20
CA PHE C 335 10.99 35.20 33.18
C PHE C 335 11.27 36.59 33.73
N GLY C 336 10.53 37.03 34.75
CA GLY C 336 10.76 38.33 35.32
C GLY C 336 12.16 38.50 35.88
N GLU C 337 12.69 37.45 36.52
CA GLU C 337 14.04 37.53 37.06
C GLU C 337 15.09 37.75 35.99
N VAL C 338 14.79 37.40 34.74
CA VAL C 338 15.72 37.63 33.64
C VAL C 338 15.52 39.01 33.03
N PHE C 339 14.29 39.34 32.63
CA PHE C 339 14.04 40.61 31.98
C PHE C 339 14.12 41.77 32.96
N ASN C 340 13.48 41.62 34.13
CA ASN C 340 13.44 42.69 35.12
C ASN C 340 14.67 42.72 36.02
N ALA C 341 15.78 42.13 35.59
CA ALA C 341 17.00 42.20 36.37
C ALA C 341 17.49 43.65 36.46
N THR C 342 17.81 44.08 37.68
CA THR C 342 18.26 45.46 37.87
C THR C 342 19.59 45.70 37.17
N ARG C 343 20.46 44.69 37.13
CA ARG C 343 21.75 44.80 36.48
C ARG C 343 21.97 43.59 35.57
N PHE C 344 22.51 43.85 34.39
CA PHE C 344 22.89 42.82 33.44
C PHE C 344 24.41 42.70 33.40
N ALA C 345 24.88 41.58 32.87
CA ALA C 345 26.30 41.38 32.70
C ALA C 345 26.76 41.90 31.34
N SER C 346 28.08 42.05 31.22
CA SER C 346 28.66 42.49 29.95
C SER C 346 28.43 41.45 28.87
N VAL C 347 28.48 41.90 27.62
CA VAL C 347 28.17 41.02 26.50
C VAL C 347 29.17 39.89 26.42
N TYR C 348 30.45 40.16 26.70
CA TYR C 348 31.44 39.09 26.69
C TYR C 348 31.18 38.09 27.81
N ALA C 349 30.53 38.51 28.88
CA ALA C 349 30.18 37.66 30.00
C ALA C 349 28.67 37.54 30.14
N TRP C 350 27.99 37.36 29.00
CA TRP C 350 26.53 37.31 28.98
C TRP C 350 26.00 36.23 29.91
N ASN C 351 25.02 36.58 30.73
CA ASN C 351 24.47 35.63 31.67
C ASN C 351 23.50 34.68 30.98
N ARG C 352 23.46 33.44 31.44
CA ARG C 352 22.52 32.45 30.94
C ARG C 352 21.78 31.80 32.09
N LYS C 353 20.46 31.77 31.98
CA LYS C 353 19.60 31.10 32.94
C LYS C 353 18.84 29.98 32.23
N ARG C 354 18.85 28.78 32.83
CA ARG C 354 18.18 27.63 32.25
C ARG C 354 16.77 27.52 32.81
N ILE C 355 15.80 27.35 31.92
CA ILE C 355 14.39 27.35 32.26
C ILE C 355 13.82 25.97 31.94
N SER C 356 13.23 25.32 32.94
CA SER C 356 12.63 24.00 32.77
C SER C 356 11.67 23.74 33.92
N ASN C 357 10.79 22.75 33.70
CA ASN C 357 9.85 22.29 34.72
C ASN C 357 8.96 23.43 35.23
N CYS C 358 8.39 24.16 34.27
CA CYS C 358 7.56 25.32 34.62
C CYS C 358 6.72 25.71 33.41
N VAL C 359 5.75 26.59 33.67
CA VAL C 359 4.83 27.07 32.65
C VAL C 359 5.37 28.40 32.10
N ALA C 360 5.53 28.47 30.79
CA ALA C 360 6.00 29.69 30.14
C ALA C 360 4.80 30.46 29.60
N ASP C 361 4.50 31.59 30.22
CA ASP C 361 3.37 32.44 29.80
C ASP C 361 3.94 33.56 28.93
N TYR C 362 3.90 33.32 27.61
CA TYR C 362 4.55 34.24 26.68
C TYR C 362 3.74 35.52 26.44
N SER C 363 2.41 35.41 26.41
CA SER C 363 1.59 36.56 26.04
C SER C 363 1.83 37.74 26.97
N VAL C 364 1.65 37.52 28.29
CA VAL C 364 1.94 38.57 29.25
C VAL C 364 3.42 38.92 29.22
N LEU C 365 4.27 37.95 28.90
CA LEU C 365 5.70 38.24 28.75
C LEU C 365 5.93 39.25 27.63
N TYR C 366 5.13 39.17 26.56
CA TYR C 366 5.32 40.05 25.42
C TYR C 366 4.52 41.34 25.52
N ASN C 367 3.72 41.51 26.55
CA ASN C 367 2.94 42.72 26.76
C ASN C 367 3.25 43.39 28.09
N SER C 368 4.40 43.06 28.71
CA SER C 368 4.74 43.65 29.99
C SER C 368 5.40 45.01 29.82
N ALA C 369 6.53 45.06 29.13
CA ALA C 369 7.27 46.30 28.89
C ALA C 369 7.30 46.60 27.39
N SER C 370 7.83 47.78 27.06
CA SER C 370 7.95 48.21 25.68
C SER C 370 9.29 47.73 25.12
N PHE C 371 9.23 46.90 24.09
CA PHE C 371 10.42 46.29 23.50
C PHE C 371 10.74 46.98 22.19
N SER C 372 11.94 47.56 22.10
CA SER C 372 12.36 48.25 20.88
C SER C 372 12.77 47.29 19.78
N THR C 373 13.07 46.04 20.11
CA THR C 373 13.47 45.03 19.13
C THR C 373 12.89 43.69 19.57
N PHE C 374 12.23 43.01 18.64
CA PHE C 374 11.55 41.75 18.94
C PHE C 374 11.54 40.94 17.65
N LYS C 375 12.47 39.99 17.53
CA LYS C 375 12.58 39.18 16.32
C LYS C 375 12.71 37.71 16.69
N CYS C 376 11.84 36.88 16.13
CA CYS C 376 11.86 35.45 16.37
C CYS C 376 12.21 34.71 15.08
N TYR C 377 13.07 33.71 15.21
CA TYR C 377 13.57 32.92 14.10
C TYR C 377 13.25 31.46 14.36
N GLY C 378 12.58 30.82 13.40
CA GLY C 378 12.22 29.43 13.52
C GLY C 378 10.94 29.16 14.29
N VAL C 379 10.28 30.19 14.82
CA VAL C 379 9.03 30.01 15.56
C VAL C 379 8.34 31.36 15.70
N SER C 380 6.99 31.35 15.67
CA SER C 380 6.28 32.61 15.82
C SER C 380 6.10 32.96 17.30
N PRO C 381 6.07 34.25 17.63
CA PRO C 381 5.84 34.63 19.03
C PRO C 381 4.54 34.10 19.60
N THR C 382 3.49 34.04 18.77
CA THR C 382 2.19 33.57 19.25
C THR C 382 2.12 32.05 19.41
N LYS C 383 2.92 31.30 18.65
CA LYS C 383 2.83 29.84 18.68
C LYS C 383 3.54 29.23 19.88
N LEU C 384 4.34 30.01 20.61
CA LEU C 384 5.08 29.45 21.74
C LEU C 384 4.16 28.98 22.85
N ASN C 385 2.96 29.58 22.96
CA ASN C 385 1.98 29.12 23.94
C ASN C 385 1.45 27.74 23.60
N ASP C 386 1.65 27.28 22.36
CA ASP C 386 1.14 25.99 21.92
C ASP C 386 2.22 24.93 21.80
N LEU C 387 3.47 25.25 22.13
CA LEU C 387 4.58 24.33 21.98
C LEU C 387 5.16 23.94 23.33
N CYS C 388 5.70 22.73 23.41
CA CYS C 388 6.45 22.26 24.57
C CYS C 388 7.90 22.11 24.19
N PHE C 389 8.79 22.44 25.12
CA PHE C 389 10.22 22.37 24.88
C PHE C 389 10.89 21.65 26.03
N THR C 390 11.97 20.94 25.71
CA THR C 390 12.74 20.24 26.73
C THR C 390 13.41 21.22 27.67
N ASN C 391 14.04 22.27 27.12
CA ASN C 391 14.74 23.25 27.94
C ASN C 391 14.64 24.61 27.25
N VAL C 392 14.85 25.67 28.05
CA VAL C 392 14.93 27.02 27.54
C VAL C 392 16.20 27.66 28.08
N TYR C 393 16.78 28.55 27.31
CA TYR C 393 17.97 29.30 27.72
C TYR C 393 17.69 30.79 27.55
N ALA C 394 17.88 31.55 28.63
CA ALA C 394 17.73 33.00 28.61
C ALA C 394 19.12 33.62 28.71
N ASP C 395 19.57 34.24 27.62
CA ASP C 395 20.87 34.90 27.56
C ASP C 395 20.66 36.40 27.66
N SER C 396 21.13 37.00 28.74
CA SER C 396 20.92 38.40 29.03
C SER C 396 22.26 39.15 29.04
N PHE C 397 22.26 40.34 28.44
CA PHE C 397 23.45 41.18 28.42
C PHE C 397 23.04 42.59 28.00
N VAL C 398 24.04 43.47 27.87
CA VAL C 398 23.85 44.84 27.42
C VAL C 398 24.85 45.14 26.31
N ILE C 399 24.37 45.76 25.24
CA ILE C 399 25.21 46.14 24.10
C ILE C 399 24.85 47.56 23.68
N ARG C 400 25.45 48.00 22.57
CA ARG C 400 25.04 49.25 21.97
C ARG C 400 23.83 49.05 21.06
N GLY C 401 23.14 50.14 20.78
CA GLY C 401 22.01 50.07 19.87
C GLY C 401 22.43 49.63 18.48
N ASP C 402 23.50 50.23 17.96
CA ASP C 402 24.01 49.85 16.65
C ASP C 402 24.44 48.40 16.61
N GLU C 403 24.84 47.83 17.75
CA GLU C 403 25.22 46.43 17.82
C GLU C 403 24.03 45.50 17.99
N VAL C 404 22.82 46.04 18.22
CA VAL C 404 21.64 45.20 18.38
C VAL C 404 21.39 44.41 17.11
N ARG C 405 21.66 44.99 15.94
CA ARG C 405 21.49 44.26 14.69
C ARG C 405 22.41 43.05 14.63
N GLN C 406 23.53 43.07 15.36
CA GLN C 406 24.45 41.94 15.37
C GLN C 406 23.88 40.72 16.08
N ILE C 407 22.80 40.88 16.84
CA ILE C 407 22.19 39.77 17.57
C ILE C 407 21.11 39.20 16.66
N ALA C 408 21.51 38.28 15.78
CA ALA C 408 20.63 37.61 14.84
C ALA C 408 21.41 36.48 14.19
N PRO C 409 20.72 35.40 13.78
CA PRO C 409 21.42 34.30 13.12
C PRO C 409 22.11 34.77 11.85
N GLY C 410 23.31 34.27 11.62
CA GLY C 410 24.07 34.63 10.44
C GLY C 410 24.64 36.03 10.46
N GLN C 411 24.80 36.64 11.62
CA GLN C 411 25.36 37.97 11.74
C GLN C 411 26.82 37.91 12.18
N THR C 412 27.57 38.94 11.79
CA THR C 412 28.99 39.02 12.13
C THR C 412 29.27 40.39 12.74
N GLY C 413 30.37 40.46 13.46
CA GLY C 413 30.78 41.69 14.12
C GLY C 413 31.57 41.35 15.37
N ASN C 414 32.07 42.41 16.02
CA ASN C 414 32.83 42.21 17.25
C ASN C 414 31.97 41.54 18.31
N ILE C 415 30.74 42.01 18.48
CA ILE C 415 29.81 41.35 19.40
C ILE C 415 29.48 39.94 18.91
N ALA C 416 29.23 39.80 17.60
CA ALA C 416 28.85 38.51 17.07
C ALA C 416 30.00 37.51 17.11
N ASP C 417 31.21 37.95 16.78
CA ASP C 417 32.33 37.02 16.65
C ASP C 417 33.07 36.77 17.95
N TYR C 418 33.28 37.81 18.77
CA TYR C 418 34.10 37.70 19.96
C TYR C 418 33.33 37.81 21.26
N ASN C 419 32.06 38.19 21.23
CA ASN C 419 31.27 38.35 22.45
C ASN C 419 30.14 37.33 22.54
N TYR C 420 29.28 37.25 21.53
CA TYR C 420 28.15 36.34 21.56
C TYR C 420 27.79 35.96 20.13
N LYS C 421 27.83 34.67 19.83
CA LYS C 421 27.54 34.17 18.49
C LYS C 421 26.27 33.34 18.52
N LEU C 422 25.41 33.54 17.51
CA LEU C 422 24.20 32.76 17.35
C LEU C 422 24.36 31.75 16.23
N PRO C 423 23.77 30.57 16.35
CA PRO C 423 23.78 29.62 15.23
C PRO C 423 22.95 30.15 14.08
N ASP C 424 23.36 29.78 12.86
CA ASP C 424 22.61 30.20 11.67
C ASP C 424 21.22 29.59 11.64
N ASP C 425 21.04 28.45 12.30
CA ASP C 425 19.74 27.79 12.43
C ASP C 425 19.11 28.04 13.80
N PHE C 426 19.37 29.20 14.39
CA PHE C 426 18.88 29.49 15.73
C PHE C 426 17.36 29.46 15.78
N THR C 427 16.82 28.78 16.78
CA THR C 427 15.38 28.64 16.98
C THR C 427 15.01 29.34 18.28
N GLY C 428 14.48 30.55 18.18
CA GLY C 428 14.11 31.30 19.36
C GLY C 428 13.94 32.76 19.03
N CYS C 429 13.79 33.56 20.08
CA CYS C 429 13.50 34.98 19.93
C CYS C 429 14.62 35.82 20.54
N VAL C 430 14.75 37.04 20.04
CA VAL C 430 15.68 38.03 20.55
C VAL C 430 14.91 39.31 20.81
N ILE C 431 15.03 39.85 22.02
CA ILE C 431 14.36 41.08 22.42
C ILE C 431 15.41 42.04 22.94
N ALA C 432 15.25 43.32 22.59
CA ALA C 432 16.16 44.36 23.04
C ALA C 432 15.37 45.61 23.36
N TRP C 433 15.79 46.30 24.42
CA TRP C 433 15.18 47.57 24.77
C TRP C 433 16.23 48.50 25.36
N ASN C 434 16.12 49.79 25.03
CA ASN C 434 17.09 50.77 25.49
C ASN C 434 17.08 50.87 27.01
N SER C 435 18.27 50.89 27.60
CA SER C 435 18.43 51.03 29.04
C SER C 435 19.31 52.24 29.38
N ASN C 436 19.15 53.33 28.63
CA ASN C 436 19.89 54.54 28.92
C ASN C 436 19.56 55.06 30.32
N ASN C 437 18.29 55.01 30.69
CA ASN C 437 17.87 55.42 32.02
C ASN C 437 18.32 54.45 33.10
N LEU C 438 18.80 53.26 32.73
CA LEU C 438 19.21 52.23 33.68
C LEU C 438 20.69 51.92 33.64
N ASP C 439 21.30 51.92 32.46
CA ASP C 439 22.68 51.47 32.29
C ASP C 439 23.62 52.59 31.84
N SER C 440 23.28 53.85 32.13
CA SER C 440 24.13 54.98 31.79
C SER C 440 24.30 55.87 33.02
N LYS C 441 25.47 56.49 33.13
CA LYS C 441 25.80 57.37 34.24
C LYS C 441 26.27 58.72 33.72
N VAL C 442 26.07 59.75 34.54
CA VAL C 442 26.53 61.08 34.18
C VAL C 442 28.04 61.10 34.00
N GLY C 443 28.76 60.45 34.90
CA GLY C 443 30.19 60.25 34.76
C GLY C 443 30.58 59.11 33.86
N GLY C 444 29.60 58.40 33.30
CA GLY C 444 29.87 57.29 32.40
C GLY C 444 29.80 55.96 33.09
N ASN C 445 29.02 55.03 32.54
CA ASN C 445 28.89 53.69 33.09
C ASN C 445 29.86 52.79 32.35
N TYR C 446 31.05 52.60 32.94
CA TYR C 446 32.11 51.82 32.33
C TYR C 446 32.12 50.37 32.78
N ASN C 447 31.14 49.96 33.60
CA ASN C 447 31.13 48.58 34.10
C ASN C 447 30.92 47.59 32.96
N TYR C 448 30.08 47.93 31.98
CA TYR C 448 29.82 47.04 30.86
C TYR C 448 31.00 47.04 29.91
N LEU C 449 31.44 45.83 29.55
CA LEU C 449 32.61 45.65 28.69
C LEU C 449 32.23 44.78 27.50
N TYR C 450 33.13 44.73 26.53
CA TYR C 450 32.97 43.87 25.37
C TYR C 450 34.34 43.40 24.91
N ARG C 451 34.40 42.17 24.43
CA ARG C 451 35.65 41.62 23.93
C ARG C 451 35.96 42.22 22.57
N LEU C 452 37.13 42.85 22.46
CA LEU C 452 37.53 43.55 21.25
C LEU C 452 38.50 42.77 20.38
N PHE C 453 39.47 42.09 20.98
CA PHE C 453 40.46 41.32 20.25
C PHE C 453 40.35 39.84 20.61
N ARG C 454 40.35 38.99 19.59
CA ARG C 454 40.35 37.54 19.79
C ARG C 454 40.86 36.87 18.53
N LYS C 455 41.62 35.79 18.71
CA LYS C 455 42.27 35.12 17.58
C LYS C 455 41.25 34.51 16.63
N SER C 456 40.18 33.94 17.16
CA SER C 456 39.15 33.30 16.36
C SER C 456 37.78 33.72 16.85
N ASN C 457 36.79 33.62 15.96
CA ASN C 457 35.43 33.97 16.32
C ASN C 457 34.83 32.93 17.26
N LEU C 458 33.89 33.38 18.10
CA LEU C 458 33.23 32.49 19.04
C LEU C 458 32.25 31.57 18.33
N LYS C 459 32.10 30.37 18.87
CA LYS C 459 31.10 29.44 18.43
C LYS C 459 29.73 29.83 18.99
N PRO C 460 28.64 29.33 18.40
CA PRO C 460 27.31 29.67 18.91
C PRO C 460 27.15 29.28 20.37
N PHE C 461 26.51 30.17 21.13
CA PHE C 461 26.24 29.97 22.56
C PHE C 461 27.51 29.74 23.36
N GLU C 462 28.61 30.34 22.93
CA GLU C 462 29.89 30.25 23.61
C GLU C 462 30.17 31.56 24.35
N ARG C 463 30.64 31.45 25.59
CA ARG C 463 30.97 32.60 26.41
C ARG C 463 32.46 32.63 26.65
N ASP C 464 33.10 33.77 26.37
CA ASP C 464 34.52 33.96 26.57
C ASP C 464 34.73 35.06 27.61
N ILE C 465 35.39 34.71 28.70
CA ILE C 465 35.62 35.65 29.80
C ILE C 465 37.11 35.83 30.08
N SER C 466 37.97 35.29 29.22
CA SER C 466 39.41 35.38 29.44
C SER C 466 39.88 36.82 29.29
N THR C 467 40.71 37.26 30.23
CA THR C 467 41.28 38.60 30.23
C THR C 467 42.76 38.57 29.83
N GLU C 468 43.21 37.48 29.20
CA GLU C 468 44.60 37.37 28.81
C GLU C 468 44.96 38.44 27.79
N ILE C 469 46.15 39.03 27.94
CA ILE C 469 46.59 40.06 27.01
C ILE C 469 46.73 39.45 25.63
N TYR C 470 46.08 40.08 24.66
CA TYR C 470 46.07 39.56 23.30
C TYR C 470 47.42 39.82 22.63
N GLN C 471 48.01 38.79 22.05
CA GLN C 471 49.28 38.90 21.35
C GLN C 471 48.98 39.29 19.91
N ALA C 472 49.20 40.57 19.59
CA ALA C 472 48.96 41.09 18.25
C ALA C 472 50.19 41.03 17.36
N GLY C 473 51.33 40.59 17.89
CA GLY C 473 52.55 40.52 17.11
C GLY C 473 53.32 39.23 17.29
N SER C 474 54.53 39.17 16.74
CA SER C 474 55.35 37.97 16.88
C SER C 474 55.96 37.88 18.28
N THR C 475 56.35 39.01 18.86
CA THR C 475 56.95 39.00 20.18
C THR C 475 55.90 38.66 21.23
N PRO C 476 56.21 37.78 22.17
CA PRO C 476 55.23 37.43 23.20
C PRO C 476 54.97 38.59 24.16
N CYS C 477 53.80 38.56 24.78
CA CYS C 477 53.40 39.60 25.72
C CYS C 477 53.76 39.25 27.16
N ASN C 478 53.67 37.97 27.53
CA ASN C 478 53.99 37.52 28.88
C ASN C 478 53.15 38.24 29.94
N GLY C 479 51.89 38.49 29.61
CA GLY C 479 50.99 39.13 30.55
C GLY C 479 51.21 40.60 30.75
N VAL C 480 52.00 41.24 29.89
CA VAL C 480 52.28 42.67 29.98
C VAL C 480 51.68 43.33 28.74
N LYS C 481 50.79 44.30 28.97
CA LYS C 481 50.14 45.00 27.87
C LYS C 481 51.04 46.12 27.36
N GLY C 482 51.24 46.14 26.05
CA GLY C 482 52.09 47.14 25.41
C GLY C 482 51.93 47.15 23.91
N PHE C 483 53.03 47.32 23.19
CA PHE C 483 52.97 47.28 21.73
C PHE C 483 52.70 45.86 21.26
N ASN C 484 51.73 45.71 20.36
CA ASN C 484 51.23 44.41 19.89
C ASN C 484 50.67 43.58 21.03
N CYS C 485 50.28 44.22 22.14
CA CYS C 485 49.75 43.53 23.31
C CYS C 485 48.60 44.37 23.88
N TYR C 486 47.38 44.00 23.53
CA TYR C 486 46.20 44.79 23.86
C TYR C 486 45.31 44.03 24.84
N PHE C 487 44.67 44.77 25.73
CA PHE C 487 43.71 44.16 26.64
C PHE C 487 42.49 43.71 25.84
N PRO C 488 42.05 42.45 26.00
CA PRO C 488 40.96 41.95 25.14
C PRO C 488 39.63 42.65 25.36
N LEU C 489 39.40 43.23 26.53
CA LEU C 489 38.11 43.84 26.86
C LEU C 489 38.21 45.35 26.79
N GLN C 490 37.14 45.97 26.29
CA GLN C 490 37.04 47.42 26.21
C GLN C 490 35.72 47.86 26.81
N SER C 491 35.73 49.04 27.43
CA SER C 491 34.56 49.53 28.14
C SER C 491 33.62 50.27 27.20
N TYR C 492 32.34 50.29 27.58
CA TYR C 492 31.37 51.07 26.83
C TYR C 492 31.31 52.51 27.30
N GLY C 493 31.27 52.73 28.61
CA GLY C 493 31.16 54.08 29.15
C GLY C 493 29.89 54.77 28.73
N PHE C 494 28.75 54.09 28.88
CA PHE C 494 27.47 54.65 28.47
C PHE C 494 27.17 55.93 29.23
N GLN C 495 26.56 56.88 28.54
CA GLN C 495 26.11 58.12 29.15
C GLN C 495 24.66 58.39 28.74
N PRO C 496 23.88 59.00 29.64
CA PRO C 496 22.47 59.28 29.31
C PRO C 496 22.30 60.28 28.17
N THR C 497 23.33 61.07 27.86
CA THR C 497 23.27 62.04 26.77
C THR C 497 23.76 61.46 25.45
N TYR C 498 24.13 60.19 25.43
CA TYR C 498 24.60 59.57 24.19
C TYR C 498 23.45 59.38 23.20
N GLY C 499 23.81 59.24 21.94
CA GLY C 499 22.84 58.87 20.93
C GLY C 499 22.39 57.44 21.10
N VAL C 500 21.20 57.16 20.53
CA VAL C 500 20.61 55.83 20.67
C VAL C 500 21.53 54.76 20.12
N GLY C 501 22.34 55.09 19.11
CA GLY C 501 23.32 54.15 18.61
C GLY C 501 24.38 53.79 19.64
N TYR C 502 24.81 54.77 20.42
CA TYR C 502 25.76 54.54 21.50
C TYR C 502 25.08 54.30 22.84
N GLN C 503 23.76 54.45 22.91
CA GLN C 503 23.08 54.25 24.18
C GLN C 503 22.98 52.77 24.50
N PRO C 504 22.99 52.41 25.78
CA PRO C 504 22.90 50.99 26.15
C PRO C 504 21.55 50.40 25.78
N TYR C 505 21.58 49.13 25.41
CA TYR C 505 20.39 48.35 25.11
C TYR C 505 20.53 46.99 25.79
N ARG C 506 19.56 46.67 26.66
CA ARG C 506 19.52 45.37 27.30
C ARG C 506 18.87 44.37 26.36
N VAL C 507 19.54 43.25 26.16
CA VAL C 507 19.15 42.24 25.20
C VAL C 507 18.97 40.92 25.92
N VAL C 508 17.83 40.28 25.69
CA VAL C 508 17.52 38.94 26.18
C VAL C 508 17.21 38.06 24.99
N VAL C 509 17.92 36.94 24.89
CA VAL C 509 17.75 35.97 23.81
C VAL C 509 17.20 34.70 24.43
N LEU C 510 16.00 34.31 24.01
CA LEU C 510 15.38 33.07 24.46
C LEU C 510 15.60 32.01 23.40
N SER C 511 16.31 30.95 23.76
CA SER C 511 16.55 29.81 22.89
C SER C 511 15.79 28.60 23.43
N PHE C 512 15.24 27.81 22.50
CA PHE C 512 14.38 26.68 22.86
C PHE C 512 15.08 25.40 22.46
N GLU C 513 15.64 24.69 23.44
CA GLU C 513 16.34 23.43 23.21
C GLU C 513 15.31 22.30 23.25
N LEU C 514 15.09 21.66 22.11
CA LEU C 514 14.12 20.58 21.97
C LEU C 514 14.90 19.29 21.68
N LEU C 515 15.10 18.48 22.69
CA LEU C 515 15.87 17.25 22.58
C LEU C 515 14.93 16.05 22.60
N HIS C 516 15.50 14.86 22.46
CA HIS C 516 14.74 13.61 22.53
C HIS C 516 14.59 13.17 23.98
N ALA C 517 13.99 14.06 24.76
CA ALA C 517 13.75 13.88 26.18
C ALA C 517 12.35 14.37 26.50
N PRO C 518 11.76 13.91 27.61
CA PRO C 518 10.44 14.41 27.99
C PRO C 518 10.44 15.92 28.20
N ALA C 519 9.41 16.58 27.67
CA ALA C 519 9.33 18.03 27.74
C ALA C 519 9.05 18.50 29.15
N THR C 520 9.64 19.63 29.53
CA THR C 520 9.45 20.20 30.85
C THR C 520 8.80 21.57 30.84
N VAL C 521 8.81 22.27 29.70
CA VAL C 521 8.21 23.59 29.56
C VAL C 521 7.10 23.50 28.53
N CYS C 522 5.91 23.98 28.90
CA CYS C 522 4.76 24.00 28.00
C CYS C 522 3.99 25.30 28.19
N GLY C 523 3.16 25.61 27.21
CA GLY C 523 2.44 26.85 27.19
C GLY C 523 1.17 26.85 28.03
N PRO C 524 0.58 28.03 28.20
CA PRO C 524 -0.63 28.15 29.04
C PRO C 524 -1.91 27.67 28.37
N LYS C 525 -2.29 26.42 28.67
CA LYS C 525 -3.49 25.81 28.12
C LYS C 525 -4.75 26.53 28.57
N LYS C 526 -5.58 26.92 27.60
CA LYS C 526 -6.83 27.58 27.92
C LYS C 526 -7.87 26.56 28.35
N SER C 527 -9.04 27.04 28.73
CA SER C 527 -10.14 26.15 29.14
C SER C 527 -11.44 26.93 29.03
N THR C 528 -12.46 26.31 28.43
CA THR C 528 -13.74 26.96 28.23
C THR C 528 -14.67 26.65 29.40
N ASN C 529 -15.87 27.22 29.35
CA ASN C 529 -16.86 26.95 30.36
C ASN C 529 -17.41 25.53 30.20
N LEU C 530 -17.97 25.00 31.28
CA LEU C 530 -18.51 23.65 31.30
C LEU C 530 -19.99 23.65 30.93
N VAL C 531 -20.38 22.68 30.11
CA VAL C 531 -21.75 22.54 29.62
C VAL C 531 -22.20 21.12 29.91
N LYS C 532 -23.44 20.98 30.38
CA LYS C 532 -23.99 19.70 30.77
C LYS C 532 -25.27 19.41 29.98
N ASN C 533 -25.64 18.13 29.96
CA ASN C 533 -26.92 17.68 29.41
C ASN C 533 -27.09 18.10 27.96
N LYS C 534 -26.01 18.05 27.18
CA LYS C 534 -26.09 18.44 25.78
C LYS C 534 -24.96 17.79 25.01
N CYS C 535 -25.24 17.36 23.79
CA CYS C 535 -24.24 16.73 22.95
C CYS C 535 -23.16 17.73 22.56
N VAL C 536 -21.96 17.56 23.12
CA VAL C 536 -20.87 18.48 22.89
C VAL C 536 -19.62 17.70 22.54
N ASN C 537 -18.71 18.38 21.85
CA ASN C 537 -17.37 17.88 21.58
C ASN C 537 -16.49 18.28 22.75
N PHE C 538 -16.19 17.32 23.62
CA PHE C 538 -15.39 17.58 24.80
C PHE C 538 -13.93 17.25 24.55
N ASN C 539 -13.06 18.01 25.21
CA ASN C 539 -11.64 17.72 25.22
C ASN C 539 -11.13 18.12 26.61
N PHE C 540 -11.01 17.14 27.49
CA PHE C 540 -10.57 17.35 28.86
C PHE C 540 -9.13 16.89 28.97
N ASN C 541 -8.23 17.86 29.13
CA ASN C 541 -6.81 17.57 29.39
C ASN C 541 -6.23 16.64 28.33
N GLY C 542 -6.57 16.91 27.06
CA GLY C 542 -6.08 16.11 25.96
C GLY C 542 -6.94 14.93 25.59
N LEU C 543 -7.95 14.60 26.40
CA LEU C 543 -8.87 13.52 26.09
C LEU C 543 -10.00 14.08 25.24
N THR C 544 -10.07 13.67 23.98
CA THR C 544 -11.06 14.19 23.06
C THR C 544 -12.17 13.18 22.79
N GLY C 545 -13.36 13.70 22.55
CA GLY C 545 -14.50 12.84 22.23
C GLY C 545 -15.75 13.68 22.05
N THR C 546 -16.85 12.98 21.79
CA THR C 546 -18.15 13.62 21.62
C THR C 546 -19.18 12.88 22.47
N GLY C 547 -19.96 13.63 23.24
CA GLY C 547 -20.96 13.00 24.09
C GLY C 547 -21.71 14.03 24.91
N VAL C 548 -22.56 13.53 25.79
CA VAL C 548 -23.35 14.34 26.70
C VAL C 548 -22.80 14.14 28.10
N LEU C 549 -22.49 15.24 28.77
CA LEU C 549 -21.87 15.21 30.10
C LEU C 549 -22.95 15.45 31.15
N THR C 550 -23.06 14.53 32.10
CA THR C 550 -24.05 14.64 33.16
C THR C 550 -23.36 14.46 34.51
N GLU C 551 -23.94 15.05 35.55
CA GLU C 551 -23.42 14.86 36.89
C GLU C 551 -23.46 13.37 37.25
N SER C 552 -22.35 12.87 37.79
CA SER C 552 -22.19 11.45 38.03
C SER C 552 -22.07 11.16 39.52
N ASN C 553 -22.49 9.97 39.91
CA ASN C 553 -22.41 9.51 41.28
C ASN C 553 -21.26 8.55 41.53
N LYS C 554 -20.40 8.33 40.53
CA LYS C 554 -19.27 7.43 40.71
C LYS C 554 -18.30 7.98 41.75
N LYS C 555 -17.69 7.08 42.53
CA LYS C 555 -16.77 7.46 43.59
C LYS C 555 -15.34 7.19 43.13
N PHE C 556 -14.78 8.14 42.37
CA PHE C 556 -13.42 8.01 41.87
C PHE C 556 -12.41 8.10 43.01
N LEU C 557 -11.22 7.54 42.77
CA LEU C 557 -10.11 7.78 43.66
C LEU C 557 -9.49 9.16 43.36
N PRO C 558 -8.80 9.75 44.35
CA PRO C 558 -8.24 11.08 44.12
C PRO C 558 -7.30 11.17 42.93
N PHE C 559 -6.50 10.13 42.68
CA PHE C 559 -5.56 10.17 41.57
C PHE C 559 -6.19 9.74 40.24
N GLN C 560 -7.41 9.23 40.27
CA GLN C 560 -8.03 8.71 39.05
C GLN C 560 -8.73 9.84 38.28
N GLN C 561 -8.50 9.88 36.97
CA GLN C 561 -9.01 10.95 36.13
C GLN C 561 -10.18 10.49 35.26
N PHE C 562 -9.97 9.45 34.46
CA PHE C 562 -11.02 8.95 33.58
C PHE C 562 -11.50 7.59 34.06
N GLY C 563 -12.67 7.21 33.56
CA GLY C 563 -13.24 5.91 33.85
C GLY C 563 -13.59 5.19 32.59
N ARG C 564 -13.25 3.90 32.49
CA ARG C 564 -13.62 3.10 31.34
C ARG C 564 -14.56 1.98 31.77
N ASP C 565 -14.89 1.12 30.80
CA ASP C 565 -15.83 0.03 31.03
C ASP C 565 -15.38 -1.16 30.19
N ILE C 566 -16.29 -2.13 30.04
CA ILE C 566 -16.00 -3.31 29.23
C ILE C 566 -15.63 -2.91 27.80
N ALA C 567 -16.30 -1.90 27.26
CA ALA C 567 -15.96 -1.40 25.94
C ALA C 567 -14.61 -0.71 25.91
N ASP C 568 -14.00 -0.45 27.07
CA ASP C 568 -12.75 0.29 27.17
C ASP C 568 -12.88 1.68 26.57
N THR C 569 -14.08 2.26 26.71
CA THR C 569 -14.40 3.58 26.20
C THR C 569 -14.65 4.51 27.38
N THR C 570 -14.27 5.77 27.23
CA THR C 570 -14.34 6.68 28.35
C THR C 570 -15.78 6.95 28.74
N ASP C 571 -16.22 6.32 29.82
CA ASP C 571 -17.57 6.50 30.33
C ASP C 571 -17.64 7.61 31.37
N ALA C 572 -16.55 7.87 32.09
CA ALA C 572 -16.54 8.92 33.09
C ALA C 572 -15.25 9.73 32.97
N VAL C 573 -15.36 11.01 33.30
CA VAL C 573 -14.23 11.92 33.24
C VAL C 573 -14.19 12.75 34.52
N ARG C 574 -13.02 13.30 34.80
CA ARG C 574 -12.83 14.23 35.91
C ARG C 574 -12.48 15.60 35.33
N ASP C 575 -13.25 16.61 35.70
CA ASP C 575 -12.97 17.94 35.21
C ASP C 575 -11.65 18.42 35.81
N PRO C 576 -10.65 18.76 34.98
CA PRO C 576 -9.35 19.16 35.53
C PRO C 576 -9.42 20.38 36.42
N GLN C 577 -10.32 21.32 36.16
CA GLN C 577 -10.42 22.49 37.02
C GLN C 577 -11.21 22.17 38.29
N THR C 578 -12.47 21.83 38.15
CA THR C 578 -13.30 21.48 39.29
C THR C 578 -13.29 19.97 39.46
N LEU C 579 -12.79 19.49 40.59
CA LEU C 579 -12.62 18.06 40.80
C LEU C 579 -14.00 17.43 41.01
N GLU C 580 -14.73 17.31 39.91
CA GLU C 580 -16.02 16.65 39.89
C GLU C 580 -16.03 15.67 38.73
N ILE C 581 -16.82 14.61 38.89
CA ILE C 581 -16.84 13.50 37.94
C ILE C 581 -18.09 13.63 37.09
N LEU C 582 -17.93 13.48 35.78
CA LEU C 582 -19.01 13.62 34.82
C LEU C 582 -19.14 12.34 34.03
N ASP C 583 -20.35 11.80 33.94
CA ASP C 583 -20.63 10.68 33.07
C ASP C 583 -20.84 11.17 31.64
N ILE C 584 -20.26 10.45 30.69
CA ILE C 584 -20.34 10.77 29.28
C ILE C 584 -21.19 9.72 28.62
N THR C 585 -22.33 10.14 28.08
CA THR C 585 -23.22 9.27 27.35
C THR C 585 -23.12 9.57 25.86
N PRO C 586 -22.92 8.58 25.01
CA PRO C 586 -22.86 8.85 23.58
C PRO C 586 -24.13 9.53 23.10
N CYS C 587 -23.98 10.52 22.23
CA CYS C 587 -25.11 11.32 21.78
C CYS C 587 -26.16 10.43 21.13
N SER C 588 -27.42 10.68 21.45
CA SER C 588 -28.51 9.81 21.04
C SER C 588 -28.52 9.64 19.53
N PHE C 589 -28.63 8.39 19.09
CA PHE C 589 -28.65 8.08 17.67
C PHE C 589 -29.43 6.80 17.48
N GLY C 590 -29.88 6.58 16.26
CA GLY C 590 -30.67 5.39 16.00
C GLY C 590 -31.04 5.27 14.55
N GLY C 591 -31.71 4.16 14.25
CA GLY C 591 -32.27 3.98 12.93
C GLY C 591 -33.52 4.83 12.73
N VAL C 592 -33.76 5.18 11.47
CA VAL C 592 -34.91 5.97 11.07
C VAL C 592 -35.68 5.14 10.05
N SER C 593 -36.78 4.55 10.50
CA SER C 593 -37.65 3.76 9.65
C SER C 593 -38.93 4.52 9.36
N VAL C 594 -39.61 4.12 8.31
CA VAL C 594 -40.87 4.74 7.91
C VAL C 594 -41.94 3.66 7.85
N ILE C 595 -42.97 3.80 8.68
CA ILE C 595 -44.12 2.91 8.63
C ILE C 595 -45.11 3.51 7.64
N THR C 596 -45.45 2.76 6.61
CA THR C 596 -46.30 3.26 5.55
C THR C 596 -47.23 2.16 5.06
N PRO C 597 -48.51 2.44 4.86
CA PRO C 597 -49.33 1.55 4.05
C PRO C 597 -48.89 1.63 2.61
N GLY C 598 -49.37 0.68 1.82
CA GLY C 598 -49.01 0.64 0.41
C GLY C 598 -49.28 1.96 -0.29
N THR C 599 -48.29 2.46 -1.04
CA THR C 599 -48.46 3.74 -1.71
C THR C 599 -49.65 3.73 -2.66
N ASN C 600 -50.02 2.56 -3.17
CA ASN C 600 -51.25 2.42 -3.93
C ASN C 600 -52.47 2.82 -3.10
N THR C 601 -52.39 2.65 -1.77
CA THR C 601 -53.51 2.96 -0.90
C THR C 601 -53.51 4.42 -0.45
N SER C 602 -52.36 4.92 -0.03
CA SER C 602 -52.26 6.30 0.44
C SER C 602 -50.81 6.72 0.41
N ASN C 603 -50.58 8.02 0.60
CA ASN C 603 -49.24 8.58 0.65
C ASN C 603 -48.81 8.99 2.05
N GLN C 604 -49.69 8.89 3.03
CA GLN C 604 -49.39 9.36 4.38
C GLN C 604 -48.55 8.33 5.12
N VAL C 605 -47.49 8.78 5.78
CA VAL C 605 -46.52 7.91 6.41
C VAL C 605 -46.28 8.38 7.83
N ALA C 606 -45.74 7.47 8.65
CA ALA C 606 -45.31 7.80 10.00
C ALA C 606 -43.85 7.41 10.15
N VAL C 607 -43.15 8.05 11.08
CA VAL C 607 -41.71 7.90 11.20
C VAL C 607 -41.40 7.27 12.55
N LEU C 608 -40.54 6.26 12.55
CA LEU C 608 -40.09 5.59 13.76
C LEU C 608 -38.59 5.83 13.92
N TYR C 609 -38.22 6.58 14.95
CA TYR C 609 -36.82 6.72 15.35
C TYR C 609 -36.54 5.67 16.41
N GLN C 610 -35.82 4.62 16.05
CA GLN C 610 -35.61 3.52 16.96
C GLN C 610 -34.57 3.87 18.02
N GLY C 611 -34.90 3.61 19.28
CA GLY C 611 -33.91 3.64 20.34
C GLY C 611 -33.45 5.01 20.78
N VAL C 612 -34.24 6.05 20.54
CA VAL C 612 -33.91 7.39 20.99
C VAL C 612 -35.10 7.96 21.75
N ASN C 613 -34.81 8.75 22.78
CA ASN C 613 -35.86 9.37 23.57
C ASN C 613 -36.60 10.41 22.73
N CYS C 614 -37.85 10.68 23.12
CA CYS C 614 -38.65 11.66 22.41
C CYS C 614 -38.33 13.08 22.86
N THR C 615 -37.04 13.41 22.92
CA THR C 615 -36.62 14.78 23.20
C THR C 615 -35.55 15.21 22.20
N GLU C 616 -34.81 14.24 21.68
CA GLU C 616 -33.70 14.50 20.78
C GLU C 616 -34.14 14.69 19.34
N VAL C 617 -35.41 14.46 19.04
CA VAL C 617 -35.93 14.63 17.69
C VAL C 617 -36.21 16.11 17.45
N PRO C 618 -35.72 16.69 16.37
CA PRO C 618 -36.08 18.09 16.07
C PRO C 618 -37.56 18.31 15.93
N VAL C 619 -38.30 17.29 15.45
CA VAL C 619 -39.75 17.33 15.23
C VAL C 619 -40.25 18.69 14.73
N SER C 637 -46.32 15.96 14.61
CA SER C 637 -47.32 16.37 15.60
C SER C 637 -47.41 15.36 16.73
N ASN C 638 -48.14 14.27 16.49
CA ASN C 638 -48.28 13.24 17.51
C ASN C 638 -46.94 12.57 17.77
N VAL C 639 -46.57 12.50 19.04
CA VAL C 639 -45.28 11.97 19.46
C VAL C 639 -45.52 10.89 20.49
N PHE C 640 -45.08 9.67 20.18
CA PHE C 640 -45.40 8.51 21.00
C PHE C 640 -44.10 7.81 21.36
N GLN C 641 -43.83 7.70 22.66
CA GLN C 641 -42.57 7.13 23.12
C GLN C 641 -42.78 5.67 23.50
N THR C 642 -42.73 4.81 22.48
CA THR C 642 -42.77 3.39 22.74
C THR C 642 -41.38 2.90 23.13
N ARG C 643 -41.33 1.71 23.71
CA ARG C 643 -40.03 1.14 24.06
C ARG C 643 -39.16 0.92 22.83
N ALA C 644 -39.75 0.83 21.65
CA ALA C 644 -38.97 0.71 20.43
C ALA C 644 -38.39 2.05 19.99
N GLY C 645 -38.92 3.17 20.44
CA GLY C 645 -38.37 4.46 20.12
C GLY C 645 -39.46 5.52 20.05
N CYS C 646 -39.14 6.58 19.32
CA CYS C 646 -40.02 7.73 19.19
C CYS C 646 -40.79 7.66 17.88
N LEU C 647 -42.10 7.73 17.97
CA LEU C 647 -42.98 7.64 16.80
C LEU C 647 -43.56 9.01 16.51
N ILE C 648 -43.48 9.43 15.25
CA ILE C 648 -43.99 10.70 14.77
C ILE C 648 -45.07 10.42 13.73
N GLY C 649 -46.21 11.07 13.89
CA GLY C 649 -47.27 10.96 12.91
C GLY C 649 -48.21 9.80 13.10
N ALA C 650 -48.11 9.07 14.20
CA ALA C 650 -49.02 7.97 14.48
C ALA C 650 -49.93 8.34 15.64
N GLU C 651 -51.18 7.93 15.56
CA GLU C 651 -52.17 8.24 16.57
C GLU C 651 -52.32 7.06 17.52
N HIS C 652 -51.93 7.25 18.77
CA HIS C 652 -52.04 6.17 19.76
C HIS C 652 -53.50 5.84 20.01
N VAL C 653 -53.79 4.55 20.16
CA VAL C 653 -55.14 4.06 20.43
C VAL C 653 -55.06 3.07 21.57
N ASN C 654 -55.99 3.17 22.52
CA ASN C 654 -56.07 2.18 23.58
C ASN C 654 -56.58 0.84 23.06
N ASN C 655 -57.53 0.87 22.13
CA ASN C 655 -58.08 -0.36 21.57
C ASN C 655 -56.98 -1.18 20.92
N SER C 656 -57.06 -2.50 21.09
CA SER C 656 -56.07 -3.43 20.55
C SER C 656 -56.65 -4.20 19.39
N TYR C 657 -55.91 -4.28 18.30
CA TYR C 657 -56.27 -5.05 17.12
C TYR C 657 -55.17 -6.07 16.85
N GLU C 658 -55.32 -6.80 15.76
CA GLU C 658 -54.26 -7.71 15.33
C GLU C 658 -53.14 -6.91 14.69
N CYS C 659 -51.91 -7.38 14.87
CA CYS C 659 -50.77 -6.67 14.32
C CYS C 659 -50.86 -6.60 12.81
N ASP C 660 -50.62 -5.42 12.26
CA ASP C 660 -50.66 -5.18 10.84
C ASP C 660 -49.28 -4.92 10.27
N ILE C 661 -48.57 -3.93 10.81
CA ILE C 661 -47.18 -3.68 10.46
C ILE C 661 -46.37 -3.75 11.75
N PRO C 662 -45.50 -4.74 11.89
CA PRO C 662 -44.78 -4.90 13.14
C PRO C 662 -43.73 -3.82 13.36
N ILE C 663 -44.00 -2.90 14.29
CA ILE C 663 -42.98 -1.94 14.69
C ILE C 663 -42.02 -2.57 15.69
N GLY C 664 -42.54 -3.01 16.81
CA GLY C 664 -41.71 -3.68 17.80
C GLY C 664 -42.18 -3.40 19.20
N ALA C 665 -41.65 -4.19 20.14
CA ALA C 665 -42.03 -4.09 21.55
C ALA C 665 -43.54 -4.19 21.73
N GLY C 666 -44.18 -5.03 20.92
CA GLY C 666 -45.60 -5.21 21.00
C GLY C 666 -46.42 -4.15 20.32
N ILE C 667 -45.79 -3.15 19.73
CA ILE C 667 -46.47 -2.05 19.08
C ILE C 667 -46.49 -2.29 17.58
N CYS C 668 -47.67 -2.24 16.99
CA CYS C 668 -47.82 -2.34 15.55
C CYS C 668 -48.66 -1.18 15.05
N ALA C 669 -48.39 -0.74 13.82
CA ALA C 669 -49.07 0.38 13.22
C ALA C 669 -49.90 -0.08 12.03
N SER C 670 -51.03 0.59 11.81
CA SER C 670 -51.91 0.24 10.71
C SER C 670 -52.63 1.48 10.21
N TYR C 671 -53.08 1.43 8.96
CA TYR C 671 -53.82 2.53 8.34
C TYR C 671 -55.30 2.22 8.45
N GLN C 672 -56.02 2.97 9.29
CA GLN C 672 -57.41 2.69 9.57
C GLN C 672 -58.14 3.98 9.83
N THR C 673 -59.47 3.92 9.75
CA THR C 673 -60.32 5.07 10.04
C THR C 673 -60.12 5.58 11.46
N SER C 686 -60.53 10.93 7.20
CA SER C 686 -60.69 10.51 8.58
C SER C 686 -59.69 9.43 8.93
N GLN C 687 -59.33 8.60 7.95
CA GLN C 687 -58.37 7.54 8.18
C GLN C 687 -56.99 8.11 8.44
N SER C 688 -56.21 7.38 9.23
CA SER C 688 -54.86 7.78 9.58
C SER C 688 -54.10 6.55 10.06
N ILE C 689 -52.86 6.78 10.50
CA ILE C 689 -51.99 5.71 10.97
C ILE C 689 -52.11 5.64 12.50
N ILE C 690 -52.49 4.47 13.00
CA ILE C 690 -52.68 4.24 14.42
C ILE C 690 -51.72 3.16 14.88
N ALA C 691 -51.03 3.42 15.98
CA ALA C 691 -50.09 2.48 16.59
C ALA C 691 -50.70 1.95 17.88
N TYR C 692 -50.64 0.64 18.08
CA TYR C 692 -51.32 0.02 19.20
C TYR C 692 -50.60 -1.23 19.64
N THR C 693 -50.84 -1.62 20.89
CA THR C 693 -50.33 -2.87 21.43
C THR C 693 -51.12 -4.02 20.83
N MET C 694 -50.45 -4.87 20.05
CA MET C 694 -51.14 -5.88 19.27
C MET C 694 -51.86 -6.88 20.16
N SER C 695 -53.04 -7.29 19.73
CA SER C 695 -53.81 -8.31 20.43
C SER C 695 -53.53 -9.67 19.80
N LEU C 696 -53.23 -10.65 20.64
CA LEU C 696 -52.82 -11.96 20.14
C LEU C 696 -54.02 -12.86 19.89
N GLY C 697 -54.99 -12.37 19.12
CA GLY C 697 -56.21 -13.13 18.88
C GLY C 697 -57.28 -12.84 19.92
N VAL C 698 -58.37 -13.59 19.81
CA VAL C 698 -59.50 -13.46 20.73
C VAL C 698 -59.29 -14.39 21.92
N GLU C 699 -59.38 -13.83 23.12
CA GLU C 699 -59.39 -14.65 24.32
C GLU C 699 -60.63 -15.52 24.34
N ASN C 700 -60.47 -16.85 24.46
CA ASN C 700 -61.58 -17.79 24.35
C ASN C 700 -61.55 -18.77 25.53
N SER C 701 -62.47 -18.58 26.47
CA SER C 701 -62.58 -19.49 27.61
C SER C 701 -63.34 -20.74 27.21
N VAL C 702 -62.65 -21.87 27.20
CA VAL C 702 -63.30 -23.13 26.89
C VAL C 702 -64.18 -23.54 28.06
N ALA C 703 -65.43 -23.92 27.77
CA ALA C 703 -66.36 -24.29 28.82
C ALA C 703 -66.00 -25.66 29.39
N TYR C 704 -64.92 -25.72 30.14
CA TYR C 704 -64.42 -26.99 30.67
C TYR C 704 -65.22 -27.42 31.89
N SER C 705 -65.35 -28.73 32.05
CA SER C 705 -65.94 -29.31 33.25
C SER C 705 -65.36 -30.71 33.43
N ASN C 706 -65.66 -31.30 34.57
CA ASN C 706 -65.25 -32.67 34.81
C ASN C 706 -66.24 -33.69 34.25
N ASN C 707 -67.35 -33.25 33.67
CA ASN C 707 -68.32 -34.21 33.14
C ASN C 707 -68.94 -33.74 31.83
N SER C 708 -68.22 -32.94 31.05
CA SER C 708 -68.75 -32.40 29.80
C SER C 708 -67.74 -32.62 28.69
N ILE C 709 -68.20 -33.17 27.55
CA ILE C 709 -67.36 -33.38 26.39
C ILE C 709 -68.05 -32.75 25.18
N ALA C 710 -67.27 -32.05 24.37
CA ALA C 710 -67.76 -31.52 23.10
C ALA C 710 -67.41 -32.52 22.00
N ILE C 711 -68.42 -32.96 21.25
CA ILE C 711 -68.17 -33.88 20.15
C ILE C 711 -68.65 -33.25 18.86
N PRO C 712 -67.86 -33.28 17.79
CA PRO C 712 -68.33 -32.75 16.50
C PRO C 712 -69.39 -33.65 15.89
N THR C 713 -70.34 -33.01 15.21
CA THR C 713 -71.33 -33.72 14.43
C THR C 713 -71.17 -33.51 12.94
N ASN C 714 -70.39 -32.53 12.52
CA ASN C 714 -70.16 -32.25 11.11
C ASN C 714 -68.67 -32.01 10.93
N PHE C 715 -68.25 -31.80 9.70
CA PHE C 715 -66.83 -31.75 9.41
C PHE C 715 -66.62 -30.99 8.11
N THR C 716 -65.36 -30.78 7.77
CA THR C 716 -65.00 -30.09 6.54
C THR C 716 -63.72 -30.69 6.00
N ILE C 717 -63.58 -30.62 4.67
CA ILE C 717 -62.38 -31.07 3.99
C ILE C 717 -61.65 -29.79 3.58
N SER C 718 -60.70 -29.36 4.39
CA SER C 718 -59.98 -28.13 4.11
C SER C 718 -58.74 -28.46 3.30
N VAL C 719 -58.53 -27.74 2.21
CA VAL C 719 -57.38 -27.93 1.35
C VAL C 719 -56.49 -26.71 1.55
N THR C 720 -55.46 -26.88 2.36
CA THR C 720 -54.52 -25.80 2.59
C THR C 720 -53.37 -25.87 1.59
N THR C 721 -52.62 -24.78 1.50
CA THR C 721 -51.53 -24.65 0.54
C THR C 721 -50.23 -24.36 1.28
N GLU C 722 -49.17 -25.10 0.95
CA GLU C 722 -47.87 -24.91 1.57
C GLU C 722 -46.81 -24.84 0.48
N ILE C 723 -46.12 -23.71 0.39
CA ILE C 723 -45.10 -23.49 -0.63
C ILE C 723 -43.73 -23.62 0.01
N LEU C 724 -42.86 -24.43 -0.59
CA LEU C 724 -41.53 -24.67 -0.05
C LEU C 724 -40.49 -24.48 -1.14
N PRO C 725 -39.49 -23.64 -0.93
CA PRO C 725 -38.38 -23.57 -1.88
C PRO C 725 -37.66 -24.90 -1.92
N VAL C 726 -37.19 -25.27 -3.10
CA VAL C 726 -36.52 -26.55 -3.32
C VAL C 726 -35.08 -26.36 -3.78
N SER C 727 -34.87 -25.53 -4.79
CA SER C 727 -33.54 -25.34 -5.35
C SER C 727 -33.38 -23.89 -5.81
N MET C 728 -32.13 -23.45 -5.85
CA MET C 728 -31.77 -22.10 -6.26
C MET C 728 -31.14 -22.13 -7.64
N THR C 729 -30.91 -20.94 -8.19
CA THR C 729 -30.33 -20.83 -9.52
C THR C 729 -28.87 -21.28 -9.50
N LYS C 730 -28.51 -22.15 -10.44
CA LYS C 730 -27.14 -22.64 -10.56
C LYS C 730 -26.30 -21.58 -11.25
N THR C 731 -25.44 -20.91 -10.47
CA THR C 731 -24.64 -19.80 -10.97
C THR C 731 -23.16 -20.15 -10.81
N SER C 732 -22.39 -19.91 -11.86
CA SER C 732 -20.94 -20.05 -11.84
C SER C 732 -20.31 -18.70 -12.13
N VAL C 733 -19.33 -18.32 -11.32
CA VAL C 733 -18.60 -17.07 -11.50
C VAL C 733 -17.19 -17.42 -11.93
N ASP C 734 -16.81 -16.98 -13.13
CA ASP C 734 -15.45 -17.19 -13.60
C ASP C 734 -14.52 -16.26 -12.85
N CYS C 735 -13.92 -16.75 -11.78
CA CYS C 735 -13.18 -15.90 -10.84
C CYS C 735 -12.13 -15.08 -11.56
N THR C 736 -11.31 -15.71 -12.39
CA THR C 736 -10.25 -14.98 -13.08
C THR C 736 -10.84 -13.94 -14.02
N MET C 737 -11.83 -14.32 -14.82
CA MET C 737 -12.43 -13.37 -15.75
C MET C 737 -13.13 -12.24 -15.02
N TYR C 738 -13.82 -12.55 -13.93
CA TYR C 738 -14.49 -11.51 -13.17
C TYR C 738 -13.49 -10.52 -12.60
N ILE C 739 -12.44 -11.03 -11.94
CA ILE C 739 -11.49 -10.15 -11.28
C ILE C 739 -10.63 -9.42 -12.30
N CYS C 740 -10.16 -10.13 -13.32
CA CYS C 740 -9.12 -9.64 -14.22
C CYS C 740 -9.55 -9.79 -15.67
N GLY C 741 -10.75 -9.30 -15.99
CA GLY C 741 -11.30 -9.45 -17.32
C GLY C 741 -10.40 -8.99 -18.45
N ASP C 742 -9.93 -9.95 -19.25
CA ASP C 742 -9.18 -9.67 -20.47
C ASP C 742 -7.92 -8.86 -20.20
N SER C 743 -7.26 -9.13 -19.09
CA SER C 743 -5.99 -8.49 -18.75
C SER C 743 -5.00 -9.57 -18.34
N THR C 744 -3.90 -9.66 -19.08
CA THR C 744 -2.88 -10.67 -18.76
C THR C 744 -2.09 -10.28 -17.53
N GLU C 745 -1.73 -9.00 -17.39
CA GLU C 745 -0.97 -8.56 -16.24
C GLU C 745 -1.76 -8.77 -14.95
N CYS C 746 -3.05 -8.42 -14.97
CA CYS C 746 -3.90 -8.69 -13.83
C CYS C 746 -3.96 -10.18 -13.53
N SER C 747 -4.01 -11.01 -14.59
CA SER C 747 -4.03 -12.46 -14.39
C SER C 747 -2.75 -12.92 -13.69
N ASN C 748 -1.60 -12.41 -14.12
CA ASN C 748 -0.35 -12.78 -13.50
C ASN C 748 -0.31 -12.36 -12.04
N LEU C 749 -0.78 -11.14 -11.75
CA LEU C 749 -0.82 -10.69 -10.36
C LEU C 749 -1.75 -11.57 -9.53
N LEU C 750 -2.90 -11.93 -10.10
CA LEU C 750 -3.84 -12.80 -9.40
C LEU C 750 -3.24 -14.17 -9.15
N LEU C 751 -2.35 -14.62 -10.03
CA LEU C 751 -1.67 -15.90 -9.80
C LEU C 751 -0.89 -15.90 -8.51
N GLN C 752 -0.48 -14.72 -8.03
CA GLN C 752 0.25 -14.64 -6.77
C GLN C 752 -0.62 -15.01 -5.58
N TYR C 753 -1.94 -14.89 -5.73
CA TYR C 753 -2.86 -15.16 -4.62
C TYR C 753 -3.16 -16.64 -4.44
N GLY C 754 -2.37 -17.52 -5.03
CA GLY C 754 -2.53 -18.94 -4.82
C GLY C 754 -3.63 -19.58 -5.65
N SER C 755 -4.61 -20.17 -4.97
CA SER C 755 -5.65 -20.94 -5.64
C SER C 755 -7.03 -20.48 -5.20
N PHE C 756 -7.18 -19.19 -4.95
CA PHE C 756 -8.48 -18.67 -4.54
C PHE C 756 -9.53 -18.86 -5.62
N CYS C 757 -9.18 -18.61 -6.88
CA CYS C 757 -10.13 -18.79 -7.95
C CYS C 757 -10.60 -20.24 -8.05
N THR C 758 -9.66 -21.18 -7.96
CA THR C 758 -10.03 -22.59 -8.06
C THR C 758 -10.97 -23.00 -6.93
N GLN C 759 -10.69 -22.55 -5.70
CA GLN C 759 -11.53 -22.97 -4.59
C GLN C 759 -12.90 -22.31 -4.64
N LEU C 760 -12.97 -21.06 -5.09
CA LEU C 760 -14.29 -20.44 -5.27
C LEU C 760 -15.10 -21.18 -6.33
N ASN C 761 -14.44 -21.55 -7.44
CA ASN C 761 -15.13 -22.33 -8.46
C ASN C 761 -15.57 -23.68 -7.90
N ARG C 762 -14.76 -24.29 -7.04
CA ARG C 762 -15.13 -25.56 -6.43
C ARG C 762 -16.36 -25.38 -5.53
N ALA C 763 -16.39 -24.30 -4.75
CA ALA C 763 -17.54 -24.05 -3.90
C ALA C 763 -18.81 -23.87 -4.73
N LEU C 764 -18.72 -23.10 -5.81
CA LEU C 764 -19.90 -22.89 -6.64
C LEU C 764 -20.31 -24.18 -7.36
N THR C 765 -19.34 -24.99 -7.77
CA THR C 765 -19.66 -26.28 -8.37
C THR C 765 -20.38 -27.18 -7.38
N GLY C 766 -19.90 -27.21 -6.14
CA GLY C 766 -20.60 -27.97 -5.11
C GLY C 766 -22.01 -27.46 -4.90
N ILE C 767 -22.19 -26.14 -4.93
CA ILE C 767 -23.52 -25.57 -4.78
C ILE C 767 -24.43 -26.05 -5.90
N ALA C 768 -23.94 -26.01 -7.13
CA ALA C 768 -24.77 -26.45 -8.27
C ALA C 768 -25.12 -27.93 -8.17
N VAL C 769 -24.13 -28.76 -7.85
CA VAL C 769 -24.38 -30.18 -7.75
C VAL C 769 -25.38 -30.48 -6.63
N GLU C 770 -25.26 -29.76 -5.53
CA GLU C 770 -26.20 -29.95 -4.44
C GLU C 770 -27.61 -29.49 -4.83
N GLN C 771 -27.71 -28.47 -5.67
CA GLN C 771 -29.02 -28.06 -6.16
C GLN C 771 -29.65 -29.17 -7.00
N ASP C 772 -28.88 -29.76 -7.91
CA ASP C 772 -29.40 -30.89 -8.67
C ASP C 772 -29.81 -32.03 -7.74
N LYS C 773 -28.98 -32.30 -6.73
CA LYS C 773 -29.29 -33.37 -5.78
C LYS C 773 -30.58 -33.09 -5.03
N ASN C 774 -30.79 -31.84 -4.61
CA ASN C 774 -32.01 -31.49 -3.89
C ASN C 774 -33.23 -31.69 -4.77
N THR C 775 -33.16 -31.24 -6.02
CA THR C 775 -34.30 -31.43 -6.91
C THR C 775 -34.57 -32.91 -7.12
N GLN C 776 -33.51 -33.70 -7.33
CA GLN C 776 -33.66 -35.14 -7.53
C GLN C 776 -34.33 -35.79 -6.33
N GLU C 777 -33.88 -35.44 -5.12
CA GLU C 777 -34.42 -36.05 -3.92
C GLU C 777 -35.86 -35.62 -3.68
N VAL C 778 -36.20 -34.37 -4.02
CA VAL C 778 -37.55 -33.91 -3.77
C VAL C 778 -38.54 -34.56 -4.73
N PHE C 779 -38.20 -34.64 -6.02
CA PHE C 779 -39.19 -35.07 -6.99
C PHE C 779 -39.00 -36.49 -7.50
N ALA C 780 -37.77 -36.92 -7.76
CA ALA C 780 -37.53 -38.24 -8.34
C ALA C 780 -37.56 -39.32 -7.25
N GLN C 781 -38.69 -39.40 -6.56
CA GLN C 781 -38.86 -40.36 -5.48
C GLN C 781 -39.68 -41.58 -5.88
N VAL C 782 -40.04 -41.71 -7.15
CA VAL C 782 -40.87 -42.81 -7.61
C VAL C 782 -40.08 -43.59 -8.66
N LYS C 783 -40.09 -44.91 -8.56
CA LYS C 783 -39.36 -45.74 -9.51
C LYS C 783 -39.91 -45.59 -10.92
N GLN C 784 -41.23 -45.63 -11.07
CA GLN C 784 -41.87 -45.60 -12.38
C GLN C 784 -42.60 -44.29 -12.59
N ILE C 785 -43.22 -44.18 -13.77
CA ILE C 785 -44.08 -43.05 -14.09
C ILE C 785 -45.49 -43.56 -14.28
N TYR C 786 -46.30 -43.52 -13.24
CA TYR C 786 -47.70 -43.89 -13.40
C TYR C 786 -48.42 -42.80 -14.18
N LYS C 787 -49.48 -43.19 -14.88
CA LYS C 787 -50.33 -42.21 -15.55
C LYS C 787 -51.79 -42.62 -15.36
N THR C 788 -52.64 -41.63 -15.17
CA THR C 788 -54.04 -41.88 -14.84
C THR C 788 -54.75 -42.52 -16.02
N PRO C 789 -55.72 -43.41 -15.75
CA PRO C 789 -56.56 -43.95 -16.83
C PRO C 789 -57.44 -42.86 -17.40
N PRO C 790 -57.86 -43.00 -18.66
CA PRO C 790 -58.62 -41.91 -19.32
C PRO C 790 -59.90 -41.55 -18.61
N ILE C 791 -60.61 -42.52 -18.03
CA ILE C 791 -61.91 -42.27 -17.42
C ILE C 791 -61.69 -41.78 -15.98
N LYS C 792 -62.15 -40.57 -15.68
CA LYS C 792 -61.98 -39.98 -14.37
C LYS C 792 -63.21 -40.29 -13.48
N ASP C 793 -63.46 -41.57 -13.32
CA ASP C 793 -64.57 -42.04 -12.47
C ASP C 793 -64.10 -42.19 -11.03
N PHE C 794 -63.64 -41.07 -10.47
CA PHE C 794 -63.05 -41.04 -9.15
C PHE C 794 -64.07 -40.87 -8.04
N GLY C 795 -65.31 -41.26 -8.27
CA GLY C 795 -66.33 -41.17 -7.24
C GLY C 795 -66.64 -39.75 -6.83
N GLY C 796 -66.92 -38.88 -7.81
CA GLY C 796 -67.33 -37.53 -7.52
C GLY C 796 -66.18 -36.55 -7.35
N PHE C 797 -65.12 -37.00 -6.68
CA PHE C 797 -63.95 -36.15 -6.51
C PHE C 797 -63.36 -35.80 -7.86
N ASN C 798 -63.07 -34.52 -8.05
CA ASN C 798 -62.72 -33.99 -9.36
C ASN C 798 -61.33 -33.37 -9.30
N PHE C 799 -60.36 -34.04 -9.92
CA PHE C 799 -58.97 -33.61 -9.91
C PHE C 799 -58.54 -32.94 -11.20
N SER C 800 -59.48 -32.56 -12.06
CA SER C 800 -59.12 -32.06 -13.38
C SER C 800 -58.26 -30.80 -13.29
N GLN C 801 -58.34 -30.07 -12.19
CA GLN C 801 -57.55 -28.86 -12.03
C GLN C 801 -56.11 -29.14 -11.63
N ILE C 802 -55.79 -30.36 -11.21
CA ILE C 802 -54.43 -30.70 -10.83
C ILE C 802 -53.82 -31.79 -11.71
N LEU C 803 -54.63 -32.57 -12.43
CA LEU C 803 -54.07 -33.53 -13.35
C LEU C 803 -53.45 -32.80 -14.55
N PRO C 804 -52.49 -33.41 -15.23
CA PRO C 804 -51.87 -32.75 -16.38
C PRO C 804 -52.87 -32.47 -17.48
N ASP C 805 -52.65 -31.37 -18.19
CA ASP C 805 -53.52 -30.94 -19.27
C ASP C 805 -52.88 -31.25 -20.61
N PRO C 806 -53.44 -32.17 -21.40
CA PRO C 806 -52.83 -32.47 -22.72
C PRO C 806 -52.78 -31.27 -23.64
N SER C 807 -53.73 -30.34 -23.54
CA SER C 807 -53.79 -29.22 -24.48
C SER C 807 -52.51 -28.38 -24.42
N LYS C 808 -52.02 -28.11 -23.21
CA LYS C 808 -50.77 -27.37 -23.08
C LYS C 808 -49.64 -28.18 -23.70
N PRO C 809 -48.75 -27.54 -24.48
CA PRO C 809 -47.61 -28.30 -25.03
C PRO C 809 -46.75 -28.94 -23.95
N SER C 810 -46.58 -28.26 -22.82
CA SER C 810 -45.97 -28.87 -21.65
C SER C 810 -47.03 -29.67 -20.89
N LYS C 811 -46.63 -30.85 -20.42
CA LYS C 811 -47.56 -31.69 -19.67
C LYS C 811 -47.74 -31.11 -18.28
N ARG C 812 -48.41 -29.95 -18.20
CA ARG C 812 -48.47 -29.15 -16.99
C ARG C 812 -49.92 -28.97 -16.57
N SER C 813 -50.17 -29.07 -15.27
CA SER C 813 -51.52 -28.90 -14.75
C SER C 813 -51.90 -27.42 -14.75
N PHE C 814 -53.20 -27.15 -14.69
CA PHE C 814 -53.69 -25.78 -14.75
C PHE C 814 -53.22 -24.98 -13.54
N ILE C 815 -53.28 -25.57 -12.35
CA ILE C 815 -52.83 -24.87 -11.15
C ILE C 815 -51.34 -24.57 -11.25
N GLU C 816 -50.56 -25.53 -11.73
CA GLU C 816 -49.15 -25.27 -11.96
C GLU C 816 -48.97 -24.18 -13.01
N ASP C 817 -49.87 -24.12 -13.99
CA ASP C 817 -49.79 -23.04 -14.98
C ASP C 817 -49.97 -21.69 -14.31
N LEU C 818 -50.93 -21.59 -13.39
CA LEU C 818 -51.10 -20.35 -12.63
C LEU C 818 -49.84 -20.03 -11.84
N LEU C 819 -49.26 -21.06 -11.21
CA LEU C 819 -48.05 -20.83 -10.43
C LEU C 819 -46.91 -20.29 -11.29
N PHE C 820 -46.71 -20.89 -12.46
CA PHE C 820 -45.66 -20.42 -13.37
C PHE C 820 -45.93 -18.99 -13.83
N ASN C 821 -47.19 -18.69 -14.14
CA ASN C 821 -47.52 -17.34 -14.60
C ASN C 821 -47.29 -16.31 -13.50
N LYS C 822 -47.54 -16.68 -12.24
CA LYS C 822 -47.38 -15.72 -11.16
C LYS C 822 -45.91 -15.42 -10.90
N VAL C 823 -45.12 -16.45 -10.59
CA VAL C 823 -43.71 -16.25 -10.27
C VAL C 823 -42.99 -15.74 -11.51
N THR C 824 -42.19 -14.69 -11.33
CA THR C 824 -41.48 -14.06 -12.44
C THR C 824 -39.98 -14.29 -12.33
N PHE C 852 -22.23 -12.54 -17.48
CA PHE C 852 -21.87 -11.64 -18.57
C PHE C 852 -20.50 -11.02 -18.31
N ASN C 853 -20.04 -11.13 -17.07
CA ASN C 853 -18.66 -10.85 -16.70
C ASN C 853 -18.05 -12.06 -16.01
N GLY C 854 -18.38 -13.25 -16.51
CA GLY C 854 -18.05 -14.49 -15.85
C GLY C 854 -19.20 -15.11 -15.08
N LEU C 855 -20.39 -14.53 -15.18
CA LEU C 855 -21.58 -15.04 -14.48
C LEU C 855 -22.39 -15.87 -15.47
N THR C 856 -22.28 -17.18 -15.36
CA THR C 856 -22.99 -18.10 -16.23
C THR C 856 -24.06 -18.84 -15.43
N VAL C 857 -25.22 -19.02 -16.03
CA VAL C 857 -26.33 -19.71 -15.38
C VAL C 857 -26.41 -21.10 -15.96
N LEU C 858 -26.01 -22.09 -15.19
CA LEU C 858 -26.16 -23.46 -15.66
C LEU C 858 -27.63 -23.86 -15.57
N PRO C 859 -28.21 -24.39 -16.64
CA PRO C 859 -29.60 -24.84 -16.58
C PRO C 859 -29.73 -25.98 -15.59
N PRO C 860 -30.89 -26.11 -14.93
CA PRO C 860 -31.08 -27.24 -14.04
C PRO C 860 -31.06 -28.55 -14.80
N LEU C 861 -30.61 -29.60 -14.10
CA LEU C 861 -30.49 -30.91 -14.72
C LEU C 861 -31.85 -31.41 -15.19
N LEU C 862 -32.88 -31.24 -14.38
CA LEU C 862 -34.23 -31.65 -14.73
C LEU C 862 -35.00 -30.44 -15.24
N THR C 863 -35.54 -30.55 -16.45
CA THR C 863 -36.33 -29.47 -17.01
C THR C 863 -37.72 -29.42 -16.40
N ASP C 864 -38.39 -28.29 -16.58
CA ASP C 864 -39.70 -28.10 -15.98
C ASP C 864 -40.70 -29.13 -16.46
N GLU C 865 -40.63 -29.51 -17.74
CA GLU C 865 -41.53 -30.54 -18.24
C GLU C 865 -41.34 -31.85 -17.49
N MET C 866 -40.09 -32.23 -17.26
CA MET C 866 -39.83 -33.47 -16.54
C MET C 866 -40.32 -33.40 -15.10
N ILE C 867 -40.15 -32.25 -14.46
CA ILE C 867 -40.67 -32.08 -13.11
C ILE C 867 -42.19 -32.21 -13.10
N ALA C 868 -42.84 -31.65 -14.12
CA ALA C 868 -44.29 -31.79 -14.24
C ALA C 868 -44.68 -33.25 -14.44
N GLN C 869 -43.89 -34.00 -15.21
CA GLN C 869 -44.16 -35.43 -15.37
C GLN C 869 -44.03 -36.15 -14.05
N TYR C 870 -43.02 -35.82 -13.25
CA TYR C 870 -42.86 -36.46 -11.95
C TYR C 870 -44.04 -36.14 -11.04
N THR C 871 -44.48 -34.88 -11.02
CA THR C 871 -45.64 -34.51 -10.22
C THR C 871 -46.89 -35.23 -10.68
N SER C 872 -47.09 -35.34 -11.99
CA SER C 872 -48.24 -36.08 -12.51
C SER C 872 -48.18 -37.54 -12.14
N ALA C 873 -46.98 -38.14 -12.21
CA ALA C 873 -46.84 -39.53 -11.81
C ALA C 873 -47.18 -39.70 -10.33
N LEU C 874 -46.73 -38.76 -9.50
CA LEU C 874 -47.07 -38.82 -8.08
C LEU C 874 -48.57 -38.73 -7.88
N LEU C 875 -49.23 -37.81 -8.59
CA LEU C 875 -50.68 -37.69 -8.46
C LEU C 875 -51.38 -38.97 -8.89
N ALA C 876 -50.98 -39.54 -10.03
CA ALA C 876 -51.62 -40.75 -10.51
C ALA C 876 -51.40 -41.91 -9.55
N GLY C 877 -50.18 -42.08 -9.07
CA GLY C 877 -49.90 -43.14 -8.14
C GLY C 877 -50.70 -43.00 -6.85
N THR C 878 -50.71 -41.79 -6.28
CA THR C 878 -51.48 -41.59 -5.05
C THR C 878 -52.96 -41.85 -5.28
N ILE C 879 -53.53 -41.27 -6.33
CA ILE C 879 -54.97 -41.37 -6.56
C ILE C 879 -55.37 -42.81 -6.81
N THR C 880 -54.60 -43.54 -7.60
CA THR C 880 -54.99 -44.88 -7.99
C THR C 880 -54.47 -45.97 -7.08
N SER C 881 -53.64 -45.65 -6.09
CA SER C 881 -53.05 -46.69 -5.27
C SER C 881 -53.06 -46.40 -3.77
N GLY C 882 -53.54 -45.27 -3.30
CA GLY C 882 -53.48 -44.97 -1.88
C GLY C 882 -52.07 -44.59 -1.51
N TRP C 883 -51.45 -45.42 -0.69
CA TRP C 883 -50.04 -45.28 -0.36
C TRP C 883 -49.19 -46.45 -0.84
N THR C 884 -49.80 -47.45 -1.49
CA THR C 884 -49.08 -48.70 -1.78
C THR C 884 -47.86 -48.45 -2.63
N PHE C 885 -47.96 -47.58 -3.63
CA PHE C 885 -46.82 -47.36 -4.51
C PHE C 885 -45.64 -46.76 -3.77
N GLY C 886 -45.87 -46.21 -2.58
CA GLY C 886 -44.75 -45.83 -1.75
C GLY C 886 -43.93 -46.99 -1.23
N ALA C 887 -44.57 -48.11 -0.95
CA ALA C 887 -43.84 -49.28 -0.45
C ALA C 887 -43.24 -50.08 -1.60
N GLY C 888 -44.07 -50.61 -2.48
CA GLY C 888 -43.57 -51.39 -3.59
C GLY C 888 -44.30 -51.09 -4.88
N ALA C 889 -44.70 -52.14 -5.60
CA ALA C 889 -45.45 -51.96 -6.83
C ALA C 889 -46.84 -51.40 -6.52
N ALA C 890 -47.29 -50.45 -7.34
CA ALA C 890 -48.57 -49.82 -7.13
C ALA C 890 -49.69 -50.83 -7.28
N LEU C 891 -50.71 -50.71 -6.44
CA LEU C 891 -51.87 -51.58 -6.47
C LEU C 891 -53.11 -50.74 -6.72
N GLN C 892 -53.91 -51.13 -7.70
CA GLN C 892 -55.12 -50.36 -7.95
C GLN C 892 -56.12 -50.57 -6.83
N ILE C 893 -57.01 -49.60 -6.67
CA ILE C 893 -58.02 -49.63 -5.61
C ILE C 893 -59.04 -48.53 -5.91
N PRO C 894 -60.33 -48.79 -5.73
CA PRO C 894 -61.31 -47.71 -5.92
C PRO C 894 -61.00 -46.54 -5.01
N PHE C 895 -61.15 -45.33 -5.54
CA PHE C 895 -60.69 -44.15 -4.80
C PHE C 895 -61.49 -43.91 -3.54
N ALA C 896 -62.81 -44.13 -3.59
CA ALA C 896 -63.61 -44.02 -2.37
C ALA C 896 -63.09 -44.98 -1.31
N MET C 897 -62.60 -46.15 -1.71
CA MET C 897 -61.99 -47.05 -0.76
C MET C 897 -60.72 -46.47 -0.16
N GLN C 898 -59.91 -45.77 -0.97
CA GLN C 898 -58.71 -45.14 -0.43
C GLN C 898 -59.09 -44.08 0.60
N MET C 899 -60.11 -43.28 0.31
CA MET C 899 -60.57 -42.32 1.30
C MET C 899 -61.09 -43.01 2.55
N ALA C 900 -61.74 -44.16 2.39
CA ALA C 900 -62.19 -44.91 3.56
C ALA C 900 -61.02 -45.34 4.42
N TYR C 901 -59.95 -45.83 3.77
CA TYR C 901 -58.76 -46.21 4.51
C TYR C 901 -58.19 -45.01 5.26
N ARG C 902 -58.10 -43.87 4.59
CA ARG C 902 -57.53 -42.69 5.23
C ARG C 902 -58.40 -42.21 6.39
N PHE C 903 -59.73 -42.30 6.24
CA PHE C 903 -60.61 -41.99 7.35
C PHE C 903 -60.37 -42.94 8.53
N ASN C 904 -60.15 -44.22 8.23
CA ASN C 904 -59.76 -45.15 9.27
C ASN C 904 -58.44 -44.73 9.90
N GLY C 905 -57.56 -44.10 9.12
CA GLY C 905 -56.30 -43.66 9.66
C GLY C 905 -56.45 -42.60 10.73
N ILE C 906 -57.35 -41.63 10.52
CA ILE C 906 -57.50 -40.54 11.48
C ILE C 906 -58.34 -40.91 12.68
N GLY C 907 -58.96 -42.09 12.69
CA GLY C 907 -59.81 -42.49 13.79
C GLY C 907 -61.29 -42.35 13.54
N VAL C 908 -61.71 -42.10 12.30
CA VAL C 908 -63.13 -42.03 11.94
C VAL C 908 -63.49 -43.28 11.15
N THR C 909 -64.53 -43.98 11.60
CA THR C 909 -64.91 -45.23 10.97
C THR C 909 -65.36 -44.99 9.53
N GLN C 910 -65.09 -45.97 8.66
CA GLN C 910 -65.17 -45.73 7.23
C GLN C 910 -66.61 -45.54 6.74
N ASN C 911 -67.60 -45.94 7.54
CA ASN C 911 -68.98 -45.80 7.10
C ASN C 911 -69.32 -44.34 6.82
N VAL C 912 -68.70 -43.42 7.55
CA VAL C 912 -68.99 -41.99 7.35
C VAL C 912 -68.63 -41.56 5.95
N LEU C 913 -67.47 -42.00 5.46
CA LEU C 913 -67.01 -41.59 4.13
C LEU C 913 -67.97 -42.08 3.06
N TYR C 914 -68.34 -43.36 3.10
CA TYR C 914 -69.25 -43.89 2.10
C TYR C 914 -70.61 -43.22 2.18
N GLU C 915 -71.11 -43.01 3.39
CA GLU C 915 -72.43 -42.40 3.53
C GLU C 915 -72.43 -40.92 3.21
N ASN C 916 -71.26 -40.29 3.10
CA ASN C 916 -71.20 -38.87 2.76
C ASN C 916 -70.44 -38.60 1.47
N GLN C 917 -70.15 -39.63 0.68
CA GLN C 917 -69.33 -39.51 -0.53
C GLN C 917 -69.66 -38.26 -1.33
N LYS C 918 -70.92 -38.08 -1.71
CA LYS C 918 -71.27 -36.95 -2.57
C LYS C 918 -70.93 -35.62 -1.91
N LEU C 919 -71.31 -35.47 -0.64
CA LEU C 919 -71.04 -34.22 0.07
C LEU C 919 -69.56 -33.95 0.18
N ILE C 920 -68.79 -34.99 0.52
CA ILE C 920 -67.35 -34.84 0.68
C ILE C 920 -66.71 -34.47 -0.65
N ALA C 921 -67.14 -35.11 -1.72
CA ALA C 921 -66.59 -34.79 -3.04
C ALA C 921 -66.90 -33.34 -3.42
N ASN C 922 -68.13 -32.90 -3.14
CA ASN C 922 -68.48 -31.51 -3.41
C ASN C 922 -67.60 -30.57 -2.60
N GLN C 923 -67.38 -30.88 -1.32
CA GLN C 923 -66.52 -30.06 -0.49
C GLN C 923 -65.12 -29.98 -1.09
N PHE C 924 -64.60 -31.12 -1.52
CA PHE C 924 -63.25 -31.16 -2.09
C PHE C 924 -63.18 -30.32 -3.35
N ASN C 925 -64.18 -30.44 -4.22
CA ASN C 925 -64.19 -29.66 -5.46
C ASN C 925 -64.25 -28.18 -5.16
N SER C 926 -65.10 -27.78 -4.23
CA SER C 926 -65.20 -26.37 -3.87
C SER C 926 -63.90 -25.86 -3.29
N ALA C 927 -63.25 -26.69 -2.46
CA ALA C 927 -61.97 -26.29 -1.88
C ALA C 927 -60.92 -26.09 -2.96
N ILE C 928 -60.90 -27.01 -3.94
CA ILE C 928 -59.98 -26.86 -5.07
C ILE C 928 -60.24 -25.56 -5.80
N GLY C 929 -61.51 -25.26 -6.04
CA GLY C 929 -61.85 -24.02 -6.71
C GLY C 929 -61.40 -22.80 -5.93
N LYS C 930 -61.60 -22.82 -4.62
CA LYS C 930 -61.16 -21.70 -3.80
C LYS C 930 -59.64 -21.59 -3.81
N ILE C 931 -58.94 -22.72 -3.89
CA ILE C 931 -57.49 -22.68 -4.05
C ILE C 931 -57.12 -21.98 -5.34
N GLN C 932 -57.83 -22.31 -6.42
CA GLN C 932 -57.59 -21.65 -7.70
C GLN C 932 -57.76 -20.15 -7.59
N ASP C 933 -58.84 -19.72 -6.95
CA ASP C 933 -59.10 -18.29 -6.79
C ASP C 933 -58.02 -17.65 -5.92
N SER C 934 -57.61 -18.33 -4.84
CA SER C 934 -56.60 -17.78 -3.95
C SER C 934 -55.28 -17.56 -4.68
N LEU C 935 -54.89 -18.51 -5.51
CA LEU C 935 -53.69 -18.33 -6.31
C LEU C 935 -53.88 -17.24 -7.36
N SER C 936 -55.04 -17.21 -8.02
CA SER C 936 -55.25 -16.26 -9.11
C SER C 936 -55.23 -14.82 -8.62
N SER C 937 -55.89 -14.55 -7.50
CA SER C 937 -56.08 -13.17 -7.05
C SER C 937 -54.83 -12.62 -6.37
N THR C 938 -54.43 -13.24 -5.27
CA THR C 938 -53.37 -12.72 -4.40
C THR C 938 -52.04 -13.35 -4.76
N ALA C 939 -50.99 -12.53 -4.82
CA ALA C 939 -49.65 -12.98 -5.14
C ALA C 939 -48.72 -13.01 -3.93
N SER C 940 -49.21 -12.57 -2.76
CA SER C 940 -48.36 -12.56 -1.58
C SER C 940 -48.05 -13.97 -1.09
N ALA C 941 -48.87 -14.95 -1.47
CA ALA C 941 -48.64 -16.33 -1.04
C ALA C 941 -47.31 -16.86 -1.55
N LEU C 942 -46.95 -16.52 -2.78
CA LEU C 942 -45.73 -16.99 -3.42
C LEU C 942 -44.49 -16.37 -2.86
N GLY C 943 -44.59 -15.54 -1.82
CA GLY C 943 -43.42 -14.80 -1.36
C GLY C 943 -42.26 -15.71 -1.02
N LYS C 944 -42.53 -16.79 -0.29
CA LYS C 944 -41.49 -17.73 0.12
C LYS C 944 -40.66 -18.17 -1.08
N LEU C 945 -41.32 -18.39 -2.22
CA LEU C 945 -40.58 -18.65 -3.45
C LEU C 945 -39.91 -17.37 -3.94
N GLN C 946 -40.72 -16.35 -4.23
CA GLN C 946 -40.23 -15.15 -4.91
C GLN C 946 -39.04 -14.56 -4.18
N ASP C 947 -39.17 -14.40 -2.87
CA ASP C 947 -38.11 -13.89 -2.02
C ASP C 947 -36.77 -14.49 -2.40
N VAL C 948 -36.69 -15.82 -2.42
CA VAL C 948 -35.41 -16.49 -2.66
C VAL C 948 -34.81 -16.00 -3.97
N VAL C 949 -35.62 -16.02 -5.04
CA VAL C 949 -35.12 -15.57 -6.34
C VAL C 949 -34.58 -14.17 -6.23
N ASN C 950 -35.37 -13.28 -5.62
CA ASN C 950 -34.94 -11.89 -5.45
C ASN C 950 -33.57 -11.85 -4.81
N GLN C 951 -33.39 -12.56 -3.69
CA GLN C 951 -32.12 -12.54 -3.00
C GLN C 951 -30.99 -12.89 -3.94
N ASN C 952 -31.16 -13.98 -4.68
CA ASN C 952 -30.16 -14.36 -5.68
C ASN C 952 -29.86 -13.17 -6.59
N ALA C 953 -30.90 -12.68 -7.27
CA ALA C 953 -30.71 -11.52 -8.14
C ALA C 953 -30.04 -10.41 -7.38
N GLN C 954 -30.55 -10.11 -6.18
CA GLN C 954 -29.95 -9.08 -5.34
C GLN C 954 -28.44 -9.29 -5.25
N ALA C 955 -28.03 -10.45 -4.74
CA ALA C 955 -26.61 -10.72 -4.59
C ALA C 955 -25.89 -10.52 -5.91
N LEU C 956 -26.44 -11.09 -6.98
CA LEU C 956 -25.79 -10.96 -8.28
C LEU C 956 -25.61 -9.49 -8.63
N ASN C 957 -26.68 -8.71 -8.54
CA ASN C 957 -26.56 -7.28 -8.85
C ASN C 957 -25.51 -6.65 -7.95
N THR C 958 -25.56 -6.96 -6.65
CA THR C 958 -24.57 -6.44 -5.73
C THR C 958 -23.17 -6.73 -6.25
N LEU C 959 -22.92 -8.00 -6.60
CA LEU C 959 -21.60 -8.36 -7.07
C LEU C 959 -21.20 -7.52 -8.27
N VAL C 960 -22.12 -7.36 -9.22
CA VAL C 960 -21.82 -6.59 -10.42
C VAL C 960 -21.46 -5.16 -10.03
N LYS C 961 -22.20 -4.57 -9.10
CA LYS C 961 -21.91 -3.19 -8.71
C LYS C 961 -20.50 -3.07 -8.16
N GLN C 962 -20.00 -4.12 -7.51
CA GLN C 962 -18.65 -4.04 -6.94
C GLN C 962 -17.58 -3.87 -8.01
N LEU C 963 -17.88 -4.15 -9.28
CA LEU C 963 -16.88 -3.91 -10.31
C LEU C 963 -16.65 -2.42 -10.55
N SER C 964 -17.61 -1.57 -10.18
CA SER C 964 -17.47 -0.13 -10.36
C SER C 964 -16.95 0.58 -9.11
N SER C 965 -16.22 -0.13 -8.25
CA SER C 965 -15.70 0.44 -7.03
C SER C 965 -14.19 0.61 -7.12
N ASN C 966 -13.68 1.71 -6.59
CA ASN C 966 -12.26 2.01 -6.69
C ASN C 966 -11.43 1.20 -5.70
N PHE C 967 -11.96 0.99 -4.49
CA PHE C 967 -11.21 0.36 -3.41
C PHE C 967 -9.89 1.08 -3.12
N GLY C 968 -9.87 2.39 -3.34
CA GLY C 968 -8.66 3.17 -3.18
C GLY C 968 -7.84 3.34 -4.44
N ALA C 969 -8.17 2.62 -5.51
CA ALA C 969 -7.46 2.80 -6.76
C ALA C 969 -7.91 4.08 -7.44
N ILE C 970 -7.09 4.54 -8.38
CA ILE C 970 -7.41 5.76 -9.11
C ILE C 970 -8.69 5.58 -9.94
N SER C 971 -8.88 4.37 -10.48
CA SER C 971 -10.04 4.07 -11.29
C SER C 971 -10.53 2.67 -11.01
N SER C 972 -11.81 2.44 -11.24
CA SER C 972 -12.41 1.12 -11.10
C SER C 972 -12.33 0.32 -12.39
N VAL C 973 -11.59 0.79 -13.39
CA VAL C 973 -11.47 0.13 -14.67
C VAL C 973 -10.02 -0.28 -14.87
N LEU C 974 -9.80 -1.58 -15.06
CA LEU C 974 -8.44 -2.09 -15.24
C LEU C 974 -7.81 -1.59 -16.53
N ASN C 975 -8.59 -1.54 -17.61
CA ASN C 975 -8.04 -1.15 -18.90
C ASN C 975 -7.50 0.26 -18.87
N ASP C 976 -8.21 1.17 -18.19
CA ASP C 976 -7.74 2.54 -18.10
C ASP C 976 -6.42 2.62 -17.35
N ILE C 977 -6.30 1.87 -16.24
CA ILE C 977 -5.06 1.87 -15.48
C ILE C 977 -3.91 1.29 -16.30
N LEU C 978 -4.19 0.21 -17.04
CA LEU C 978 -3.17 -0.39 -17.88
C LEU C 978 -2.71 0.56 -18.96
N SER C 979 -3.65 1.27 -19.59
CA SER C 979 -3.31 2.15 -20.70
C SER C 979 -2.62 3.42 -20.24
N ARG C 980 -2.95 3.92 -19.04
CA ARG C 980 -2.45 5.21 -18.60
C ARG C 980 -1.18 5.11 -17.78
N LEU C 981 -1.15 4.29 -16.75
CA LEU C 981 -0.01 4.19 -15.85
C LEU C 981 0.91 3.05 -16.26
N ASP C 982 2.21 3.26 -16.08
CA ASP C 982 3.19 2.24 -16.40
C ASP C 982 3.10 1.10 -15.38
N PRO C 983 3.55 -0.10 -15.76
CA PRO C 983 3.43 -1.26 -14.86
C PRO C 983 4.05 -1.00 -13.50
N PRO C 984 5.24 -0.38 -13.40
CA PRO C 984 5.77 -0.09 -12.06
C PRO C 984 4.83 0.74 -11.21
N GLU C 985 4.09 1.66 -11.83
CA GLU C 985 3.11 2.46 -11.11
C GLU C 985 1.74 1.78 -11.06
N ALA C 986 1.31 1.21 -12.18
CA ALA C 986 -0.04 0.63 -12.25
C ALA C 986 -0.18 -0.61 -11.38
N GLU C 987 0.92 -1.27 -11.04
CA GLU C 987 0.82 -2.53 -10.33
C GLU C 987 0.22 -2.37 -8.94
N VAL C 988 0.55 -1.29 -8.23
CA VAL C 988 -0.02 -1.09 -6.90
C VAL C 988 -1.52 -0.88 -7.00
N GLN C 989 -1.96 -0.09 -7.97
CA GLN C 989 -3.39 0.13 -8.17
C GLN C 989 -4.09 -1.18 -8.53
N ILE C 990 -3.45 -2.00 -9.37
CA ILE C 990 -4.05 -3.28 -9.74
C ILE C 990 -4.11 -4.21 -8.54
N ASP C 991 -3.11 -4.15 -7.67
CA ASP C 991 -3.17 -4.94 -6.45
C ASP C 991 -4.32 -4.51 -5.56
N ARG C 992 -4.53 -3.20 -5.42
CA ARG C 992 -5.66 -2.73 -4.64
C ARG C 992 -6.99 -3.18 -5.24
N LEU C 993 -7.12 -3.05 -6.56
CA LEU C 993 -8.35 -3.47 -7.22
C LEU C 993 -8.57 -4.96 -7.05
N ILE C 994 -7.50 -5.75 -7.17
CA ILE C 994 -7.62 -7.19 -7.00
C ILE C 994 -8.06 -7.53 -5.60
N THR C 995 -7.47 -6.87 -4.59
CA THR C 995 -7.87 -7.13 -3.22
C THR C 995 -9.34 -6.82 -3.01
N GLY C 996 -9.79 -5.67 -3.51
CA GLY C 996 -11.19 -5.30 -3.33
C GLY C 996 -12.14 -6.27 -4.03
N ARG C 997 -11.85 -6.58 -5.29
CA ARG C 997 -12.71 -7.49 -6.04
C ARG C 997 -12.71 -8.89 -5.43
N LEU C 998 -11.55 -9.35 -4.99
CA LEU C 998 -11.46 -10.68 -4.40
C LEU C 998 -12.21 -10.75 -3.08
N GLN C 999 -12.12 -9.71 -2.26
CA GLN C 999 -12.89 -9.72 -1.01
C GLN C 999 -14.39 -9.69 -1.30
N SER C 1000 -14.80 -8.91 -2.31
CA SER C 1000 -16.20 -8.91 -2.69
C SER C 1000 -16.64 -10.29 -3.16
N LEU C 1001 -15.80 -10.96 -3.95
CA LEU C 1001 -16.14 -12.28 -4.45
C LEU C 1001 -16.23 -13.29 -3.32
N GLN C 1002 -15.33 -13.20 -2.35
CA GLN C 1002 -15.38 -14.11 -1.21
C GLN C 1002 -16.62 -13.87 -0.37
N THR C 1003 -17.00 -12.60 -0.20
CA THR C 1003 -18.25 -12.31 0.50
C THR C 1003 -19.44 -12.92 -0.24
N TYR C 1004 -19.46 -12.77 -1.56
CA TYR C 1004 -20.54 -13.35 -2.36
C TYR C 1004 -20.56 -14.86 -2.21
N VAL C 1005 -19.40 -15.50 -2.26
CA VAL C 1005 -19.35 -16.95 -2.16
C VAL C 1005 -19.81 -17.41 -0.78
N THR C 1006 -19.40 -16.71 0.27
CA THR C 1006 -19.82 -17.08 1.61
C THR C 1006 -21.33 -16.97 1.76
N GLN C 1007 -21.90 -15.86 1.27
CA GLN C 1007 -23.35 -15.71 1.37
C GLN C 1007 -24.07 -16.75 0.52
N GLN C 1008 -23.51 -17.09 -0.64
CA GLN C 1008 -24.12 -18.13 -1.46
C GLN C 1008 -24.07 -19.48 -0.77
N LEU C 1009 -22.96 -19.80 -0.10
CA LEU C 1009 -22.88 -21.06 0.63
C LEU C 1009 -23.90 -21.11 1.75
N ILE C 1010 -24.04 -20.01 2.50
CA ILE C 1010 -25.00 -20.00 3.60
C ILE C 1010 -26.41 -20.15 3.07
N ARG C 1011 -26.75 -19.40 2.01
CA ARG C 1011 -28.07 -19.54 1.42
C ARG C 1011 -28.29 -20.93 0.85
N ALA C 1012 -27.24 -21.56 0.33
CA ALA C 1012 -27.35 -22.91 -0.19
C ALA C 1012 -27.62 -23.89 0.93
N ALA C 1013 -26.98 -23.71 2.08
CA ALA C 1013 -27.27 -24.58 3.22
C ALA C 1013 -28.71 -24.41 3.67
N GLU C 1014 -29.19 -23.17 3.73
CA GLU C 1014 -30.58 -22.93 4.10
C GLU C 1014 -31.52 -23.60 3.11
N ILE C 1015 -31.24 -23.46 1.82
CA ILE C 1015 -32.09 -24.06 0.80
C ILE C 1015 -32.03 -25.57 0.88
N ARG C 1016 -30.86 -26.14 1.20
CA ARG C 1016 -30.78 -27.59 1.32
C ARG C 1016 -31.61 -28.08 2.50
N ALA C 1017 -31.60 -27.36 3.62
CA ALA C 1017 -32.47 -27.73 4.73
C ALA C 1017 -33.93 -27.67 4.31
N SER C 1018 -34.31 -26.61 3.60
CA SER C 1018 -35.68 -26.50 3.13
C SER C 1018 -36.03 -27.63 2.18
N ALA C 1019 -35.09 -28.02 1.32
CA ALA C 1019 -35.37 -29.08 0.35
C ALA C 1019 -35.47 -30.43 1.03
N ASN C 1020 -34.66 -30.68 2.06
CA ASN C 1020 -34.81 -31.92 2.81
C ASN C 1020 -36.16 -31.96 3.50
N LEU C 1021 -36.60 -30.83 4.06
CA LEU C 1021 -37.94 -30.77 4.63
C LEU C 1021 -39.00 -31.07 3.57
N ALA C 1022 -38.83 -30.50 2.37
CA ALA C 1022 -39.79 -30.74 1.30
C ALA C 1022 -39.79 -32.21 0.90
N ALA C 1023 -38.63 -32.83 0.81
CA ALA C 1023 -38.56 -34.24 0.46
C ALA C 1023 -39.24 -35.09 1.53
N THR C 1024 -39.05 -34.74 2.79
CA THR C 1024 -39.74 -35.46 3.86
C THR C 1024 -41.24 -35.32 3.73
N LYS C 1025 -41.71 -34.11 3.40
CA LYS C 1025 -43.15 -33.92 3.21
C LYS C 1025 -43.66 -34.72 2.02
N MET C 1026 -42.88 -34.78 0.94
CA MET C 1026 -43.28 -35.58 -0.20
C MET C 1026 -43.35 -37.06 0.17
N SER C 1027 -42.43 -37.50 1.01
CA SER C 1027 -42.38 -38.91 1.39
C SER C 1027 -43.50 -39.28 2.36
N GLU C 1028 -43.91 -38.35 3.22
CA GLU C 1028 -44.89 -38.65 4.26
C GLU C 1028 -46.28 -38.16 3.91
N CYS C 1029 -46.44 -36.86 3.66
CA CYS C 1029 -47.76 -36.31 3.41
C CYS C 1029 -48.36 -36.84 2.11
N VAL C 1030 -47.54 -37.07 1.09
CA VAL C 1030 -48.05 -37.52 -0.20
C VAL C 1030 -48.01 -39.03 -0.29
N LEU C 1031 -46.82 -39.62 -0.19
CA LEU C 1031 -46.66 -41.05 -0.40
C LEU C 1031 -47.34 -41.89 0.67
N GLY C 1032 -47.77 -41.27 1.77
CA GLY C 1032 -48.48 -41.98 2.81
C GLY C 1032 -49.40 -41.02 3.54
N GLN C 1033 -49.94 -41.48 4.66
CA GLN C 1033 -50.68 -40.63 5.59
C GLN C 1033 -49.81 -40.39 6.81
N SER C 1034 -49.59 -39.13 7.15
CA SER C 1034 -48.67 -38.79 8.23
C SER C 1034 -49.42 -38.57 9.53
N LYS C 1035 -48.99 -39.27 10.57
CA LYS C 1035 -49.57 -39.11 11.90
C LYS C 1035 -49.06 -37.89 12.63
N ARG C 1036 -47.99 -37.26 12.14
CA ARG C 1036 -47.49 -36.05 12.78
C ARG C 1036 -48.52 -34.94 12.68
N VAL C 1037 -48.69 -34.22 13.77
CA VAL C 1037 -49.69 -33.16 13.85
C VAL C 1037 -49.10 -31.87 13.30
N ASP C 1038 -49.85 -31.20 12.43
CA ASP C 1038 -49.45 -29.96 11.77
C ASP C 1038 -48.21 -30.13 10.90
N PHE C 1039 -47.76 -31.36 10.66
CA PHE C 1039 -46.66 -31.55 9.72
C PHE C 1039 -47.16 -31.51 8.29
N CYS C 1040 -48.42 -31.82 8.07
CA CYS C 1040 -49.02 -31.79 6.73
C CYS C 1040 -50.23 -30.86 6.70
N GLY C 1041 -50.08 -29.67 7.26
CA GLY C 1041 -51.17 -28.73 7.31
C GLY C 1041 -52.00 -28.87 8.57
N LYS C 1042 -52.68 -27.79 8.93
CA LYS C 1042 -53.41 -27.77 10.19
C LYS C 1042 -54.57 -28.75 10.16
N GLY C 1043 -54.65 -29.57 11.21
CA GLY C 1043 -55.71 -30.53 11.37
C GLY C 1043 -55.27 -31.95 11.08
N TYR C 1044 -56.20 -32.87 11.31
CA TYR C 1044 -55.97 -34.27 10.97
C TYR C 1044 -55.70 -34.38 9.49
N HIS C 1045 -54.49 -34.78 9.14
CA HIS C 1045 -54.13 -34.87 7.73
C HIS C 1045 -54.76 -36.10 7.10
N LEU C 1046 -55.33 -35.92 5.91
CA LEU C 1046 -55.83 -37.04 5.11
C LEU C 1046 -54.86 -37.41 4.01
N MET C 1047 -54.50 -36.46 3.15
CA MET C 1047 -53.60 -36.76 2.04
C MET C 1047 -52.99 -35.45 1.55
N SER C 1048 -52.11 -35.57 0.56
CA SER C 1048 -51.45 -34.40 0.01
C SER C 1048 -51.19 -34.61 -1.46
N PHE C 1049 -51.21 -33.51 -2.21
CA PHE C 1049 -50.99 -33.54 -3.64
C PHE C 1049 -49.88 -32.54 -3.97
N PRO C 1050 -48.78 -32.99 -4.57
CA PRO C 1050 -47.70 -32.05 -4.92
C PRO C 1050 -47.94 -31.35 -6.24
N GLN C 1051 -47.25 -30.21 -6.38
CA GLN C 1051 -47.27 -29.44 -7.62
C GLN C 1051 -45.91 -28.80 -7.81
N SER C 1052 -45.38 -28.88 -9.01
CA SER C 1052 -44.12 -28.21 -9.33
C SER C 1052 -44.33 -26.71 -9.48
N ALA C 1053 -43.34 -25.93 -9.07
CA ALA C 1053 -43.32 -24.48 -9.26
C ALA C 1053 -41.89 -24.06 -9.54
N PRO C 1054 -41.70 -22.92 -10.19
CA PRO C 1054 -40.34 -22.45 -10.46
C PRO C 1054 -39.49 -22.40 -9.21
N HIS C 1055 -38.45 -23.24 -9.17
CA HIS C 1055 -37.54 -23.30 -8.03
C HIS C 1055 -38.29 -23.58 -6.73
N GLY C 1056 -39.30 -24.43 -6.79
CA GLY C 1056 -40.02 -24.74 -5.57
C GLY C 1056 -41.11 -25.77 -5.79
N VAL C 1057 -41.75 -26.14 -4.68
CA VAL C 1057 -42.84 -27.10 -4.70
C VAL C 1057 -44.00 -26.50 -3.92
N VAL C 1058 -45.20 -26.97 -4.24
CA VAL C 1058 -46.42 -26.53 -3.58
C VAL C 1058 -47.23 -27.76 -3.21
N PHE C 1059 -47.52 -27.92 -1.93
CA PHE C 1059 -48.32 -29.02 -1.44
C PHE C 1059 -49.75 -28.54 -1.22
N LEU C 1060 -50.72 -29.24 -1.79
CA LEU C 1060 -52.11 -29.12 -1.43
C LEU C 1060 -52.39 -30.16 -0.35
N HIS C 1061 -52.59 -29.72 0.87
CA HIS C 1061 -52.85 -30.62 1.99
C HIS C 1061 -54.35 -30.75 2.17
N VAL C 1062 -54.88 -31.95 1.94
CA VAL C 1062 -56.27 -32.26 2.18
C VAL C 1062 -56.41 -32.82 3.59
N THR C 1063 -57.08 -32.06 4.46
CA THR C 1063 -57.20 -32.40 5.86
C THR C 1063 -58.66 -32.39 6.30
N TYR C 1064 -58.96 -33.21 7.30
CA TYR C 1064 -60.30 -33.38 7.82
C TYR C 1064 -60.40 -32.62 9.14
N VAL C 1065 -61.29 -31.64 9.20
CA VAL C 1065 -61.40 -30.77 10.36
C VAL C 1065 -62.81 -30.89 10.93
N PRO C 1066 -62.99 -31.22 12.21
CA PRO C 1066 -64.32 -31.15 12.80
C PRO C 1066 -64.89 -29.75 12.67
N ALA C 1067 -66.19 -29.66 12.42
CA ALA C 1067 -66.83 -28.38 12.15
C ALA C 1067 -67.81 -27.95 13.22
N GLN C 1068 -68.84 -28.74 13.50
CA GLN C 1068 -69.93 -28.34 14.38
C GLN C 1068 -69.90 -29.21 15.62
N GLU C 1069 -69.74 -28.58 16.77
CA GLU C 1069 -69.59 -29.27 18.04
C GLU C 1069 -70.89 -29.25 18.81
N LYS C 1070 -71.07 -30.24 19.68
CA LYS C 1070 -72.19 -30.25 20.60
C LYS C 1070 -71.71 -30.69 21.97
N ASN C 1071 -72.24 -30.02 22.99
CA ASN C 1071 -72.02 -30.41 24.37
C ASN C 1071 -72.71 -31.74 24.67
N PHE C 1072 -72.08 -32.54 25.52
CA PHE C 1072 -72.73 -33.74 26.02
C PHE C 1072 -72.19 -34.07 27.40
N THR C 1073 -72.99 -34.78 28.17
CA THR C 1073 -72.59 -35.25 29.49
C THR C 1073 -71.97 -36.62 29.36
N THR C 1074 -70.79 -36.80 29.92
CA THR C 1074 -70.02 -38.02 29.76
C THR C 1074 -69.65 -38.61 31.11
N ALA C 1075 -69.45 -39.92 31.13
CA ALA C 1075 -68.91 -40.62 32.28
C ALA C 1075 -67.79 -41.52 31.79
N PRO C 1076 -66.67 -41.62 32.51
CA PRO C 1076 -65.54 -42.40 32.00
C PRO C 1076 -65.88 -43.86 31.75
N ALA C 1077 -66.74 -44.46 32.56
CA ALA C 1077 -67.12 -45.85 32.38
C ALA C 1077 -68.56 -46.01 32.87
N ILE C 1078 -69.05 -47.25 32.90
CA ILE C 1078 -70.43 -47.50 33.28
C ILE C 1078 -70.50 -48.77 34.12
N CYS C 1079 -71.30 -48.73 35.18
CA CYS C 1079 -71.61 -49.89 36.01
C CYS C 1079 -72.93 -50.48 35.55
N HIS C 1080 -72.93 -51.78 35.24
CA HIS C 1080 -74.15 -52.47 34.88
C HIS C 1080 -74.56 -53.52 35.90
N ASP C 1081 -73.63 -54.41 36.27
CA ASP C 1081 -73.90 -55.44 37.27
C ASP C 1081 -72.87 -55.36 38.38
N GLY C 1082 -72.43 -54.16 38.70
CA GLY C 1082 -71.34 -53.98 39.63
C GLY C 1082 -69.96 -54.10 38.99
N LYS C 1083 -69.90 -54.42 37.71
CA LYS C 1083 -68.64 -54.48 36.97
C LYS C 1083 -68.57 -53.27 36.05
N ALA C 1084 -67.41 -52.64 36.00
CA ALA C 1084 -67.22 -51.49 35.13
C ALA C 1084 -67.31 -51.91 33.66
N HIS C 1085 -67.58 -50.92 32.81
CA HIS C 1085 -67.60 -51.12 31.36
C HIS C 1085 -66.90 -49.96 30.68
N PHE C 1086 -65.97 -50.27 29.79
CA PHE C 1086 -65.24 -49.23 29.08
C PHE C 1086 -65.41 -49.44 27.58
N PRO C 1087 -65.56 -48.37 26.80
CA PRO C 1087 -65.77 -48.52 25.35
C PRO C 1087 -64.54 -49.12 24.68
N ARG C 1088 -64.79 -50.06 23.77
CA ARG C 1088 -63.69 -50.65 23.01
C ARG C 1088 -62.99 -49.59 22.16
N GLU C 1089 -63.76 -48.85 21.36
CA GLU C 1089 -63.22 -47.80 20.52
C GLU C 1089 -64.29 -46.70 20.44
N GLY C 1090 -64.13 -45.69 21.28
CA GLY C 1090 -65.11 -44.62 21.36
C GLY C 1090 -65.09 -44.01 22.75
N VAL C 1091 -66.23 -43.45 23.14
CA VAL C 1091 -66.38 -42.82 24.44
C VAL C 1091 -67.86 -42.72 24.77
N PHE C 1092 -68.16 -42.64 26.07
CA PHE C 1092 -69.53 -42.56 26.54
C PHE C 1092 -70.03 -41.12 26.53
N VAL C 1093 -71.17 -40.91 25.86
CA VAL C 1093 -71.84 -39.62 25.85
C VAL C 1093 -73.30 -39.85 26.17
N SER C 1094 -73.99 -38.78 26.54
CA SER C 1094 -75.41 -38.85 26.82
C SER C 1094 -76.10 -37.56 26.40
N ASN C 1095 -77.21 -37.68 25.70
CA ASN C 1095 -78.01 -36.53 25.33
C ASN C 1095 -78.88 -36.04 26.47
N GLY C 1096 -78.61 -36.49 27.69
CA GLY C 1096 -79.33 -36.02 28.85
C GLY C 1096 -80.11 -37.10 29.56
N THR C 1097 -80.68 -38.03 28.80
CA THR C 1097 -81.51 -39.08 29.39
C THR C 1097 -81.03 -40.46 29.01
N HIS C 1098 -80.51 -40.61 27.79
CA HIS C 1098 -80.04 -41.88 27.29
C HIS C 1098 -78.54 -41.82 27.03
N TRP C 1099 -77.89 -42.96 27.24
CA TRP C 1099 -76.44 -43.08 27.15
C TRP C 1099 -76.07 -43.86 25.90
N PHE C 1100 -75.01 -43.42 25.22
CA PHE C 1100 -74.51 -44.10 24.04
C PHE C 1100 -72.99 -44.08 24.03
N VAL C 1101 -72.42 -45.00 23.27
CA VAL C 1101 -70.99 -45.09 23.06
C VAL C 1101 -70.72 -44.72 21.61
N THR C 1102 -69.93 -43.69 21.38
CA THR C 1102 -69.75 -43.16 20.04
C THR C 1102 -68.27 -42.92 19.76
N GLN C 1103 -67.92 -42.95 18.47
CA GLN C 1103 -66.56 -42.63 18.07
C GLN C 1103 -66.26 -41.17 18.36
N ARG C 1104 -65.01 -40.91 18.76
CA ARG C 1104 -64.69 -39.65 19.43
C ARG C 1104 -64.64 -38.47 18.47
N ASN C 1105 -64.34 -38.68 17.21
CA ASN C 1105 -64.19 -37.58 16.26
C ASN C 1105 -65.41 -37.35 15.38
N PHE C 1106 -66.53 -38.02 15.66
CA PHE C 1106 -67.76 -37.80 14.90
C PHE C 1106 -68.93 -38.40 15.67
N TYR C 1107 -69.93 -37.58 15.96
CA TYR C 1107 -71.04 -38.02 16.79
C TYR C 1107 -71.88 -39.03 16.04
N GLU C 1108 -71.68 -40.31 16.34
CA GLU C 1108 -72.51 -41.39 15.80
C GLU C 1108 -72.87 -42.31 16.95
N PRO C 1109 -73.81 -41.89 17.81
CA PRO C 1109 -74.13 -42.69 18.98
C PRO C 1109 -74.67 -44.06 18.60
N GLN C 1110 -74.31 -45.05 19.42
CA GLN C 1110 -74.78 -46.41 19.24
C GLN C 1110 -75.13 -46.98 20.61
N ILE C 1111 -76.16 -47.82 20.65
CA ILE C 1111 -76.63 -48.37 21.92
C ILE C 1111 -75.51 -49.18 22.56
N ILE C 1112 -75.41 -49.09 23.88
CA ILE C 1112 -74.33 -49.72 24.62
C ILE C 1112 -74.58 -51.22 24.70
N THR C 1113 -73.74 -52.00 24.03
CA THR C 1113 -73.82 -53.45 24.04
C THR C 1113 -72.46 -54.02 24.45
N THR C 1114 -72.46 -55.33 24.73
CA THR C 1114 -71.24 -55.99 25.19
C THR C 1114 -70.14 -55.93 24.15
N ASP C 1115 -70.49 -55.85 22.87
CA ASP C 1115 -69.46 -55.71 21.84
C ASP C 1115 -68.76 -54.36 21.96
N ASN C 1116 -69.48 -53.34 22.41
CA ASN C 1116 -68.90 -52.01 22.48
C ASN C 1116 -67.97 -51.84 23.67
N THR C 1117 -68.27 -52.49 24.80
CA THR C 1117 -67.54 -52.26 26.03
C THR C 1117 -66.96 -53.56 26.56
N PHE C 1118 -65.84 -53.43 27.25
CA PHE C 1118 -65.22 -54.53 27.96
C PHE C 1118 -65.17 -54.20 29.45
N VAL C 1119 -65.22 -55.25 30.27
CA VAL C 1119 -65.30 -55.08 31.71
C VAL C 1119 -63.91 -55.19 32.31
N SER C 1120 -63.75 -54.62 33.51
CA SER C 1120 -62.51 -54.76 34.26
C SER C 1120 -62.79 -54.45 35.72
N GLY C 1121 -62.71 -55.46 36.58
CA GLY C 1121 -62.87 -55.24 38.00
C GLY C 1121 -64.30 -54.87 38.39
N ASN C 1122 -64.42 -54.44 39.64
CA ASN C 1122 -65.71 -54.02 40.17
C ASN C 1122 -65.89 -52.52 39.96
N CYS C 1123 -66.89 -51.94 40.62
CA CYS C 1123 -67.25 -50.55 40.42
C CYS C 1123 -67.07 -49.68 41.66
N ASP C 1124 -65.95 -49.84 42.37
CA ASP C 1124 -65.68 -49.05 43.56
C ASP C 1124 -64.42 -48.20 43.46
N VAL C 1125 -63.79 -48.15 42.29
CA VAL C 1125 -62.51 -47.46 42.11
C VAL C 1125 -62.61 -46.33 41.09
N VAL C 1126 -63.26 -46.59 39.96
CA VAL C 1126 -63.32 -45.61 38.90
C VAL C 1126 -64.10 -44.38 39.37
N ILE C 1127 -63.57 -43.20 39.04
CA ILE C 1127 -64.14 -41.93 39.48
C ILE C 1127 -64.89 -41.31 38.30
N GLY C 1128 -66.14 -40.96 38.53
CA GLY C 1128 -66.99 -40.44 37.48
C GLY C 1128 -67.94 -41.44 36.87
N ILE C 1129 -67.90 -42.70 37.29
CA ILE C 1129 -68.73 -43.71 36.69
C ILE C 1129 -70.20 -43.46 37.03
N VAL C 1130 -71.08 -43.87 36.11
CA VAL C 1130 -72.52 -43.74 36.30
C VAL C 1130 -73.19 -45.06 35.95
N ASN C 1131 -74.38 -45.27 36.50
CA ASN C 1131 -75.15 -46.47 36.26
C ASN C 1131 -75.97 -46.33 34.98
N ASN C 1132 -76.19 -47.46 34.31
CA ASN C 1132 -77.05 -47.54 33.14
C ASN C 1132 -77.18 -49.00 32.75
N THR C 1133 -78.21 -49.30 31.97
CA THR C 1133 -78.37 -50.64 31.44
C THR C 1133 -77.38 -50.85 30.29
N VAL C 1134 -76.66 -51.97 30.32
CA VAL C 1134 -75.76 -52.35 29.25
C VAL C 1134 -76.43 -53.51 28.51
N TYR C 1135 -76.78 -53.26 27.25
CA TYR C 1135 -77.52 -54.25 26.46
C TYR C 1135 -76.66 -55.47 26.17
N ASP C 1136 -77.32 -56.61 26.00
CA ASP C 1136 -76.67 -57.86 25.66
C ASP C 1136 -77.30 -58.44 24.41
N PRO C 1137 -76.58 -58.50 23.28
CA PRO C 1137 -77.19 -59.02 22.05
C PRO C 1137 -77.67 -60.45 22.16
N LEU C 1138 -77.01 -61.27 22.98
CA LEU C 1138 -77.33 -62.68 23.03
C LEU C 1138 -78.66 -62.96 23.73
N GLN C 1139 -79.08 -62.07 24.62
CA GLN C 1139 -80.28 -62.34 25.41
C GLN C 1139 -81.54 -62.44 24.56
N PRO C 1140 -81.86 -61.51 23.66
CA PRO C 1140 -83.05 -61.70 22.82
C PRO C 1140 -82.98 -62.94 21.95
N GLU C 1141 -81.78 -63.28 21.48
CA GLU C 1141 -81.63 -64.50 20.70
C GLU C 1141 -81.97 -65.72 21.54
N LEU C 1142 -81.49 -65.76 22.78
CA LEU C 1142 -81.78 -66.90 23.65
C LEU C 1142 -83.24 -66.94 24.06
N ASP C 1143 -83.88 -65.77 24.16
CA ASP C 1143 -85.28 -65.73 24.56
C ASP C 1143 -86.18 -66.48 23.57
N SER C 1144 -85.94 -66.28 22.28
CA SER C 1144 -86.74 -66.92 21.25
C SER C 1144 -86.18 -68.30 20.91
N GLU D 1 62.55 29.34 -6.47
CA GLU D 1 63.62 29.92 -7.30
C GLU D 1 64.58 28.80 -7.68
N VAL D 2 65.09 28.84 -8.91
CA VAL D 2 65.98 27.80 -9.43
C VAL D 2 67.41 28.31 -9.34
N GLN D 3 68.28 27.59 -8.65
CA GLN D 3 69.69 27.98 -8.48
C GLN D 3 70.60 26.75 -8.42
N LEU D 4 71.85 26.97 -8.79
CA LEU D 4 72.92 25.99 -8.72
C LEU D 4 73.99 26.51 -7.75
N VAL D 5 74.42 25.64 -6.83
CA VAL D 5 75.45 25.98 -5.84
C VAL D 5 76.52 24.90 -5.83
N GLU D 6 77.72 25.25 -6.25
CA GLU D 6 78.88 24.36 -6.17
C GLU D 6 79.46 24.23 -4.75
N SER D 7 80.19 23.15 -4.51
CA SER D 7 81.07 23.00 -3.34
C SER D 7 82.20 24.03 -3.34
N GLY D 8 82.85 24.21 -2.18
CA GLY D 8 84.00 25.12 -2.03
C GLY D 8 85.21 24.77 -2.90
N ALA D 9 86.19 25.69 -2.93
CA ALA D 9 87.43 25.55 -3.68
C ALA D 9 88.29 24.38 -3.17
N GLU D 10 89.06 23.78 -4.07
CA GLU D 10 89.90 22.60 -3.80
C GLU D 10 91.35 22.86 -4.21
N VAL D 11 92.30 22.36 -3.42
CA VAL D 11 93.72 22.32 -3.77
C VAL D 11 94.16 20.86 -3.81
N LYS D 12 94.71 20.43 -4.94
CA LYS D 12 95.06 19.03 -5.19
C LYS D 12 96.47 18.91 -5.76
N LYS D 13 97.04 17.71 -5.58
CA LYS D 13 98.32 17.35 -6.18
C LYS D 13 98.11 16.69 -7.56
N PRO D 14 99.04 16.87 -8.51
CA PRO D 14 99.04 16.09 -9.75
C PRO D 14 98.97 14.58 -9.48
N GLY D 15 98.31 13.83 -10.35
CA GLY D 15 98.05 12.39 -10.21
C GLY D 15 96.91 12.01 -9.27
N SER D 16 96.48 12.90 -8.35
CA SER D 16 95.33 12.65 -7.48
C SER D 16 93.99 12.86 -8.20
N SER D 17 92.87 12.78 -7.46
CA SER D 17 91.52 13.05 -7.96
C SER D 17 90.85 14.19 -7.18
N VAL D 18 89.93 14.89 -7.84
CA VAL D 18 89.02 15.87 -7.23
C VAL D 18 87.58 15.45 -7.48
N LYS D 19 86.71 15.64 -6.49
CA LYS D 19 85.26 15.48 -6.65
C LYS D 19 84.57 16.75 -6.18
N VAL D 20 83.93 17.44 -7.11
CA VAL D 20 83.14 18.65 -6.83
C VAL D 20 81.65 18.32 -6.93
N SER D 21 80.82 19.02 -6.17
CA SER D 21 79.38 18.84 -6.17
C SER D 21 78.66 20.09 -6.65
N CYS D 22 77.49 19.93 -7.26
CA CYS D 22 76.56 20.99 -7.61
C CYS D 22 75.19 20.63 -7.06
N LYS D 23 74.74 21.40 -6.08
CA LYS D 23 73.39 21.29 -5.52
C LYS D 23 72.44 22.12 -6.37
N ALA D 24 71.42 21.48 -6.93
CA ALA D 24 70.34 22.16 -7.63
C ALA D 24 69.14 22.27 -6.71
N SER D 25 68.49 23.42 -6.73
CA SER D 25 67.22 23.63 -6.00
C SER D 25 66.19 24.24 -6.93
N GLY D 26 64.91 23.93 -6.66
CA GLY D 26 63.79 24.33 -7.50
C GLY D 26 63.52 23.30 -8.61
N GLY D 27 62.26 22.96 -8.80
CA GLY D 27 61.83 21.97 -9.78
C GLY D 27 62.22 20.53 -9.42
N THR D 28 61.97 19.63 -10.37
CA THR D 28 62.19 18.19 -10.20
C THR D 28 63.64 17.82 -10.53
N PHE D 29 64.42 17.42 -9.52
CA PHE D 29 65.83 17.13 -9.75
C PHE D 29 66.08 15.96 -10.73
N SER D 30 65.21 14.96 -10.76
CA SER D 30 65.40 13.77 -11.60
C SER D 30 65.45 14.10 -13.10
N SER D 31 64.72 15.12 -13.55
CA SER D 31 64.68 15.59 -14.94
C SER D 31 65.57 16.82 -15.19
N TYR D 32 66.40 17.18 -14.21
CA TYR D 32 67.23 18.37 -14.27
C TYR D 32 68.51 18.12 -15.08
N ALA D 33 68.68 18.82 -16.20
CA ALA D 33 69.86 18.66 -17.06
C ALA D 33 71.08 19.39 -16.47
N ILE D 34 71.94 18.67 -15.77
CA ILE D 34 73.16 19.24 -15.17
C ILE D 34 74.34 19.03 -16.11
N ASN D 35 75.00 20.13 -16.46
CA ASN D 35 76.21 20.15 -17.26
C ASN D 35 77.38 20.69 -16.44
N TRP D 36 78.58 20.22 -16.73
CA TRP D 36 79.83 20.73 -16.16
C TRP D 36 80.66 21.41 -17.25
N VAL D 37 81.05 22.65 -16.99
CA VAL D 37 81.88 23.47 -17.88
C VAL D 37 83.04 24.00 -17.05
N ARG D 38 84.27 23.92 -17.56
CA ARG D 38 85.43 24.49 -16.87
C ARG D 38 86.06 25.63 -17.67
N GLN D 39 86.81 26.46 -16.96
CA GLN D 39 87.58 27.57 -17.54
C GLN D 39 88.93 27.67 -16.84
N ALA D 40 90.01 27.31 -17.55
CA ALA D 40 91.36 27.52 -17.05
C ALA D 40 91.70 29.03 -17.02
N PRO D 41 92.62 29.48 -16.15
CA PRO D 41 93.00 30.90 -16.07
C PRO D 41 93.40 31.47 -17.44
N GLY D 42 92.68 32.51 -17.88
CA GLY D 42 92.92 33.18 -19.16
C GLY D 42 92.49 32.40 -20.41
N GLN D 43 91.82 31.26 -20.26
CA GLN D 43 91.35 30.41 -21.36
C GLN D 43 89.83 30.55 -21.57
N GLY D 44 89.35 29.98 -22.67
CA GLY D 44 87.92 29.88 -22.99
C GLY D 44 87.18 28.84 -22.15
N LEU D 45 85.90 28.66 -22.47
CA LEU D 45 85.01 27.69 -21.83
C LEU D 45 85.16 26.30 -22.46
N GLU D 46 85.26 25.25 -21.64
CA GLU D 46 85.30 23.86 -22.09
C GLU D 46 84.17 23.06 -21.44
N TRP D 47 83.22 22.56 -22.24
CA TRP D 47 82.22 21.61 -21.74
C TRP D 47 82.86 20.24 -21.49
N MET D 48 82.66 19.71 -20.30
CA MET D 48 83.26 18.45 -19.87
C MET D 48 82.33 17.26 -20.06
N GLY D 49 81.04 17.49 -19.85
CA GLY D 49 80.02 16.45 -19.80
C GLY D 49 78.77 16.92 -19.08
N GLY D 50 77.77 16.04 -19.00
CA GLY D 50 76.56 16.29 -18.24
C GLY D 50 75.71 15.05 -18.06
N ILE D 51 74.63 15.18 -17.30
CA ILE D 51 73.69 14.12 -16.99
C ILE D 51 72.28 14.70 -16.78
N ILE D 52 71.26 13.94 -17.18
CA ILE D 52 69.89 14.11 -16.70
C ILE D 52 69.63 12.89 -15.80
N PRO D 53 69.45 13.06 -14.47
CA PRO D 53 69.53 11.96 -13.51
C PRO D 53 68.60 10.77 -13.81
N ILE D 54 67.37 11.01 -14.27
CA ILE D 54 66.36 9.97 -14.55
C ILE D 54 66.80 8.95 -15.59
N PHE D 55 67.65 9.34 -16.56
CA PHE D 55 68.16 8.42 -17.58
C PHE D 55 69.43 7.70 -17.16
N ARG D 56 70.10 8.13 -16.08
CA ARG D 56 71.33 7.53 -15.53
C ARG D 56 72.43 7.29 -16.57
N THR D 57 72.43 8.06 -17.65
CA THR D 57 73.33 7.91 -18.80
C THR D 57 74.11 9.21 -18.98
N PRO D 58 75.28 9.37 -18.34
CA PRO D 58 76.08 10.57 -18.48
C PRO D 58 76.73 10.65 -19.87
N HIS D 59 76.88 11.87 -20.38
CA HIS D 59 77.62 12.18 -21.59
C HIS D 59 78.92 12.90 -21.23
N TYR D 60 80.00 12.61 -21.95
CA TYR D 60 81.32 13.20 -21.71
C TYR D 60 81.89 13.76 -23.02
N ALA D 61 82.63 14.87 -22.94
CA ALA D 61 83.44 15.30 -24.06
C ALA D 61 84.64 14.38 -24.22
N GLN D 62 85.00 14.06 -25.47
CA GLN D 62 86.04 13.09 -25.80
C GLN D 62 87.39 13.38 -25.11
N LYS D 63 87.75 14.66 -24.95
CA LYS D 63 88.97 15.10 -24.26
C LYS D 63 89.09 14.60 -22.82
N PHE D 64 87.96 14.35 -22.16
CA PHE D 64 87.87 13.98 -20.75
C PHE D 64 87.46 12.53 -20.51
N GLN D 65 87.18 11.80 -21.58
CA GLN D 65 86.72 10.41 -21.49
C GLN D 65 87.76 9.55 -20.76
N GLY D 66 87.30 8.73 -19.82
CA GLY D 66 88.15 7.89 -18.96
C GLY D 66 88.77 8.60 -17.76
N ARG D 67 88.71 9.94 -17.68
CA ARG D 67 89.18 10.72 -16.52
C ARG D 67 88.06 11.36 -15.73
N VAL D 68 86.94 11.69 -16.38
CA VAL D 68 85.78 12.31 -15.75
C VAL D 68 84.69 11.28 -15.50
N THR D 69 84.10 11.34 -14.31
CA THR D 69 82.90 10.58 -13.92
C THR D 69 81.85 11.56 -13.40
N ILE D 70 80.67 11.57 -14.00
CA ILE D 70 79.54 12.40 -13.58
C ILE D 70 78.45 11.49 -13.01
N THR D 71 77.98 11.83 -11.81
CA THR D 71 76.92 11.10 -11.10
C THR D 71 75.91 12.09 -10.52
N ALA D 72 74.72 11.61 -10.16
CA ALA D 72 73.70 12.41 -9.52
C ALA D 72 73.04 11.61 -8.41
N ASP D 73 72.83 12.26 -7.26
CA ASP D 73 72.06 11.76 -6.14
C ASP D 73 70.71 12.49 -6.09
N GLU D 74 69.67 11.76 -6.49
CA GLU D 74 68.31 12.28 -6.54
C GLU D 74 67.74 12.61 -5.16
N SER D 75 68.22 11.95 -4.10
CA SER D 75 67.71 12.16 -2.74
C SER D 75 68.16 13.49 -2.13
N THR D 76 69.36 13.96 -2.51
CA THR D 76 69.93 15.22 -2.02
C THR D 76 69.86 16.37 -3.04
N GLY D 77 69.37 16.09 -4.26
CA GLY D 77 69.33 17.08 -5.35
C GLY D 77 70.73 17.53 -5.77
N THR D 78 71.70 16.62 -5.77
CA THR D 78 73.12 16.96 -5.96
C THR D 78 73.74 16.16 -7.10
N ALA D 79 74.35 16.85 -8.05
CA ALA D 79 75.21 16.24 -9.06
C ALA D 79 76.67 16.32 -8.64
N TYR D 80 77.48 15.32 -8.99
CA TYR D 80 78.92 15.29 -8.72
C TYR D 80 79.70 15.14 -10.01
N MET D 81 80.83 15.82 -10.10
CA MET D 81 81.85 15.58 -11.12
C MET D 81 83.16 15.21 -10.43
N GLU D 82 83.65 14.02 -10.74
CA GLU D 82 84.96 13.55 -10.30
C GLU D 82 85.92 13.56 -11.49
N LEU D 83 87.09 14.18 -11.32
CA LEU D 83 88.18 14.21 -12.30
C LEU D 83 89.42 13.56 -11.69
N SER D 84 89.89 12.49 -12.33
CA SER D 84 91.04 11.69 -11.88
C SER D 84 92.32 11.98 -12.65
N SER D 85 93.45 11.50 -12.10
CA SER D 85 94.78 11.64 -12.69
C SER D 85 95.10 13.10 -13.03
N LEU D 86 94.89 13.99 -12.06
CA LEU D 86 94.96 15.44 -12.24
C LEU D 86 96.32 15.91 -12.78
N ARG D 87 96.28 16.98 -13.58
CA ARG D 87 97.45 17.66 -14.15
C ARG D 87 97.38 19.14 -13.82
N SER D 88 98.50 19.86 -13.93
CA SER D 88 98.52 21.32 -13.73
C SER D 88 97.55 22.06 -14.67
N GLU D 89 97.37 21.55 -15.90
CA GLU D 89 96.39 22.05 -16.89
C GLU D 89 94.92 21.88 -16.49
N ASP D 90 94.64 21.10 -15.44
CA ASP D 90 93.30 20.98 -14.86
C ASP D 90 93.01 22.05 -13.80
N THR D 91 93.97 22.94 -13.52
CA THR D 91 93.68 24.14 -12.72
C THR D 91 92.69 25.03 -13.47
N ALA D 92 91.48 25.17 -12.93
CA ALA D 92 90.38 25.86 -13.58
C ALA D 92 89.26 26.20 -12.59
N VAL D 93 88.39 27.13 -12.98
CA VAL D 93 87.07 27.26 -12.36
C VAL D 93 86.13 26.28 -13.03
N TYR D 94 85.45 25.46 -12.23
CA TYR D 94 84.48 24.46 -12.67
C TYR D 94 83.08 24.94 -12.32
N TYR D 95 82.27 25.20 -13.33
CA TYR D 95 80.88 25.61 -13.22
C TYR D 95 79.96 24.41 -13.44
N CYS D 96 78.86 24.36 -12.70
CA CYS D 96 77.68 23.64 -13.17
C CYS D 96 76.72 24.58 -13.90
N ALA D 97 76.05 24.06 -14.92
CA ALA D 97 75.20 24.84 -15.82
C ALA D 97 74.08 23.93 -16.32
N SER D 98 72.85 24.44 -16.33
CA SER D 98 71.70 23.65 -16.82
C SER D 98 70.74 24.59 -17.57
N PRO D 99 71.00 24.95 -18.84
CA PRO D 99 70.06 25.83 -19.55
C PRO D 99 68.69 25.19 -19.72
N SER D 100 67.79 25.44 -18.78
CA SER D 100 66.42 24.89 -18.77
C SER D 100 66.37 23.34 -18.76
N CYS D 101 66.76 22.72 -19.87
CA CYS D 101 66.76 21.28 -20.00
C CYS D 101 68.06 20.70 -20.55
N GLY D 102 69.15 21.48 -20.56
CA GLY D 102 70.40 20.98 -21.10
C GLY D 102 70.33 20.68 -22.59
N GLY D 103 70.13 19.40 -22.93
CA GLY D 103 70.04 19.01 -24.32
C GLY D 103 68.74 18.30 -24.63
N ASP D 104 67.71 18.59 -23.84
CA ASP D 104 66.41 17.97 -24.03
C ASP D 104 65.24 18.94 -23.88
N CYS D 105 65.45 20.21 -24.22
CA CYS D 105 64.39 21.24 -24.16
C CYS D 105 63.42 21.12 -25.26
N PRO D 106 63.94 20.91 -26.50
CA PRO D 106 62.88 20.97 -27.51
C PRO D 106 61.99 19.73 -27.58
N GLN D 107 60.95 19.70 -26.75
CA GLN D 107 60.00 18.59 -26.75
C GLN D 107 58.58 19.14 -26.79
N TYR D 108 57.96 19.13 -27.97
CA TYR D 108 56.61 19.63 -28.13
C TYR D 108 55.66 18.52 -28.55
N LEU D 109 55.62 17.44 -27.77
CA LEU D 109 54.76 16.31 -28.06
C LEU D 109 54.24 15.67 -26.79
N LYS D 110 55.13 15.02 -26.04
CA LYS D 110 54.76 14.37 -24.80
C LYS D 110 54.08 15.34 -23.84
N SER D 111 54.69 16.51 -23.67
CA SER D 111 54.13 17.53 -22.78
C SER D 111 54.50 18.93 -23.25
N SER D 112 54.30 19.92 -22.39
CA SER D 112 54.61 21.30 -22.72
C SER D 112 56.12 21.54 -22.76
N LYS D 113 56.71 21.74 -21.59
CA LYS D 113 58.15 21.98 -21.45
C LYS D 113 58.64 23.06 -22.41
N LEU D 114 57.95 24.20 -22.41
CA LEU D 114 58.32 25.31 -23.27
C LEU D 114 58.95 26.45 -22.47
N ASP D 115 59.73 26.08 -21.45
CA ASP D 115 60.39 27.06 -20.60
C ASP D 115 61.87 27.18 -20.93
N TRP D 116 62.34 28.42 -21.09
CA TRP D 116 63.74 28.68 -21.40
C TRP D 116 64.20 29.97 -20.74
N TYR D 117 64.96 29.83 -19.65
CA TYR D 117 65.46 30.99 -18.92
C TYR D 117 66.86 31.39 -19.38
N PHE D 118 67.63 31.97 -18.48
CA PHE D 118 68.99 32.41 -18.79
C PHE D 118 69.84 32.58 -17.54
N ASP D 119 69.32 32.11 -16.41
CA ASP D 119 70.03 32.21 -15.15
C ASP D 119 70.24 30.85 -14.49
N LEU D 120 71.03 30.00 -15.14
CA LEU D 120 71.31 28.67 -14.61
C LEU D 120 72.74 28.21 -14.93
N TRP D 121 73.69 28.94 -14.37
CA TRP D 121 75.14 28.71 -14.50
C TRP D 121 75.52 28.95 -13.18
N GLY D 122 76.13 27.94 -12.44
CA GLY D 122 76.71 28.13 -11.14
C GLY D 122 77.88 29.10 -11.21
N ARG D 123 78.23 29.65 -10.05
CA ARG D 123 79.30 30.63 -10.00
C ARG D 123 80.67 30.00 -10.21
N GLY D 124 80.71 28.78 -9.73
CA GLY D 124 81.95 28.10 -10.05
C GLY D 124 82.79 27.78 -8.82
N THR D 125 83.52 26.66 -8.88
CA THR D 125 84.49 26.24 -7.87
C THR D 125 85.90 26.23 -8.46
N LEU D 126 86.85 26.90 -7.80
CA LEU D 126 88.24 26.90 -8.22
C LEU D 126 88.91 25.60 -7.74
N VAL D 127 89.40 24.80 -8.68
CA VAL D 127 90.30 23.70 -8.38
C VAL D 127 91.71 24.13 -8.79
N THR D 128 92.65 24.10 -7.86
CA THR D 128 94.07 24.36 -8.12
C THR D 128 94.84 23.06 -8.06
N VAL D 129 95.60 22.74 -9.10
CA VAL D 129 96.45 21.55 -9.16
C VAL D 129 97.92 21.96 -9.20
N SER D 130 98.64 21.73 -8.10
CA SER D 130 100.06 22.09 -7.95
C SER D 130 100.80 21.08 -7.09
N SER D 131 102.11 20.95 -7.30
CA SER D 131 102.99 20.05 -6.53
C SER D 131 103.40 20.64 -5.18
N VAL E 1 83.40 16.08 -34.03
CA VAL E 1 83.26 17.24 -33.13
C VAL E 1 83.15 18.50 -33.99
N ILE E 2 82.22 19.40 -33.68
CA ILE E 2 82.07 20.69 -34.38
C ILE E 2 82.86 21.73 -33.59
N TRP E 3 83.78 22.43 -34.24
CA TRP E 3 84.55 23.49 -33.62
C TRP E 3 83.97 24.86 -34.00
N MET E 4 84.03 25.79 -33.06
CA MET E 4 83.53 27.15 -33.24
C MET E 4 84.71 28.12 -33.21
N THR E 5 84.82 28.98 -34.21
CA THR E 5 85.90 29.96 -34.32
C THR E 5 85.30 31.36 -34.29
N GLN E 6 85.67 32.16 -33.31
CA GLN E 6 85.25 33.56 -33.21
C GLN E 6 86.22 34.52 -33.88
N SER E 7 85.71 35.66 -34.35
CA SER E 7 86.53 36.77 -34.81
C SER E 7 85.86 38.14 -34.56
N PRO E 8 86.64 39.20 -34.31
CA PRO E 8 88.07 39.16 -33.98
C PRO E 8 88.30 38.54 -32.59
N GLY E 9 89.57 38.29 -32.22
CA GLY E 9 89.92 37.84 -30.86
C GLY E 9 89.77 38.96 -29.81
N THR E 10 90.12 40.19 -30.21
CA THR E 10 89.92 41.42 -29.44
C THR E 10 89.30 42.48 -30.34
N LEU E 11 88.36 43.26 -29.80
CA LEU E 11 87.73 44.39 -30.46
C LEU E 11 87.77 45.58 -29.49
N SER E 12 88.36 46.69 -29.93
CA SER E 12 88.43 47.91 -29.12
C SER E 12 87.49 48.97 -29.69
N LEU E 13 86.51 49.40 -28.91
CA LEU E 13 85.46 50.34 -29.30
C LEU E 13 85.13 51.31 -28.16
N SER E 14 84.48 52.40 -28.48
CA SER E 14 84.02 53.41 -27.52
C SER E 14 82.54 53.19 -27.18
N PRO E 15 82.07 53.60 -25.99
CA PRO E 15 80.63 53.65 -25.70
C PRO E 15 79.89 54.44 -26.78
N GLY E 16 78.68 53.98 -27.13
CA GLY E 16 77.88 54.54 -28.21
C GLY E 16 78.14 53.92 -29.59
N GLU E 17 79.31 53.32 -29.82
CA GLU E 17 79.62 52.65 -31.09
C GLU E 17 78.86 51.33 -31.22
N ARG E 18 78.77 50.82 -32.46
CA ARG E 18 78.19 49.51 -32.75
C ARG E 18 79.30 48.45 -32.72
N ALA E 19 79.08 47.37 -31.98
CA ALA E 19 79.94 46.19 -32.03
C ALA E 19 79.31 45.08 -32.88
N THR E 20 80.13 44.38 -33.66
CA THR E 20 79.75 43.16 -34.37
C THR E 20 80.83 42.10 -34.16
N LEU E 21 80.41 40.94 -33.67
CA LEU E 21 81.25 39.78 -33.42
C LEU E 21 80.80 38.63 -34.32
N SER E 22 81.74 37.86 -34.83
CA SER E 22 81.46 36.73 -35.73
C SER E 22 81.80 35.41 -35.06
N CYS E 23 81.02 34.38 -35.35
CA CYS E 23 81.28 33.00 -34.95
C CYS E 23 81.03 32.07 -36.14
N ARG E 24 82.05 31.28 -36.48
CA ARG E 24 82.03 30.35 -37.60
C ARG E 24 82.10 28.91 -37.09
N ALA E 25 81.12 28.08 -37.45
CA ALA E 25 81.14 26.65 -37.21
C ALA E 25 81.97 25.91 -38.28
N SER E 26 82.66 24.84 -37.89
CA SER E 26 83.47 24.03 -38.82
C SER E 26 82.67 23.29 -39.89
N GLN E 27 81.36 23.19 -39.72
CA GLN E 27 80.39 22.63 -40.66
C GLN E 27 79.03 23.31 -40.45
N SER E 28 78.10 23.11 -41.36
CA SER E 28 76.74 23.64 -41.23
C SER E 28 76.04 23.10 -39.98
N VAL E 29 75.44 23.98 -39.18
CA VAL E 29 74.64 23.66 -37.99
C VAL E 29 73.26 24.31 -38.08
N SER E 30 72.27 23.71 -37.43
CA SER E 30 70.96 24.36 -37.30
C SER E 30 71.10 25.61 -36.44
N SER E 31 70.51 26.73 -36.87
CA SER E 31 70.46 27.97 -36.10
C SER E 31 69.79 27.79 -34.74
N THR E 32 68.88 26.83 -34.61
CA THR E 32 68.24 26.44 -33.34
C THR E 32 69.25 26.06 -32.25
N TYR E 33 70.47 25.67 -32.61
CA TYR E 33 71.50 25.15 -31.70
C TYR E 33 72.70 26.08 -31.51
N LEU E 34 72.54 27.38 -31.77
CA LEU E 34 73.58 28.40 -31.57
C LEU E 34 73.17 29.38 -30.46
N ALA E 35 74.05 29.60 -29.48
CA ALA E 35 73.88 30.59 -28.42
C ALA E 35 75.06 31.57 -28.34
N TRP E 36 74.82 32.72 -27.70
CA TRP E 36 75.84 33.71 -27.34
C TRP E 36 75.77 34.04 -25.86
N TYR E 37 76.94 34.21 -25.24
CA TYR E 37 77.12 34.51 -23.83
C TYR E 37 77.98 35.74 -23.64
N GLN E 38 77.72 36.50 -22.58
CA GLN E 38 78.63 37.52 -22.04
C GLN E 38 79.27 36.98 -20.76
N GLN E 39 80.55 37.22 -20.55
CA GLN E 39 81.23 36.92 -19.30
C GLN E 39 82.06 38.12 -18.85
N LYS E 40 81.76 38.61 -17.65
CA LYS E 40 82.53 39.64 -16.96
C LYS E 40 83.62 38.99 -16.10
N PRO E 41 84.76 39.67 -15.85
CA PRO E 41 85.83 39.12 -15.01
C PRO E 41 85.32 38.64 -13.64
N GLY E 42 85.64 37.40 -13.28
CA GLY E 42 85.24 36.79 -12.01
C GLY E 42 83.76 36.43 -11.88
N GLN E 43 82.97 36.54 -12.97
CA GLN E 43 81.57 36.15 -13.00
C GLN E 43 81.36 34.94 -13.91
N ALA E 44 80.32 34.15 -13.61
CA ALA E 44 79.86 33.10 -14.49
C ALA E 44 79.33 33.68 -15.82
N PRO E 45 79.33 32.90 -16.92
CA PRO E 45 78.72 33.32 -18.17
C PRO E 45 77.22 33.62 -18.02
N ARG E 46 76.74 34.60 -18.78
CA ARG E 46 75.32 34.97 -18.87
C ARG E 46 74.83 34.78 -20.30
N LEU E 47 73.76 34.02 -20.49
CA LEU E 47 73.12 33.85 -21.80
C LEU E 47 72.57 35.19 -22.31
N LEU E 48 72.88 35.53 -23.56
CA LEU E 48 72.35 36.71 -24.25
C LEU E 48 71.34 36.32 -25.32
N ILE E 49 71.76 35.40 -26.19
CA ILE E 49 71.02 34.96 -27.36
C ILE E 49 71.01 33.42 -27.37
N TYR E 50 69.87 32.83 -27.71
CA TYR E 50 69.73 31.42 -28.03
C TYR E 50 69.00 31.24 -29.36
N GLY E 51 69.13 30.06 -29.99
CA GLY E 51 68.57 29.81 -31.31
C GLY E 51 69.03 30.82 -32.38
N ALA E 52 70.29 31.24 -32.32
CA ALA E 52 70.96 32.25 -33.15
C ALA E 52 70.41 33.69 -33.08
N SER E 53 69.13 33.90 -32.79
CA SER E 53 68.49 35.22 -32.85
C SER E 53 67.51 35.54 -31.72
N SER E 54 67.12 34.57 -30.89
CA SER E 54 66.18 34.80 -29.79
C SER E 54 66.91 35.40 -28.60
N ARG E 55 66.44 36.54 -28.11
CA ARG E 55 67.04 37.21 -26.96
C ARG E 55 66.54 36.60 -25.65
N ALA E 56 67.47 36.28 -24.75
CA ALA E 56 67.13 35.78 -23.41
C ALA E 56 66.39 36.85 -22.59
N THR E 57 65.59 36.40 -21.61
CA THR E 57 64.79 37.28 -20.76
C THR E 57 65.67 38.31 -20.02
N GLY E 58 65.25 39.57 -20.03
CA GLY E 58 65.94 40.66 -19.34
C GLY E 58 67.24 41.13 -20.01
N ILE E 59 67.57 40.63 -21.22
CA ILE E 59 68.67 41.17 -22.01
C ILE E 59 68.20 42.42 -22.78
N PRO E 60 68.97 43.52 -22.75
CA PRO E 60 68.62 44.77 -23.44
C PRO E 60 68.43 44.62 -24.97
N ASP E 61 67.62 45.50 -25.55
CA ASP E 61 67.25 45.48 -26.97
C ASP E 61 68.42 45.74 -27.94
N ARG E 62 69.47 46.40 -27.46
CA ARG E 62 70.72 46.63 -28.19
C ARG E 62 71.41 45.34 -28.62
N PHE E 63 71.18 44.22 -27.94
CA PHE E 63 71.73 42.92 -28.32
C PHE E 63 70.86 42.23 -29.37
N SER E 64 71.44 41.80 -30.48
CA SER E 64 70.77 40.97 -31.47
C SER E 64 71.73 39.91 -32.03
N GLY E 65 71.19 38.73 -32.33
CA GLY E 65 71.92 37.67 -33.00
C GLY E 65 71.34 37.39 -34.39
N SER E 66 72.19 36.95 -35.31
CA SER E 66 71.76 36.53 -36.65
C SER E 66 72.70 35.49 -37.25
N GLY E 67 72.35 34.99 -38.43
CA GLY E 67 73.14 34.03 -39.20
C GLY E 67 72.53 32.64 -39.24
N SER E 68 73.13 31.79 -40.07
CA SER E 68 72.66 30.42 -40.34
C SER E 68 73.78 29.61 -41.01
N GLY E 69 73.62 28.29 -41.02
CA GLY E 69 74.59 27.39 -41.64
C GLY E 69 75.91 27.38 -40.88
N THR E 70 76.96 27.97 -41.43
CA THR E 70 78.28 28.06 -40.79
C THR E 70 78.53 29.38 -40.08
N ASP E 71 77.83 30.45 -40.43
CA ASP E 71 78.24 31.82 -40.07
C ASP E 71 77.17 32.53 -39.26
N PHE E 72 77.55 32.97 -38.07
CA PHE E 72 76.69 33.62 -37.09
C PHE E 72 77.32 34.92 -36.60
N THR E 73 76.48 35.87 -36.21
CA THR E 73 76.92 37.16 -35.69
C THR E 73 76.16 37.57 -34.44
N LEU E 74 76.85 38.23 -33.52
CA LEU E 74 76.26 39.00 -32.43
C LEU E 74 76.51 40.48 -32.73
N THR E 75 75.46 41.29 -32.63
CA THR E 75 75.53 42.74 -32.77
C THR E 75 75.08 43.41 -31.49
N ILE E 76 75.82 44.44 -31.06
CA ILE E 76 75.45 45.36 -29.99
C ILE E 76 75.27 46.72 -30.66
N SER E 77 74.04 47.19 -30.78
CA SER E 77 73.69 48.33 -31.65
C SER E 77 74.27 49.66 -31.19
N ARG E 78 74.38 49.84 -29.87
CA ARG E 78 74.96 51.00 -29.18
C ARG E 78 75.58 50.49 -27.89
N LEU E 79 76.90 50.50 -27.79
CA LEU E 79 77.63 50.00 -26.63
C LEU E 79 77.38 50.85 -25.39
N GLU E 80 77.06 50.18 -24.28
CA GLU E 80 77.06 50.79 -22.96
C GLU E 80 78.33 50.39 -22.19
N PRO E 81 78.78 51.16 -21.18
CA PRO E 81 79.97 50.83 -20.38
C PRO E 81 79.94 49.43 -19.75
N GLU E 82 78.78 48.89 -19.41
CA GLU E 82 78.65 47.55 -18.83
C GLU E 82 78.76 46.39 -19.84
N ASP E 83 78.85 46.70 -21.14
CA ASP E 83 78.95 45.71 -22.21
C ASP E 83 80.39 45.26 -22.48
N PHE E 84 81.39 46.03 -22.05
CA PHE E 84 82.80 45.65 -22.20
C PHE E 84 83.14 44.43 -21.35
N ALA E 85 83.31 43.30 -22.02
CA ALA E 85 83.37 41.96 -21.45
C ALA E 85 83.94 40.97 -22.48
N VAL E 86 84.04 39.68 -22.12
CA VAL E 86 84.32 38.62 -23.09
C VAL E 86 83.01 38.01 -23.56
N TYR E 87 82.89 37.76 -24.87
CA TYR E 87 81.72 37.14 -25.47
C TYR E 87 82.07 35.78 -26.04
N TYR E 88 81.23 34.78 -25.79
CA TYR E 88 81.41 33.41 -26.28
C TYR E 88 80.21 32.98 -27.13
N CYS E 89 80.44 32.39 -28.30
CA CYS E 89 79.40 31.62 -28.98
C CYS E 89 79.45 30.15 -28.52
N GLN E 90 78.33 29.44 -28.63
CA GLN E 90 78.22 28.02 -28.29
C GLN E 90 77.38 27.27 -29.33
N HIS E 91 77.87 26.12 -29.79
CA HIS E 91 77.03 25.11 -30.43
C HIS E 91 76.58 24.07 -29.41
N TYR E 92 75.26 23.88 -29.26
CA TYR E 92 74.67 22.96 -28.30
C TYR E 92 73.79 21.87 -28.94
N GLY E 93 73.95 21.59 -30.24
CA GLY E 93 73.07 20.65 -30.95
C GLY E 93 73.49 19.18 -30.91
N SER E 94 74.68 18.88 -30.39
CA SER E 94 75.18 17.52 -30.20
C SER E 94 76.38 17.50 -29.28
N SER E 95 76.64 16.36 -28.64
CA SER E 95 77.83 16.15 -27.80
C SER E 95 79.11 15.96 -28.65
N PRO E 96 80.26 16.54 -28.27
CA PRO E 96 80.40 17.49 -27.17
C PRO E 96 79.82 18.85 -27.55
N LEU E 97 79.18 19.51 -26.58
CA LEU E 97 78.80 20.91 -26.71
C LEU E 97 80.09 21.73 -26.79
N THR E 98 80.16 22.69 -27.71
CA THR E 98 81.41 23.43 -27.97
C THR E 98 81.19 24.93 -27.86
N PHE E 99 82.21 25.61 -27.34
CA PHE E 99 82.27 27.06 -27.27
C PHE E 99 83.32 27.58 -28.26
N GLY E 100 83.14 28.80 -28.74
CA GLY E 100 84.21 29.54 -29.38
C GLY E 100 85.28 29.95 -28.36
N GLN E 101 86.46 30.35 -28.84
CA GLN E 101 87.56 30.75 -27.96
C GLN E 101 87.31 32.07 -27.22
N GLY E 102 86.28 32.82 -27.61
CA GLY E 102 85.93 34.11 -27.05
C GLY E 102 86.41 35.30 -27.89
N THR E 103 85.67 36.40 -27.80
CA THR E 103 86.05 37.71 -28.31
C THR E 103 86.04 38.68 -27.13
N ARG E 104 87.17 39.31 -26.84
CA ARG E 104 87.28 40.32 -25.81
C ARG E 104 86.91 41.70 -26.37
N LEU E 105 85.90 42.33 -25.80
CA LEU E 105 85.50 43.69 -26.13
C LEU E 105 86.07 44.66 -25.08
N GLU E 106 86.93 45.58 -25.52
CA GLU E 106 87.65 46.53 -24.66
C GLU E 106 87.31 47.98 -25.03
N ILE E 107 87.40 48.88 -24.04
CA ILE E 107 87.22 50.31 -24.28
C ILE E 107 88.45 50.83 -25.03
N LYS E 108 88.20 51.58 -26.10
CA LYS E 108 89.23 52.27 -26.89
C LYS E 108 89.77 53.53 -26.19
N GLU F 1 41.36 50.66 -4.94
CA GLU F 1 42.68 51.30 -4.79
C GLU F 1 42.76 51.95 -3.43
N VAL F 2 43.91 51.88 -2.79
CA VAL F 2 44.10 52.43 -1.45
C VAL F 2 44.81 53.78 -1.58
N GLN F 3 44.22 54.84 -1.05
CA GLN F 3 44.78 56.19 -1.12
C GLN F 3 44.43 56.99 0.13
N LEU F 4 45.28 57.98 0.42
CA LEU F 4 45.11 58.94 1.48
C LEU F 4 44.99 60.34 0.87
N VAL F 5 43.99 61.09 1.31
CA VAL F 5 43.75 62.45 0.82
C VAL F 5 43.56 63.39 2.00
N GLU F 6 44.50 64.31 2.19
CA GLU F 6 44.41 65.36 3.21
C GLU F 6 43.44 66.49 2.82
N SER F 7 42.95 67.22 3.83
CA SER F 7 42.27 68.51 3.64
C SER F 7 43.20 69.57 3.03
N GLY F 8 42.62 70.65 2.52
CA GLY F 8 43.38 71.78 1.94
C GLY F 8 44.31 72.49 2.93
N ALA F 9 45.15 73.38 2.39
CA ALA F 9 46.11 74.18 3.16
C ALA F 9 45.41 75.13 4.15
N GLU F 10 46.08 75.44 5.26
CA GLU F 10 45.57 76.26 6.34
C GLU F 10 46.54 77.40 6.66
N VAL F 11 46.01 78.58 6.97
CA VAL F 11 46.77 79.72 7.51
C VAL F 11 46.21 80.04 8.88
N LYS F 12 47.07 80.04 9.90
CA LYS F 12 46.68 80.21 11.31
C LYS F 12 47.56 81.23 12.01
N LYS F 13 47.02 81.77 13.09
CA LYS F 13 47.76 82.66 14.00
C LYS F 13 48.43 81.87 15.12
N PRO F 14 49.59 82.29 15.63
CA PRO F 14 50.16 81.73 16.85
C PRO F 14 49.15 81.74 18.01
N GLY F 15 49.21 80.74 18.89
CA GLY F 15 48.28 80.53 20.00
C GLY F 15 46.93 79.89 19.62
N SER F 16 46.53 79.93 18.35
CA SER F 16 45.31 79.26 17.87
C SER F 16 45.49 77.74 17.70
N SER F 17 44.48 77.05 17.16
CA SER F 17 44.52 75.63 16.82
C SER F 17 44.26 75.39 15.33
N VAL F 18 44.81 74.31 14.79
CA VAL F 18 44.50 73.79 13.45
C VAL F 18 43.97 72.36 13.58
N LYS F 19 42.99 72.00 12.75
CA LYS F 19 42.50 70.63 12.61
C LYS F 19 42.55 70.25 11.14
N VAL F 20 43.39 69.28 10.81
CA VAL F 20 43.51 68.74 9.45
C VAL F 20 42.90 67.34 9.41
N SER F 21 42.37 66.95 8.26
CA SER F 21 41.75 65.63 8.06
C SER F 21 42.51 64.82 7.03
N CYS F 22 42.50 63.50 7.16
CA CYS F 22 42.98 62.54 6.19
C CYS F 22 41.88 61.53 5.90
N LYS F 23 41.34 61.57 4.68
CA LYS F 23 40.36 60.59 4.22
C LYS F 23 41.11 59.40 3.63
N ALA F 24 40.86 58.22 4.19
CA ALA F 24 41.38 56.97 3.67
C ALA F 24 40.28 56.27 2.85
N SER F 25 40.65 55.72 1.71
CA SER F 25 39.74 54.90 0.90
C SER F 25 40.40 53.58 0.54
N GLY F 26 39.58 52.55 0.37
CA GLY F 26 40.04 51.18 0.14
C GLY F 26 40.29 50.43 1.45
N GLY F 27 39.80 49.19 1.52
CA GLY F 27 39.92 48.36 2.70
C GLY F 27 39.05 48.81 3.87
N THR F 28 39.24 48.15 5.01
CA THR F 28 38.45 48.39 6.23
C THR F 28 39.03 49.53 7.04
N PHE F 29 38.32 50.66 7.13
CA PHE F 29 38.86 51.84 7.83
C PHE F 29 39.11 51.60 9.33
N SER F 30 38.30 50.76 10.00
CA SER F 30 38.44 50.53 11.44
C SER F 30 39.79 49.94 11.84
N SER F 31 40.39 49.11 11.00
CA SER F 31 41.72 48.50 11.20
C SER F 31 42.85 49.22 10.47
N TYR F 32 42.58 50.41 9.93
CA TYR F 32 43.53 51.18 9.13
C TYR F 32 44.49 51.97 10.04
N ALA F 33 45.78 51.66 9.97
CA ALA F 33 46.79 52.36 10.78
C ALA F 33 47.14 53.73 10.19
N ILE F 34 46.53 54.79 10.70
CA ILE F 34 46.78 56.16 10.25
C ILE F 34 47.83 56.82 11.13
N ASN F 35 48.91 57.29 10.51
CA ASN F 35 49.97 58.04 11.15
C ASN F 35 50.01 59.47 10.61
N TRP F 36 50.45 60.41 11.44
CA TRP F 36 50.70 61.79 11.04
C TRP F 36 52.20 62.09 11.16
N VAL F 37 52.77 62.59 10.07
CA VAL F 37 54.18 62.99 9.96
C VAL F 37 54.20 64.41 9.43
N ARG F 38 55.00 65.29 10.02
CA ARG F 38 55.17 66.65 9.51
C ARG F 38 56.60 66.92 9.04
N GLN F 39 56.75 67.92 8.19
CA GLN F 39 58.03 68.39 7.69
C GLN F 39 58.02 69.93 7.61
N ALA F 40 58.77 70.57 8.51
CA ALA F 40 58.98 72.01 8.43
C ALA F 40 59.84 72.38 7.21
N PRO F 41 59.72 73.60 6.66
CA PRO F 41 60.52 74.02 5.50
C PRO F 41 62.02 73.80 5.72
N GLY F 42 62.64 73.01 4.84
CA GLY F 42 64.07 72.69 4.90
C GLY F 42 64.50 71.74 6.03
N GLN F 43 63.55 71.17 6.78
CA GLN F 43 63.82 70.24 7.88
C GLN F 43 63.52 68.78 7.49
N GLY F 44 63.91 67.85 8.36
CA GLY F 44 63.59 66.43 8.24
C GLY F 44 62.14 66.09 8.58
N LEU F 45 61.84 64.79 8.56
CA LEU F 45 60.53 64.25 8.88
C LEU F 45 60.38 64.06 10.40
N GLU F 46 59.23 64.47 10.95
CA GLU F 46 58.88 64.27 12.36
C GLU F 46 57.57 63.50 12.48
N TRP F 47 57.59 62.28 13.04
CA TRP F 47 56.37 61.57 13.38
C TRP F 47 55.70 62.22 14.60
N MET F 48 54.41 62.53 14.47
CA MET F 48 53.65 63.21 15.51
C MET F 48 52.86 62.25 16.38
N GLY F 49 52.35 61.19 15.79
CA GLY F 49 51.43 60.26 16.41
C GLY F 49 50.65 59.47 15.37
N GLY F 50 49.80 58.56 15.84
CA GLY F 50 48.89 57.81 14.99
C GLY F 50 47.81 57.08 15.77
N ILE F 51 46.90 56.44 15.05
CA ILE F 51 45.78 55.69 15.59
C ILE F 51 45.42 54.53 14.65
N ILE F 52 44.98 53.41 15.24
CA ILE F 52 44.20 52.39 14.54
C ILE F 52 42.77 52.50 15.12
N PRO F 53 41.76 52.93 14.33
CA PRO F 53 40.47 53.37 14.87
C PRO F 53 39.76 52.37 15.80
N ILE F 54 39.81 51.07 15.50
CA ILE F 54 39.14 50.00 16.26
C ILE F 54 39.59 49.93 17.72
N PHE F 55 40.84 50.28 18.02
CA PHE F 55 41.36 50.26 19.40
C PHE F 55 41.12 51.58 20.15
N ARG F 56 40.73 52.66 19.45
CA ARG F 56 40.42 53.98 20.02
C ARG F 56 41.52 54.53 20.96
N THR F 57 42.76 54.08 20.79
CA THR F 57 43.89 54.39 21.66
C THR F 57 44.98 55.05 20.80
N PRO F 58 44.97 56.39 20.67
CA PRO F 58 45.99 57.09 19.90
C PRO F 58 47.34 57.07 20.61
N HIS F 59 48.41 57.03 19.82
CA HIS F 59 49.79 57.19 20.29
C HIS F 59 50.33 58.54 19.83
N TYR F 60 51.13 59.20 20.66
CA TYR F 60 51.73 60.50 20.37
C TYR F 60 53.23 60.48 20.61
N ALA F 61 54.00 61.20 19.80
CA ALA F 61 55.40 61.47 20.14
C ALA F 61 55.48 62.46 21.31
N GLN F 62 56.41 62.23 22.22
CA GLN F 62 56.56 63.00 23.47
C GLN F 62 56.64 64.52 23.23
N LYS F 63 57.29 64.95 22.14
CA LYS F 63 57.42 66.37 21.76
C LYS F 63 56.07 67.08 21.57
N PHE F 64 55.02 66.33 21.21
CA PHE F 64 53.71 66.86 20.87
C PHE F 64 52.63 66.54 21.91
N GLN F 65 52.99 65.79 22.96
CA GLN F 65 52.06 65.38 23.99
C GLN F 65 51.41 66.61 24.65
N GLY F 66 50.09 66.58 24.82
CA GLY F 66 49.30 67.69 25.38
C GLY F 66 48.94 68.79 24.38
N ARG F 67 49.54 68.81 23.18
CA ARG F 67 49.19 69.76 22.10
C ARG F 67 48.50 69.11 20.92
N VAL F 68 48.79 67.83 20.66
CA VAL F 68 48.20 67.07 19.55
C VAL F 68 47.08 66.16 20.05
N THR F 69 45.97 66.15 19.33
CA THR F 69 44.87 65.21 19.50
C THR F 69 44.57 64.53 18.17
N ILE F 70 44.62 63.19 18.14
CA ILE F 70 44.31 62.37 16.97
C ILE F 70 43.02 61.63 17.23
N THR F 71 42.09 61.73 16.28
CA THR F 71 40.79 61.05 16.32
C THR F 71 40.47 60.42 14.98
N ALA F 72 39.53 59.49 14.94
CA ALA F 72 39.06 58.87 13.71
C ALA F 72 37.54 58.73 13.73
N ASP F 73 36.92 59.05 12.61
CA ASP F 73 35.50 58.83 12.34
C ASP F 73 35.37 57.66 11.37
N GLU F 74 34.92 56.53 11.91
CA GLU F 74 34.75 55.30 11.16
C GLU F 74 33.63 55.39 10.12
N SER F 75 32.64 56.25 10.32
CA SER F 75 31.49 56.39 9.40
C SER F 75 31.86 57.10 8.11
N THR F 76 32.82 58.02 8.16
CA THR F 76 33.29 58.80 6.99
C THR F 76 34.65 58.33 6.45
N GLY F 77 35.29 57.36 7.11
CA GLY F 77 36.62 56.88 6.75
C GLY F 77 37.69 57.96 6.89
N THR F 78 37.57 58.81 7.92
CA THR F 78 38.40 60.03 8.06
C THR F 78 39.10 60.07 9.41
N ALA F 79 40.42 60.23 9.39
CA ALA F 79 41.21 60.54 10.59
C ALA F 79 41.43 62.06 10.68
N TYR F 80 41.49 62.60 11.89
CA TYR F 80 41.78 64.01 12.15
C TYR F 80 42.99 64.15 13.05
N MET F 81 43.80 65.16 12.79
CA MET F 81 44.84 65.63 13.70
C MET F 81 44.58 67.09 14.02
N GLU F 82 44.39 67.37 15.30
CA GLU F 82 44.28 68.72 15.84
C GLU F 82 45.56 69.08 16.60
N LEU F 83 46.15 70.22 16.27
CA LEU F 83 47.32 70.78 16.94
C LEU F 83 46.96 72.14 17.54
N SER F 84 47.07 72.26 18.86
CA SER F 84 46.72 73.46 19.62
C SER F 84 47.94 74.30 20.03
N SER F 85 47.66 75.54 20.49
CA SER F 85 48.67 76.48 20.96
C SER F 85 49.79 76.68 19.94
N LEU F 86 49.42 76.94 18.68
CA LEU F 86 50.33 76.97 17.53
C LEU F 86 51.48 77.96 17.70
N ARG F 87 52.62 77.63 17.13
CA ARG F 87 53.84 78.45 17.10
C ARG F 87 54.32 78.57 15.66
N SER F 88 55.16 79.56 15.36
CA SER F 88 55.76 79.71 14.02
C SER F 88 56.52 78.45 13.58
N GLU F 89 57.17 77.74 14.51
CA GLU F 89 57.86 76.45 14.30
C GLU F 89 56.92 75.29 13.90
N ASP F 90 55.60 75.47 14.03
CA ASP F 90 54.60 74.51 13.54
C ASP F 90 54.22 74.74 12.08
N THR F 91 54.80 75.75 11.41
CA THR F 91 54.69 75.87 9.95
C THR F 91 55.38 74.68 9.29
N ALA F 92 54.60 73.83 8.64
CA ALA F 92 55.07 72.58 8.06
C ALA F 92 54.06 72.01 7.05
N VAL F 93 54.53 71.09 6.21
CA VAL F 93 53.65 70.17 5.50
C VAL F 93 53.33 69.00 6.41
N TYR F 94 52.04 68.70 6.59
CA TYR F 94 51.53 67.61 7.40
C TYR F 94 51.00 66.51 6.49
N TYR F 95 51.64 65.35 6.54
CA TYR F 95 51.26 64.16 5.78
C TYR F 95 50.50 63.21 6.69
N CYS F 96 49.50 62.52 6.13
CA CYS F 96 49.08 61.24 6.67
C CYS F 96 49.78 60.08 5.95
N ALA F 97 50.09 59.02 6.70
CA ALA F 97 50.87 57.89 6.23
C ALA F 97 50.41 56.64 6.96
N SER F 98 50.23 55.54 6.23
CA SER F 98 49.81 54.27 6.85
C SER F 98 50.53 53.12 6.13
N PRO F 99 51.81 52.80 6.46
CA PRO F 99 52.48 51.69 5.79
C PRO F 99 51.78 50.36 6.09
N SER F 100 50.86 49.95 5.22
CA SER F 100 50.09 48.71 5.35
C SER F 100 49.27 48.62 6.67
N CYS F 101 49.95 48.47 7.80
CA CYS F 101 49.32 48.37 9.09
C CYS F 101 49.92 49.29 10.16
N GLY F 102 50.71 50.29 9.78
CA GLY F 102 51.33 51.17 10.74
C GLY F 102 52.30 50.45 11.65
N GLY F 103 51.85 50.08 12.85
CA GLY F 103 52.71 49.39 13.80
C GLY F 103 52.12 48.06 14.22
N ASP F 104 51.29 47.49 13.37
CA ASP F 104 50.66 46.20 13.67
C ASP F 104 50.62 45.25 12.48
N CYS F 105 51.62 45.34 11.59
CA CYS F 105 51.72 44.44 10.43
C CYS F 105 52.17 43.09 10.78
N PRO F 106 53.21 43.01 11.65
CA PRO F 106 53.65 41.62 11.79
C PRO F 106 52.76 40.75 12.67
N GLN F 107 51.72 40.17 12.07
CA GLN F 107 50.81 39.28 12.79
C GLN F 107 50.62 37.99 11.99
N TYR F 108 51.32 36.93 12.37
CA TYR F 108 51.22 35.66 11.68
C TYR F 108 50.65 34.59 12.59
N LEU F 109 49.47 34.86 13.16
CA LEU F 109 48.81 33.92 14.06
C LEU F 109 47.30 33.98 13.90
N LYS F 110 46.70 35.08 14.34
CA LYS F 110 45.27 35.27 14.26
C LYS F 110 44.77 35.09 12.82
N SER F 111 45.44 35.75 11.89
CA SER F 111 45.08 35.68 10.48
C SER F 111 46.30 35.84 9.58
N SER F 112 46.05 36.07 8.29
CA SER F 112 47.13 36.24 7.33
C SER F 112 47.83 37.58 7.51
N LYS F 113 47.21 38.64 6.96
CA LYS F 113 47.74 40.00 7.04
C LYS F 113 49.22 40.06 6.66
N LEU F 114 49.56 39.47 5.51
CA LEU F 114 50.93 39.47 5.04
C LEU F 114 51.10 40.42 3.85
N ASP F 115 50.41 41.55 3.91
CA ASP F 115 50.47 42.55 2.84
C ASP F 115 51.33 43.75 3.24
N TRP F 116 52.25 44.14 2.37
CA TRP F 116 53.12 45.27 2.63
C TRP F 116 53.43 46.02 1.34
N TYR F 117 52.78 47.16 1.15
CA TYR F 117 52.98 47.97 -0.05
C TYR F 117 54.05 49.04 0.16
N PHE F 118 53.91 50.15 -0.57
CA PHE F 118 54.87 51.25 -0.46
C PHE F 118 54.26 52.56 -0.96
N ASP F 119 52.96 52.57 -1.19
CA ASP F 119 52.27 53.76 -1.68
C ASP F 119 51.14 54.18 -0.75
N LEU F 120 51.50 54.58 0.47
CA LEU F 120 50.50 55.02 1.45
C LEU F 120 51.03 56.16 2.33
N TRP F 121 51.31 57.29 1.68
CA TRP F 121 51.81 58.53 2.29
C TRP F 121 51.03 59.45 1.59
N GLY F 122 50.16 60.29 2.27
CA GLY F 122 49.44 61.38 1.66
C GLY F 122 50.40 62.43 1.16
N ARG F 123 49.90 63.27 0.25
CA ARG F 123 50.75 64.28 -0.35
C ARG F 123 51.08 65.41 0.61
N GLY F 124 50.10 65.61 1.46
CA GLY F 124 50.44 66.57 2.49
C GLY F 124 49.61 67.85 2.42
N THR F 125 49.35 68.43 3.58
CA THR F 125 48.69 69.74 3.73
C THR F 125 49.64 70.76 4.35
N LEU F 126 49.81 71.91 3.71
CA LEU F 126 50.63 73.00 4.24
C LEU F 126 49.84 73.77 5.30
N VAL F 127 50.34 73.78 6.53
CA VAL F 127 49.87 74.69 7.57
C VAL F 127 50.91 75.78 7.72
N THR F 128 50.50 77.04 7.55
CA THR F 128 51.34 78.22 7.79
C THR F 128 50.90 78.89 9.08
N VAL F 129 51.83 79.12 10.01
CA VAL F 129 51.57 79.82 11.27
C VAL F 129 52.33 81.14 11.28
N SER F 130 51.61 82.26 11.17
CA SER F 130 52.18 83.62 11.13
C SER F 130 51.25 84.62 11.80
N SER F 131 51.83 85.71 12.34
CA SER F 131 51.07 86.81 12.98
C SER F 131 50.47 87.78 11.97
N VAL G 1 63.58 57.16 23.95
CA VAL G 1 63.41 57.46 22.50
C VAL G 1 64.68 57.03 21.79
N ILE G 2 64.57 56.34 20.66
CA ILE G 2 65.72 55.95 19.82
C ILE G 2 65.92 57.03 18.76
N TRP G 3 67.13 57.60 18.68
CA TRP G 3 67.45 58.61 17.67
C TRP G 3 68.23 57.97 16.54
N MET G 4 68.01 58.45 15.32
CA MET G 4 68.66 57.97 14.11
C MET G 4 69.54 59.08 13.56
N THR G 5 70.82 58.77 13.30
CA THR G 5 71.78 59.73 12.76
C THR G 5 72.27 59.24 11.41
N GLN G 6 72.04 60.03 10.37
CA GLN G 6 72.51 59.73 9.02
C GLN G 6 73.89 60.35 8.72
N SER G 7 74.65 59.71 7.83
CA SER G 7 75.87 60.29 7.28
C SER G 7 76.13 59.83 5.84
N PRO G 8 76.77 60.68 5.01
CA PRO G 8 76.99 62.11 5.24
C PRO G 8 75.67 62.91 5.21
N GLY G 9 75.70 64.20 5.57
CA GLY G 9 74.52 65.08 5.42
C GLY G 9 74.24 65.44 3.95
N THR G 10 75.30 65.62 3.16
CA THR G 10 75.25 65.81 1.71
C THR G 10 76.28 64.90 1.06
N LEU G 11 75.92 64.30 -0.08
CA LEU G 11 76.79 63.48 -0.92
C LEU G 11 76.66 63.97 -2.36
N SER G 12 77.77 64.36 -2.98
CA SER G 12 77.80 64.81 -4.37
C SER G 12 78.44 63.74 -5.25
N LEU G 13 77.69 63.21 -6.21
CA LEU G 13 78.12 62.12 -7.10
C LEU G 13 77.59 62.35 -8.52
N SER G 14 78.18 61.66 -9.49
CA SER G 14 77.78 61.69 -10.90
C SER G 14 76.86 60.50 -11.21
N PRO G 15 75.97 60.60 -12.22
CA PRO G 15 75.27 59.44 -12.75
C PRO G 15 76.25 58.31 -13.12
N GLY G 16 75.85 57.07 -12.87
CA GLY G 16 76.70 55.89 -13.06
C GLY G 16 77.56 55.51 -11.85
N GLU G 17 77.86 56.45 -10.94
CA GLU G 17 78.61 56.17 -9.71
C GLU G 17 77.77 55.38 -8.71
N ARG G 18 78.45 54.74 -7.74
CA ARG G 18 77.79 54.06 -6.62
C ARG G 18 77.62 55.04 -5.45
N ALA G 19 76.42 55.12 -4.90
CA ALA G 19 76.16 55.84 -3.66
C ALA G 19 76.03 54.88 -2.48
N THR G 20 76.59 55.25 -1.33
CA THR G 20 76.37 54.57 -0.05
C THR G 20 76.05 55.59 1.02
N LEU G 21 74.93 55.39 1.70
CA LEU G 21 74.44 56.22 2.78
C LEU G 21 74.39 55.39 4.06
N SER G 22 74.74 56.00 5.19
CA SER G 22 74.76 55.33 6.49
C SER G 22 73.68 55.88 7.41
N CYS G 23 73.11 55.02 8.24
CA CYS G 23 72.18 55.38 9.30
C CYS G 23 72.55 54.61 10.57
N ARG G 24 72.78 55.36 11.66
CA ARG G 24 73.17 54.83 12.97
C ARG G 24 72.06 55.07 13.99
N ALA G 25 71.56 54.01 14.62
CA ALA G 25 70.65 54.08 15.75
C ALA G 25 71.41 54.34 17.06
N SER G 26 70.80 55.09 17.98
CA SER G 26 71.40 55.41 19.29
C SER G 26 71.59 54.20 20.21
N GLN G 27 70.92 53.08 19.90
CA GLN G 27 71.03 51.79 20.57
C GLN G 27 70.72 50.68 19.55
N SER G 28 71.01 49.43 19.91
CA SER G 28 70.69 48.29 19.05
C SER G 28 69.19 48.17 18.80
N VAL G 29 68.80 48.01 17.53
CA VAL G 29 67.42 47.79 17.08
C VAL G 29 67.33 46.52 16.22
N SER G 30 66.16 45.89 16.19
CA SER G 30 65.92 44.79 15.25
C SER G 30 65.94 45.32 13.83
N SER G 31 66.64 44.63 12.93
CA SER G 31 66.66 44.97 11.49
C SER G 31 65.26 44.95 10.87
N THR G 32 64.34 44.16 11.42
CA THR G 32 62.92 44.11 11.02
C THR G 32 62.23 45.48 11.11
N TYR G 33 62.75 46.41 11.91
CA TYR G 33 62.14 47.71 12.19
C TYR G 33 62.90 48.91 11.61
N LEU G 34 63.70 48.70 10.55
CA LEU G 34 64.44 49.76 9.86
C LEU G 34 63.94 49.90 8.41
N ALA G 35 63.59 51.11 8.00
CA ALA G 35 63.20 51.45 6.63
C ALA G 35 64.06 52.58 6.04
N TRP G 36 64.07 52.67 4.71
CA TRP G 36 64.64 53.78 3.95
C TRP G 36 63.63 54.36 2.97
N TYR G 37 63.66 55.69 2.84
CA TYR G 37 62.76 56.47 2.00
C TYR G 37 63.56 57.37 1.06
N GLN G 38 63.04 57.62 -0.13
CA GLN G 38 63.45 58.71 -1.01
C GLN G 38 62.40 59.81 -0.97
N GLN G 39 62.81 61.06 -0.96
CA GLN G 39 61.93 62.21 -1.11
C GLN G 39 62.49 63.19 -2.14
N LYS G 40 61.68 63.45 -3.18
CA LYS G 40 61.95 64.48 -4.18
C LYS G 40 61.33 65.82 -3.74
N PRO G 41 61.88 66.97 -4.16
CA PRO G 41 61.34 68.27 -3.79
C PRO G 41 59.85 68.38 -4.12
N GLY G 42 59.03 68.79 -3.14
CA GLY G 42 57.59 68.97 -3.30
C GLY G 42 56.78 67.67 -3.41
N GLN G 43 57.40 66.51 -3.19
CA GLN G 43 56.72 65.21 -3.20
C GLN G 43 56.74 64.59 -1.79
N ALA G 44 55.73 63.76 -1.52
CA ALA G 44 55.73 62.93 -0.32
C ALA G 44 56.87 61.89 -0.36
N PRO G 45 57.33 61.39 0.80
CA PRO G 45 58.31 60.32 0.86
C PRO G 45 57.81 59.04 0.17
N ARG G 46 58.73 58.31 -0.45
CA ARG G 46 58.49 57.01 -1.07
C ARG G 46 59.34 55.95 -0.38
N LEU G 47 58.71 54.87 0.09
CA LEU G 47 59.42 53.73 0.66
C LEU G 47 60.31 53.05 -0.39
N LEU G 48 61.57 52.81 -0.05
CA LEU G 48 62.51 52.06 -0.89
C LEU G 48 62.80 50.67 -0.31
N ILE G 49 63.16 50.65 0.97
CA ILE G 49 63.59 49.46 1.71
C ILE G 49 62.80 49.40 3.02
N TYR G 50 62.37 48.21 3.41
CA TYR G 50 61.84 47.89 4.72
C TYR G 50 62.54 46.66 5.30
N GLY G 51 62.47 46.48 6.62
CA GLY G 51 63.18 45.38 7.30
C GLY G 51 64.69 45.37 7.03
N ALA G 52 65.31 46.55 6.95
CA ALA G 52 66.71 46.83 6.62
C ALA G 52 67.20 46.40 5.22
N SER G 53 66.62 45.38 4.59
CA SER G 53 67.12 44.81 3.33
C SER G 53 66.04 44.44 2.29
N SER G 54 64.76 44.40 2.67
CA SER G 54 63.68 44.05 1.74
C SER G 54 63.31 45.24 0.88
N ARG G 55 63.35 45.06 -0.44
CA ARG G 55 63.01 46.12 -1.39
C ARG G 55 61.49 46.22 -1.57
N ALA G 56 60.94 47.43 -1.48
CA ALA G 56 59.54 47.68 -1.73
C ALA G 56 59.16 47.41 -3.21
N THR G 57 57.89 47.09 -3.45
CA THR G 57 57.39 46.78 -4.79
C THR G 57 57.65 47.91 -5.78
N GLY G 58 58.16 47.55 -6.97
CA GLY G 58 58.42 48.52 -8.04
C GLY G 58 59.65 49.42 -7.83
N ILE G 59 60.45 49.18 -6.78
CA ILE G 59 61.73 49.85 -6.61
C ILE G 59 62.80 49.14 -7.46
N PRO G 60 63.63 49.86 -8.23
CA PRO G 60 64.68 49.29 -9.07
C PRO G 60 65.73 48.47 -8.31
N ASP G 61 66.34 47.50 -9.00
CA ASP G 61 67.32 46.57 -8.43
C ASP G 61 68.62 47.20 -7.94
N ARG G 62 68.95 48.38 -8.48
CA ARG G 62 70.09 49.20 -8.02
C ARG G 62 70.02 49.59 -6.56
N PHE G 63 68.83 49.64 -5.96
CA PHE G 63 68.66 49.93 -4.54
C PHE G 63 68.82 48.67 -3.69
N SER G 64 69.68 48.71 -2.68
CA SER G 64 69.79 47.66 -1.67
C SER G 64 70.04 48.24 -0.28
N GLY G 65 69.47 47.59 0.74
CA GLY G 65 69.71 47.93 2.13
C GLY G 65 70.44 46.80 2.84
N SER G 66 71.24 47.15 3.85
CA SER G 66 71.92 46.17 4.71
C SER G 66 72.20 46.74 6.10
N GLY G 67 72.74 45.89 6.97
CA GLY G 67 73.13 46.24 8.34
C GLY G 67 72.23 45.62 9.40
N SER G 68 72.66 45.78 10.65
CA SER G 68 72.01 45.21 11.84
C SER G 68 72.51 45.90 13.10
N GLY G 69 71.79 45.71 14.21
CA GLY G 69 72.17 46.29 15.49
C GLY G 69 72.03 47.80 15.49
N THR G 70 73.14 48.52 15.48
CA THR G 70 73.16 50.00 15.44
C THR G 70 73.37 50.57 14.05
N ASP G 71 73.94 49.83 13.12
CA ASP G 71 74.50 50.39 11.88
C ASP G 71 73.85 49.80 10.64
N PHE G 72 73.28 50.67 9.82
CA PHE G 72 72.54 50.34 8.61
C PHE G 72 73.04 51.16 7.43
N THR G 73 72.93 50.60 6.22
CA THR G 73 73.34 51.26 4.99
C THR G 73 72.29 51.13 3.90
N LEU G 74 72.15 52.17 3.09
CA LEU G 74 71.49 52.13 1.79
C LEU G 74 72.56 52.27 0.71
N THR G 75 72.52 51.39 -0.28
CA THR G 75 73.40 51.45 -1.45
C THR G 75 72.58 51.61 -2.72
N ILE G 76 73.04 52.50 -3.60
CA ILE G 76 72.54 52.64 -4.97
C ILE G 76 73.69 52.25 -5.88
N SER G 77 73.59 51.08 -6.53
CA SER G 77 74.73 50.44 -7.20
C SER G 77 75.26 51.20 -8.42
N ARG G 78 74.36 51.88 -9.13
CA ARG G 78 74.61 52.74 -10.29
C ARG G 78 73.56 53.83 -10.28
N LEU G 79 73.97 55.07 -10.02
CA LEU G 79 73.06 56.21 -9.93
C LEU G 79 72.43 56.55 -11.28
N GLU G 80 71.12 56.72 -11.28
CA GLU G 80 70.38 57.31 -12.40
C GLU G 80 70.03 58.78 -12.09
N PRO G 81 69.79 59.64 -13.10
CA PRO G 81 69.44 61.04 -12.88
C PRO G 81 68.21 61.25 -11.97
N GLU G 82 67.25 60.33 -11.94
CA GLU G 82 66.07 60.42 -11.08
C GLU G 82 66.31 60.04 -9.61
N ASP G 83 67.51 59.58 -9.27
CA ASP G 83 67.89 59.16 -7.90
C ASP G 83 68.37 60.33 -7.04
N PHE G 84 68.78 61.46 -7.65
CA PHE G 84 69.22 62.65 -6.93
C PHE G 84 68.04 63.28 -6.17
N ALA G 85 68.06 63.10 -4.85
CA ALA G 85 66.94 63.37 -3.95
C ALA G 85 67.44 63.41 -2.49
N VAL G 86 66.55 63.61 -1.53
CA VAL G 86 66.86 63.42 -0.10
C VAL G 86 66.44 62.01 0.32
N TYR G 87 67.30 61.33 1.08
CA TYR G 87 67.03 60.00 1.59
C TYR G 87 66.92 60.02 3.11
N TYR G 88 65.90 59.34 3.66
CA TYR G 88 65.66 59.24 5.09
C TYR G 88 65.67 57.78 5.55
N CYS G 89 66.37 57.47 6.63
CA CYS G 89 66.14 56.22 7.35
C CYS G 89 65.05 56.41 8.41
N GLN G 90 64.37 55.33 8.80
CA GLN G 90 63.34 55.33 9.84
C GLN G 90 63.47 54.11 10.75
N HIS G 91 63.41 54.31 12.06
CA HIS G 91 63.11 53.25 13.01
C HIS G 91 61.61 53.25 13.34
N TYR G 92 60.94 52.12 13.11
CA TYR G 92 59.49 51.97 13.32
C TYR G 92 59.12 50.87 14.34
N GLY G 93 60.04 50.45 15.19
CA GLY G 93 59.82 49.31 16.11
C GLY G 93 59.18 49.66 17.45
N SER G 94 59.04 50.95 17.76
CA SER G 94 58.38 51.44 18.97
C SER G 94 58.08 52.93 18.87
N SER G 95 57.08 53.40 19.62
CA SER G 95 56.75 54.82 19.72
C SER G 95 57.77 55.60 20.59
N PRO G 96 58.19 56.82 20.19
CA PRO G 96 57.86 57.45 18.91
C PRO G 96 58.65 56.81 17.77
N LEU G 97 57.99 56.67 16.62
CA LEU G 97 58.68 56.32 15.38
C LEU G 97 59.62 57.47 15.03
N THR G 98 60.85 57.17 14.64
CA THR G 98 61.88 58.20 14.42
C THR G 98 62.47 58.11 13.03
N PHE G 99 62.78 59.27 12.46
CA PHE G 99 63.50 59.40 11.20
C PHE G 99 64.90 59.93 11.46
N GLY G 100 65.84 59.60 10.58
CA GLY G 100 67.11 60.32 10.48
C GLY G 100 66.90 61.73 9.94
N GLN G 101 67.89 62.60 10.10
CA GLN G 101 67.81 63.98 9.64
C GLN G 101 67.81 64.14 8.10
N GLY G 102 68.12 63.06 7.38
CA GLY G 102 68.23 63.02 5.93
C GLY G 102 69.66 63.12 5.42
N THR G 103 69.89 62.52 4.25
CA THR G 103 71.10 62.69 3.44
C THR G 103 70.67 63.23 2.08
N ARG G 104 71.17 64.39 1.68
CA ARG G 104 70.91 64.96 0.37
C ARG G 104 71.92 64.43 -0.64
N LEU G 105 71.43 63.78 -1.69
CA LEU G 105 72.25 63.32 -2.81
C LEU G 105 72.13 64.32 -3.97
N GLU G 106 73.24 64.93 -4.36
CA GLU G 106 73.32 65.97 -5.39
C GLU G 106 74.22 65.56 -6.54
N ILE G 107 73.94 66.10 -7.74
CA ILE G 107 74.79 65.89 -8.91
C ILE G 107 76.09 66.68 -8.71
N LYS G 108 77.23 66.02 -8.93
CA LYS G 108 78.56 66.63 -8.92
C LYS G 108 78.85 67.45 -10.18
N GLU H 1 38.49 48.68 -33.52
CA GLU H 1 38.88 50.09 -33.67
C GLU H 1 37.94 50.76 -34.65
N VAL H 2 37.58 52.02 -34.38
CA VAL H 2 36.62 52.75 -35.21
C VAL H 2 37.42 53.68 -36.12
N GLN H 3 37.23 53.56 -37.43
CA GLN H 3 37.94 54.38 -38.43
C GLN H 3 37.05 54.66 -39.63
N LEU H 4 37.35 55.77 -40.30
CA LEU H 4 36.73 56.19 -41.55
C LEU H 4 37.79 56.23 -42.64
N VAL H 5 37.49 55.63 -43.80
CA VAL H 5 38.39 55.59 -44.94
C VAL H 5 37.66 56.03 -46.19
N GLU H 6 38.05 57.17 -46.74
CA GLU H 6 37.52 57.66 -48.01
C GLU H 6 38.10 56.92 -49.24
N SER H 7 37.38 56.98 -50.36
CA SER H 7 37.89 56.61 -51.68
C SER H 7 39.06 57.52 -52.12
N GLY H 8 39.82 57.09 -53.13
CA GLY H 8 40.92 57.86 -53.70
C GLY H 8 40.51 59.22 -54.30
N ALA H 9 41.52 60.02 -54.66
CA ALA H 9 41.34 61.34 -55.26
C ALA H 9 40.68 61.26 -56.65
N GLU H 10 39.94 62.30 -57.02
CA GLU H 10 39.17 62.37 -58.27
C GLU H 10 39.53 63.65 -59.04
N VAL H 11 39.60 63.54 -60.37
CA VAL H 11 39.72 64.69 -61.28
C VAL H 11 38.50 64.70 -62.19
N LYS H 12 37.76 65.80 -62.19
CA LYS H 12 36.48 65.95 -62.90
C LYS H 12 36.43 67.23 -63.71
N LYS H 13 35.56 67.21 -64.73
CA LYS H 13 35.25 68.39 -65.54
C LYS H 13 34.07 69.17 -64.93
N PRO H 14 34.03 70.51 -65.06
CA PRO H 14 32.83 71.29 -64.75
C PRO H 14 31.58 70.72 -65.45
N GLY H 15 30.43 70.82 -64.80
CA GLY H 15 29.15 70.28 -65.27
C GLY H 15 28.96 68.77 -65.05
N SER H 16 30.03 67.99 -64.84
CA SER H 16 29.93 66.56 -64.52
C SER H 16 29.55 66.31 -63.04
N SER H 17 29.55 65.04 -62.62
CA SER H 17 29.30 64.62 -61.24
C SER H 17 30.50 63.85 -60.66
N VAL H 18 30.67 63.92 -59.35
CA VAL H 18 31.61 63.07 -58.59
C VAL H 18 30.84 62.29 -57.54
N LYS H 19 31.23 61.04 -57.31
CA LYS H 19 30.72 60.22 -56.21
C LYS H 19 31.90 59.69 -55.41
N VAL H 20 32.01 60.12 -54.16
CA VAL H 20 33.04 59.66 -53.22
C VAL H 20 32.40 58.74 -52.18
N SER H 21 33.17 57.80 -51.66
CA SER H 21 32.70 56.85 -50.64
C SER H 21 33.48 57.02 -49.34
N CYS H 22 32.84 56.73 -48.22
CA CYS H 22 33.45 56.62 -46.90
C CYS H 22 33.08 55.28 -46.30
N LYS H 23 34.08 54.40 -46.15
CA LYS H 23 33.91 53.13 -45.47
C LYS H 23 34.12 53.33 -43.98
N ALA H 24 33.12 53.00 -43.18
CA ALA H 24 33.22 53.00 -41.73
C ALA H 24 33.44 51.56 -41.24
N SER H 25 34.33 51.40 -40.27
CA SER H 25 34.55 50.11 -39.61
C SER H 25 34.51 50.27 -38.11
N GLY H 26 34.07 49.22 -37.41
CA GLY H 26 33.86 49.23 -35.97
C GLY H 26 32.44 49.70 -35.61
N GLY H 27 31.80 48.99 -34.70
CA GLY H 27 30.42 49.26 -34.28
C GLY H 27 29.37 48.95 -35.34
N THR H 28 28.14 49.33 -35.03
CA THR H 28 26.97 49.06 -35.87
C THR H 28 26.80 50.13 -36.94
N PHE H 29 27.01 49.78 -38.22
CA PHE H 29 26.96 50.77 -39.29
C PHE H 29 25.57 51.44 -39.44
N SER H 30 24.48 50.71 -39.18
CA SER H 30 23.12 51.24 -39.38
C SER H 30 22.82 52.46 -38.50
N SER H 31 23.39 52.55 -37.30
CA SER H 31 23.25 53.67 -36.37
C SER H 31 24.42 54.65 -36.40
N TYR H 32 25.31 54.52 -37.38
CA TYR H 32 26.52 55.31 -37.51
C TYR H 32 26.22 56.67 -38.14
N ALA H 33 26.44 57.77 -37.41
CA ALA H 33 26.19 59.12 -37.92
C ALA H 33 27.32 59.58 -38.85
N ILE H 34 27.15 59.44 -40.17
CA ILE H 34 28.15 59.86 -41.16
C ILE H 34 27.82 61.26 -41.65
N ASN H 35 28.79 62.16 -41.52
CA ASN H 35 28.74 63.53 -42.01
C ASN H 35 29.79 63.74 -43.11
N TRP H 36 29.50 64.63 -44.04
CA TRP H 36 30.43 65.08 -45.07
C TRP H 36 30.77 66.55 -44.84
N VAL H 37 32.06 66.84 -44.77
CA VAL H 37 32.60 68.19 -44.62
C VAL H 37 33.65 68.40 -45.70
N ARG H 38 33.62 69.53 -46.39
CA ARG H 38 34.64 69.85 -47.39
C ARG H 38 35.47 71.07 -47.00
N GLN H 39 36.65 71.18 -47.59
CA GLN H 39 37.56 72.30 -47.42
C GLN H 39 38.22 72.65 -48.76
N ALA H 40 37.83 73.78 -49.34
CA ALA H 40 38.49 74.29 -50.54
C ALA H 40 39.92 74.78 -50.20
N PRO H 41 40.86 74.79 -51.16
CA PRO H 41 42.23 75.24 -50.91
C PRO H 41 42.27 76.64 -50.27
N GLY H 42 42.88 76.74 -49.08
CA GLY H 42 43.00 77.99 -48.33
C GLY H 42 41.72 78.50 -47.67
N GLN H 43 40.62 77.74 -47.72
CA GLN H 43 39.33 78.11 -47.14
C GLN H 43 39.05 77.35 -45.82
N GLY H 44 38.00 77.78 -45.12
CA GLY H 44 37.49 77.10 -43.93
C GLY H 44 36.74 75.79 -44.22
N LEU H 45 36.20 75.20 -43.16
CA LEU H 45 35.41 73.97 -43.23
C LEU H 45 33.95 74.27 -43.57
N GLU H 46 33.37 73.51 -44.50
CA GLU H 46 31.95 73.59 -44.87
C GLU H 46 31.27 72.23 -44.67
N TRP H 47 30.30 72.15 -43.76
CA TRP H 47 29.46 70.95 -43.64
C TRP H 47 28.47 70.89 -44.80
N MET H 48 28.44 69.75 -45.48
CA MET H 48 27.61 69.56 -46.68
C MET H 48 26.28 68.88 -46.36
N GLY H 49 26.30 67.96 -45.41
CA GLY H 49 25.19 67.09 -45.09
C GLY H 49 25.64 65.85 -44.33
N GLY H 50 24.69 65.00 -43.96
CA GLY H 50 24.97 63.71 -43.35
C GLY H 50 23.76 62.79 -43.30
N ILE H 51 23.97 61.58 -42.82
CA ILE H 51 22.96 60.54 -42.70
C ILE H 51 23.26 59.63 -41.51
N ILE H 52 22.22 59.14 -40.85
CA ILE H 52 22.28 57.96 -40.00
C ILE H 52 21.51 56.87 -40.75
N PRO H 53 22.16 55.79 -41.24
CA PRO H 53 21.58 54.89 -42.24
C PRO H 53 20.21 54.30 -41.87
N ILE H 54 19.98 53.93 -40.60
CA ILE H 54 18.74 53.30 -40.12
C ILE H 54 17.49 54.16 -40.34
N PHE H 55 17.64 55.50 -40.31
CA PHE H 55 16.50 56.41 -40.55
C PHE H 55 16.28 56.74 -42.02
N ARG H 56 17.25 56.42 -42.90
CA ARG H 56 17.19 56.66 -44.36
C ARG H 56 16.78 58.08 -44.75
N THR H 57 17.02 59.05 -43.87
CA THR H 57 16.61 60.45 -44.03
C THR H 57 17.86 61.33 -43.99
N PRO H 58 18.50 61.60 -45.14
CA PRO H 58 19.67 62.45 -45.18
C PRO H 58 19.31 63.92 -44.92
N HIS H 59 20.23 64.64 -44.28
CA HIS H 59 20.17 66.08 -44.08
C HIS H 59 21.22 66.76 -44.97
N TYR H 60 20.90 67.93 -45.52
CA TYR H 60 21.78 68.70 -46.40
C TYR H 60 21.88 70.15 -45.93
N ALA H 61 23.05 70.76 -46.07
CA ALA H 61 23.15 72.21 -45.94
C ALA H 61 22.50 72.89 -47.14
N GLN H 62 21.79 73.99 -46.89
CA GLN H 62 21.00 74.71 -47.91
C GLN H 62 21.81 75.08 -49.15
N LYS H 63 23.10 75.44 -48.99
CA LYS H 63 24.03 75.77 -50.08
C LYS H 63 24.18 74.65 -51.12
N PHE H 64 24.00 73.40 -50.71
CA PHE H 64 24.22 72.21 -51.52
C PHE H 64 22.93 71.48 -51.93
N GLN H 65 21.79 71.96 -51.46
CA GLN H 65 20.51 71.34 -51.73
C GLN H 65 20.24 71.27 -53.24
N GLY H 66 19.79 70.10 -53.71
CA GLY H 66 19.57 69.82 -55.13
C GLY H 66 20.82 69.44 -55.94
N ARG H 67 22.02 69.61 -55.38
CA ARG H 67 23.29 69.17 -56.02
C ARG H 67 23.95 67.99 -55.31
N VAL H 68 23.75 67.87 -54.00
CA VAL H 68 24.32 66.79 -53.19
C VAL H 68 23.28 65.71 -52.92
N THR H 69 23.69 64.46 -53.08
CA THR H 69 22.93 63.26 -52.67
C THR H 69 23.80 62.41 -51.76
N ILE H 70 23.32 62.13 -50.54
CA ILE H 70 23.99 61.27 -49.57
C ILE H 70 23.19 59.98 -49.42
N THR H 71 23.89 58.85 -49.54
CA THR H 71 23.31 57.51 -49.40
C THR H 71 24.22 56.64 -48.54
N ALA H 72 23.69 55.53 -48.03
CA ALA H 72 24.45 54.57 -47.26
C ALA H 72 24.05 53.14 -47.66
N ASP H 73 25.06 52.29 -47.82
CA ASP H 73 24.91 50.86 -48.03
C ASP H 73 25.30 50.14 -46.74
N GLU H 74 24.28 49.63 -46.05
CA GLU H 74 24.43 48.93 -44.78
C GLU H 74 25.18 47.60 -44.93
N SER H 75 25.12 46.96 -46.10
CA SER H 75 25.74 45.66 -46.33
C SER H 75 27.27 45.75 -46.45
N THR H 76 27.78 46.86 -46.95
CA THR H 76 29.23 47.11 -47.13
C THR H 76 29.81 48.06 -46.09
N GLY H 77 28.98 48.62 -45.21
CA GLY H 77 29.41 49.62 -44.21
C GLY H 77 29.93 50.90 -44.85
N THR H 78 29.31 51.33 -45.96
CA THR H 78 29.83 52.42 -46.80
C THR H 78 28.78 53.51 -47.01
N ALA H 79 29.13 54.75 -46.69
CA ALA H 79 28.36 55.93 -47.07
C ALA H 79 28.91 56.54 -48.36
N TYR H 80 28.05 57.10 -49.19
CA TYR H 80 28.42 57.79 -50.43
C TYR H 80 27.92 59.23 -50.41
N MET H 81 28.72 60.13 -50.95
CA MET H 81 28.30 61.49 -51.29
C MET H 81 28.52 61.71 -52.78
N GLU H 82 27.44 62.02 -53.47
CA GLU H 82 27.46 62.41 -54.87
C GLU H 82 27.19 63.91 -54.99
N LEU H 83 28.05 64.62 -55.71
CA LEU H 83 27.91 66.05 -56.01
C LEU H 83 27.83 66.24 -57.53
N SER H 84 26.71 66.80 -57.99
CA SER H 84 26.41 67.02 -59.41
C SER H 84 26.63 68.46 -59.87
N SER H 85 26.64 68.65 -61.18
CA SER H 85 26.80 69.96 -61.83
C SER H 85 28.03 70.71 -61.32
N LEU H 86 29.18 70.02 -61.29
CA LEU H 86 30.41 70.49 -60.65
C LEU H 86 30.89 71.84 -61.21
N ARG H 87 31.52 72.63 -60.34
CA ARG H 87 32.12 73.93 -60.64
C ARG H 87 33.57 73.94 -60.16
N SER H 88 34.40 74.85 -60.65
CA SER H 88 35.78 75.01 -60.17
C SER H 88 35.85 75.26 -58.66
N GLU H 89 34.87 75.98 -58.09
CA GLU H 89 34.72 76.22 -56.65
C GLU H 89 34.42 74.96 -55.81
N ASP H 90 34.10 73.83 -56.45
CA ASP H 90 33.94 72.54 -55.80
C ASP H 90 35.28 71.77 -55.68
N THR H 91 36.38 72.33 -56.19
CA THR H 91 37.72 71.79 -55.89
C THR H 91 38.00 71.92 -54.40
N ALA H 92 38.08 70.78 -53.71
CA ALA H 92 38.21 70.73 -52.26
C ALA H 92 38.69 69.35 -51.80
N VAL H 93 39.18 69.28 -50.56
CA VAL H 93 39.29 68.02 -49.83
C VAL H 93 37.94 67.74 -49.18
N TYR H 94 37.40 66.54 -49.40
CA TYR H 94 36.13 66.07 -48.86
C TYR H 94 36.41 65.03 -47.78
N TYR H 95 36.07 65.35 -46.55
CA TYR H 95 36.19 64.47 -45.39
C TYR H 95 34.85 63.83 -45.07
N CYS H 96 34.88 62.57 -44.64
CA CYS H 96 33.80 62.05 -43.81
C CYS H 96 34.15 62.18 -42.32
N ALA H 97 33.13 62.44 -41.50
CA ALA H 97 33.29 62.73 -40.08
C ALA H 97 32.04 62.24 -39.35
N SER H 98 32.24 61.59 -38.21
CA SER H 98 31.10 61.07 -37.41
C SER H 98 31.45 61.24 -35.93
N PRO H 99 31.30 62.43 -35.31
CA PRO H 99 31.62 62.56 -33.88
C PRO H 99 30.69 61.70 -33.02
N SER H 100 31.11 60.47 -32.72
CA SER H 100 30.35 59.51 -31.91
C SER H 100 28.95 59.16 -32.51
N CYS H 101 28.03 60.11 -32.49
CA CYS H 101 26.70 59.92 -33.02
C CYS H 101 26.23 61.04 -33.94
N GLY H 102 27.13 61.88 -34.44
CA GLY H 102 26.74 62.97 -35.32
C GLY H 102 25.83 63.98 -34.62
N GLY H 103 24.53 63.87 -34.81
CA GLY H 103 23.59 64.79 -34.18
C GLY H 103 22.57 64.06 -33.33
N ASP H 104 22.94 62.88 -32.84
CA ASP H 104 22.04 62.09 -32.01
C ASP H 104 22.73 61.44 -30.82
N CYS H 105 23.77 62.09 -30.28
CA CYS H 105 24.48 61.59 -29.10
C CYS H 105 23.74 61.80 -27.85
N PRO H 106 23.15 63.00 -27.69
CA PRO H 106 22.59 63.12 -26.34
C PRO H 106 21.27 62.37 -26.13
N GLN H 107 21.36 61.09 -25.79
CA GLN H 107 20.18 60.27 -25.54
C GLN H 107 20.36 59.53 -24.22
N TYR H 108 19.76 60.03 -23.15
CA TYR H 108 19.86 59.40 -21.84
C TYR H 108 18.50 58.91 -21.36
N LEU H 109 17.84 58.09 -22.17
CA LEU H 109 16.54 57.54 -21.83
C LEU H 109 16.38 56.12 -22.35
N LYS H 110 16.29 55.99 -23.68
CA LYS H 110 16.13 54.68 -24.30
C LYS H 110 17.25 53.73 -23.89
N SER H 111 18.49 54.20 -23.96
CA SER H 111 19.65 53.40 -23.58
C SER H 111 20.77 54.27 -23.05
N SER H 112 21.96 53.69 -22.94
CA SER H 112 23.12 54.40 -22.44
C SER H 112 23.63 55.43 -23.45
N LYS H 113 24.40 54.94 -24.42
CA LYS H 113 24.96 55.79 -25.47
C LYS H 113 25.65 57.04 -24.92
N LEU H 114 26.51 56.83 -23.93
CA LEU H 114 27.24 57.94 -23.32
C LEU H 114 28.70 57.95 -23.75
N ASP H 115 28.94 57.60 -25.01
CA ASP H 115 30.31 57.56 -25.54
C ASP H 115 30.58 58.76 -26.45
N TRP H 116 31.71 59.42 -26.21
CA TRP H 116 32.11 60.57 -27.00
C TRP H 116 33.62 60.62 -27.16
N TYR H 117 34.10 60.25 -28.34
CA TYR H 117 35.53 60.24 -28.63
C TYR H 117 35.98 61.54 -29.28
N PHE H 118 37.02 61.46 -30.10
CA PHE H 118 37.56 62.63 -30.77
C PHE H 118 38.38 62.24 -31.99
N ASP H 119 38.32 60.97 -32.37
CA ASP H 119 39.08 60.48 -33.52
C ASP H 119 38.17 59.85 -34.58
N LEU H 120 37.30 60.66 -35.18
CA LEU H 120 36.39 60.17 -36.20
C LEU H 120 36.15 61.21 -37.31
N TRP H 121 37.22 61.53 -38.02
CA TRP H 121 37.26 62.48 -39.13
C TRP H 121 38.09 61.77 -40.01
N GLY H 122 37.61 61.39 -41.26
CA GLY H 122 38.43 60.80 -42.29
C GLY H 122 39.50 61.78 -42.74
N ARG H 123 40.53 61.23 -43.38
CA ARG H 123 41.65 62.06 -43.82
C ARG H 123 41.28 62.95 -45.00
N GLY H 124 40.40 62.37 -45.77
CA GLY H 124 39.90 63.25 -46.82
C GLY H 124 40.29 62.77 -48.22
N THR H 125 39.42 63.04 -49.18
CA THR H 125 39.67 62.81 -50.61
C THR H 125 39.70 64.13 -51.38
N LEU H 126 40.76 64.36 -52.16
CA LEU H 126 40.86 65.55 -53.00
C LEU H 126 40.05 65.33 -54.27
N VAL H 127 39.06 66.20 -54.48
CA VAL H 127 38.38 66.32 -55.77
C VAL H 127 38.88 67.59 -56.43
N THR H 128 39.43 67.46 -57.63
CA THR H 128 39.85 68.60 -58.47
C THR H 128 38.87 68.77 -59.62
N VAL H 129 38.32 69.98 -59.78
CA VAL H 129 37.41 70.31 -60.87
C VAL H 129 38.07 71.34 -61.80
N SER H 130 38.45 70.92 -63.00
CA SER H 130 39.13 71.76 -64.00
C SER H 130 38.72 71.37 -65.42
N SER H 131 38.79 72.32 -66.35
CA SER H 131 38.47 72.11 -67.77
C SER H 131 39.63 71.47 -68.54
N VAL I 1 19.80 79.88 -40.45
CA VAL I 1 21.17 79.33 -40.34
C VAL I 1 21.92 80.16 -39.30
N ILE I 2 22.65 79.53 -38.39
CA ILE I 2 23.49 80.22 -37.39
C ILE I 2 24.90 80.33 -37.96
N TRP I 3 25.45 81.54 -38.04
CA TRP I 3 26.81 81.76 -38.51
C TRP I 3 27.75 81.96 -37.33
N MET I 4 28.97 81.47 -37.47
CA MET I 4 30.01 81.56 -36.45
C MET I 4 31.13 82.47 -36.96
N THR I 5 31.51 83.47 -36.18
CA THR I 5 32.57 84.42 -36.53
C THR I 5 33.70 84.32 -35.53
N GLN I 6 34.89 83.96 -35.99
CA GLN I 6 36.08 83.89 -35.15
C GLN I 6 36.87 85.20 -35.14
N SER I 7 37.59 85.46 -34.05
CA SER I 7 38.57 86.54 -33.98
C SER I 7 39.74 86.20 -33.04
N PRO I 8 40.95 86.72 -33.33
CA PRO I 8 41.34 87.36 -34.60
C PRO I 8 41.40 86.32 -35.75
N GLY I 9 41.58 86.78 -36.99
CA GLY I 9 41.81 85.88 -38.14
C GLY I 9 43.20 85.23 -38.11
N THR I 10 44.20 85.99 -37.67
CA THR I 10 45.57 85.53 -37.41
C THR I 10 46.02 86.03 -36.05
N LEU I 11 46.74 85.20 -35.31
CA LEU I 11 47.36 85.52 -34.03
C LEU I 11 48.81 85.06 -34.06
N SER I 12 49.76 85.97 -33.84
CA SER I 12 51.19 85.66 -33.81
C SER I 12 51.69 85.71 -32.38
N LEU I 13 52.20 84.59 -31.86
CA LEU I 13 52.66 84.43 -30.48
C LEU I 13 53.92 83.55 -30.44
N SER I 14 54.64 83.60 -29.33
CA SER I 14 55.83 82.79 -29.07
C SER I 14 55.46 81.56 -28.21
N PRO I 15 56.22 80.45 -28.31
CA PRO I 15 56.08 79.36 -27.36
C PRO I 15 56.19 79.85 -25.91
N GLY I 16 55.39 79.28 -25.02
CA GLY I 16 55.30 79.71 -23.62
C GLY I 16 54.25 80.79 -23.35
N GLU I 17 53.86 81.57 -24.37
CA GLU I 17 52.81 82.59 -24.22
C GLU I 17 51.41 81.96 -24.11
N ARG I 18 50.44 82.72 -23.61
CA ARG I 18 49.03 82.33 -23.57
C ARG I 18 48.33 82.78 -24.85
N ALA I 19 47.62 81.87 -25.50
CA ALA I 19 46.73 82.21 -26.61
C ALA I 19 45.26 82.23 -26.14
N THR I 20 44.50 83.21 -26.65
CA THR I 20 43.04 83.26 -26.49
C THR I 20 42.41 83.56 -27.84
N LEU I 21 41.47 82.70 -28.26
CA LEU I 21 40.73 82.80 -29.50
C LEU I 21 39.25 82.96 -29.15
N SER I 22 38.54 83.79 -29.91
CA SER I 22 37.12 84.07 -29.71
C SER I 22 36.28 83.50 -30.85
N CYS I 23 35.08 83.04 -30.53
CA CYS I 23 34.07 82.63 -31.49
C CYS I 23 32.71 83.17 -31.08
N ARG I 24 32.08 83.92 -31.98
CA ARG I 24 30.78 84.56 -31.77
C ARG I 24 29.72 83.94 -32.67
N ALA I 25 28.64 83.43 -32.09
CA ALA I 25 27.46 82.97 -32.80
C ALA I 25 26.55 84.15 -33.18
N SER I 26 25.88 84.07 -34.34
CA SER I 26 24.95 85.12 -34.81
C SER I 26 23.70 85.29 -33.94
N GLN I 27 23.41 84.31 -33.09
CA GLN I 27 22.33 84.31 -32.10
C GLN I 27 22.75 83.44 -30.92
N SER I 28 22.00 83.51 -29.82
CA SER I 28 22.26 82.66 -28.64
C SER I 28 22.13 81.17 -28.98
N VAL I 29 23.12 80.38 -28.57
CA VAL I 29 23.14 78.92 -28.72
C VAL I 29 23.41 78.26 -27.37
N SER I 30 22.94 77.02 -27.19
CA SER I 30 23.31 76.23 -26.02
C SER I 30 24.80 75.92 -26.05
N SER I 31 25.49 76.10 -24.92
CA SER I 31 26.91 75.74 -24.78
C SER I 31 27.15 74.26 -25.05
N THR I 32 26.16 73.39 -24.83
CA THR I 32 26.20 71.96 -25.16
C THR I 32 26.51 71.69 -26.64
N TYR I 33 26.26 72.65 -27.53
CA TYR I 33 26.38 72.50 -28.98
C TYR I 33 27.54 73.29 -29.60
N LEU I 34 28.56 73.64 -28.83
CA LEU I 34 29.76 74.35 -29.30
C LEU I 34 31.00 73.45 -29.16
N ALA I 35 31.77 73.30 -30.24
CA ALA I 35 33.05 72.59 -30.25
C ALA I 35 34.19 73.46 -30.79
N TRP I 36 35.43 73.07 -30.47
CA TRP I 36 36.66 73.61 -31.02
C TRP I 36 37.54 72.52 -31.59
N TYR I 37 38.17 72.81 -32.71
CA TYR I 37 39.05 71.92 -33.46
C TYR I 37 40.41 72.57 -33.71
N GLN I 38 41.46 71.76 -33.75
CA GLN I 38 42.77 72.12 -34.30
C GLN I 38 42.93 71.44 -35.66
N GLN I 39 43.50 72.13 -36.63
CA GLN I 39 43.88 71.55 -37.92
C GLN I 39 45.31 71.96 -38.28
N LYS I 40 46.17 70.96 -38.47
CA LYS I 40 47.53 71.13 -38.99
C LYS I 40 47.52 71.03 -40.53
N PRO I 41 48.45 71.69 -41.23
CA PRO I 41 48.52 71.61 -42.69
C PRO I 41 48.55 70.17 -43.21
N GLY I 42 47.65 69.85 -44.15
CA GLY I 42 47.54 68.51 -44.75
C GLY I 42 46.97 67.42 -43.83
N GLN I 43 46.47 67.78 -42.65
CA GLN I 43 45.82 66.84 -41.73
C GLN I 43 44.33 67.15 -41.61
N ALA I 44 43.54 66.13 -41.29
CA ALA I 44 42.14 66.29 -40.92
C ALA I 44 42.02 67.08 -39.59
N PRO I 45 40.88 67.76 -39.35
CA PRO I 45 40.62 68.41 -38.06
C PRO I 45 40.63 67.42 -36.89
N ARG I 46 41.10 67.89 -35.73
CA ARG I 46 41.10 67.15 -34.47
C ARG I 46 40.26 67.89 -33.45
N LEU I 47 39.29 67.20 -32.85
CA LEU I 47 38.48 67.77 -31.76
C LEU I 47 39.35 68.07 -30.54
N LEU I 48 39.21 69.28 -29.99
CA LEU I 48 39.87 69.70 -28.75
C LEU I 48 38.89 69.80 -27.59
N ILE I 49 37.80 70.54 -27.83
CA ILE I 49 36.77 70.87 -26.86
C ILE I 49 35.40 70.57 -27.47
N TYR I 50 34.50 70.00 -26.67
CA TYR I 50 33.08 69.87 -26.98
C TYR I 50 32.24 70.39 -25.82
N GLY I 51 30.97 70.71 -26.08
CA GLY I 51 30.10 71.30 -25.07
C GLY I 51 30.65 72.60 -24.46
N ALA I 52 31.31 73.44 -25.27
CA ALA I 52 32.01 74.68 -24.93
C ALA I 52 33.21 74.57 -23.97
N SER I 53 33.25 73.58 -23.07
CA SER I 53 34.27 73.50 -22.02
C SER I 53 34.82 72.10 -21.73
N SER I 54 34.20 71.04 -22.25
CA SER I 54 34.66 69.66 -22.03
C SER I 54 35.82 69.33 -22.95
N ARG I 55 36.94 68.90 -22.38
CA ARG I 55 38.13 68.54 -23.14
C ARG I 55 38.02 67.13 -23.70
N ALA I 56 38.29 66.95 -25.00
CA ALA I 56 38.31 65.62 -25.62
C ALA I 56 39.45 64.75 -25.06
N THR I 57 39.28 63.43 -25.14
CA THR I 57 40.25 62.46 -24.62
C THR I 57 41.64 62.67 -25.24
N GLY I 58 42.66 62.66 -24.40
CA GLY I 58 44.06 62.79 -24.83
C GLY I 58 44.47 64.19 -25.27
N ILE I 59 43.62 65.21 -25.11
CA ILE I 59 44.00 66.60 -25.32
C ILE I 59 44.71 67.14 -24.05
N PRO I 60 45.85 67.82 -24.20
CA PRO I 60 46.61 68.38 -23.06
C PRO I 60 45.83 69.37 -22.21
N ASP I 61 46.21 69.48 -20.93
CA ASP I 61 45.54 70.33 -19.94
C ASP I 61 45.61 71.84 -20.21
N ARG I 62 46.63 72.26 -20.98
CA ARG I 62 46.78 73.64 -21.45
C ARG I 62 45.60 74.15 -22.28
N PHE I 63 44.83 73.26 -22.90
CA PHE I 63 43.64 73.63 -23.66
C PHE I 63 42.42 73.75 -22.73
N SER I 64 41.71 74.87 -22.78
CA SER I 64 40.43 75.03 -22.11
C SER I 64 39.45 75.84 -22.96
N GLY I 65 38.17 75.49 -22.89
CA GLY I 65 37.10 76.24 -23.53
C GLY I 65 36.17 76.88 -22.49
N SER I 66 35.57 78.01 -22.84
CA SER I 66 34.58 78.67 -22.00
C SER I 66 33.60 79.50 -22.83
N GLY I 67 32.60 80.08 -22.14
CA GLY I 67 31.60 80.95 -22.74
C GLY I 67 30.21 80.34 -22.83
N SER I 68 29.24 81.16 -23.20
CA SER I 68 27.82 80.80 -23.27
C SER I 68 27.06 81.84 -24.10
N GLY I 69 25.83 81.49 -24.50
CA GLY I 69 24.99 82.39 -25.28
C GLY I 69 25.55 82.62 -26.68
N THR I 70 26.08 83.82 -26.94
CA THR I 70 26.69 84.18 -28.23
C THR I 70 28.20 84.05 -28.24
N ASP I 71 28.87 84.10 -27.10
CA ASP I 71 30.32 84.36 -27.04
C ASP I 71 31.06 83.22 -26.35
N PHE I 72 32.02 82.65 -27.09
CA PHE I 72 32.82 81.51 -26.67
C PHE I 72 34.31 81.78 -26.87
N THR I 73 35.14 81.15 -26.05
CA THR I 73 36.59 81.29 -26.13
C THR I 73 37.29 79.95 -26.03
N LEU I 74 38.40 79.82 -26.75
CA LEU I 74 39.41 78.79 -26.56
C LEU I 74 40.66 79.45 -25.99
N THR I 75 41.20 78.89 -24.92
CA THR I 75 42.45 79.34 -24.31
C THR I 75 43.48 78.21 -24.35
N ILE I 76 44.71 78.57 -24.72
CA ILE I 76 45.89 77.70 -24.60
C ILE I 76 46.80 78.37 -23.58
N SER I 77 46.92 77.79 -22.39
CA SER I 77 47.51 78.45 -21.22
C SER I 77 49.00 78.74 -21.36
N ARG I 78 49.72 77.85 -22.04
CA ARG I 78 51.14 77.91 -22.36
C ARG I 78 51.34 77.22 -23.71
N LEU I 79 51.67 77.98 -24.75
CA LEU I 79 51.84 77.45 -26.10
C LEU I 79 53.04 76.53 -26.20
N GLU I 80 52.83 75.36 -26.80
CA GLU I 80 53.91 74.48 -27.23
C GLU I 80 54.12 74.61 -28.76
N PRO I 81 55.31 74.27 -29.29
CA PRO I 81 55.58 74.36 -30.74
C PRO I 81 54.59 73.58 -31.62
N GLU I 82 54.00 72.48 -31.14
CA GLU I 82 53.02 71.70 -31.88
C GLU I 82 51.60 72.30 -31.91
N ASP I 83 51.37 73.41 -31.19
CA ASP I 83 50.07 74.08 -31.11
C ASP I 83 49.85 75.09 -32.24
N PHE I 84 50.91 75.54 -32.91
CA PHE I 84 50.82 76.46 -34.05
C PHE I 84 50.14 75.78 -35.24
N ALA I 85 48.89 76.17 -35.49
CA ALA I 85 47.94 75.51 -36.37
C ALA I 85 46.76 76.45 -36.67
N VAL I 86 45.79 75.98 -37.45
CA VAL I 86 44.50 76.68 -37.60
C VAL I 86 43.49 76.09 -36.62
N TYR I 87 42.72 76.96 -35.96
CA TYR I 87 41.69 76.56 -35.02
C TYR I 87 40.31 76.93 -35.54
N TYR I 88 39.34 76.02 -35.45
CA TYR I 88 37.96 76.24 -35.88
C TYR I 88 36.99 76.04 -34.72
N CYS I 89 36.05 76.95 -34.53
CA CYS I 89 34.87 76.66 -33.71
C CYS I 89 33.76 76.05 -34.57
N GLN I 90 32.84 75.29 -33.96
CA GLN I 90 31.69 74.68 -34.64
C GLN I 90 30.44 74.80 -33.78
N HIS I 91 29.32 75.22 -34.37
CA HIS I 91 27.99 74.98 -33.82
C HIS I 91 27.38 73.72 -34.44
N TYR I 92 27.01 72.76 -33.60
CA TYR I 92 26.45 71.47 -34.01
C TYR I 92 25.05 71.18 -33.47
N GLY I 93 24.30 72.21 -33.04
CA GLY I 93 22.99 72.02 -32.38
C GLY I 93 21.79 71.94 -33.32
N SER I 94 21.98 72.23 -34.61
CA SER I 94 20.94 72.14 -35.63
C SER I 94 21.55 72.19 -37.03
N SER I 95 20.84 71.63 -38.02
CA SER I 95 21.24 71.71 -39.43
C SER I 95 20.98 73.11 -40.03
N PRO I 96 21.90 73.64 -40.86
CA PRO I 96 23.22 73.10 -41.14
C PRO I 96 24.16 73.29 -39.96
N LEU I 97 25.00 72.29 -39.71
CA LEU I 97 26.12 72.44 -38.78
C LEU I 97 27.08 73.47 -39.38
N THR I 98 27.57 74.39 -38.58
CA THR I 98 28.39 75.52 -39.08
C THR I 98 29.72 75.60 -38.36
N PHE I 99 30.75 75.97 -39.12
CA PHE I 99 32.09 76.25 -38.61
C PHE I 99 32.36 77.76 -38.67
N GLY I 100 33.22 78.25 -37.79
CA GLY I 100 33.84 79.56 -37.98
C GLY I 100 34.84 79.53 -39.14
N GLN I 101 35.25 80.70 -39.62
CA GLN I 101 36.18 80.81 -40.74
C GLN I 101 37.61 80.36 -40.40
N GLY I 102 37.91 80.15 -39.11
CA GLY I 102 39.22 79.77 -38.61
C GLY I 102 40.03 80.94 -38.06
N THR I 103 40.88 80.63 -37.10
CA THR I 103 41.94 81.52 -36.59
C THR I 103 43.26 80.81 -36.79
N ARG I 104 44.18 81.44 -37.54
CA ARG I 104 45.53 80.91 -37.74
C ARG I 104 46.45 81.38 -36.61
N LEU I 105 47.03 80.44 -35.89
CA LEU I 105 48.03 80.72 -34.86
C LEU I 105 49.43 80.48 -35.43
N GLU I 106 50.25 81.53 -35.48
CA GLU I 106 51.60 81.52 -36.08
C GLU I 106 52.66 81.88 -35.05
N ILE I 107 53.88 81.37 -35.26
CA ILE I 107 55.03 81.71 -34.42
C ILE I 107 55.44 83.16 -34.74
N LYS I 108 55.63 83.97 -33.70
CA LYS I 108 56.13 85.34 -33.78
C LYS I 108 57.64 85.40 -34.04
C1 NAG J . -43.76 -66.57 -1.93
C2 NAG J . -44.04 -67.98 -2.44
C3 NAG J . -42.95 -68.94 -1.99
C4 NAG J . -41.59 -68.41 -2.43
C5 NAG J . -41.39 -66.98 -1.95
C6 NAG J . -40.13 -66.35 -2.51
C7 NAG J . -46.49 -68.12 -2.61
C8 NAG J . -47.74 -68.68 -2.02
N2 NAG J . -45.35 -68.44 -1.99
O3 NAG J . -43.19 -70.22 -2.55
O4 NAG J . -40.56 -69.23 -1.88
O5 NAG J . -42.48 -66.15 -2.40
O6 NAG J . -40.44 -65.25 -3.36
O7 NAG J . -46.51 -67.39 -3.59
C1 NAG J . -39.94 -69.99 -2.93
C2 NAG J . -38.59 -70.50 -2.44
C3 NAG J . -37.92 -71.35 -3.51
C4 NAG J . -38.86 -72.47 -3.97
C5 NAG J . -40.20 -71.88 -4.40
C6 NAG J . -41.23 -72.93 -4.75
C7 NAG J . -37.23 -69.25 -0.83
C8 NAG J . -36.35 -68.05 -0.62
N2 NAG J . -37.72 -69.39 -2.06
O3 NAG J . -36.72 -71.92 -2.99
O4 NAG J . -38.29 -73.17 -5.07
O5 NAG J . -40.76 -71.10 -3.32
O6 NAG J . -42.06 -73.22 -3.64
O7 NAG J . -37.47 -70.05 0.07
C1 NAG K . -25.12 -67.70 9.98
C2 NAG K . -24.97 -69.20 10.22
C3 NAG K . -23.50 -69.56 10.31
C4 NAG K . -22.73 -69.05 9.10
C5 NAG K . -22.99 -67.55 8.92
C6 NAG K . -22.38 -66.99 7.67
C7 NAG K . -26.42 -70.71 11.50
C8 NAG K . -27.06 -70.98 12.82
N2 NAG K . -25.68 -69.60 11.43
O3 NAG K . -23.37 -70.98 10.39
O4 NAG K . -21.35 -69.28 9.25
O5 NAG K . -24.40 -67.32 8.82
O6 NAG K . -23.34 -66.32 6.87
O7 NAG K . -26.55 -71.46 10.55
C1 NAG K . -20.98 -70.25 8.24
C2 NAG K . -19.50 -70.06 7.88
C3 NAG K . -19.07 -71.11 6.86
C4 NAG K . -19.42 -72.51 7.35
C5 NAG K . -20.89 -72.59 7.74
C6 NAG K . -21.27 -73.91 8.36
C7 NAG K . -19.08 -67.66 8.17
C8 NAG K . -18.82 -66.36 7.48
N2 NAG K . -19.25 -68.73 7.38
O3 NAG K . -17.68 -71.01 6.64
O4 NAG K . -19.16 -73.47 6.33
O5 NAG K . -21.19 -71.57 8.72
O6 NAG K . -22.68 -74.15 8.26
O7 NAG K . -19.15 -67.74 9.40
C1 NAG L . -63.55 -68.63 -5.45
C2 NAG L . -63.65 -69.74 -6.51
C3 NAG L . -64.59 -70.84 -6.04
C4 NAG L . -64.20 -71.33 -4.65
C5 NAG L . -64.09 -70.16 -3.69
C6 NAG L . -63.60 -70.55 -2.32
C7 NAG L . -63.26 -68.67 -8.68
C8 NAG L . -63.89 -68.14 -9.93
N2 NAG L . -64.10 -69.19 -7.77
O3 NAG L . -64.56 -71.91 -6.97
O4 NAG L . -65.17 -72.26 -4.17
O5 NAG L . -63.16 -69.20 -4.20
O6 NAG L . -62.24 -70.97 -2.35
O7 NAG L . -62.05 -68.64 -8.50
C1 NAG L . -64.52 -73.51 -3.88
C2 NAG L . -65.57 -74.51 -3.41
C3 NAG L . -64.91 -75.86 -3.12
C4 NAG L . -64.12 -76.33 -4.32
C5 NAG L . -63.14 -75.25 -4.78
C6 NAG L . -62.41 -75.61 -6.06
C7 NAG L . -67.39 -73.29 -2.32
C8 NAG L . -68.00 -72.86 -1.01
N2 NAG L . -66.27 -74.02 -2.24
O3 NAG L . -65.91 -76.81 -2.78
O4 NAG L . -63.40 -77.51 -4.00
O5 NAG L . -63.85 -74.03 -5.04
O6 NAG L . -61.59 -74.55 -6.50
O7 NAG L . -67.90 -72.99 -3.40
C1 NAG M . -79.94 -56.75 -3.81
C2 NAG M . -80.18 -56.03 -5.13
C3 NAG M . -81.36 -55.08 -5.00
C4 NAG M . -82.58 -55.83 -4.51
C5 NAG M . -82.25 -56.57 -3.22
C6 NAG M . -83.38 -57.45 -2.73
C7 NAG M . -78.17 -55.73 -6.52
C8 NAG M . -76.98 -54.86 -6.82
N2 NAG M . -78.98 -55.31 -5.55
O3 NAG M . -81.63 -54.49 -6.28
O4 NAG M . -83.65 -54.93 -4.27
O5 NAG M . -81.12 -57.44 -3.43
O6 NAG M . -82.96 -58.79 -2.53
O7 NAG M . -78.39 -56.77 -7.14
C1 NAG M . -84.63 -55.10 -5.33
C2 NAG M . -86.02 -54.97 -4.73
C3 NAG M . -87.08 -55.09 -5.82
C4 NAG M . -86.81 -54.09 -6.94
C5 NAG M . -85.37 -54.24 -7.44
C6 NAG M . -84.99 -53.19 -8.46
C7 NAG M . -86.53 -55.67 -2.43
C8 NAG M . -86.72 -56.82 -1.50
N2 NAG M . -86.24 -55.98 -3.70
O3 NAG M . -88.36 -54.85 -5.27
O4 NAG M . -87.71 -54.29 -8.01
O5 NAG M . -84.45 -54.11 -6.34
O6 NAG M . -84.32 -52.10 -7.85
O7 NAG M . -86.63 -54.51 -2.05
C1 NAG N . -46.51 -49.22 41.84
C2 NAG N . -47.16 -49.88 43.06
C3 NAG N . -47.66 -48.82 44.03
C4 NAG N . -46.53 -47.87 44.39
C5 NAG N . -45.90 -47.30 43.13
C6 NAG N . -44.68 -46.45 43.40
C7 NAG N . -48.08 -52.01 42.24
C8 NAG N . -49.32 -52.76 41.86
N2 NAG N . -48.26 -50.75 42.65
O3 NAG N . -48.16 -49.45 45.20
O4 NAG N . -47.03 -46.80 45.20
O5 NAG N . -45.46 -48.36 42.27
O6 NAG N . -43.81 -46.41 42.29
O7 NAG N . -46.97 -52.52 42.19
C1 NAG N . -46.43 -46.88 46.50
C2 NAG N . -46.76 -45.58 47.24
C3 NAG N . -46.17 -45.61 48.64
C4 NAG N . -46.63 -46.87 49.38
C5 NAG N . -46.33 -48.11 48.54
C6 NAG N . -46.89 -49.38 49.15
C7 NAG N . -47.06 -43.46 46.04
C8 NAG N . -46.37 -42.34 45.32
N2 NAG N . -46.26 -44.43 46.51
O3 NAG N . -46.60 -44.45 49.36
O4 NAG N . -45.94 -46.98 50.62
O5 NAG N . -46.93 -47.99 47.24
O6 NAG N . -48.30 -49.43 49.04
O7 NAG N . -48.27 -43.48 46.21
C1 NAG O . -50.81 -27.64 43.86
C2 NAG O . -51.81 -27.62 45.01
C3 NAG O . -51.62 -26.36 45.86
C4 NAG O . -50.16 -26.23 46.30
C5 NAG O . -49.25 -26.29 45.08
C6 NAG O . -47.78 -26.27 45.44
C7 NAG O . -54.03 -28.65 44.88
C8 NAG O . -55.39 -28.59 44.27
N2 NAG O . -53.17 -27.70 44.51
O3 NAG O . -52.47 -26.43 46.99
O4 NAG O . -49.98 -24.99 46.97
O5 NAG O . -49.48 -27.51 44.37
O6 NAG O . -47.26 -27.59 45.53
O7 NAG O . -53.72 -29.53 45.68
C1 NAG O . -49.70 -25.27 48.35
C2 NAG O . -48.86 -24.14 48.93
C3 NAG O . -48.58 -24.39 50.41
C4 NAG O . -49.89 -24.61 51.15
C5 NAG O . -50.71 -25.70 50.49
C6 NAG O . -52.08 -25.86 51.09
C7 NAG O . -47.40 -23.02 47.30
C8 NAG O . -46.05 -23.03 46.63
N2 NAG O . -47.61 -24.00 48.19
O3 NAG O . -47.88 -23.28 50.95
O4 NAG O . -49.62 -24.98 52.50
O5 NAG O . -50.92 -25.39 49.10
O6 NAG O . -53.11 -25.54 50.15
O7 NAG O . -48.26 -22.19 47.03
C1 NAG P . -51.10 -68.61 38.28
C2 NAG P . -50.87 -69.21 39.67
C3 NAG P . -52.05 -70.08 40.07
C4 NAG P . -53.34 -69.28 39.96
C5 NAG P . -53.48 -68.67 38.57
C6 NAG P . -54.67 -67.76 38.44
C7 NAG P . -48.45 -69.45 40.02
C8 NAG P . -47.28 -70.39 40.02
N2 NAG P . -49.63 -69.99 39.71
O3 NAG P . -51.87 -70.54 41.40
O4 NAG P . -54.46 -70.14 40.22
O5 NAG P . -52.32 -67.88 38.28
O6 NAG P . -54.67 -66.75 39.44
O7 NAG P . -48.33 -68.26 40.30
C1 NAG P . -55.15 -69.67 41.41
C2 NAG P . -56.24 -70.68 41.75
C3 NAG P . -56.96 -70.26 43.02
C4 NAG P . -55.96 -70.04 44.15
C5 NAG P . -54.87 -69.07 43.71
C6 NAG P . -53.78 -68.89 44.74
C7 NAG P . -56.97 -71.61 39.60
C8 NAG P . -58.05 -71.62 38.56
N2 NAG P . -57.19 -70.81 40.65
O3 NAG P . -57.89 -71.27 43.40
O4 NAG P . -56.62 -69.52 45.30
O5 NAG P . -54.24 -69.54 42.52
O6 NAG P . -52.63 -68.27 44.18
O7 NAG P . -55.95 -72.29 39.50
C1 NAG Q . -50.77 -81.11 21.96
C2 NAG Q . -49.38 -81.69 21.67
C3 NAG Q . -49.42 -82.59 20.45
C4 NAG Q . -50.50 -83.65 20.61
C5 NAG Q . -51.84 -82.99 20.93
C6 NAG Q . -52.95 -83.98 21.21
C7 NAG Q . -47.68 -80.10 22.47
C8 NAG Q . -46.73 -79.00 22.09
N2 NAG Q . -48.42 -80.62 21.47
O3 NAG Q . -48.16 -83.23 20.29
O4 NAG Q . -50.64 -84.40 19.41
O5 NAG Q . -51.70 -82.19 22.11
O6 NAG Q . -54.01 -83.39 21.96
O7 NAG Q . -47.77 -80.51 23.62
C1 NAG Q . -50.14 -85.72 19.65
C2 NAG Q . -50.93 -86.69 18.77
C3 NAG Q . -50.40 -88.11 18.95
C4 NAG Q . -48.90 -88.15 18.70
C5 NAG Q . -48.18 -87.11 19.56
C6 NAG Q . -46.71 -87.01 19.26
C7 NAG Q . -53.24 -85.98 18.34
C8 NAG Q . -54.66 -86.03 18.80
N2 NAG Q . -52.35 -86.63 19.09
O3 NAG Q . -51.07 -88.99 18.05
O4 NAG Q . -48.39 -89.44 19.01
O5 NAG Q . -48.75 -85.81 19.32
O6 NAG Q . -46.48 -86.35 18.02
O7 NAG Q . -52.91 -85.37 17.32
C1 NAG R . -72.66 -30.57 7.32
C2 NAG R . -74.15 -30.75 7.03
C3 NAG R . -74.43 -30.52 5.55
C4 NAG R . -73.88 -29.17 5.10
C5 NAG R . -72.40 -29.09 5.44
C6 NAG R . -71.79 -27.75 5.12
C7 NAG R . -74.87 -32.39 8.69
C8 NAG R . -75.32 -33.80 8.94
N2 NAG R . -74.59 -32.07 7.43
O3 NAG R . -75.84 -30.57 5.33
O4 NAG R . -74.05 -29.03 3.70
O5 NAG R . -72.23 -29.28 6.86
O6 NAG R . -70.46 -27.66 5.62
O7 NAG R . -74.77 -31.57 9.61
C1 NAG R . -74.96 -27.94 3.46
C2 NAG R . -74.80 -27.49 2.01
C3 NAG R . -75.77 -26.35 1.71
C4 NAG R . -77.19 -26.76 2.06
C5 NAG R . -77.26 -27.26 3.50
C6 NAG R . -78.62 -27.83 3.86
C7 NAG R . -72.62 -27.78 0.92
C8 NAG R . -71.25 -27.22 0.74
N2 NAG R . -73.43 -27.09 1.73
O3 NAG R . -75.69 -26.01 0.32
O4 NAG R . -78.06 -25.65 1.91
O5 NAG R . -76.31 -28.32 3.70
O6 NAG R . -79.01 -28.85 2.95
O7 NAG R . -72.99 -28.81 0.35
C1 NAG S . -64.12 -30.79 -12.85
C2 NAG S . -65.23 -31.24 -13.79
C3 NAG S . -65.15 -30.50 -15.12
C4 NAG S . -65.11 -29.00 -14.88
C5 NAG S . -63.98 -28.66 -13.92
C6 NAG S . -63.94 -27.19 -13.55
C7 NAG S . -66.25 -33.43 -14.22
C8 NAG S . -65.99 -34.90 -14.41
N2 NAG S . -65.17 -32.68 -13.99
O3 NAG S . -66.27 -30.84 -15.91
O4 NAG S . -64.92 -28.32 -16.12
O5 NAG S . -64.18 -29.38 -12.70
O6 NAG S . -64.01 -27.01 -12.14
O7 NAG S . -67.37 -32.96 -14.26
C1 NAG S . -66.07 -27.47 -16.35
C2 NAG S . -65.64 -26.28 -17.21
C3 NAG S . -66.84 -25.38 -17.49
C4 NAG S . -67.99 -26.18 -18.09
C5 NAG S . -68.32 -27.39 -17.19
C6 NAG S . -69.36 -28.30 -17.80
C7 NAG S . -63.29 -25.90 -16.67
C8 NAG S . -62.31 -25.01 -15.97
N2 NAG S . -64.57 -25.53 -16.59
O3 NAG S . -66.45 -24.34 -18.38
O4 NAG S . -69.15 -25.36 -18.21
O5 NAG S . -67.14 -28.18 -16.99
O6 NAG S . -68.99 -29.66 -17.68
O7 NAG S . -62.93 -26.90 -17.28
C1 NAG T . -82.07 -38.80 23.71
C2 NAG T . -83.41 -38.08 23.53
C3 NAG T . -84.56 -39.08 23.63
C4 NAG T . -84.35 -40.23 22.67
C5 NAG T . -82.98 -40.86 22.90
C6 NAG T . -82.65 -41.94 21.88
C7 NAG T . -83.13 -35.76 24.27
C8 NAG T . -83.38 -34.77 25.36
N2 NAG T . -83.57 -37.01 24.48
O3 NAG T . -85.78 -38.42 23.34
O4 NAG T . -85.36 -41.22 22.86
O5 NAG T . -81.96 -39.87 22.78
O6 NAG T . -82.99 -41.52 20.56
O7 NAG T . -82.56 -35.45 23.23
C1 NAG T . -86.13 -41.31 21.64
C2 NAG T . -87.29 -42.29 21.86
C3 NAG T . -88.15 -42.39 20.62
C4 NAG T . -88.60 -41.01 20.17
C5 NAG T . -87.40 -40.08 20.02
C6 NAG T . -87.79 -38.66 19.70
C7 NAG T . -86.54 -43.93 23.53
C8 NAG T . -86.05 -45.32 23.76
N2 NAG T . -86.80 -43.60 22.26
O3 NAG T . -89.27 -43.22 20.87
O4 NAG T . -89.28 -41.10 18.92
O5 NAG T . -86.65 -40.04 21.24
O6 NAG T . -86.90 -37.73 20.31
O7 NAG T . -86.73 -43.15 24.45
C1 NAG U . -75.32 -47.59 41.00
C2 NAG U . -75.17 -46.48 42.04
C3 NAG U . -74.74 -47.07 43.38
C4 NAG U . -75.68 -48.18 43.80
C5 NAG U . -75.80 -49.22 42.71
C6 NAG U . -76.81 -50.30 43.01
C7 NAG U . -74.59 -44.39 40.90
C8 NAG U . -73.48 -43.46 40.51
N2 NAG U . -74.23 -45.48 41.59
O3 NAG U . -74.72 -46.03 44.35
O4 NAG U . -75.22 -48.79 45.00
O5 NAG U . -76.21 -48.59 41.48
O6 NAG U . -77.94 -50.18 42.15
O7 NAG U . -75.76 -44.18 40.61
C1 NAG U . -76.10 -48.37 46.06
C2 NAG U . -76.29 -49.54 47.04
C3 NAG U . -77.16 -49.12 48.21
C4 NAG U . -76.63 -47.85 48.85
C5 NAG U . -76.43 -46.76 47.81
C6 NAG U . -75.78 -45.52 48.36
C7 NAG U . -76.15 -51.83 46.14
C8 NAG U . -76.89 -52.92 45.44
N2 NAG U . -76.84 -50.70 46.37
O3 NAG U . -77.21 -50.17 49.16
O4 NAG U . -77.54 -47.38 49.84
O5 NAG U . -75.57 -47.24 46.76
O6 NAG U . -74.37 -45.53 48.16
O7 NAG U . -74.98 -51.94 46.49
C1 NAG V . 4.98 -32.50 -39.68
C2 NAG V . 3.86 -33.53 -39.78
C3 NAG V . 3.73 -34.03 -41.21
C4 NAG V . 3.58 -32.87 -42.17
C5 NAG V . 4.69 -31.84 -41.96
C6 NAG V . 4.51 -30.59 -42.78
C7 NAG V . 3.16 -35.07 -37.99
C8 NAG V . 3.55 -36.22 -37.12
N2 NAG V . 4.08 -34.64 -38.86
O3 NAG V . 2.62 -34.91 -41.30
O4 NAG V . 3.63 -33.34 -43.51
O5 NAG V . 4.73 -31.43 -40.59
O6 NAG V . 5.24 -29.50 -42.24
O7 NAG V . 2.05 -34.54 -37.91
C1 NAG W . 13.81 -49.66 -6.05
C2 NAG W . 13.12 -50.74 -6.90
C3 NAG W . 13.36 -52.12 -6.31
C4 NAG W . 14.86 -52.36 -6.09
C5 NAG W . 15.46 -51.22 -5.28
C6 NAG W . 16.96 -51.33 -5.14
C7 NAG W . 11.16 -49.77 -8.02
C8 NAG W . 9.68 -49.60 -7.98
N2 NAG W . 11.69 -50.47 -7.02
O3 NAG W . 12.84 -53.11 -7.19
O4 NAG W . 15.05 -53.59 -5.40
O5 NAG W . 15.19 -49.97 -5.93
O6 NAG W . 17.58 -50.04 -5.21
O7 NAG W . 11.84 -49.29 -8.91
C1 NAG X . -18.94 12.71 -43.48
C2 NAG X . -18.79 12.68 -45.01
C3 NAG X . -20.15 12.80 -45.68
C4 NAG X . -21.11 11.75 -45.13
C5 NAG X . -21.15 11.89 -43.60
C6 NAG X . -22.05 10.87 -42.96
C7 NAG X . -16.70 13.66 -45.94
C8 NAG X . -16.02 14.94 -46.31
N2 NAG X . -17.93 13.78 -45.44
O3 NAG X . -20.01 12.68 -47.09
O4 NAG X . -22.41 11.95 -45.65
O5 NAG X . -19.84 11.69 -43.08
O6 NAG X . -23.28 10.81 -43.66
O7 NAG X . -16.15 12.56 -46.08
C1 NAG Y . -12.93 -51.82 -14.87
C2 NAG Y . -12.15 -52.59 -13.80
C3 NAG Y . -12.61 -54.03 -13.73
C4 NAG Y . -14.13 -54.08 -13.53
C5 NAG Y . -14.84 -53.27 -14.60
C6 NAG Y . -16.33 -53.19 -14.38
C7 NAG Y . -9.87 -51.81 -13.32
C8 NAG Y . -8.43 -51.86 -13.73
N2 NAG Y . -10.72 -52.52 -14.07
O3 NAG Y . -11.95 -54.69 -12.67
O4 NAG Y . -14.58 -55.43 -13.57
O5 NAG Y . -14.34 -51.93 -14.60
O6 NAG Y . -16.82 -51.88 -14.65
O7 NAG Y . -10.24 -51.16 -12.35
C1 NAG Z . -27.41 -20.49 -32.99
C2 NAG Z . -28.84 -20.51 -32.46
C3 NAG Z . -29.83 -20.80 -33.59
C4 NAG Z . -29.62 -19.83 -34.74
C5 NAG Z . -28.16 -19.82 -35.17
C6 NAG Z . -27.85 -18.76 -36.21
C7 NAG Z . -29.86 -21.33 -30.38
C8 NAG Z . -29.88 -22.43 -29.36
N2 NAG Z . -28.99 -21.49 -31.39
O3 NAG Z . -31.15 -20.71 -33.10
O4 NAG Z . -30.43 -20.20 -35.85
O5 NAG Z . -27.30 -19.54 -34.04
O6 NAG Z . -27.01 -17.75 -35.68
O7 NAG Z . -30.58 -20.35 -30.29
C1 NAG AA . -35.00 -38.57 -34.55
C2 NAG AA . -34.12 -38.53 -35.80
C3 NAG AA . -34.39 -37.25 -36.58
C4 NAG AA . -35.87 -37.11 -36.90
C5 NAG AA . -36.69 -37.23 -35.62
C6 NAG AA . -38.18 -37.25 -35.87
C7 NAG AA . -31.92 -39.60 -35.92
C8 NAG AA . -30.49 -39.56 -35.45
N2 NAG AA . -32.72 -38.64 -35.44
O3 NAG AA . -33.63 -37.29 -37.79
O4 NAG AA . -36.11 -35.85 -37.50
O5 NAG AA . -36.38 -38.46 -34.94
O6 NAG AA . -38.76 -38.49 -35.52
O7 NAG AA . -32.32 -40.47 -36.68
C1 NAG BA . -68.13 -48.21 -12.56
C2 NAG BA . -69.47 -48.38 -11.83
C3 NAG BA . -70.51 -48.93 -12.79
C4 NAG BA . -70.61 -48.04 -14.03
C5 NAG BA . -69.24 -47.90 -14.67
C6 NAG BA . -69.23 -46.95 -15.85
C7 NAG BA . -68.93 -48.81 -9.49
C8 NAG BA . -68.83 -49.85 -8.41
N2 NAG BA . -69.32 -49.25 -10.68
O3 NAG BA . -71.78 -48.98 -12.14
O4 NAG BA . -71.52 -48.62 -14.97
O5 NAG BA . -68.30 -47.38 -13.71
O6 NAG BA . -67.95 -46.39 -16.06
O7 NAG BA . -68.65 -47.63 -9.28
C1 NAG CA . -55.66 -56.48 -13.66
C2 NAG CA . -54.16 -56.74 -13.83
C3 NAG CA . -53.57 -55.84 -14.92
C4 NAG CA . -54.37 -55.97 -16.21
C5 NAG CA . -55.84 -55.71 -15.94
C6 NAG CA . -56.72 -55.91 -17.15
C7 NAG CA . -52.22 -57.01 -12.33
C8 NAG CA . -51.29 -56.07 -11.63
N2 NAG CA . -53.45 -56.54 -12.58
O3 NAG CA . -52.21 -56.20 -15.16
O4 NAG CA . -53.91 -55.04 -17.17
O5 NAG CA . -56.31 -56.62 -14.93
O6 NAG CA . -56.17 -55.25 -18.28
O7 NAG CA . -51.89 -58.14 -12.67
C1 NAG DA . 39.77 -10.73 -27.18
C2 NAG DA . 39.55 -10.12 -28.57
C3 NAG DA . 40.45 -8.91 -28.76
C4 NAG DA . 40.28 -7.92 -27.62
C5 NAG DA . 40.44 -8.63 -26.27
C6 NAG DA . 40.14 -7.73 -25.08
C7 NAG DA . 39.23 -11.04 -30.82
C8 NAG DA . 39.59 -12.15 -31.77
N2 NAG DA . 39.79 -11.12 -29.61
O3 NAG DA . 40.14 -8.28 -29.99
O4 NAG DA . 41.24 -6.88 -27.71
O5 NAG DA . 39.54 -9.74 -26.18
O6 NAG DA . 39.34 -8.40 -24.12
O7 NAG DA . 38.46 -10.15 -31.13
C1 NAG EA . -7.63 30.14 -51.04
C2 NAG EA . -7.51 28.72 -50.49
C3 NAG EA . -7.03 27.77 -51.58
C4 NAG EA . -7.92 27.88 -52.82
C5 NAG EA . -8.03 29.33 -53.27
C6 NAG EA . -9.00 29.53 -54.40
C7 NAG EA . -7.05 28.78 -48.09
C8 NAG EA . -6.00 28.71 -47.02
N2 NAG EA . -6.62 28.67 -49.35
O3 NAG EA . -7.03 26.44 -51.10
O4 NAG EA . -7.39 27.10 -53.88
O5 NAG EA . -8.51 30.15 -52.18
O6 NAG EA . -9.57 30.83 -54.39
O7 NAG EA . -8.25 28.93 -47.82
C1 NAG FA . 16.79 -17.30 46.33
C2 NAG FA . 16.06 -18.61 46.63
C3 NAG FA . 16.91 -19.49 47.56
C4 NAG FA . 18.30 -19.69 46.98
C5 NAG FA . 18.94 -18.34 46.67
C6 NAG FA . 20.28 -18.47 45.99
C7 NAG FA . 13.64 -18.99 46.83
C8 NAG FA . 12.39 -18.59 47.54
N2 NAG FA . 14.76 -18.35 47.21
O3 NAG FA . 16.26 -20.74 47.73
O4 NAG FA . 19.11 -20.39 47.91
O5 NAG FA . 18.09 -17.59 45.79
O6 NAG FA . 20.86 -17.19 45.73
O7 NAG FA . 13.66 -19.84 45.94
C1 NAG GA . -16.81 2.51 49.16
C2 NAG GA . -17.00 1.33 50.11
C3 NAG GA . -18.16 1.62 51.07
C4 NAG GA . -17.92 2.93 51.79
C5 NAG GA . -17.69 4.06 50.78
C6 NAG GA . -17.33 5.37 51.43
C7 NAG GA . -16.28 -0.75 49.03
C8 NAG GA . -16.71 -1.97 48.27
N2 NAG GA . -17.25 0.10 49.37
O3 NAG GA . -18.25 0.55 52.02
O4 NAG GA . -19.06 3.26 52.58
O5 NAG GA . -16.60 3.70 49.91
O6 NAG GA . -15.95 5.41 51.77
O7 NAG GA . -15.11 -0.54 49.31
C1 NAG HA . 35.55 -35.20 2.20
C2 NAG HA . 36.70 -35.80 3.03
C3 NAG HA . 36.93 -37.26 2.64
C4 NAG HA . 35.64 -38.05 2.74
C5 NAG HA . 34.57 -37.37 1.89
C6 NAG HA . 33.23 -38.06 1.98
C7 NAG HA . 38.74 -34.71 3.86
C8 NAG HA . 39.96 -33.93 3.49
N2 NAG HA . 37.92 -35.04 2.85
O3 NAG HA . 37.91 -37.84 3.50
O4 NAG HA . 35.82 -39.38 2.28
O5 NAG HA . 34.38 -36.02 2.34
O6 NAG HA . 33.12 -38.83 3.16
O7 NAG HA . 38.50 -35.04 5.01
C1 NAG IA . -18.60 -25.88 46.18
C2 NAG IA . -19.67 -24.86 46.59
C3 NAG IA . -20.59 -25.45 47.65
C4 NAG IA . -21.15 -26.80 47.19
C5 NAG IA . -20.02 -27.73 46.76
C6 NAG IA . -20.51 -29.02 46.18
C7 NAG IA . -19.05 -22.50 46.34
C8 NAG IA . -18.39 -21.32 46.97
N2 NAG IA . -19.07 -23.63 47.05
O3 NAG IA . -21.65 -24.55 47.93
O4 NAG IA . -21.89 -27.40 48.25
O5 NAG IA . -19.23 -27.09 45.76
O6 NAG IA . -19.82 -29.36 44.98
O7 NAG IA . -19.55 -22.44 45.21
C1 NAG JA . 7.85 -41.92 22.49
C2 NAG JA . 6.98 -42.87 21.68
C3 NAG JA . 7.28 -44.32 22.07
C4 NAG JA . 8.77 -44.60 21.93
C5 NAG JA . 9.58 -43.57 22.71
C6 NAG JA . 11.07 -43.72 22.51
C7 NAG JA . 4.70 -42.51 20.87
C8 NAG JA . 3.28 -42.18 21.25
N2 NAG JA . 5.57 -42.57 21.88
O3 NAG JA . 6.53 -45.18 21.22
O4 NAG JA . 9.06 -45.90 22.42
O5 NAG JA . 9.24 -42.24 22.29
O6 NAG JA . 11.52 -43.00 21.37
O7 NAG JA . 5.02 -42.72 19.71
C1 NAG KA . -2.71 -52.06 35.86
C2 NAG KA . -1.46 -51.81 36.69
C3 NAG KA . -0.22 -52.29 35.95
C4 NAG KA . -0.39 -53.76 35.53
C5 NAG KA . -1.68 -53.94 34.74
C6 NAG KA . -1.98 -55.38 34.40
C7 NAG KA . -1.81 -49.88 38.16
C8 NAG KA . -1.59 -48.41 38.35
N2 NAG KA . -1.34 -50.41 37.03
O3 NAG KA . 0.91 -52.16 36.78
O4 NAG KA . 0.71 -54.15 34.73
O5 NAG KA . -2.79 -53.46 35.52
O6 NAG KA . -3.28 -55.52 33.85
O7 NAG KA . -2.38 -50.56 39.00
C1 NAG LA . -35.64 -73.14 22.77
C2 NAG LA . -36.59 -74.25 22.36
C3 NAG LA . -36.23 -75.55 23.07
C4 NAG LA . -34.77 -75.89 22.81
C5 NAG LA . -33.86 -74.71 23.15
C6 NAG LA . -32.43 -74.93 22.74
C7 NAG LA . -38.82 -73.48 21.68
C8 NAG LA . -40.21 -73.14 22.13
N2 NAG LA . -37.98 -73.89 22.63
O3 NAG LA . -37.07 -76.60 22.61
O4 NAG LA . -34.40 -77.02 23.60
O5 NAG LA . -34.30 -73.53 22.46
O6 NAG LA . -31.95 -73.86 21.93
O7 NAG LA . -38.49 -73.40 20.50
C1 NAG MA . -35.70 -63.87 34.72
C2 NAG MA . -35.27 -62.76 35.67
C3 NAG MA . -33.80 -62.43 35.47
C4 NAG MA . -32.96 -63.69 35.60
C5 NAG MA . -33.48 -64.79 34.68
C6 NAG MA . -32.79 -66.11 34.87
C7 NAG MA . -36.70 -60.94 36.50
C8 NAG MA . -37.50 -59.73 36.14
N2 NAG MA . -36.08 -61.57 35.49
O3 NAG MA . -33.38 -61.47 36.43
O4 NAG MA . -31.60 -63.40 35.27
O5 NAG MA . -34.87 -65.02 34.92
O6 NAG MA . -31.66 -65.99 35.73
O7 NAG MA . -36.61 -61.34 37.66
C1 NAG NA . 27.89 22.28 33.09
C2 NAG NA . 29.20 21.52 32.90
C3 NAG NA . 30.24 22.41 32.24
C4 NAG NA . 29.69 23.00 30.95
C5 NAG NA . 28.36 23.71 31.21
C6 NAG NA . 27.71 24.22 29.95
C7 NAG NA . 29.98 19.74 34.39
C8 NAG NA . 30.50 19.40 35.76
N2 NAG NA . 29.69 21.02 34.18
O3 NAG NA . 31.42 21.66 31.97
O4 NAG NA . 30.62 23.94 30.41
O5 NAG NA . 27.44 22.80 31.82
O6 NAG NA . 26.72 23.31 29.47
O7 NAG NA . 29.85 18.88 33.52
C1 NAG OA . 54.33 -22.59 -2.11
C2 NAG OA . 52.96 -22.52 -1.41
C3 NAG OA . 53.15 -22.64 0.10
C4 NAG OA . 53.93 -23.89 0.44
C5 NAG OA . 55.25 -23.91 -0.34
C6 NAG OA . 56.03 -25.20 -0.14
C7 NAG OA . 50.96 -21.26 -2.03
C8 NAG OA . 50.40 -19.93 -2.37
N2 NAG OA . 52.27 -21.30 -1.76
O3 NAG OA . 51.87 -22.67 0.72
O4 NAG OA . 54.21 -23.93 1.83
O5 NAG OA . 54.99 -23.80 -1.75
O6 NAG OA . 56.71 -25.57 -1.34
O7 NAG OA . 50.27 -22.28 -2.01
C1 NAG PA . -40.98 32.00 0.28
C2 NAG PA . -42.01 31.24 1.12
C3 NAG PA . -42.99 32.22 1.76
C4 NAG PA . -42.23 33.28 2.55
C5 NAG PA . -41.21 33.96 1.65
C6 NAG PA . -40.34 34.95 2.39
C7 NAG PA . -43.00 29.03 0.76
C8 NAG PA . -43.73 28.14 -0.20
N2 NAG PA . -42.72 30.26 0.31
O3 NAG PA . -43.86 31.50 2.62
O4 NAG PA . -43.15 34.26 3.03
O5 NAG PA . -40.32 32.97 1.09
O6 NAG PA . -39.06 35.06 1.79
O7 NAG PA . -42.68 28.65 1.88
C1 NAG QA . -42.01 6.02 -28.73
C2 NAG QA . -43.45 6.05 -28.22
C3 NAG QA . -44.39 5.48 -29.28
C4 NAG QA . -44.20 6.20 -30.61
C5 NAG QA . -42.73 6.17 -31.02
C6 NAG QA . -42.44 6.97 -32.26
C7 NAG QA . -43.63 5.91 -25.78
C8 NAG QA . -43.77 5.00 -24.60
N2 NAG QA . -43.58 5.32 -26.98
O3 NAG QA . -45.74 5.61 -28.84
O4 NAG QA . -44.98 5.58 -31.62
O5 NAG QA . -41.92 6.73 -29.98
O6 NAG QA . -42.20 8.33 -31.96
O7 NAG QA . -43.56 7.12 -25.67
C1 NAG RA . -7.60 27.08 39.56
C2 NAG RA . -8.03 28.41 40.21
C3 NAG RA . -8.49 28.18 41.65
C4 NAG RA . -9.57 27.12 41.69
C5 NAG RA . -9.04 25.84 41.05
C6 NAG RA . -10.08 24.73 41.00
C7 NAG RA . -6.80 30.30 39.22
C8 NAG RA . -5.62 31.20 39.34
N2 NAG RA . -6.93 29.37 40.17
O3 NAG RA . -8.99 29.40 42.18
O4 NAG RA . -9.95 26.86 43.04
O5 NAG RA . -8.66 26.12 39.70
O6 NAG RA . -11.39 25.24 41.21
O7 NAG RA . -7.62 30.40 38.30
C1 NAG SA . -54.60 -0.97 -4.73
C2 NAG SA . -54.65 -1.69 -6.08
C3 NAG SA . -56.06 -2.21 -6.34
C4 NAG SA . -56.52 -3.09 -5.19
C5 NAG SA . -56.41 -2.33 -3.87
C6 NAG SA . -56.71 -3.19 -2.67
C7 NAG SA . -53.17 -1.06 -7.93
C8 NAG SA . -52.87 -0.05 -8.98
N2 NAG SA . -54.23 -0.80 -7.15
O3 NAG SA . -56.07 -2.96 -7.56
O4 NAG SA . -57.88 -3.48 -5.38
O5 NAG SA . -55.06 -1.86 -3.70
O6 NAG SA . -55.56 -3.42 -1.88
O7 NAG SA . -52.47 -2.06 -7.77
C1 NAG TA . -36.82 10.29 28.24
C2 NAG TA . -37.01 9.00 29.05
C3 NAG TA . -37.93 9.26 30.23
C4 NAG TA . -37.41 10.42 31.07
C5 NAG TA . -37.18 11.64 30.19
C6 NAG TA . -36.53 12.79 30.94
C7 NAG TA . -37.38 6.64 28.51
C8 NAG TA . -37.98 5.67 27.53
N2 NAG TA . -37.53 7.93 28.21
O3 NAG TA . -38.03 8.08 31.03
O4 NAG TA . -38.35 10.74 32.09
O5 NAG TA . -36.32 11.32 29.10
O6 NAG TA . -35.32 13.19 30.31
O7 NAG TA . -36.81 6.26 29.52
C1 NAG UA . -56.07 5.16 27.38
C2 NAG UA . -56.21 6.68 27.19
C3 NAG UA . -55.55 7.42 28.36
C4 NAG UA . -56.09 6.91 29.69
C5 NAG UA . -55.95 5.39 29.77
C6 NAG UA . -56.58 4.81 31.01
C7 NAG UA . -56.29 7.85 25.04
C8 NAG UA . -55.54 8.19 23.78
N2 NAG UA . -55.63 7.11 25.93
O3 NAG UA . -55.80 8.81 28.23
O4 NAG UA . -55.37 7.51 30.76
O5 NAG UA . -56.62 4.79 28.64
O6 NAG UA . -57.55 3.83 30.68
O7 NAG UA . -57.44 8.21 25.22
C1 NAG VA . -67.38 -32.65 39.25
C2 NAG VA . -67.64 -33.82 40.20
C3 NAG VA . -68.72 -33.44 41.21
C4 NAG VA . -68.35 -32.16 41.93
C5 NAG VA . -68.07 -31.05 40.92
C6 NAG VA . -67.59 -29.77 41.55
C7 NAG VA . -67.13 -35.83 38.91
C8 NAG VA . -67.70 -37.01 38.19
N2 NAG VA . -68.02 -35.01 39.46
O3 NAG VA . -68.87 -34.50 42.15
O4 NAG VA . -69.41 -31.75 42.78
O5 NAG VA . -67.04 -31.48 40.01
O6 NAG VA . -66.97 -28.92 40.59
O7 NAG VA . -65.92 -35.63 38.97
C1 NAG WA . -71.49 -25.84 26.30
C2 NAG WA . -71.69 -24.89 25.11
C3 NAG WA . -71.04 -23.54 25.39
C4 NAG WA . -71.52 -22.98 26.71
C5 NAG WA . -71.32 -23.99 27.83
C6 NAG WA . -71.88 -23.54 29.15
C7 NAG WA . -71.57 -25.12 22.67
C8 NAG WA . -70.90 -25.82 21.52
N2 NAG WA . -71.15 -25.48 23.89
O3 NAG WA . -71.34 -22.64 24.33
O4 NAG WA . -70.81 -21.79 27.03
O5 NAG WA . -71.99 -25.22 27.49
O6 NAG WA . -71.60 -22.16 29.38
O7 NAG WA . -72.44 -24.28 22.50
C1 NAG XA . -6.15 42.76 -23.46
C2 NAG XA . -6.16 43.83 -22.37
C3 NAG XA . -4.86 44.64 -22.41
C4 NAG XA . -3.65 43.72 -22.35
C5 NAG XA . -3.75 42.66 -23.45
C6 NAG XA . -2.63 41.64 -23.38
C7 NAG XA . -7.94 45.28 -21.49
C8 NAG XA . -9.11 46.15 -21.82
N2 NAG XA . -7.32 44.70 -22.52
O3 NAG XA . -4.84 45.54 -21.31
O4 NAG XA . -2.46 44.47 -22.52
O5 NAG XA . -4.98 41.94 -23.32
O6 NAG XA . -3.14 40.32 -23.55
O7 NAG XA . -7.56 45.10 -20.33
C1 NAG YA . 8.60 43.60 35.43
C2 NAG YA . 7.65 42.61 34.75
C3 NAG YA . 6.31 43.28 34.42
C4 NAG YA . 5.72 43.93 35.67
C5 NAG YA . 6.75 44.88 36.28
C6 NAG YA . 6.29 45.50 37.57
C7 NAG YA . 8.46 40.76 33.34
C8 NAG YA . 9.08 40.38 32.03
N2 NAG YA . 8.25 42.06 33.53
O3 NAG YA . 5.40 42.30 33.92
O4 NAG YA . 4.55 44.65 35.34
O5 NAG YA . 7.95 44.16 36.58
O6 NAG YA . 7.37 46.06 38.30
O7 NAG YA . 8.15 39.91 34.18
#